data_5DOT
#
_entry.id   5DOT
#
_cell.length_a   99.337
_cell.length_b   133.482
_cell.length_c   142.907
_cell.angle_alpha   90.000
_cell.angle_beta   102.510
_cell.angle_gamma   90.000
#
_symmetry.space_group_name_H-M   'P 1 21 1'
#
loop_
_entity.id
_entity.type
_entity.pdbx_description
1 polymer 'Carbamoyl-phosphate synthase [ammonia], mitochondrial'
2 non-polymer 'NICKEL (II) ION'
3 non-polymer 1,2-ETHANEDIOL
4 non-polymer GLYCEROL
5 water water
#
_entity_poly.entity_id   1
_entity_poly.type   'polypeptide(L)'
_entity_poly.pdbx_seq_one_letter_code
;MSYYHHHHHHDYDIPTTENLYFQGAMDPSVKAQTAHIVLEDGTKMKGYSFGHPSSVAGEVVFNTGLGGYPEAITDPAYKG
QILTMANPIIGNGGAPDTTALDELGLSKYLESNGIKVSGLLVLDYSKDYNHWLATKSLGQWLQEEKVPAIYGVDTRMLTK
IIRDKGTMLGKIEFEGQPVDFVDPNKQNLIAEVSTKDVKVYGKGNPTKVVAVDCGIKNNVIRLLVKRGAEVHLVPWNHDF
TKMEYDGILIAGGPGNPALAEPLIQNVRKILESDRKEPLFGISTGNLITGLAAGAKTYKMSMANRGQNQPVLNITNKQAF
ITAQNHGYALDNTLPAGWKPLFVNVNDQTNEGIMHESKPFFAVQFHPEVTPGPIDTEYLFDSFFSLIKKGKATTITSVLP
KPALVASRVEVSKVLILGSGGLSIGQAGEFDYSGSQAVKAMKEENVKTVLMNPNIASVQTNEVGLKQADTVYFLPITPQF
VTEVIKAEQPDGLILGMGGQTALNCGVELFKRGVLKEYGVKVLGTSVESIMATEDRQLFSDKLNEINEKIAPSFAVESIE
DALKAADTIGYPVMIRSAYALGGLGSGICPNRETLMDLSTKAFAMTNQILVEKSVTGWKEIEYEVVRDADDNCVTVCNME
NVDAMGVHTGDSVVVAPAQTLSNAEFQMLRRTSINVVRHLGIVGECNIQFALHPTSMEYCIIEVNARLSRSSALASKATG
YPLAFIAAKIALGIPLPEIKNVVSGKTSACFEPSLDYMVTKIPRWDLDRFHGTSSRIGSSMKSVGEVMAIGRTFEESFQK
ALRMCHPSIEGFTPRLPMNKEWPSNLDLRKELSEPSSTRIYAIAKAIDDNMSLDEIEKLTYIDKWFLYKMRDILNMEKTL
KGLNSESMTEETLKRAKEIGFSDKQISKCLGLTEAQTRELRLKKNIHPWVKQIDTLAAEYPSVTNYLYVTYNGQEHDVNF
DDHGMMVLGCGPYHIGSSVEFDWCAVSSIRTLRQLGKKTVVVNCNPETVSTDFDECDKLYFEELSLERILDIYHQEACGG
CIISVGGQIPNNLAVPLYKNGVKIMGTSPLQIDRAEDRSIFSAVLDELKVAQAPWKAVNTLNEALEFAKSVDYPCLLRPS
YVLSGSAMNVVFSEDEMKKFLEEATRVSQEHPVVLTKFVEGAREVEMDAVGKDGRVISHAISEHVEDAGVHSGDATLMLP
TQTISQGAIEKVKDATRKIAKAFAISGPFNVQFLVKGNDVLVIECNLRASRSFPFVSKTLGVDFIDVATKVMIGENVDEK
HLPTLDHPIIPADYVAIKAPMFSWPRLRDADPILRCEMASTGEVACFGEGIHTAFLKAMLSTGFKIPQKGILIGIQQSFR
PRFLGVAEQLHNEGFKLFATEATSDWLNANNVPATPVAWPSQEGQNPSLSSIRKLIRDGSIDLVINLPNNNTKFVHDNYV
IRRTAVDSGIPLLTNFQVTKLFAEAVQKSRKVDSKSLFHYRQYSAGKAA
;
_entity_poly.pdbx_strand_id   A,B
#
# COMPACT_ATOMS: atom_id res chain seq x y z
N ALA A 32 58.81 -41.75 -28.29
CA ALA A 32 57.49 -42.44 -28.16
C ALA A 32 57.09 -43.09 -29.48
N GLN A 33 57.17 -44.42 -29.55
CA GLN A 33 56.97 -45.14 -30.80
C GLN A 33 55.50 -45.17 -31.23
N THR A 34 55.28 -44.89 -32.51
CA THR A 34 53.94 -44.81 -33.09
C THR A 34 53.70 -45.88 -34.16
N ALA A 35 52.43 -46.08 -34.49
CA ALA A 35 52.00 -47.00 -35.52
C ALA A 35 50.61 -46.61 -36.00
N HIS A 36 50.19 -47.18 -37.12
CA HIS A 36 48.84 -46.94 -37.60
C HIS A 36 48.03 -48.21 -37.61
N ILE A 37 46.76 -48.04 -37.30
CA ILE A 37 45.75 -48.99 -37.69
C ILE A 37 45.30 -48.53 -39.09
N VAL A 38 45.36 -49.46 -40.05
CA VAL A 38 44.96 -49.20 -41.43
C VAL A 38 43.91 -50.25 -41.80
N LEU A 39 42.75 -49.80 -42.25
CA LEU A 39 41.70 -50.72 -42.68
C LEU A 39 41.75 -50.91 -44.20
N GLU A 40 41.23 -52.03 -44.70
CA GLU A 40 41.17 -52.26 -46.14
C GLU A 40 40.33 -51.22 -46.90
N ASP A 41 39.41 -50.55 -46.21
CA ASP A 41 38.64 -49.47 -46.86
C ASP A 41 39.35 -48.11 -46.94
N GLY A 42 40.60 -48.01 -46.47
CA GLY A 42 41.39 -46.77 -46.59
C GLY A 42 41.57 -45.99 -45.29
N THR A 43 40.68 -46.20 -44.32
CA THR A 43 40.81 -45.56 -43.03
C THR A 43 42.15 -45.80 -42.33
N LYS A 44 42.78 -44.72 -41.89
CA LYS A 44 44.02 -44.74 -41.12
C LYS A 44 43.85 -43.92 -39.86
N MET A 45 44.35 -44.45 -38.75
CA MET A 45 44.47 -43.68 -37.51
C MET A 45 45.87 -43.95 -36.95
N LYS A 46 46.53 -42.89 -36.53
CA LYS A 46 47.82 -42.96 -35.94
C LYS A 46 47.66 -43.13 -34.45
N GLY A 47 48.41 -44.04 -33.84
CA GLY A 47 48.43 -44.17 -32.39
C GLY A 47 49.81 -44.44 -31.82
N TYR A 48 49.86 -44.67 -30.52
CA TYR A 48 51.10 -44.93 -29.80
C TYR A 48 51.20 -46.40 -29.40
N SER A 49 52.36 -46.98 -29.66
CA SER A 49 52.58 -48.39 -29.38
C SER A 49 52.69 -48.62 -27.89
N PHE A 50 51.97 -49.57 -27.35
CA PHE A 50 52.26 -50.02 -25.99
C PHE A 50 52.46 -51.54 -25.84
N GLY A 51 52.29 -52.30 -26.93
CA GLY A 51 52.58 -53.73 -26.91
C GLY A 51 53.89 -54.05 -27.60
N HIS A 52 53.97 -55.21 -28.24
CA HIS A 52 55.17 -55.59 -28.97
C HIS A 52 55.27 -54.71 -30.22
N PRO A 53 56.43 -54.11 -30.46
CA PRO A 53 56.50 -53.12 -31.55
C PRO A 53 56.69 -53.76 -32.94
N SER A 54 55.74 -54.55 -33.41
CA SER A 54 55.85 -55.16 -34.74
C SER A 54 54.49 -55.16 -35.41
N SER A 55 54.50 -55.21 -36.73
CA SER A 55 53.29 -55.10 -37.51
C SER A 55 52.52 -56.41 -37.53
N VAL A 56 51.21 -56.33 -37.70
CA VAL A 56 50.41 -57.53 -37.81
C VAL A 56 49.12 -57.22 -38.58
N ALA A 57 48.63 -58.21 -39.32
CA ALA A 57 47.39 -58.11 -40.08
C ALA A 57 46.38 -59.14 -39.58
N GLY A 58 45.10 -58.79 -39.63
CA GLY A 58 44.02 -59.70 -39.24
C GLY A 58 42.63 -59.13 -39.53
N GLU A 59 41.59 -59.78 -38.99
CA GLU A 59 40.26 -59.21 -39.05
C GLU A 59 40.17 -58.22 -37.91
N VAL A 60 39.62 -57.04 -38.18
CA VAL A 60 39.39 -56.07 -37.12
C VAL A 60 37.95 -56.21 -36.63
N VAL A 61 37.79 -56.39 -35.33
CA VAL A 61 36.48 -56.56 -34.70
C VAL A 61 36.37 -55.58 -33.51
N PHE A 62 35.17 -55.42 -32.98
CA PHE A 62 35.00 -54.68 -31.75
C PHE A 62 34.15 -55.47 -30.78
N ASN A 63 34.33 -55.19 -29.50
CA ASN A 63 33.51 -55.82 -28.45
C ASN A 63 33.04 -54.74 -27.47
N THR A 64 31.76 -54.69 -27.17
CA THR A 64 31.22 -53.62 -26.33
C THR A 64 31.31 -53.89 -24.83
N GLY A 65 31.82 -55.05 -24.44
CA GLY A 65 31.99 -55.38 -23.03
C GLY A 65 32.98 -54.43 -22.38
N LEU A 66 32.62 -53.87 -21.23
CA LEU A 66 33.51 -52.93 -20.57
C LEU A 66 34.57 -53.61 -19.68
N GLY A 67 34.18 -54.58 -18.86
CA GLY A 67 35.11 -55.15 -17.90
C GLY A 67 35.81 -56.43 -18.34
N GLY A 68 36.88 -56.75 -17.63
CA GLY A 68 37.54 -58.03 -17.81
C GLY A 68 38.47 -58.15 -18.98
N TYR A 69 39.23 -57.09 -19.29
CA TYR A 69 40.15 -57.17 -20.44
C TYR A 69 41.12 -58.34 -20.33
N PRO A 70 41.62 -58.72 -19.12
CA PRO A 70 42.62 -59.79 -19.11
C PRO A 70 42.02 -61.11 -19.53
N GLU A 71 40.84 -61.40 -19.00
CA GLU A 71 40.09 -62.55 -19.43
C GLU A 71 39.67 -62.46 -20.91
N ALA A 72 39.28 -61.28 -21.37
CA ALA A 72 38.79 -61.11 -22.74
C ALA A 72 39.85 -61.44 -23.75
N ILE A 73 41.06 -60.92 -23.55
CA ILE A 73 42.10 -61.05 -24.56
C ILE A 73 42.76 -62.42 -24.59
N THR A 74 42.40 -63.29 -23.63
CA THR A 74 42.80 -64.71 -23.64
C THR A 74 41.69 -65.65 -24.14
N ASP A 75 40.58 -65.06 -24.60
CA ASP A 75 39.51 -65.79 -25.29
C ASP A 75 39.99 -66.36 -26.63
N PRO A 76 39.92 -67.69 -26.82
CA PRO A 76 40.40 -68.29 -28.06
C PRO A 76 39.60 -67.83 -29.28
N ALA A 77 38.36 -67.42 -29.09
CA ALA A 77 37.56 -66.88 -30.19
C ALA A 77 38.16 -65.67 -30.91
N TYR A 78 39.12 -64.97 -30.29
CA TYR A 78 39.80 -63.83 -30.92
C TYR A 78 41.01 -64.18 -31.79
N LYS A 79 41.33 -65.46 -31.90
CA LYS A 79 42.47 -65.89 -32.71
C LYS A 79 42.43 -65.26 -34.09
N GLY A 80 43.52 -64.62 -34.50
CA GLY A 80 43.58 -63.93 -35.80
C GLY A 80 42.90 -62.56 -35.86
N GLN A 81 42.40 -62.07 -34.72
CA GLN A 81 41.65 -60.82 -34.74
C GLN A 81 42.37 -59.68 -34.03
N ILE A 82 42.20 -58.49 -34.57
CA ILE A 82 42.67 -57.29 -33.93
C ILE A 82 41.45 -56.74 -33.21
N LEU A 83 41.52 -56.68 -31.89
CA LEU A 83 40.38 -56.34 -31.07
C LEU A 83 40.35 -54.87 -30.75
N THR A 84 39.24 -54.23 -31.10
CA THR A 84 38.95 -52.83 -30.72
C THR A 84 38.10 -52.78 -29.45
N MET A 85 38.60 -52.16 -28.41
CA MET A 85 37.89 -52.09 -27.12
C MET A 85 36.96 -50.90 -27.05
N ALA A 86 35.71 -51.12 -26.67
CA ALA A 86 34.74 -50.05 -26.45
C ALA A 86 35.09 -49.20 -25.24
N ASN A 87 35.57 -49.87 -24.19
CA ASN A 87 35.96 -49.21 -22.99
C ASN A 87 37.15 -48.30 -23.30
N PRO A 88 36.97 -46.98 -23.13
CA PRO A 88 38.04 -46.07 -23.49
C PRO A 88 39.27 -46.17 -22.60
N ILE A 89 39.12 -46.72 -21.38
CA ILE A 89 40.18 -46.68 -20.38
C ILE A 89 40.60 -48.09 -20.00
N ILE A 90 41.73 -48.52 -20.54
CA ILE A 90 42.16 -49.91 -20.52
C ILE A 90 43.50 -50.06 -19.84
N GLY A 91 43.62 -51.06 -18.97
CA GLY A 91 44.87 -51.32 -18.25
C GLY A 91 44.87 -51.01 -16.76
N ASN A 92 43.74 -50.58 -16.22
CA ASN A 92 43.72 -50.09 -14.84
C ASN A 92 44.23 -51.09 -13.79
N GLY A 93 43.97 -52.37 -14.00
CA GLY A 93 44.35 -53.43 -13.07
C GLY A 93 45.59 -54.19 -13.47
N GLY A 94 46.31 -53.71 -14.47
CA GLY A 94 47.53 -54.35 -14.91
C GLY A 94 47.24 -55.71 -15.50
N ALA A 95 48.17 -56.64 -15.27
CA ALA A 95 47.96 -58.04 -15.63
C ALA A 95 48.12 -58.88 -14.39
N PRO A 96 47.30 -59.93 -14.25
CA PRO A 96 47.39 -60.78 -13.05
C PRO A 96 48.64 -61.65 -13.12
N ASP A 97 48.74 -62.64 -12.22
CA ASP A 97 49.79 -63.65 -12.32
C ASP A 97 49.48 -64.56 -13.51
N THR A 98 50.20 -64.36 -14.61
CA THR A 98 49.87 -65.08 -15.83
C THR A 98 50.49 -66.50 -15.94
N THR A 99 51.34 -66.87 -14.97
CA THR A 99 51.92 -68.22 -14.91
C THR A 99 51.24 -69.15 -13.91
N ALA A 100 50.49 -68.63 -12.97
CA ALA A 100 49.89 -69.46 -11.93
C ALA A 100 48.83 -70.43 -12.47
N LEU A 101 48.85 -71.64 -11.95
CA LEU A 101 47.89 -72.67 -12.29
C LEU A 101 46.99 -72.94 -11.10
N ASP A 102 45.76 -73.37 -11.35
CA ASP A 102 44.90 -73.81 -10.25
C ASP A 102 45.13 -75.29 -9.99
N GLU A 103 44.38 -75.86 -9.05
CA GLU A 103 44.47 -77.27 -8.72
C GLU A 103 44.18 -78.20 -9.90
N LEU A 104 43.49 -77.70 -10.95
CA LEU A 104 43.18 -78.53 -12.11
C LEU A 104 44.28 -78.54 -13.16
N GLY A 105 45.23 -77.61 -13.06
CA GLY A 105 46.30 -77.50 -14.05
C GLY A 105 45.94 -76.52 -15.16
N LEU A 106 44.89 -75.73 -14.94
CA LEU A 106 44.51 -74.64 -15.83
C LEU A 106 45.11 -73.35 -15.35
N SER A 107 45.29 -72.38 -16.25
CA SER A 107 45.61 -71.03 -15.82
C SER A 107 44.66 -70.62 -14.71
N LYS A 108 45.23 -70.10 -13.64
CA LYS A 108 44.43 -69.67 -12.50
C LYS A 108 43.57 -68.45 -12.81
N TYR A 109 44.09 -67.47 -13.54
CA TYR A 109 43.37 -66.20 -13.74
C TYR A 109 42.91 -65.93 -15.17
N LEU A 110 43.34 -66.75 -16.12
CA LEU A 110 43.03 -66.51 -17.52
C LEU A 110 42.14 -67.59 -18.08
N GLU A 111 41.65 -67.34 -19.29
CA GLU A 111 40.71 -68.23 -19.94
C GLU A 111 41.32 -69.17 -20.96
N SER A 112 42.60 -69.02 -21.24
CA SER A 112 43.38 -69.98 -22.03
C SER A 112 44.83 -69.83 -21.64
N ASN A 113 45.74 -70.49 -22.34
CA ASN A 113 47.15 -70.48 -21.94
C ASN A 113 47.95 -69.26 -22.40
N GLY A 114 47.29 -68.26 -22.96
CA GLY A 114 48.02 -67.06 -23.41
C GLY A 114 47.12 -66.06 -24.06
N ILE A 115 47.68 -64.93 -24.46
CA ILE A 115 46.90 -63.93 -25.18
C ILE A 115 46.59 -64.43 -26.59
N LYS A 116 45.34 -64.33 -26.97
CA LYS A 116 44.86 -64.92 -28.21
C LYS A 116 44.55 -63.88 -29.30
N VAL A 117 44.31 -62.63 -28.94
CA VAL A 117 44.13 -61.58 -29.96
C VAL A 117 45.41 -61.43 -30.77
N SER A 118 45.29 -60.98 -32.01
CA SER A 118 46.48 -60.70 -32.82
C SER A 118 47.03 -59.31 -32.53
N GLY A 119 46.14 -58.43 -32.09
CA GLY A 119 46.53 -57.08 -31.72
C GLY A 119 45.39 -56.43 -30.98
N LEU A 120 45.67 -55.25 -30.45
CA LEU A 120 44.73 -54.54 -29.59
C LEU A 120 44.71 -53.04 -29.86
N LEU A 121 43.50 -52.47 -29.92
CA LEU A 121 43.32 -51.05 -30.18
C LEU A 121 42.51 -50.43 -29.06
N VAL A 122 43.05 -49.39 -28.45
CA VAL A 122 42.35 -48.75 -27.33
C VAL A 122 42.46 -47.25 -27.42
N LEU A 123 41.56 -46.57 -26.71
CA LEU A 123 41.61 -45.11 -26.71
C LEU A 123 42.73 -44.66 -25.79
N ASP A 124 42.66 -45.10 -24.55
CA ASP A 124 43.65 -44.69 -23.56
C ASP A 124 44.18 -45.90 -22.81
N TYR A 125 45.51 -45.96 -22.70
CA TYR A 125 46.18 -47.00 -21.97
C TYR A 125 46.69 -46.46 -20.66
N SER A 126 46.29 -47.05 -19.54
CA SER A 126 46.85 -46.67 -18.25
C SER A 126 48.20 -47.33 -18.06
N LYS A 127 49.27 -46.54 -18.09
CA LYS A 127 50.64 -47.10 -17.89
C LYS A 127 50.79 -47.56 -16.43
N ASP A 128 50.21 -46.77 -15.54
CA ASP A 128 50.17 -47.05 -14.12
C ASP A 128 48.89 -47.76 -13.70
N TYR A 129 49.06 -48.88 -13.03
CA TYR A 129 47.97 -49.77 -12.67
C TYR A 129 47.89 -49.90 -11.16
N ASN A 130 46.75 -50.36 -10.66
CA ASN A 130 46.58 -50.58 -9.23
C ASN A 130 45.44 -51.53 -8.91
N HIS A 131 45.82 -52.74 -8.55
CA HIS A 131 44.86 -53.75 -8.19
C HIS A 131 45.59 -54.86 -7.46
N TRP A 132 44.93 -55.42 -6.46
CA TRP A 132 45.58 -56.30 -5.51
C TRP A 132 46.05 -57.64 -6.12
N LEU A 133 45.55 -57.99 -7.31
CA LEU A 133 46.04 -59.15 -8.06
C LEU A 133 47.06 -58.82 -9.14
N ALA A 134 47.35 -57.54 -9.35
CA ALA A 134 48.26 -57.16 -10.43
C ALA A 134 49.68 -57.60 -10.13
N THR A 135 50.40 -58.09 -11.13
CA THR A 135 51.84 -58.42 -11.01
C THR A 135 52.70 -57.61 -11.96
N LYS A 136 52.09 -56.98 -12.96
CA LYS A 136 52.80 -56.19 -13.93
C LYS A 136 51.80 -55.43 -14.75
N SER A 137 52.28 -54.60 -15.66
CA SER A 137 51.39 -53.78 -16.49
C SER A 137 50.85 -54.60 -17.67
N LEU A 138 49.75 -54.13 -18.23
CA LEU A 138 49.19 -54.76 -19.41
C LEU A 138 50.20 -54.69 -20.58
N GLY A 139 50.84 -53.54 -20.75
CA GLY A 139 51.85 -53.38 -21.79
C GLY A 139 52.98 -54.40 -21.69
N GLN A 140 53.47 -54.64 -20.48
CA GLN A 140 54.53 -55.59 -20.30
C GLN A 140 54.08 -56.98 -20.75
N TRP A 141 52.84 -57.33 -20.41
CA TRP A 141 52.25 -58.63 -20.71
C TRP A 141 52.12 -58.81 -22.19
N LEU A 142 51.63 -57.77 -22.87
CA LEU A 142 51.51 -57.80 -24.32
C LEU A 142 52.88 -57.94 -24.98
N GLN A 143 53.88 -57.24 -24.44
CA GLN A 143 55.26 -57.34 -24.94
C GLN A 143 55.82 -58.75 -24.80
N GLU A 144 55.67 -59.37 -23.63
CA GLU A 144 56.11 -60.77 -23.40
C GLU A 144 55.47 -61.75 -24.37
N GLU A 145 54.16 -61.61 -24.58
CA GLU A 145 53.42 -62.47 -25.49
C GLU A 145 53.58 -62.08 -26.96
N LYS A 146 54.30 -60.99 -27.25
CA LYS A 146 54.59 -60.57 -28.64
C LYS A 146 53.35 -60.07 -29.37
N VAL A 147 52.45 -59.41 -28.64
CA VAL A 147 51.24 -58.86 -29.23
C VAL A 147 51.32 -57.34 -29.44
N PRO A 148 51.07 -56.87 -30.68
CA PRO A 148 51.04 -55.45 -30.93
C PRO A 148 49.79 -54.77 -30.34
N ALA A 149 49.97 -53.54 -29.87
CA ALA A 149 48.86 -52.76 -29.35
C ALA A 149 49.14 -51.27 -29.48
N ILE A 150 48.15 -50.51 -29.90
CA ILE A 150 48.25 -49.06 -29.92
C ILE A 150 47.11 -48.38 -29.17
N TYR A 151 47.45 -47.26 -28.55
CA TYR A 151 46.48 -46.44 -27.89
C TYR A 151 46.41 -45.09 -28.59
N GLY A 152 45.43 -44.30 -28.20
CA GLY A 152 45.21 -42.98 -28.78
C GLY A 152 44.37 -43.00 -30.04
N VAL A 153 43.69 -44.10 -30.33
CA VAL A 153 42.84 -44.16 -31.53
C VAL A 153 41.38 -44.02 -31.15
N ASP A 154 40.59 -43.45 -32.06
CA ASP A 154 39.17 -43.24 -31.83
C ASP A 154 38.42 -44.55 -32.05
N THR A 155 38.31 -45.33 -30.98
CA THR A 155 37.64 -46.63 -30.98
C THR A 155 36.14 -46.57 -31.30
N ARG A 156 35.51 -45.43 -30.99
CA ARG A 156 34.11 -45.26 -31.36
C ARG A 156 33.96 -45.11 -32.87
N MET A 157 34.82 -44.32 -33.48
CA MET A 157 34.81 -44.20 -34.92
C MET A 157 35.10 -45.56 -35.60
N LEU A 158 36.07 -46.30 -35.07
CA LEU A 158 36.36 -47.63 -35.62
C LEU A 158 35.13 -48.55 -35.54
N THR A 159 34.44 -48.49 -34.40
CA THR A 159 33.29 -49.33 -34.16
C THR A 159 32.25 -49.01 -35.21
N LYS A 160 32.03 -47.72 -35.49
CA LYS A 160 31.04 -47.34 -36.49
C LYS A 160 31.42 -47.78 -37.89
N ILE A 161 32.70 -47.82 -38.20
CA ILE A 161 33.17 -48.29 -39.53
C ILE A 161 33.04 -49.81 -39.69
N ILE A 162 33.47 -50.55 -38.68
CA ILE A 162 33.44 -52.01 -38.68
C ILE A 162 32.01 -52.58 -38.70
N ARG A 163 31.16 -51.94 -37.91
CA ARG A 163 29.77 -52.28 -37.74
C ARG A 163 29.03 -52.53 -39.07
N ASP A 164 28.38 -53.69 -39.17
CA ASP A 164 27.51 -54.01 -40.31
C ASP A 164 28.24 -54.34 -41.63
N LYS A 165 29.57 -54.40 -41.58
CA LYS A 165 30.39 -54.81 -42.72
C LYS A 165 31.03 -56.13 -42.31
N GLY A 166 30.59 -57.20 -42.94
CA GLY A 166 30.83 -58.57 -42.44
C GLY A 166 32.23 -58.76 -41.87
N THR A 167 33.21 -58.55 -42.73
CA THR A 167 34.60 -58.72 -42.38
C THR A 167 35.33 -57.44 -42.73
N MET A 168 35.82 -56.72 -41.73
CA MET A 168 36.72 -55.62 -41.99
C MET A 168 38.13 -56.12 -41.74
N LEU A 169 38.94 -56.21 -42.79
CA LEU A 169 40.36 -56.54 -42.64
C LEU A 169 41.14 -55.28 -42.31
N GLY A 170 42.22 -55.45 -41.54
CA GLY A 170 43.09 -54.36 -41.20
C GLY A 170 44.47 -54.81 -40.75
N LYS A 171 45.30 -53.84 -40.42
CA LYS A 171 46.63 -54.12 -39.91
C LYS A 171 47.09 -52.99 -38.98
N ILE A 172 47.92 -53.38 -38.04
CA ILE A 172 48.67 -52.45 -37.24
C ILE A 172 50.04 -52.41 -37.91
N GLU A 173 50.42 -51.25 -38.41
CA GLU A 173 51.62 -51.12 -39.21
C GLU A 173 52.59 -50.08 -38.64
N PHE A 174 53.82 -50.57 -38.40
CA PHE A 174 54.96 -49.75 -37.99
C PHE A 174 55.78 -49.36 -39.21
N GLU A 175 56.40 -48.19 -39.14
CA GLU A 175 57.25 -47.69 -40.19
C GLU A 175 58.39 -48.68 -40.42
N GLY A 176 58.64 -49.02 -41.68
CA GLY A 176 59.70 -49.96 -42.05
C GLY A 176 59.33 -51.43 -41.88
N GLN A 177 58.08 -51.71 -41.49
CA GLN A 177 57.61 -53.10 -41.35
C GLN A 177 56.26 -53.26 -42.05
N PRO A 178 56.24 -53.13 -43.38
CA PRO A 178 55.00 -53.27 -44.11
C PRO A 178 54.45 -54.71 -44.13
N VAL A 179 53.13 -54.86 -44.07
CA VAL A 179 52.47 -56.16 -44.17
C VAL A 179 51.27 -56.02 -45.08
N ASP A 180 50.85 -57.14 -45.64
CA ASP A 180 49.65 -57.20 -46.47
C ASP A 180 48.44 -57.56 -45.65
N PHE A 181 47.27 -57.16 -46.13
CA PHE A 181 46.02 -57.63 -45.58
C PHE A 181 45.90 -59.15 -45.77
N VAL A 182 45.43 -59.84 -44.74
CA VAL A 182 45.18 -61.27 -44.81
C VAL A 182 43.90 -61.56 -44.01
N ASP A 183 43.11 -62.52 -44.47
CA ASP A 183 41.87 -62.91 -43.77
C ASP A 183 42.09 -64.26 -43.06
N PRO A 184 42.24 -64.24 -41.74
CA PRO A 184 42.52 -65.46 -40.99
C PRO A 184 41.36 -66.46 -40.96
N ASN A 185 40.15 -66.00 -41.26
CA ASN A 185 38.99 -66.89 -41.35
C ASN A 185 39.02 -67.86 -42.51
N LYS A 186 39.96 -67.70 -43.45
CA LYS A 186 40.08 -68.63 -44.58
C LYS A 186 40.88 -69.87 -44.23
N GLN A 187 41.55 -69.83 -43.07
CA GLN A 187 42.18 -71.03 -42.53
C GLN A 187 41.33 -71.55 -41.38
N ASN A 188 41.51 -72.82 -41.09
CA ASN A 188 40.75 -73.48 -40.03
C ASN A 188 41.29 -73.12 -38.64
N LEU A 189 40.75 -72.05 -38.07
CA LEU A 189 41.25 -71.54 -36.80
C LEU A 189 40.90 -72.47 -35.66
N ILE A 190 39.81 -73.20 -35.80
CA ILE A 190 39.47 -74.24 -34.85
C ILE A 190 40.63 -75.19 -34.61
N ALA A 191 41.25 -75.67 -35.69
CA ALA A 191 42.39 -76.56 -35.59
C ALA A 191 43.59 -75.89 -34.95
N GLU A 192 43.78 -74.60 -35.19
CA GLU A 192 44.96 -73.91 -34.67
C GLU A 192 44.89 -73.81 -33.12
N VAL A 193 43.70 -73.61 -32.57
CA VAL A 193 43.56 -73.38 -31.14
C VAL A 193 43.28 -74.64 -30.34
N SER A 194 42.84 -75.69 -31.00
CA SER A 194 42.45 -76.92 -30.32
C SER A 194 43.65 -77.61 -29.66
N THR A 195 43.45 -78.21 -28.49
CA THR A 195 44.45 -79.11 -27.93
C THR A 195 44.83 -80.18 -28.96
N LYS A 196 46.10 -80.56 -28.96
CA LYS A 196 46.61 -81.57 -29.90
C LYS A 196 46.55 -82.95 -29.31
N ASP A 197 46.34 -83.04 -28.01
CA ASP A 197 46.22 -84.33 -27.34
C ASP A 197 45.12 -84.29 -26.29
N VAL A 198 44.65 -85.47 -25.92
CA VAL A 198 43.57 -85.60 -24.96
C VAL A 198 44.12 -85.19 -23.61
N LYS A 199 43.39 -84.37 -22.88
CA LYS A 199 43.77 -83.99 -21.53
C LYS A 199 42.60 -84.21 -20.58
N VAL A 200 42.93 -84.64 -19.36
CA VAL A 200 41.95 -85.00 -18.36
C VAL A 200 42.00 -84.04 -17.17
N TYR A 201 40.84 -83.49 -16.81
CA TYR A 201 40.70 -82.58 -15.68
C TYR A 201 39.64 -83.13 -14.73
N GLY A 202 39.90 -83.05 -13.43
CA GLY A 202 38.97 -83.58 -12.45
C GLY A 202 39.06 -85.09 -12.38
N LYS A 203 40.29 -85.60 -12.50
CA LYS A 203 40.53 -87.05 -12.47
C LYS A 203 39.93 -87.60 -11.18
N GLY A 204 39.13 -88.65 -11.30
CA GLY A 204 38.51 -89.27 -10.13
C GLY A 204 37.06 -88.92 -9.95
N ASN A 205 36.60 -87.86 -10.59
CA ASN A 205 35.20 -87.44 -10.47
C ASN A 205 34.23 -88.45 -11.12
N PRO A 206 32.99 -88.51 -10.64
CA PRO A 206 32.14 -89.65 -11.04
C PRO A 206 31.45 -89.57 -12.40
N THR A 207 31.33 -88.37 -12.96
CA THR A 207 30.59 -88.19 -14.21
C THR A 207 31.57 -87.92 -15.36
N LYS A 208 31.66 -88.84 -16.31
CA LYS A 208 32.61 -88.67 -17.40
C LYS A 208 32.02 -87.79 -18.49
N VAL A 209 32.64 -86.64 -18.73
CA VAL A 209 32.20 -85.74 -19.79
C VAL A 209 33.32 -85.57 -20.82
N VAL A 210 33.02 -85.82 -22.08
CA VAL A 210 33.92 -85.50 -23.18
C VAL A 210 33.67 -84.06 -23.61
N ALA A 211 34.73 -83.26 -23.66
CA ALA A 211 34.63 -81.88 -24.13
C ALA A 211 35.42 -81.75 -25.42
N VAL A 212 34.74 -81.42 -26.51
CA VAL A 212 35.38 -81.26 -27.81
C VAL A 212 35.93 -79.85 -27.92
N ASP A 213 37.25 -79.76 -27.97
CA ASP A 213 37.92 -78.47 -27.95
C ASP A 213 37.92 -77.75 -29.32
N CYS A 214 36.97 -76.86 -29.51
CA CYS A 214 37.04 -75.91 -30.64
C CYS A 214 37.49 -74.54 -30.19
N GLY A 215 38.35 -74.49 -29.18
CA GLY A 215 38.78 -73.21 -28.60
C GLY A 215 37.99 -72.91 -27.34
N ILE A 216 37.91 -73.92 -26.48
CA ILE A 216 37.16 -73.87 -25.24
C ILE A 216 37.81 -72.87 -24.30
N LYS A 217 36.99 -72.18 -23.52
CA LYS A 217 37.48 -71.32 -22.47
C LYS A 217 37.60 -72.10 -21.19
N ASN A 218 38.62 -71.79 -20.41
CA ASN A 218 38.87 -72.48 -19.15
C ASN A 218 37.68 -72.54 -18.21
N ASN A 219 36.84 -71.52 -18.19
CA ASN A 219 35.76 -71.56 -17.23
C ASN A 219 34.72 -72.63 -17.49
N VAL A 220 34.62 -73.07 -18.73
CA VAL A 220 33.74 -74.19 -19.04
C VAL A 220 34.18 -75.41 -18.24
N ILE A 221 35.49 -75.67 -18.26
CA ILE A 221 36.07 -76.82 -17.55
C ILE A 221 35.89 -76.69 -16.04
N ARG A 222 36.12 -75.49 -15.50
CA ARG A 222 35.97 -75.25 -14.06
C ARG A 222 34.55 -75.55 -13.60
N LEU A 223 33.56 -75.12 -14.39
CA LEU A 223 32.16 -75.31 -14.04
C LEU A 223 31.72 -76.77 -14.19
N LEU A 224 32.29 -77.50 -15.14
CA LEU A 224 31.99 -78.92 -15.25
C LEU A 224 32.54 -79.68 -14.05
N VAL A 225 33.81 -79.45 -13.75
CA VAL A 225 34.49 -80.19 -12.70
C VAL A 225 33.86 -79.92 -11.35
N LYS A 226 33.50 -78.66 -11.09
CA LYS A 226 32.83 -78.27 -9.87
C LYS A 226 31.51 -79.03 -9.67
N ARG A 227 30.88 -79.45 -10.77
CA ARG A 227 29.64 -80.19 -10.72
C ARG A 227 29.84 -81.71 -10.77
N GLY A 228 31.07 -82.16 -10.57
CA GLY A 228 31.37 -83.60 -10.47
C GLY A 228 31.80 -84.29 -11.77
N ALA A 229 32.18 -83.54 -12.77
CA ALA A 229 32.63 -84.14 -14.01
C ALA A 229 34.13 -84.47 -13.99
N GLU A 230 34.49 -85.62 -14.55
CA GLU A 230 35.83 -85.86 -15.01
C GLU A 230 35.82 -85.47 -16.48
N VAL A 231 36.57 -84.43 -16.82
CA VAL A 231 36.51 -83.89 -18.16
C VAL A 231 37.64 -84.42 -19.03
N HIS A 232 37.27 -85.03 -20.15
CA HIS A 232 38.23 -85.50 -21.10
C HIS A 232 38.18 -84.52 -22.25
N LEU A 233 39.17 -83.65 -22.27
CA LEU A 233 39.24 -82.62 -23.31
C LEU A 233 39.93 -83.22 -24.52
N VAL A 234 39.21 -83.32 -25.64
CA VAL A 234 39.76 -83.98 -26.83
C VAL A 234 39.98 -83.00 -27.97
N PRO A 235 40.93 -83.30 -28.86
CA PRO A 235 41.10 -82.47 -30.07
C PRO A 235 39.81 -82.33 -30.89
N TRP A 236 39.66 -81.19 -31.56
CA TRP A 236 38.49 -80.91 -32.41
C TRP A 236 38.17 -82.07 -33.36
N ASN A 237 39.21 -82.77 -33.83
CA ASN A 237 39.03 -83.85 -34.80
C ASN A 237 39.25 -85.25 -34.24
N HIS A 238 39.16 -85.37 -32.92
CA HIS A 238 39.28 -86.67 -32.28
C HIS A 238 38.03 -87.48 -32.60
N ASP A 239 38.19 -88.74 -32.95
CA ASP A 239 37.04 -89.61 -33.15
C ASP A 239 36.57 -90.12 -31.79
N PHE A 240 35.62 -89.41 -31.24
CA PHE A 240 35.11 -89.69 -29.93
C PHE A 240 33.84 -90.54 -30.03
N THR A 241 33.42 -90.86 -31.24
CA THR A 241 32.08 -91.43 -31.44
C THR A 241 31.88 -92.82 -30.81
N LYS A 242 32.96 -93.55 -30.56
CA LYS A 242 32.87 -94.85 -29.88
C LYS A 242 33.41 -94.82 -28.46
N MET A 243 33.77 -93.63 -27.96
CA MET A 243 34.22 -93.51 -26.58
C MET A 243 33.05 -93.72 -25.63
N GLU A 244 33.37 -94.15 -24.41
CA GLU A 244 32.37 -94.20 -23.33
C GLU A 244 32.36 -92.85 -22.61
N TYR A 245 31.16 -92.30 -22.39
CA TYR A 245 31.00 -91.06 -21.63
C TYR A 245 29.55 -90.95 -21.19
N ASP A 246 29.31 -90.15 -20.16
CA ASP A 246 27.96 -89.89 -19.66
C ASP A 246 27.38 -88.66 -20.33
N GLY A 247 28.25 -87.76 -20.77
CA GLY A 247 27.80 -86.54 -21.44
C GLY A 247 28.87 -86.01 -22.35
N ILE A 248 28.46 -85.24 -23.34
CA ILE A 248 29.38 -84.62 -24.27
C ILE A 248 29.05 -83.14 -24.49
N LEU A 249 30.12 -82.35 -24.53
CA LEU A 249 30.03 -80.91 -24.66
C LEU A 249 30.95 -80.47 -25.77
N ILE A 250 30.50 -79.52 -26.58
CA ILE A 250 31.32 -78.98 -27.66
C ILE A 250 31.38 -77.48 -27.44
N ALA A 251 32.58 -76.94 -27.29
CA ALA A 251 32.73 -75.53 -27.02
C ALA A 251 33.80 -74.88 -27.85
N GLY A 252 33.55 -73.63 -28.21
CA GLY A 252 34.52 -72.94 -28.96
C GLY A 252 34.18 -71.52 -29.25
N GLY A 253 35.20 -70.90 -29.83
CA GLY A 253 35.17 -69.60 -30.32
C GLY A 253 35.49 -69.45 -31.77
N PRO A 254 36.76 -69.61 -32.17
CA PRO A 254 37.19 -68.94 -33.40
C PRO A 254 36.82 -69.62 -34.71
N GLY A 255 36.64 -68.81 -35.75
CA GLY A 255 36.69 -69.29 -37.11
C GLY A 255 35.35 -69.69 -37.70
N ASN A 256 35.42 -70.02 -38.99
CA ASN A 256 34.28 -70.52 -39.71
C ASN A 256 34.04 -72.00 -39.32
N PRO A 257 32.88 -72.29 -38.71
CA PRO A 257 32.63 -73.68 -38.34
C PRO A 257 32.54 -74.63 -39.52
N ALA A 258 32.21 -74.14 -40.70
CA ALA A 258 32.10 -74.99 -41.89
C ALA A 258 33.43 -75.61 -42.32
N LEU A 259 34.55 -75.04 -41.89
CA LEU A 259 35.85 -75.60 -42.21
C LEU A 259 36.20 -76.79 -41.31
N ALA A 260 35.35 -77.11 -40.34
CA ALA A 260 35.62 -78.21 -39.42
C ALA A 260 34.85 -79.50 -39.79
N GLU A 261 34.96 -79.91 -41.03
CA GLU A 261 34.14 -81.00 -41.55
C GLU A 261 34.30 -82.32 -40.79
N PRO A 262 35.54 -82.68 -40.42
CA PRO A 262 35.68 -83.96 -39.71
C PRO A 262 34.91 -83.98 -38.41
N LEU A 263 34.89 -82.84 -37.72
CA LEU A 263 34.10 -82.73 -36.48
C LEU A 263 32.61 -82.76 -36.78
N ILE A 264 32.20 -82.02 -37.80
CA ILE A 264 30.79 -82.02 -38.19
C ILE A 264 30.34 -83.46 -38.49
N GLN A 265 31.16 -84.21 -39.23
CA GLN A 265 30.89 -85.61 -39.54
C GLN A 265 30.74 -86.48 -38.29
N ASN A 266 31.65 -86.29 -37.33
CA ASN A 266 31.60 -87.09 -36.12
C ASN A 266 30.37 -86.81 -35.28
N VAL A 267 30.00 -85.55 -35.18
CA VAL A 267 28.79 -85.19 -34.47
C VAL A 267 27.58 -85.76 -35.20
N ARG A 268 27.60 -85.70 -36.53
CA ARG A 268 26.53 -86.29 -37.33
C ARG A 268 26.36 -87.79 -37.03
N LYS A 269 27.45 -88.53 -36.86
CA LYS A 269 27.34 -89.97 -36.52
C LYS A 269 26.61 -90.17 -35.19
N ILE A 270 26.91 -89.33 -34.20
CA ILE A 270 26.21 -89.37 -32.93
C ILE A 270 24.73 -89.13 -33.14
N LEU A 271 24.41 -88.01 -33.79
CA LEU A 271 23.01 -87.68 -34.05
C LEU A 271 22.23 -88.79 -34.77
N GLU A 272 22.92 -89.57 -35.61
CA GLU A 272 22.27 -90.64 -36.39
C GLU A 272 22.35 -92.01 -35.75
N SER A 273 23.09 -92.11 -34.63
CA SER A 273 23.20 -93.39 -33.93
C SER A 273 22.04 -93.55 -32.94
N ASP A 274 22.08 -94.62 -32.16
CA ASP A 274 21.14 -94.82 -31.07
C ASP A 274 21.63 -94.21 -29.75
N ARG A 275 22.76 -93.51 -29.76
CA ARG A 275 23.32 -92.97 -28.52
C ARG A 275 22.47 -91.82 -27.99
N LYS A 276 22.28 -91.77 -26.67
CA LYS A 276 21.37 -90.83 -26.02
C LYS A 276 22.00 -90.03 -24.87
N GLU A 277 23.34 -89.99 -24.81
CA GLU A 277 24.02 -89.17 -23.81
C GLU A 277 23.70 -87.72 -24.08
N PRO A 278 23.44 -86.95 -23.03
CA PRO A 278 23.21 -85.53 -23.27
C PRO A 278 24.37 -84.86 -24.02
N LEU A 279 23.98 -83.92 -24.87
CA LEU A 279 24.89 -83.17 -25.67
C LEU A 279 24.60 -81.69 -25.41
N PHE A 280 25.65 -80.95 -25.09
CA PHE A 280 25.56 -79.54 -24.78
C PHE A 280 26.58 -78.76 -25.60
N GLY A 281 26.08 -77.95 -26.54
CA GLY A 281 26.93 -77.11 -27.37
C GLY A 281 26.99 -75.69 -26.86
N ILE A 282 28.18 -75.12 -26.87
CA ILE A 282 28.40 -73.72 -26.54
C ILE A 282 29.06 -72.98 -27.69
N SER A 283 28.42 -71.88 -28.12
CA SER A 283 28.81 -71.00 -29.26
C SER A 283 29.17 -71.73 -30.57
N THR A 284 30.45 -71.97 -30.84
CA THR A 284 30.82 -72.86 -31.94
C THR A 284 30.06 -74.18 -31.87
N GLY A 285 29.82 -74.67 -30.66
CA GLY A 285 29.04 -75.89 -30.47
C GLY A 285 27.62 -75.82 -31.02
N ASN A 286 27.02 -74.65 -30.93
CA ASN A 286 25.70 -74.42 -31.54
C ASN A 286 25.79 -74.55 -33.07
N LEU A 287 26.85 -74.02 -33.66
CA LEU A 287 27.03 -74.03 -35.11
C LEU A 287 27.38 -75.44 -35.62
N ILE A 288 28.21 -76.14 -34.88
CA ILE A 288 28.66 -77.47 -35.26
C ILE A 288 27.52 -78.45 -35.13
N THR A 289 26.82 -78.42 -34.00
CA THR A 289 25.63 -79.26 -33.78
C THR A 289 24.56 -79.00 -34.84
N GLY A 290 24.26 -77.73 -35.10
CA GLY A 290 23.33 -77.35 -36.18
C GLY A 290 23.74 -77.81 -37.56
N LEU A 291 25.02 -77.66 -37.89
CA LEU A 291 25.53 -78.13 -39.17
C LEU A 291 25.41 -79.64 -39.28
N ALA A 292 25.72 -80.33 -38.19
CA ALA A 292 25.69 -81.80 -38.18
C ALA A 292 24.27 -82.29 -38.40
N ALA A 293 23.29 -81.54 -37.90
CA ALA A 293 21.87 -81.88 -38.05
C ALA A 293 21.29 -81.50 -39.39
N GLY A 294 22.00 -80.71 -40.20
CA GLY A 294 21.54 -80.34 -41.54
C GLY A 294 21.13 -78.89 -41.72
N ALA A 295 21.35 -78.06 -40.70
CA ALA A 295 21.13 -76.61 -40.81
C ALA A 295 22.30 -75.91 -41.54
N LYS A 296 22.13 -74.64 -41.85
CA LYS A 296 23.14 -73.84 -42.55
C LYS A 296 23.71 -72.77 -41.62
N THR A 297 24.95 -72.41 -41.88
CA THR A 297 25.60 -71.30 -41.20
C THR A 297 25.97 -70.20 -42.17
N TYR A 298 26.01 -68.96 -41.68
CA TYR A 298 26.45 -67.84 -42.49
C TYR A 298 27.26 -66.86 -41.65
N LYS A 299 28.13 -66.07 -42.31
CA LYS A 299 28.88 -65.05 -41.62
C LYS A 299 27.99 -63.82 -41.45
N MET A 300 27.83 -63.37 -40.23
CA MET A 300 26.90 -62.26 -39.93
C MET A 300 27.50 -60.93 -40.41
N SER A 301 26.67 -60.04 -40.95
CA SER A 301 27.15 -58.71 -41.31
C SER A 301 27.30 -57.85 -40.03
N MET A 302 26.46 -58.11 -39.04
CA MET A 302 26.62 -57.53 -37.70
CA MET A 302 26.60 -57.54 -37.70
C MET A 302 26.86 -58.68 -36.74
N ALA A 303 28.10 -58.85 -36.33
CA ALA A 303 28.44 -59.86 -35.35
C ALA A 303 27.82 -59.54 -33.99
N ASN A 304 27.80 -60.52 -33.09
CA ASN A 304 27.39 -60.34 -31.71
C ASN A 304 28.59 -60.49 -30.81
N ARG A 305 29.10 -59.36 -30.34
CA ARG A 305 30.27 -59.33 -29.47
C ARG A 305 30.08 -58.32 -28.36
N GLY A 306 29.72 -58.80 -27.18
CA GLY A 306 29.56 -57.94 -26.03
C GLY A 306 29.18 -58.75 -24.82
N GLN A 307 28.91 -58.07 -23.73
CA GLN A 307 28.43 -58.67 -22.49
C GLN A 307 27.01 -58.22 -22.13
N ASN A 308 26.34 -57.54 -23.03
CA ASN A 308 25.01 -57.02 -22.79
C ASN A 308 24.00 -57.49 -23.85
N GLN A 309 24.23 -58.68 -24.40
CA GLN A 309 23.41 -59.24 -25.48
C GLN A 309 22.15 -59.91 -24.90
N PRO A 310 20.97 -59.32 -25.11
CA PRO A 310 19.73 -59.88 -24.56
C PRO A 310 19.17 -61.06 -25.40
N VAL A 311 18.89 -62.18 -24.77
CA VAL A 311 18.28 -63.29 -25.47
C VAL A 311 16.99 -63.67 -24.77
N LEU A 312 16.10 -64.28 -25.54
CA LEU A 312 14.80 -64.70 -25.05
C LEU A 312 14.68 -66.20 -25.20
N ASN A 313 14.29 -66.87 -24.11
CA ASN A 313 13.90 -68.27 -24.17
C ASN A 313 12.54 -68.33 -24.86
N ILE A 314 12.50 -68.94 -26.04
CA ILE A 314 11.29 -68.97 -26.86
C ILE A 314 10.15 -69.73 -26.20
N THR A 315 10.47 -70.78 -25.46
CA THR A 315 9.44 -71.60 -24.80
C THR A 315 8.65 -70.86 -23.74
N ASN A 316 9.32 -70.08 -22.91
CA ASN A 316 8.69 -69.48 -21.72
C ASN A 316 8.85 -67.97 -21.58
N LYS A 317 9.50 -67.33 -22.56
CA LYS A 317 9.57 -65.87 -22.62
C LYS A 317 10.47 -65.23 -21.55
N GLN A 318 11.25 -66.01 -20.81
CA GLN A 318 12.23 -65.40 -19.90
C GLN A 318 13.40 -64.82 -20.70
N ALA A 319 13.87 -63.66 -20.22
CA ALA A 319 14.94 -62.91 -20.85
C ALA A 319 16.18 -63.03 -19.99
N PHE A 320 17.33 -63.02 -20.65
CA PHE A 320 18.63 -63.10 -20.00
C PHE A 320 19.60 -62.17 -20.72
N ILE A 321 20.52 -61.61 -19.96
CA ILE A 321 21.62 -60.86 -20.53
C ILE A 321 22.76 -61.86 -20.66
N THR A 322 23.47 -61.82 -21.78
CA THR A 322 24.48 -62.81 -22.09
C THR A 322 25.77 -62.18 -22.59
N ALA A 323 26.85 -62.94 -22.49
CA ALA A 323 28.08 -62.64 -23.18
C ALA A 323 28.14 -63.46 -24.42
N GLN A 324 28.50 -62.78 -25.51
CA GLN A 324 28.66 -63.41 -26.80
C GLN A 324 29.88 -62.88 -27.47
N ASN A 325 30.45 -63.74 -28.31
CA ASN A 325 31.59 -63.40 -29.09
C ASN A 325 31.65 -64.31 -30.32
N HIS A 326 30.75 -64.09 -31.25
CA HIS A 326 30.70 -64.88 -32.46
C HIS A 326 30.33 -64.02 -33.67
N GLY A 327 30.89 -64.41 -34.81
CA GLY A 327 30.64 -63.75 -36.10
C GLY A 327 29.97 -64.62 -37.13
N TYR A 328 29.71 -65.87 -36.79
CA TYR A 328 28.95 -66.75 -37.66
C TYR A 328 27.72 -67.17 -36.90
N ALA A 329 26.64 -67.41 -37.63
CA ALA A 329 25.35 -67.74 -37.05
C ALA A 329 24.65 -68.85 -37.83
N LEU A 330 23.65 -69.40 -37.16
CA LEU A 330 22.85 -70.47 -37.70
C LEU A 330 21.68 -69.86 -38.39
N ASP A 331 21.36 -70.35 -39.58
CA ASP A 331 20.13 -69.96 -40.26
C ASP A 331 18.91 -70.36 -39.42
N ASN A 332 17.90 -69.51 -39.37
CA ASN A 332 16.69 -69.75 -38.56
C ASN A 332 15.80 -70.88 -39.03
N THR A 333 16.00 -71.36 -40.25
CA THR A 333 15.28 -72.53 -40.77
C THR A 333 16.01 -73.83 -40.40
N LEU A 334 15.50 -74.53 -39.38
CA LEU A 334 16.11 -75.75 -38.84
C LEU A 334 15.55 -77.03 -39.45
N PRO A 335 16.35 -78.11 -39.46
CA PRO A 335 15.87 -79.37 -40.00
C PRO A 335 14.91 -80.07 -39.06
N ALA A 336 14.13 -80.98 -39.62
CA ALA A 336 13.17 -81.77 -38.86
C ALA A 336 13.76 -82.35 -37.58
N GLY A 337 13.00 -82.25 -36.49
CA GLY A 337 13.42 -82.75 -35.18
C GLY A 337 14.11 -81.73 -34.29
N TRP A 338 14.51 -80.59 -34.86
CA TRP A 338 15.20 -79.55 -34.11
C TRP A 338 14.34 -78.30 -34.01
N LYS A 339 14.46 -77.61 -32.88
CA LYS A 339 13.69 -76.41 -32.62
C LYS A 339 14.59 -75.33 -32.03
N PRO A 340 14.23 -74.06 -32.25
CA PRO A 340 14.99 -72.99 -31.62
C PRO A 340 14.73 -72.96 -30.12
N LEU A 341 15.75 -72.66 -29.34
CA LEU A 341 15.62 -72.58 -27.90
C LEU A 341 15.70 -71.12 -27.47
N PHE A 342 16.72 -70.40 -27.92
CA PHE A 342 16.84 -68.97 -27.60
C PHE A 342 16.89 -68.15 -28.88
N VAL A 343 16.41 -66.90 -28.80
CA VAL A 343 16.48 -65.93 -29.89
C VAL A 343 17.04 -64.61 -29.37
N ASN A 344 17.75 -63.90 -30.22
CA ASN A 344 18.30 -62.59 -29.89
C ASN A 344 17.21 -61.54 -29.96
N VAL A 345 17.07 -60.74 -28.90
CA VAL A 345 15.97 -59.78 -28.82
C VAL A 345 16.19 -58.59 -29.75
N ASN A 346 17.44 -58.22 -29.98
CA ASN A 346 17.76 -57.05 -30.81
C ASN A 346 17.69 -57.33 -32.30
N ASP A 347 18.24 -58.46 -32.74
CA ASP A 347 18.41 -58.71 -34.18
C ASP A 347 17.76 -60.00 -34.69
N GLN A 348 17.03 -60.72 -33.82
CA GLN A 348 16.23 -61.90 -34.19
C GLN A 348 17.03 -63.14 -34.64
N THR A 349 18.35 -63.12 -34.47
CA THR A 349 19.20 -64.25 -34.87
C THR A 349 19.12 -65.39 -33.87
N ASN A 350 19.39 -66.60 -34.36
CA ASN A 350 19.29 -67.78 -33.54
C ASN A 350 20.32 -67.69 -32.43
N GLU A 351 19.92 -68.03 -31.21
CA GLU A 351 20.87 -68.06 -30.10
C GLU A 351 20.93 -69.40 -29.41
N GLY A 352 20.39 -70.44 -30.05
CA GLY A 352 20.38 -71.76 -29.46
C GLY A 352 19.33 -72.65 -30.05
N ILE A 353 19.57 -73.95 -29.95
CA ILE A 353 18.69 -74.98 -30.52
C ILE A 353 18.57 -76.17 -29.59
N MET A 354 17.57 -77.00 -29.86
CA MET A 354 17.32 -78.21 -29.08
C MET A 354 16.66 -79.25 -29.96
N HIS A 355 16.90 -80.50 -29.63
CA HIS A 355 16.19 -81.61 -30.26
C HIS A 355 14.83 -81.74 -29.59
N GLU A 356 13.82 -82.10 -30.38
CA GLU A 356 12.44 -82.21 -29.89
C GLU A 356 12.20 -83.26 -28.77
N SER A 357 12.99 -84.34 -28.77
CA SER A 357 12.83 -85.43 -27.80
C SER A 357 14.12 -85.93 -27.13
N LYS A 358 15.28 -85.71 -27.74
CA LYS A 358 16.55 -86.23 -27.19
C LYS A 358 17.24 -85.12 -26.40
N PRO A 359 18.10 -85.48 -25.44
CA PRO A 359 18.71 -84.48 -24.56
C PRO A 359 19.91 -83.76 -25.19
N PHE A 360 19.69 -83.22 -26.40
CA PHE A 360 20.69 -82.53 -27.15
C PHE A 360 20.25 -81.08 -27.26
N PHE A 361 21.14 -80.15 -26.92
CA PHE A 361 20.83 -78.76 -27.02
C PHE A 361 22.11 -77.95 -27.07
N ALA A 362 21.98 -76.70 -27.48
CA ALA A 362 23.13 -75.83 -27.61
C ALA A 362 22.70 -74.37 -27.54
N VAL A 363 23.66 -73.56 -27.14
CA VAL A 363 23.46 -72.13 -27.09
C VAL A 363 24.61 -71.43 -27.81
N GLN A 364 24.28 -70.27 -28.37
CA GLN A 364 25.19 -69.48 -29.16
C GLN A 364 26.02 -68.53 -28.28
N PHE A 365 25.57 -68.32 -27.05
CA PHE A 365 26.24 -67.44 -26.12
C PHE A 365 27.12 -68.27 -25.19
N HIS A 366 27.83 -67.61 -24.28
CA HIS A 366 28.75 -68.28 -23.36
C HIS A 366 28.27 -68.23 -21.91
N PRO A 367 27.60 -69.29 -21.45
CA PRO A 367 27.11 -69.26 -20.08
C PRO A 367 28.22 -69.29 -19.03
N GLU A 368 29.43 -69.72 -19.42
CA GLU A 368 30.58 -69.69 -18.54
C GLU A 368 31.12 -68.26 -18.36
N VAL A 369 30.64 -67.35 -19.19
CA VAL A 369 31.06 -65.94 -19.22
C VAL A 369 32.56 -65.77 -19.00
N THR A 370 32.99 -64.93 -18.05
CA THR A 370 34.41 -64.71 -17.81
C THR A 370 35.08 -64.15 -19.06
N PRO A 371 34.77 -62.88 -19.40
CA PRO A 371 33.94 -61.94 -18.62
C PRO A 371 32.48 -61.95 -19.02
N GLY A 372 31.63 -61.40 -18.17
CA GLY A 372 30.22 -61.24 -18.51
C GLY A 372 29.29 -61.69 -17.42
N PRO A 373 27.99 -61.41 -17.60
CA PRO A 373 26.99 -61.62 -16.59
C PRO A 373 26.73 -63.07 -16.25
N ILE A 374 26.70 -63.37 -14.96
CA ILE A 374 26.48 -64.72 -14.48
C ILE A 374 24.97 -64.93 -14.35
N ASP A 375 24.26 -64.97 -15.47
CA ASP A 375 22.81 -65.11 -15.52
C ASP A 375 22.38 -66.45 -16.10
N THR A 376 23.29 -67.17 -16.76
CA THR A 376 22.88 -68.35 -17.51
C THR A 376 23.66 -69.60 -17.14
N GLU A 377 24.36 -69.53 -16.00
CA GLU A 377 25.10 -70.66 -15.49
C GLU A 377 24.22 -71.86 -15.21
N TYR A 378 22.94 -71.62 -14.93
CA TYR A 378 21.99 -72.73 -14.68
C TYR A 378 21.97 -73.75 -15.83
N LEU A 379 22.39 -73.36 -17.03
CA LEU A 379 22.47 -74.33 -18.15
C LEU A 379 23.44 -75.46 -17.90
N PHE A 380 24.47 -75.22 -17.09
CA PHE A 380 25.32 -76.32 -16.61
C PHE A 380 24.59 -77.27 -15.67
N ASP A 381 23.81 -76.73 -14.74
CA ASP A 381 22.94 -77.56 -13.88
C ASP A 381 22.03 -78.41 -14.75
N SER A 382 21.42 -77.81 -15.78
CA SER A 382 20.50 -78.51 -16.68
C SER A 382 21.17 -79.70 -17.35
N PHE A 383 22.37 -79.47 -17.85
CA PHE A 383 23.15 -80.50 -18.48
C PHE A 383 23.33 -81.68 -17.55
N PHE A 384 23.76 -81.43 -16.32
CA PHE A 384 23.94 -82.54 -15.36
C PHE A 384 22.65 -83.20 -14.93
N SER A 385 21.55 -82.46 -14.90
CA SER A 385 20.24 -83.03 -14.63
C SER A 385 19.82 -84.01 -15.73
N LEU A 386 20.09 -83.66 -16.97
CA LEU A 386 19.79 -84.55 -18.09
C LEU A 386 20.59 -85.83 -18.01
N ILE A 387 21.84 -85.69 -17.61
CA ILE A 387 22.70 -86.86 -17.42
C ILE A 387 22.19 -87.73 -16.30
N LYS A 388 21.87 -87.10 -15.17
CA LYS A 388 21.49 -87.82 -13.95
C LYS A 388 20.13 -88.52 -14.08
N LYS A 389 19.16 -87.86 -14.71
CA LYS A 389 17.83 -88.46 -14.94
C LYS A 389 17.94 -89.56 -15.98
N GLY A 390 18.36 -89.17 -17.17
CA GLY A 390 18.83 -90.11 -18.19
C GLY A 390 17.83 -91.08 -18.78
N LYS A 391 16.68 -90.54 -19.20
CA LYS A 391 15.67 -91.34 -19.88
C LYS A 391 15.19 -90.50 -21.06
N ALA A 392 16.15 -90.12 -21.90
CA ALA A 392 15.94 -89.20 -23.02
C ALA A 392 14.86 -88.18 -22.70
N THR A 393 15.14 -87.36 -21.70
CA THR A 393 14.30 -86.23 -21.36
C THR A 393 14.65 -85.10 -22.33
N THR A 394 13.79 -84.10 -22.41
CA THR A 394 14.07 -82.91 -23.22
C THR A 394 14.66 -81.80 -22.35
N ILE A 395 15.36 -80.86 -23.00
CA ILE A 395 15.92 -79.72 -22.30
C ILE A 395 14.83 -78.89 -21.63
N THR A 396 13.66 -78.77 -22.27
CA THR A 396 12.56 -78.00 -21.71
C THR A 396 12.17 -78.45 -20.31
N SER A 397 12.16 -79.75 -20.08
CA SER A 397 11.70 -80.30 -18.82
C SER A 397 12.66 -80.05 -17.65
N VAL A 398 13.88 -79.63 -17.92
CA VAL A 398 14.85 -79.30 -16.87
C VAL A 398 15.15 -77.79 -16.82
N LEU A 399 14.23 -77.00 -17.37
CA LEU A 399 14.15 -75.54 -17.27
C LEU A 399 12.71 -75.17 -16.85
N PRO A 400 12.49 -73.99 -16.24
CA PRO A 400 11.12 -73.55 -15.85
C PRO A 400 10.07 -73.47 -16.98
N LYS A 401 8.79 -73.73 -16.67
CA LYS A 401 7.66 -73.52 -17.62
C LYS A 401 7.05 -72.09 -17.70
N PRO A 402 6.29 -71.79 -18.77
CA PRO A 402 5.56 -70.50 -18.88
C PRO A 402 4.50 -70.26 -17.78
N ALA A 403 4.23 -68.99 -17.48
CA ALA A 403 3.23 -68.63 -16.47
C ALA A 403 1.82 -69.05 -16.90
N SER A 407 -0.97 -61.94 -17.61
CA SER A 407 -2.22 -61.33 -17.12
C SER A 407 -1.91 -60.26 -16.06
N ARG A 408 -2.07 -58.99 -16.44
CA ARG A 408 -1.48 -57.87 -15.71
C ARG A 408 -2.50 -56.84 -15.16
N VAL A 409 -1.95 -55.90 -14.42
CA VAL A 409 -2.72 -54.91 -13.66
C VAL A 409 -3.48 -53.93 -14.60
N GLU A 410 -4.78 -53.80 -14.37
CA GLU A 410 -5.62 -52.92 -15.17
C GLU A 410 -5.84 -51.60 -14.43
N VAL A 411 -5.44 -50.50 -15.07
CA VAL A 411 -5.47 -49.20 -14.41
C VAL A 411 -6.15 -48.16 -15.27
N SER A 412 -7.15 -47.48 -14.71
CA SER A 412 -7.85 -46.42 -15.44
C SER A 412 -7.43 -45.00 -14.99
N LYS A 413 -7.10 -44.83 -13.71
CA LYS A 413 -6.67 -43.53 -13.19
C LYS A 413 -5.60 -43.69 -12.11
N VAL A 414 -4.50 -42.94 -12.25
CA VAL A 414 -3.35 -43.06 -11.36
C VAL A 414 -3.04 -41.75 -10.69
N LEU A 415 -2.77 -41.83 -9.40
CA LEU A 415 -2.37 -40.70 -8.61
C LEU A 415 -0.87 -40.74 -8.41
N ILE A 416 -0.23 -39.67 -8.86
CA ILE A 416 1.20 -39.56 -8.75
C ILE A 416 1.54 -38.51 -7.74
N LEU A 417 2.27 -38.92 -6.71
CA LEU A 417 2.74 -37.98 -5.70
C LEU A 417 4.01 -37.29 -6.13
N GLY A 418 3.91 -35.98 -6.35
CA GLY A 418 5.02 -35.21 -6.83
C GLY A 418 5.95 -34.82 -5.71
N SER A 419 6.84 -33.89 -6.04
CA SER A 419 7.88 -33.45 -5.11
C SER A 419 7.27 -32.65 -3.98
N GLY A 420 7.70 -32.95 -2.75
CA GLY A 420 7.00 -32.44 -1.57
C GLY A 420 7.87 -31.76 -0.53
N GLY A 421 7.36 -31.75 0.70
CA GLY A 421 7.99 -31.01 1.80
C GLY A 421 9.08 -31.80 2.48
N LEU A 422 9.34 -31.49 3.74
CA LEU A 422 10.51 -32.03 4.45
C LEU A 422 10.25 -33.40 5.03
N SER A 423 11.26 -34.26 4.92
CA SER A 423 11.38 -35.46 5.75
C SER A 423 12.58 -35.25 6.66
N ILE A 424 12.52 -35.83 7.86
CA ILE A 424 13.60 -35.75 8.83
C ILE A 424 14.83 -36.50 8.30
N GLY A 425 15.91 -35.77 8.02
CA GLY A 425 17.14 -36.37 7.49
C GLY A 425 17.30 -36.13 5.99
N GLN A 426 16.26 -36.38 5.22
CA GLN A 426 16.27 -36.09 3.78
C GLN A 426 15.77 -34.66 3.50
N ALA A 427 16.28 -33.70 4.28
CA ALA A 427 15.80 -32.33 4.22
C ALA A 427 16.37 -31.59 2.99
N GLY A 428 15.51 -30.85 2.29
CA GLY A 428 15.88 -30.11 1.08
C GLY A 428 15.83 -30.89 -0.22
N GLU A 429 15.59 -32.20 -0.14
CA GLU A 429 15.46 -33.06 -1.33
C GLU A 429 14.29 -32.65 -2.22
N PHE A 430 14.51 -32.65 -3.54
CA PHE A 430 13.45 -32.49 -4.53
C PHE A 430 13.61 -33.51 -5.67
N ASP A 431 12.49 -33.96 -6.20
CA ASP A 431 12.46 -34.97 -7.23
C ASP A 431 11.26 -34.76 -8.16
N TYR A 432 11.56 -34.40 -9.41
CA TYR A 432 10.54 -34.08 -10.41
C TYR A 432 10.38 -35.18 -11.49
N SER A 433 10.76 -36.40 -11.13
CA SER A 433 10.66 -37.57 -11.99
C SER A 433 9.21 -38.02 -12.21
N GLY A 434 8.29 -37.54 -11.38
CA GLY A 434 6.86 -37.80 -11.59
C GLY A 434 6.34 -37.37 -12.96
N SER A 435 7.00 -36.43 -13.61
CA SER A 435 6.57 -36.01 -14.95
C SER A 435 6.82 -37.06 -16.02
N GLN A 436 7.86 -37.86 -15.82
CA GLN A 436 8.15 -38.98 -16.69
C GLN A 436 7.11 -40.08 -16.48
N ALA A 437 6.67 -40.25 -15.24
CA ALA A 437 5.56 -41.13 -14.94
C ALA A 437 4.29 -40.69 -15.66
N VAL A 438 3.96 -39.40 -15.56
CA VAL A 438 2.81 -38.83 -16.26
C VAL A 438 2.89 -39.18 -17.73
N LYS A 439 4.08 -39.00 -18.30
CA LYS A 439 4.31 -39.26 -19.72
C LYS A 439 4.09 -40.73 -20.09
N ALA A 440 4.56 -41.62 -19.24
CA ALA A 440 4.41 -43.05 -19.46
C ALA A 440 2.94 -43.47 -19.40
N MET A 441 2.21 -42.93 -18.42
CA MET A 441 0.79 -43.25 -18.24
C MET A 441 -0.05 -42.79 -19.42
N LYS A 442 0.23 -41.58 -19.89
CA LYS A 442 -0.47 -40.99 -21.04
C LYS A 442 -0.35 -41.86 -22.28
N GLU A 443 0.86 -42.36 -22.56
CA GLU A 443 1.06 -43.25 -23.70
C GLU A 443 0.26 -44.54 -23.60
N GLU A 444 -0.09 -44.95 -22.39
CA GLU A 444 -0.91 -46.15 -22.19
C GLU A 444 -2.38 -45.82 -21.93
N ASN A 445 -2.78 -44.58 -22.19
CA ASN A 445 -4.17 -44.12 -22.04
C ASN A 445 -4.70 -44.27 -20.62
N VAL A 446 -3.84 -43.96 -19.66
CA VAL A 446 -4.19 -44.00 -18.26
C VAL A 446 -4.31 -42.54 -17.83
N LYS A 447 -5.43 -42.20 -17.18
CA LYS A 447 -5.63 -40.86 -16.69
C LYS A 447 -4.75 -40.58 -15.48
N THR A 448 -4.27 -39.34 -15.39
CA THR A 448 -3.29 -38.97 -14.42
C THR A 448 -3.75 -37.82 -13.54
N VAL A 449 -3.51 -37.97 -12.24
CA VAL A 449 -3.65 -36.92 -11.28
C VAL A 449 -2.31 -36.75 -10.60
N LEU A 450 -1.86 -35.51 -10.50
CA LEU A 450 -0.57 -35.20 -9.88
C LEU A 450 -0.78 -34.21 -8.75
N MET A 451 -0.11 -34.48 -7.63
CA MET A 451 -0.02 -33.55 -6.52
C MET A 451 1.37 -32.92 -6.39
N ASN A 452 1.39 -31.59 -6.30
CA ASN A 452 2.60 -30.82 -6.04
C ASN A 452 2.09 -29.49 -5.49
N PRO A 453 2.49 -29.14 -4.27
CA PRO A 453 1.95 -27.91 -3.64
C PRO A 453 2.50 -26.58 -4.20
N ASN A 454 3.66 -26.62 -4.83
CA ASN A 454 4.29 -25.42 -5.36
C ASN A 454 3.65 -24.93 -6.68
N ILE A 455 3.00 -23.78 -6.65
CA ILE A 455 2.31 -23.27 -7.82
C ILE A 455 3.25 -22.83 -8.95
N ALA A 456 4.52 -22.58 -8.62
CA ALA A 456 5.51 -22.20 -9.62
C ALA A 456 6.53 -23.30 -9.93
N SER A 457 6.18 -24.54 -9.62
CA SER A 457 7.09 -25.64 -9.85
C SER A 457 7.28 -25.91 -11.33
N VAL A 458 8.51 -26.22 -11.67
CA VAL A 458 8.84 -26.67 -13.01
C VAL A 458 8.06 -27.93 -13.39
N GLN A 459 7.84 -28.82 -12.44
CA GLN A 459 7.05 -30.03 -12.66
C GLN A 459 5.66 -29.79 -13.27
N THR A 460 5.01 -28.73 -12.84
CA THR A 460 3.67 -28.40 -13.35
C THR A 460 3.69 -27.30 -14.42
N ASN A 461 4.86 -26.98 -14.95
CA ASN A 461 4.99 -26.02 -16.03
C ASN A 461 5.08 -26.75 -17.38
N GLU A 462 4.12 -27.64 -17.60
CA GLU A 462 4.18 -28.58 -18.72
C GLU A 462 2.86 -28.48 -19.44
N VAL A 463 2.89 -28.54 -20.77
CA VAL A 463 1.67 -28.42 -21.55
C VAL A 463 1.58 -29.46 -22.68
N GLY A 464 2.32 -30.56 -22.56
CA GLY A 464 2.25 -31.62 -23.55
C GLY A 464 2.00 -32.97 -22.91
N LEU A 465 2.81 -33.94 -23.31
CA LEU A 465 2.70 -35.31 -22.85
C LEU A 465 3.08 -35.45 -21.38
N LYS A 466 3.81 -34.46 -20.84
CA LYS A 466 4.22 -34.49 -19.45
C LYS A 466 3.26 -33.72 -18.53
N GLN A 467 2.16 -33.23 -19.08
CA GLN A 467 1.19 -32.53 -18.29
C GLN A 467 0.13 -33.49 -17.79
N ALA A 468 -0.03 -33.60 -16.48
CA ALA A 468 -1.10 -34.40 -15.89
C ALA A 468 -2.49 -33.91 -16.30
N ASP A 469 -3.45 -34.81 -16.31
CA ASP A 469 -4.83 -34.45 -16.68
C ASP A 469 -5.45 -33.58 -15.61
N THR A 470 -5.11 -33.83 -14.36
CA THR A 470 -5.55 -33.01 -13.25
C THR A 470 -4.39 -32.77 -12.28
N VAL A 471 -4.19 -31.52 -11.85
CA VAL A 471 -3.17 -31.18 -10.88
C VAL A 471 -3.83 -30.63 -9.61
N TYR A 472 -3.40 -31.13 -8.46
CA TYR A 472 -3.82 -30.58 -7.18
C TYR A 472 -2.60 -29.97 -6.53
N PHE A 473 -2.70 -28.69 -6.23
CA PHE A 473 -1.65 -27.96 -5.54
C PHE A 473 -1.90 -28.07 -4.05
N LEU A 474 -1.66 -29.27 -3.52
CA LEU A 474 -1.85 -29.57 -2.09
C LEU A 474 -0.58 -30.16 -1.51
N PRO A 475 -0.35 -29.99 -0.21
CA PRO A 475 0.79 -30.62 0.45
C PRO A 475 0.78 -32.13 0.31
N ILE A 476 1.97 -32.72 0.21
CA ILE A 476 2.11 -34.15 0.20
C ILE A 476 2.14 -34.63 1.67
N THR A 477 0.95 -34.74 2.24
CA THR A 477 0.75 -35.33 3.56
C THR A 477 -0.47 -36.27 3.53
N PRO A 478 -0.56 -37.22 4.47
CA PRO A 478 -1.63 -38.21 4.49
C PRO A 478 -3.04 -37.64 4.43
N GLN A 479 -3.28 -36.59 5.24
CA GLN A 479 -4.54 -35.88 5.23
C GLN A 479 -4.94 -35.42 3.82
N PHE A 480 -4.05 -34.67 3.15
CA PHE A 480 -4.38 -34.09 1.85
C PHE A 480 -4.43 -35.13 0.75
N VAL A 481 -3.53 -36.10 0.81
CA VAL A 481 -3.55 -37.16 -0.17
C VAL A 481 -4.87 -37.93 -0.05
N THR A 482 -5.33 -38.12 1.17
CA THR A 482 -6.60 -38.81 1.39
C THR A 482 -7.75 -38.06 0.73
N GLU A 483 -7.75 -36.73 0.84
CA GLU A 483 -8.80 -35.90 0.21
C GLU A 483 -8.83 -36.01 -1.32
N VAL A 484 -7.65 -36.03 -1.93
CA VAL A 484 -7.56 -36.23 -3.37
C VAL A 484 -8.06 -37.61 -3.80
N ILE A 485 -7.74 -38.63 -3.01
CA ILE A 485 -8.26 -39.98 -3.28
C ILE A 485 -9.80 -39.99 -3.23
N LYS A 486 -10.38 -39.40 -2.20
CA LYS A 486 -11.85 -39.30 -2.10
C LYS A 486 -12.46 -38.59 -3.29
N ALA A 487 -11.79 -37.53 -3.75
CA ALA A 487 -12.35 -36.70 -4.82
C ALA A 487 -12.20 -37.34 -6.21
N GLU A 488 -11.07 -37.98 -6.47
CA GLU A 488 -10.74 -38.49 -7.80
C GLU A 488 -10.95 -39.99 -7.97
N GLN A 489 -10.92 -40.71 -6.86
CA GLN A 489 -11.11 -42.16 -6.87
C GLN A 489 -10.17 -42.83 -7.84
N PRO A 490 -8.87 -42.57 -7.69
CA PRO A 490 -7.92 -43.30 -8.52
C PRO A 490 -7.91 -44.78 -8.15
N ASP A 491 -7.64 -45.67 -9.10
CA ASP A 491 -7.44 -47.07 -8.77
C ASP A 491 -5.96 -47.43 -8.59
N GLY A 492 -5.05 -46.53 -8.99
CA GLY A 492 -3.61 -46.74 -8.81
C GLY A 492 -2.90 -45.57 -8.18
N LEU A 493 -1.85 -45.89 -7.41
CA LEU A 493 -0.97 -44.88 -6.79
C LEU A 493 0.49 -45.15 -7.10
N ILE A 494 1.18 -44.09 -7.52
CA ILE A 494 2.65 -44.10 -7.65
C ILE A 494 3.26 -43.24 -6.53
N LEU A 495 4.07 -43.88 -5.68
CA LEU A 495 4.57 -43.24 -4.44
C LEU A 495 6.09 -43.19 -4.33
N GLY A 496 6.78 -43.67 -5.37
CA GLY A 496 8.25 -43.77 -5.33
C GLY A 496 8.97 -42.78 -6.25
N MET A 497 8.26 -41.76 -6.74
CA MET A 497 8.86 -40.80 -7.64
C MET A 497 8.80 -39.35 -7.16
N GLY A 498 8.54 -39.16 -5.88
CA GLY A 498 8.49 -37.84 -5.27
C GLY A 498 9.37 -37.74 -4.04
N GLY A 499 10.45 -38.51 -4.01
CA GLY A 499 11.36 -38.48 -2.88
C GLY A 499 10.81 -39.13 -1.63
N GLN A 500 11.49 -38.87 -0.52
CA GLN A 500 11.24 -39.54 0.74
C GLN A 500 9.87 -39.20 1.30
N THR A 501 9.51 -37.94 1.22
CA THR A 501 8.26 -37.48 1.79
C THR A 501 7.04 -38.17 1.16
N ALA A 502 7.06 -38.31 -0.16
CA ALA A 502 6.02 -39.00 -0.89
C ALA A 502 6.00 -40.49 -0.53
N LEU A 503 7.18 -41.10 -0.42
CA LEU A 503 7.23 -42.49 -0.01
C LEU A 503 6.61 -42.68 1.37
N ASN A 504 7.05 -41.89 2.34
CA ASN A 504 6.49 -41.98 3.70
C ASN A 504 5.00 -41.76 3.74
N CYS A 505 4.52 -40.87 2.88
CA CYS A 505 3.11 -40.53 2.86
C CYS A 505 2.27 -41.70 2.34
N GLY A 506 2.75 -42.30 1.27
CA GLY A 506 2.14 -43.51 0.71
C GLY A 506 2.14 -44.69 1.66
N VAL A 507 3.27 -44.91 2.32
CA VAL A 507 3.41 -46.02 3.29
C VAL A 507 2.47 -45.84 4.47
N GLU A 508 2.38 -44.60 4.94
CA GLU A 508 1.49 -44.27 6.04
C GLU A 508 0.01 -44.53 5.67
N LEU A 509 -0.38 -44.18 4.45
CA LEU A 509 -1.75 -44.41 4.01
C LEU A 509 -2.09 -45.90 3.88
N PHE A 510 -1.12 -46.68 3.43
CA PHE A 510 -1.25 -48.13 3.38
C PHE A 510 -1.51 -48.67 4.78
N LYS A 511 -0.64 -48.28 5.73
CA LYS A 511 -0.72 -48.75 7.12
C LYS A 511 -2.03 -48.42 7.81
N ARG A 512 -2.57 -47.23 7.55
CA ARG A 512 -3.86 -46.83 8.14
C ARG A 512 -5.08 -47.47 7.49
N GLY A 513 -4.89 -48.24 6.42
CA GLY A 513 -6.03 -48.86 5.73
C GLY A 513 -6.76 -47.95 4.77
N VAL A 514 -6.21 -46.78 4.50
CA VAL A 514 -6.86 -45.85 3.57
C VAL A 514 -6.81 -46.34 2.11
N LEU A 515 -5.68 -46.89 1.68
CA LEU A 515 -5.60 -47.41 0.33
C LEU A 515 -6.56 -48.60 0.11
N LYS A 516 -6.64 -49.48 1.09
CA LYS A 516 -7.56 -50.61 1.00
C LYS A 516 -9.01 -50.13 0.96
N GLU A 517 -9.35 -49.20 1.85
CA GLU A 517 -10.72 -48.71 1.91
C GLU A 517 -11.19 -48.12 0.59
N TYR A 518 -10.32 -47.39 -0.10
CA TYR A 518 -10.72 -46.74 -1.37
C TYR A 518 -10.35 -47.54 -2.63
N GLY A 519 -9.79 -48.74 -2.47
CA GLY A 519 -9.49 -49.61 -3.61
C GLY A 519 -8.36 -49.08 -4.46
N VAL A 520 -7.32 -48.56 -3.82
CA VAL A 520 -6.19 -47.98 -4.54
C VAL A 520 -5.04 -48.96 -4.46
N LYS A 521 -4.59 -49.44 -5.62
CA LYS A 521 -3.44 -50.35 -5.67
C LYS A 521 -2.18 -49.52 -5.65
N VAL A 522 -1.22 -49.92 -4.83
CA VAL A 522 0.13 -49.40 -4.96
C VAL A 522 0.75 -50.04 -6.20
N LEU A 523 1.14 -49.22 -7.16
CA LEU A 523 1.71 -49.71 -8.41
C LEU A 523 3.21 -49.78 -8.29
N GLY A 524 3.78 -50.90 -8.70
CA GLY A 524 5.21 -51.12 -8.59
C GLY A 524 5.51 -51.98 -7.39
N THR A 525 6.63 -51.68 -6.76
CA THR A 525 7.07 -52.40 -5.57
C THR A 525 6.03 -52.20 -4.47
N SER A 526 5.67 -53.29 -3.82
CA SER A 526 4.64 -53.26 -2.77
C SER A 526 5.17 -52.57 -1.53
N VAL A 527 4.25 -52.11 -0.69
CA VAL A 527 4.62 -51.43 0.55
C VAL A 527 5.36 -52.38 1.50
N GLU A 528 4.92 -53.63 1.54
CA GLU A 528 5.61 -54.65 2.34
C GLU A 528 7.11 -54.69 2.00
N SER A 529 7.42 -54.73 0.71
CA SER A 529 8.81 -54.75 0.27
C SER A 529 9.53 -53.46 0.61
N ILE A 530 8.89 -52.33 0.36
CA ILE A 530 9.49 -51.03 0.66
C ILE A 530 9.88 -50.94 2.14
N MET A 531 8.96 -51.35 3.00
CA MET A 531 9.18 -51.27 4.45
C MET A 531 10.38 -52.11 4.84
N ALA A 532 10.56 -53.24 4.15
CA ALA A 532 11.70 -54.10 4.40
C ALA A 532 13.03 -53.43 4.04
N THR A 533 13.02 -52.49 3.10
CA THR A 533 14.24 -51.77 2.74
C THR A 533 14.45 -50.54 3.59
N GLU A 534 13.39 -50.02 4.20
CA GLU A 534 13.45 -48.80 5.02
C GLU A 534 13.83 -49.10 6.46
N ASP A 535 13.52 -50.29 6.95
CA ASP A 535 13.89 -50.66 8.31
C ASP A 535 15.10 -51.59 8.33
N ARG A 536 16.12 -51.15 9.04
CA ARG A 536 17.39 -51.85 9.09
C ARG A 536 17.28 -53.30 9.61
N GLN A 537 16.44 -53.52 10.61
CA GLN A 537 16.29 -54.84 11.21
C GLN A 537 15.57 -55.79 10.24
N LEU A 538 14.45 -55.33 9.68
CA LEU A 538 13.69 -56.13 8.71
C LEU A 538 14.55 -56.42 7.50
N PHE A 539 15.32 -55.41 7.11
CA PHE A 539 16.24 -55.53 5.99
C PHE A 539 17.25 -56.63 6.26
N SER A 540 17.85 -56.60 7.44
CA SER A 540 18.85 -57.59 7.83
C SER A 540 18.25 -58.98 7.83
N ASP A 541 17.03 -59.08 8.36
CA ASP A 541 16.31 -60.37 8.41
C ASP A 541 16.12 -60.93 7.02
N LYS A 542 15.55 -60.12 6.13
CA LYS A 542 15.29 -60.53 4.75
C LYS A 542 16.53 -60.98 4.01
N LEU A 543 17.64 -60.26 4.19
CA LEU A 543 18.89 -60.62 3.52
C LEU A 543 19.47 -61.94 4.02
N ASN A 544 19.26 -62.25 5.30
CA ASN A 544 19.75 -63.51 5.86
C ASN A 544 19.06 -64.73 5.30
N GLU A 545 17.86 -64.57 4.76
CA GLU A 545 17.15 -65.68 4.11
C GLU A 545 17.81 -66.14 2.79
N ILE A 546 18.75 -65.34 2.27
CA ILE A 546 19.51 -65.70 1.07
C ILE A 546 21.01 -65.59 1.31
N ASN A 547 21.44 -65.71 2.57
CA ASN A 547 22.87 -65.74 2.95
C ASN A 547 23.65 -64.47 2.63
N GLU A 548 22.99 -63.32 2.73
CA GLU A 548 23.65 -62.03 2.60
C GLU A 548 23.49 -61.30 3.93
N LYS A 549 24.46 -60.46 4.29
CA LYS A 549 24.54 -59.93 5.65
C LYS A 549 24.96 -58.46 5.62
N ILE A 550 25.12 -57.89 6.81
CA ILE A 550 25.70 -56.55 6.98
C ILE A 550 26.76 -56.56 8.09
N LYS A 613 30.22 -52.13 12.96
CA LYS A 613 31.39 -52.45 12.14
C LYS A 613 31.82 -51.31 11.22
N SER A 614 33.12 -51.23 10.97
CA SER A 614 33.71 -50.15 10.19
C SER A 614 34.16 -50.66 8.82
N VAL A 615 33.75 -49.94 7.77
CA VAL A 615 34.11 -50.27 6.40
C VAL A 615 34.76 -49.05 5.73
N THR A 616 35.44 -48.24 6.53
CA THR A 616 36.12 -47.05 6.02
C THR A 616 37.39 -47.51 5.31
N GLY A 617 37.63 -46.97 4.12
CA GLY A 617 38.71 -47.42 3.27
C GLY A 617 38.31 -48.51 2.30
N TRP A 618 37.10 -49.02 2.42
CA TRP A 618 36.59 -50.01 1.49
C TRP A 618 36.11 -49.28 0.28
N LYS A 619 36.08 -49.94 -0.86
CA LYS A 619 35.59 -49.30 -2.08
C LYS A 619 34.08 -49.27 -1.98
N GLU A 620 33.49 -48.14 -2.38
CA GLU A 620 32.04 -47.99 -2.40
C GLU A 620 31.55 -47.99 -3.83
N ILE A 621 30.72 -48.99 -4.13
CA ILE A 621 30.23 -49.23 -5.45
C ILE A 621 28.72 -49.27 -5.36
N GLU A 622 28.03 -48.67 -6.31
CA GLU A 622 26.59 -48.80 -6.38
C GLU A 622 26.10 -49.22 -7.78
N TYR A 623 24.96 -49.91 -7.78
CA TYR A 623 24.34 -50.37 -8.98
C TYR A 623 22.93 -49.86 -9.01
N GLU A 624 22.46 -49.49 -10.21
CA GLU A 624 21.07 -49.22 -10.47
C GLU A 624 20.48 -50.44 -11.18
N VAL A 625 19.46 -51.03 -10.57
CA VAL A 625 18.84 -52.23 -11.06
C VAL A 625 17.38 -51.95 -11.36
N VAL A 626 16.92 -52.53 -12.48
CA VAL A 626 15.55 -52.50 -12.90
C VAL A 626 15.03 -53.96 -12.94
N ARG A 627 13.84 -54.17 -12.38
CA ARG A 627 13.19 -55.49 -12.41
C ARG A 627 11.72 -55.35 -12.77
N ASP A 628 11.27 -56.09 -13.79
CA ASP A 628 9.88 -56.01 -14.22
C ASP A 628 9.03 -57.06 -13.54
N ALA A 629 7.73 -57.03 -13.80
CA ALA A 629 6.77 -57.91 -13.12
C ALA A 629 6.99 -59.39 -13.47
N ASP A 630 7.55 -59.65 -14.64
CA ASP A 630 7.86 -61.02 -15.09
C ASP A 630 9.25 -61.52 -14.64
N ASP A 631 9.86 -60.84 -13.67
CA ASP A 631 11.13 -61.27 -13.07
C ASP A 631 12.38 -61.03 -13.95
N ASN A 632 12.23 -60.41 -15.13
CA ASN A 632 13.38 -59.91 -15.88
C ASN A 632 14.05 -58.79 -15.10
N CYS A 633 15.37 -58.78 -15.11
CA CYS A 633 16.14 -58.02 -14.18
C CYS A 633 17.45 -57.61 -14.86
N VAL A 634 17.68 -56.30 -15.00
CA VAL A 634 18.92 -55.80 -15.60
C VAL A 634 19.57 -54.75 -14.73
N THR A 635 20.88 -54.63 -14.90
CA THR A 635 21.70 -53.64 -14.23
C THR A 635 21.96 -52.57 -15.25
N VAL A 636 21.58 -51.35 -14.92
CA VAL A 636 21.57 -50.26 -15.87
C VAL A 636 22.80 -49.37 -15.76
N CYS A 637 23.39 -49.30 -14.57
CA CYS A 637 24.54 -48.44 -14.36
C CYS A 637 25.24 -48.88 -13.09
N ASN A 638 26.55 -48.68 -13.06
CA ASN A 638 27.35 -48.90 -11.87
C ASN A 638 28.27 -47.72 -11.69
N MET A 639 28.62 -47.45 -10.45
CA MET A 639 29.32 -46.23 -10.08
C MET A 639 30.29 -46.53 -8.94
N GLU A 640 31.41 -45.81 -8.95
CA GLU A 640 32.43 -45.98 -7.96
C GLU A 640 32.68 -44.62 -7.33
N ASN A 641 32.59 -44.55 -6.01
CA ASN A 641 32.99 -43.36 -5.31
C ASN A 641 34.53 -43.21 -5.33
N VAL A 642 35.01 -42.02 -5.71
CA VAL A 642 36.43 -41.75 -5.71
C VAL A 642 36.89 -41.52 -4.27
N ASP A 643 36.17 -40.70 -3.53
CA ASP A 643 36.57 -40.32 -2.16
C ASP A 643 35.61 -40.91 -1.09
N ALA A 644 35.70 -40.46 0.15
CA ALA A 644 34.88 -41.03 1.24
C ALA A 644 34.56 -39.99 2.33
N THR A 649 27.16 -39.08 2.88
CA THR A 649 26.74 -40.17 2.02
C THR A 649 26.88 -39.80 0.54
N GLY A 650 25.91 -39.03 0.03
CA GLY A 650 25.89 -38.64 -1.38
C GLY A 650 26.59 -37.32 -1.62
N ASP A 651 27.77 -37.16 -1.03
CA ASP A 651 28.60 -36.00 -1.24
C ASP A 651 29.98 -36.39 -1.76
N SER A 652 30.06 -37.51 -2.47
CA SER A 652 31.33 -37.95 -2.99
C SER A 652 31.53 -37.50 -4.44
N VAL A 653 32.79 -37.44 -4.83
CA VAL A 653 33.15 -37.51 -6.24
C VAL A 653 32.86 -38.96 -6.68
N VAL A 654 32.12 -39.10 -7.78
CA VAL A 654 31.69 -40.38 -8.27
C VAL A 654 32.07 -40.46 -9.75
N VAL A 655 32.52 -41.65 -10.17
CA VAL A 655 32.67 -41.91 -11.59
C VAL A 655 31.82 -43.07 -12.04
N ALA A 656 31.39 -43.02 -13.29
CA ALA A 656 30.66 -44.11 -13.90
C ALA A 656 31.23 -44.29 -15.30
N PRO A 657 31.46 -45.55 -15.70
CA PRO A 657 31.37 -46.75 -14.88
C PRO A 657 32.48 -46.81 -13.87
N ALA A 658 32.36 -47.79 -12.97
CA ALA A 658 33.39 -48.09 -12.02
C ALA A 658 34.69 -48.41 -12.76
N GLN A 659 35.83 -47.99 -12.22
CA GLN A 659 37.10 -48.10 -12.94
C GLN A 659 38.08 -49.08 -12.38
N THR A 660 38.00 -49.42 -11.09
CA THR A 660 39.07 -50.19 -10.45
C THR A 660 38.73 -51.66 -10.10
N LEU A 661 37.61 -52.17 -10.60
CA LEU A 661 37.18 -53.55 -10.35
C LEU A 661 37.61 -54.52 -11.43
N SER A 662 37.89 -55.73 -11.00
CA SER A 662 38.05 -56.84 -11.92
C SER A 662 36.67 -57.34 -12.34
N ASN A 663 36.66 -58.16 -13.38
CA ASN A 663 35.46 -58.88 -13.78
C ASN A 663 34.85 -59.66 -12.64
N ALA A 664 35.67 -60.42 -11.93
CA ALA A 664 35.19 -61.25 -10.84
C ALA A 664 34.47 -60.41 -9.76
N GLU A 665 35.04 -59.26 -9.41
CA GLU A 665 34.45 -58.39 -8.41
C GLU A 665 33.16 -57.77 -8.94
N PHE A 666 33.23 -57.24 -10.16
CA PHE A 666 32.07 -56.58 -10.77
C PHE A 666 30.88 -57.53 -10.89
N GLN A 667 31.14 -58.75 -11.34
CA GLN A 667 30.07 -59.72 -11.60
C GLN A 667 29.55 -60.36 -10.32
N MET A 668 30.42 -60.56 -9.35
CA MET A 668 29.95 -61.00 -8.04
C MET A 668 28.95 -59.98 -7.46
N LEU A 669 29.26 -58.69 -7.52
CA LEU A 669 28.36 -57.68 -6.95
C LEU A 669 27.07 -57.55 -7.76
N ARG A 670 27.21 -57.63 -9.08
CA ARG A 670 26.07 -57.57 -9.99
C ARG A 670 25.14 -58.69 -9.64
N ARG A 671 25.69 -59.89 -9.54
CA ARG A 671 24.87 -61.02 -9.24
C ARG A 671 24.12 -60.83 -7.94
N THR A 672 24.82 -60.39 -6.90
CA THR A 672 24.16 -60.17 -5.61
C THR A 672 23.06 -59.12 -5.75
N SER A 673 23.33 -58.07 -6.51
CA SER A 673 22.33 -57.06 -6.73
C SER A 673 21.03 -57.67 -7.23
N ILE A 674 21.16 -58.53 -8.23
CA ILE A 674 20.03 -59.11 -8.89
C ILE A 674 19.31 -60.05 -7.93
N ASN A 675 20.05 -60.88 -7.19
CA ASN A 675 19.41 -61.71 -6.19
C ASN A 675 18.68 -60.94 -5.09
N VAL A 676 19.26 -59.84 -4.65
CA VAL A 676 18.64 -59.09 -3.58
C VAL A 676 17.36 -58.45 -4.11
N VAL A 677 17.44 -57.93 -5.32
CA VAL A 677 16.32 -57.25 -5.94
C VAL A 677 15.15 -58.22 -6.21
N ARG A 678 15.43 -59.45 -6.57
CA ARG A 678 14.39 -60.46 -6.75
C ARG A 678 13.77 -60.86 -5.42
N HIS A 679 14.61 -61.14 -4.43
CA HIS A 679 14.13 -61.55 -3.13
C HIS A 679 13.27 -60.45 -2.46
N LEU A 680 13.59 -59.18 -2.67
CA LEU A 680 12.77 -58.10 -2.09
C LEU A 680 11.50 -57.82 -2.88
N GLY A 681 11.34 -58.42 -4.06
CA GLY A 681 10.17 -58.15 -4.89
C GLY A 681 10.11 -56.77 -5.51
N ILE A 682 11.25 -56.17 -5.84
CA ILE A 682 11.28 -54.88 -6.54
C ILE A 682 10.62 -55.01 -7.88
N VAL A 683 9.68 -54.10 -8.16
CA VAL A 683 9.05 -54.02 -9.45
C VAL A 683 9.20 -52.57 -9.85
N GLY A 684 10.25 -52.27 -10.61
CA GLY A 684 10.63 -50.92 -10.90
C GLY A 684 12.14 -50.75 -10.82
N GLU A 685 12.57 -49.61 -10.32
CA GLU A 685 13.97 -49.28 -10.21
C GLU A 685 14.45 -49.51 -8.77
N CYS A 686 15.74 -49.76 -8.62
CA CYS A 686 16.32 -49.98 -7.32
C CYS A 686 17.77 -49.55 -7.34
N ASN A 687 18.25 -49.05 -6.22
CA ASN A 687 19.65 -48.68 -6.06
C ASN A 687 20.20 -49.54 -4.97
N ILE A 688 21.37 -50.12 -5.18
CA ILE A 688 22.00 -50.91 -4.13
C ILE A 688 23.46 -50.49 -3.99
N GLN A 689 23.89 -50.30 -2.74
CA GLN A 689 25.23 -49.81 -2.43
C GLN A 689 26.01 -50.84 -1.69
N PHE A 690 27.26 -51.02 -2.12
CA PHE A 690 28.13 -52.01 -1.56
C PHE A 690 29.39 -51.38 -1.00
N ALA A 691 29.96 -52.00 0.03
CA ALA A 691 31.32 -51.74 0.42
C ALA A 691 32.12 -52.97 0.07
N LEU A 692 33.19 -52.79 -0.69
CA LEU A 692 34.04 -53.90 -1.12
C LEU A 692 35.43 -53.74 -0.54
N HIS A 693 35.95 -54.80 0.06
CA HIS A 693 37.27 -54.74 0.63
C HIS A 693 38.30 -54.51 -0.48
N PRO A 694 39.19 -53.55 -0.31
CA PRO A 694 40.13 -53.16 -1.36
C PRO A 694 41.21 -54.18 -1.78
N THR A 695 41.41 -55.25 -1.00
CA THR A 695 42.41 -56.26 -1.34
C THR A 695 41.93 -57.68 -1.16
N SER A 696 40.66 -57.92 -1.43
CA SER A 696 40.09 -59.27 -1.40
C SER A 696 38.71 -59.25 -2.08
N MET A 697 37.94 -60.32 -1.91
CA MET A 697 36.57 -60.41 -2.42
C MET A 697 35.50 -60.16 -1.34
N GLU A 698 35.89 -59.82 -0.13
CA GLU A 698 34.93 -59.59 0.94
C GLU A 698 34.10 -58.33 0.61
N TYR A 699 32.81 -58.38 0.89
CA TYR A 699 31.99 -57.21 0.69
C TYR A 699 30.84 -57.23 1.65
N CYS A 700 30.17 -56.11 1.78
CA CYS A 700 28.82 -56.17 2.31
C CYS A 700 27.95 -55.11 1.73
N ILE A 701 26.66 -55.31 1.92
CA ILE A 701 25.61 -54.44 1.42
C ILE A 701 25.42 -53.33 2.44
N ILE A 702 25.43 -52.09 1.98
CA ILE A 702 25.26 -50.93 2.85
C ILE A 702 23.79 -50.58 2.89
N GLU A 703 23.17 -50.47 1.72
CA GLU A 703 21.75 -50.21 1.69
C GLU A 703 21.14 -50.36 0.34
N VAL A 704 19.81 -50.45 0.36
CA VAL A 704 19.00 -50.54 -0.80
C VAL A 704 17.94 -49.45 -0.75
N ASN A 705 17.75 -48.80 -1.89
CA ASN A 705 16.76 -47.76 -2.05
C ASN A 705 15.80 -48.16 -3.12
N ALA A 706 14.54 -48.32 -2.73
CA ALA A 706 13.49 -48.75 -3.64
C ALA A 706 12.58 -47.62 -4.14
N ARG A 707 13.10 -46.40 -4.15
CA ARG A 707 12.45 -45.26 -4.77
C ARG A 707 13.48 -44.54 -5.62
N LEU A 708 13.03 -43.69 -6.53
CA LEU A 708 13.95 -42.87 -7.30
C LEU A 708 14.73 -41.96 -6.37
N SER A 709 15.99 -41.75 -6.70
CA SER A 709 16.92 -41.02 -5.84
C SER A 709 17.87 -40.18 -6.69
N ARG A 710 18.81 -39.53 -6.02
CA ARG A 710 19.90 -38.80 -6.67
C ARG A 710 20.67 -39.73 -7.58
N SER A 711 20.96 -40.93 -7.09
CA SER A 711 21.69 -41.92 -7.87
C SER A 711 20.96 -42.34 -9.12
N SER A 712 19.65 -42.54 -9.03
CA SER A 712 18.90 -42.97 -10.20
C SER A 712 18.90 -41.83 -11.22
N ALA A 713 18.78 -40.59 -10.76
CA ALA A 713 18.86 -39.44 -11.66
C ALA A 713 20.22 -39.34 -12.31
N LEU A 714 21.27 -39.51 -11.54
CA LEU A 714 22.63 -39.50 -12.09
C LEU A 714 22.81 -40.62 -13.11
N ALA A 715 22.28 -41.79 -12.81
CA ALA A 715 22.42 -42.93 -13.72
C ALA A 715 21.70 -42.70 -15.06
N SER A 716 20.52 -42.10 -15.03
CA SER A 716 19.83 -41.80 -16.29
C SER A 716 20.62 -40.83 -17.11
N LYS A 717 21.12 -39.76 -16.48
CA LYS A 717 21.87 -38.74 -17.21
C LYS A 717 23.17 -39.31 -17.71
N ALA A 718 23.83 -40.17 -16.92
CA ALA A 718 25.11 -40.73 -17.35
C ALA A 718 24.97 -41.68 -18.52
N THR A 719 23.87 -42.43 -18.55
CA THR A 719 23.72 -43.51 -19.56
C THR A 719 22.81 -43.21 -20.73
N GLY A 720 21.89 -42.25 -20.56
CA GLY A 720 20.80 -42.05 -21.52
C GLY A 720 19.65 -43.05 -21.37
N TYR A 721 19.64 -43.82 -20.30
CA TYR A 721 18.58 -44.79 -20.05
C TYR A 721 17.52 -44.10 -19.17
N PRO A 722 16.28 -43.96 -19.65
CA PRO A 722 15.27 -43.17 -18.89
C PRO A 722 14.55 -43.95 -17.80
N LEU A 723 15.22 -44.07 -16.66
CA LEU A 723 14.79 -44.92 -15.56
C LEU A 723 13.37 -44.65 -15.09
N ALA A 724 13.05 -43.38 -14.88
CA ALA A 724 11.77 -43.00 -14.31
C ALA A 724 10.61 -43.40 -15.21
N PHE A 725 10.78 -43.15 -16.51
CA PHE A 725 9.77 -43.49 -17.52
C PHE A 725 9.54 -45.02 -17.58
N ILE A 726 10.66 -45.72 -17.58
CA ILE A 726 10.64 -47.17 -17.69
C ILE A 726 10.04 -47.79 -16.44
N ALA A 727 10.41 -47.23 -15.30
CA ALA A 727 9.86 -47.66 -14.03
C ALA A 727 8.34 -47.47 -13.97
N ALA A 728 7.86 -46.39 -14.54
CA ALA A 728 6.43 -46.14 -14.58
C ALA A 728 5.73 -47.17 -15.48
N LYS A 729 6.33 -47.53 -16.62
CA LYS A 729 5.75 -48.55 -17.50
C LYS A 729 5.72 -49.92 -16.83
N ILE A 730 6.82 -50.25 -16.16
CA ILE A 730 6.95 -51.48 -15.39
C ILE A 730 5.87 -51.59 -14.31
N ALA A 731 5.51 -50.46 -13.70
CA ALA A 731 4.45 -50.38 -12.69
C ALA A 731 3.08 -50.74 -13.23
N LEU A 732 2.90 -50.63 -14.54
CA LEU A 732 1.66 -51.09 -15.20
C LEU A 732 1.74 -52.58 -15.59
N GLY A 733 2.81 -53.25 -15.18
CA GLY A 733 2.95 -54.69 -15.47
C GLY A 733 3.52 -54.99 -16.84
N ILE A 734 4.05 -53.99 -17.54
CA ILE A 734 4.62 -54.20 -18.85
C ILE A 734 6.05 -54.73 -18.71
N PRO A 735 6.39 -55.85 -19.36
CA PRO A 735 7.78 -56.34 -19.22
C PRO A 735 8.80 -55.54 -20.04
N LEU A 736 10.05 -55.60 -19.62
CA LEU A 736 11.13 -54.86 -20.27
C LEU A 736 11.27 -55.09 -21.78
N PRO A 737 11.20 -56.34 -22.25
CA PRO A 737 11.30 -56.52 -23.70
C PRO A 737 10.18 -55.85 -24.50
N GLU A 738 9.04 -55.55 -23.88
CA GLU A 738 7.93 -54.88 -24.57
C GLU A 738 7.97 -53.35 -24.49
N ILE A 739 9.05 -52.80 -23.93
CA ILE A 739 9.24 -51.35 -23.85
C ILE A 739 10.42 -50.90 -24.72
N LYS A 740 10.22 -49.86 -25.52
CA LYS A 740 11.28 -49.30 -26.40
C LYS A 740 12.43 -48.44 -25.72
N ASN A 741 13.67 -48.68 -26.16
CA ASN A 741 14.85 -47.84 -25.82
C ASN A 741 14.76 -46.56 -26.64
N VAL A 742 14.45 -45.44 -25.98
CA VAL A 742 14.11 -44.21 -26.71
C VAL A 742 15.30 -43.52 -27.41
N VAL A 743 16.53 -43.96 -27.11
CA VAL A 743 17.74 -43.39 -27.73
C VAL A 743 18.07 -44.07 -29.08
N SER A 744 18.02 -45.40 -29.13
CA SER A 744 18.29 -46.14 -30.38
C SER A 744 17.02 -46.31 -31.22
N GLY A 745 15.86 -46.26 -30.58
CA GLY A 745 14.57 -46.45 -31.29
C GLY A 745 14.26 -47.88 -31.72
N LYS A 746 15.30 -48.64 -32.07
CA LYS A 746 15.18 -49.95 -32.70
C LYS A 746 15.22 -51.12 -31.72
N THR A 747 15.57 -50.84 -30.47
CA THR A 747 15.78 -51.88 -29.46
C THR A 747 14.96 -51.55 -28.21
N SER A 748 15.01 -52.42 -27.21
CA SER A 748 14.08 -52.36 -26.09
C SER A 748 14.78 -51.93 -24.82
N ALA A 749 14.01 -51.76 -23.75
CA ALA A 749 14.54 -51.41 -22.45
C ALA A 749 15.24 -52.58 -21.77
N CYS A 750 15.11 -53.78 -22.34
CA CYS A 750 15.76 -54.97 -21.82
C CYS A 750 17.21 -55.13 -22.30
N PHE A 751 18.08 -54.31 -21.74
CA PHE A 751 19.52 -54.40 -22.03
C PHE A 751 20.30 -53.63 -20.98
N GLU A 752 21.60 -53.86 -20.97
CA GLU A 752 22.52 -53.13 -20.10
C GLU A 752 23.33 -52.19 -20.97
N PRO A 753 23.30 -50.88 -20.68
CA PRO A 753 24.08 -49.94 -21.44
C PRO A 753 25.57 -50.25 -21.47
N SER A 754 26.22 -50.06 -22.60
CA SER A 754 27.68 -49.96 -22.64
C SER A 754 28.06 -48.49 -22.88
N LEU A 755 28.98 -47.97 -22.07
CA LEU A 755 29.46 -46.59 -22.16
C LEU A 755 30.85 -46.58 -22.80
N ASP A 756 31.02 -45.78 -23.86
CA ASP A 756 32.34 -45.58 -24.46
C ASP A 756 32.93 -44.24 -24.04
N TYR A 757 32.62 -43.84 -22.81
CA TYR A 757 33.10 -42.58 -22.23
C TYR A 757 33.03 -42.79 -20.74
N MET A 758 33.53 -41.84 -19.97
CA MET A 758 33.47 -41.89 -18.52
C MET A 758 32.79 -40.64 -18.00
N VAL A 759 32.04 -40.80 -16.92
CA VAL A 759 31.30 -39.69 -16.33
C VAL A 759 31.88 -39.40 -14.97
N THR A 760 31.97 -38.12 -14.63
CA THR A 760 32.40 -37.70 -13.31
C THR A 760 31.36 -36.75 -12.74
N LYS A 761 30.92 -37.07 -11.52
CA LYS A 761 30.02 -36.24 -10.78
C LYS A 761 30.73 -35.67 -9.57
N ILE A 762 30.56 -34.39 -9.34
CA ILE A 762 31.21 -33.73 -8.19
C ILE A 762 30.17 -32.89 -7.49
N PRO A 763 30.14 -32.95 -6.15
CA PRO A 763 29.20 -32.07 -5.44
C PRO A 763 29.62 -30.60 -5.55
N ARG A 764 28.65 -29.72 -5.55
CA ARG A 764 28.89 -28.29 -5.48
C ARG A 764 28.70 -27.90 -4.04
N TRP A 765 29.74 -27.39 -3.43
CA TRP A 765 29.67 -26.96 -2.05
C TRP A 765 29.36 -25.49 -1.97
N ASP A 766 28.80 -25.10 -0.85
CA ASP A 766 28.66 -23.71 -0.54
C ASP A 766 30.05 -23.08 -0.37
N LEU A 767 30.40 -22.14 -1.24
CA LEU A 767 31.72 -21.51 -1.23
C LEU A 767 31.76 -20.26 -0.32
N LYS A 782 25.82 -32.04 3.18
CA LYS A 782 26.25 -30.65 3.30
C LYS A 782 26.30 -29.89 1.94
N SER A 783 26.25 -30.62 0.83
CA SER A 783 26.36 -30.00 -0.50
C SER A 783 25.04 -29.41 -0.98
N VAL A 784 25.14 -28.41 -1.85
CA VAL A 784 23.98 -27.63 -2.29
C VAL A 784 23.58 -27.95 -3.75
N GLY A 785 24.42 -28.67 -4.47
CA GLY A 785 24.14 -29.05 -5.86
C GLY A 785 25.21 -30.00 -6.36
N GLU A 786 25.22 -30.23 -7.67
CA GLU A 786 26.19 -31.14 -8.26
C GLU A 786 26.36 -30.87 -9.75
N VAL A 787 27.48 -31.34 -10.28
CA VAL A 787 27.78 -31.24 -11.69
C VAL A 787 28.10 -32.64 -12.17
N MET A 788 27.93 -32.83 -13.47
CA MET A 788 28.32 -34.07 -14.11
C MET A 788 29.07 -33.72 -15.38
N ALA A 789 30.24 -34.32 -15.59
CA ALA A 789 30.94 -34.11 -16.86
C ALA A 789 31.27 -35.44 -17.55
N ILE A 790 31.38 -35.37 -18.86
CA ILE A 790 31.64 -36.53 -19.71
C ILE A 790 32.93 -36.30 -20.48
N GLY A 791 33.80 -37.31 -20.47
CA GLY A 791 35.06 -37.24 -21.20
C GLY A 791 35.44 -38.65 -21.61
N ARG A 792 36.46 -38.81 -22.42
CA ARG A 792 36.86 -40.15 -22.81
C ARG A 792 38.19 -40.57 -22.19
N THR A 793 38.75 -39.70 -21.36
CA THR A 793 39.73 -40.10 -20.36
C THR A 793 39.19 -39.69 -18.99
N PHE A 794 39.68 -40.32 -17.94
CA PHE A 794 39.34 -39.90 -16.60
C PHE A 794 39.73 -38.41 -16.42
N GLU A 795 40.89 -38.03 -16.95
CA GLU A 795 41.44 -36.72 -16.73
C GLU A 795 40.60 -35.65 -17.38
N GLU A 796 40.16 -35.87 -18.62
CA GLU A 796 39.25 -34.93 -19.30
C GLU A 796 37.95 -34.72 -18.52
N SER A 797 37.31 -35.81 -18.13
CA SER A 797 36.06 -35.78 -17.39
C SER A 797 36.22 -35.04 -16.08
N PHE A 798 37.28 -35.37 -15.37
CA PHE A 798 37.52 -34.88 -14.03
C PHE A 798 37.86 -33.39 -13.99
N GLN A 799 38.76 -32.92 -14.85
CA GLN A 799 39.06 -31.50 -14.89
C GLN A 799 37.85 -30.68 -15.35
N LYS A 800 37.08 -31.22 -16.27
CA LYS A 800 35.87 -30.56 -16.71
C LYS A 800 34.92 -30.37 -15.53
N ALA A 801 34.70 -31.44 -14.79
CA ALA A 801 33.72 -31.43 -13.71
C ALA A 801 34.15 -30.44 -12.65
N LEU A 802 35.46 -30.39 -12.36
CA LEU A 802 35.94 -29.39 -11.39
C LEU A 802 35.64 -27.99 -11.88
N ARG A 803 35.91 -27.71 -13.16
CA ARG A 803 35.60 -26.38 -13.69
C ARG A 803 34.13 -26.07 -13.56
N MET A 804 33.27 -27.06 -13.77
CA MET A 804 31.85 -26.84 -13.71
C MET A 804 31.37 -26.40 -12.35
N CYS A 805 32.11 -26.71 -11.30
CA CYS A 805 31.69 -26.36 -9.93
C CYS A 805 31.63 -24.87 -9.69
N HIS A 806 32.66 -24.14 -10.09
CA HIS A 806 32.69 -22.72 -9.86
C HIS A 806 33.64 -22.08 -10.86
N PRO A 807 33.30 -20.88 -11.39
CA PRO A 807 34.12 -20.22 -12.42
C PRO A 807 35.54 -19.87 -11.99
N SER A 808 35.80 -19.78 -10.69
CA SER A 808 37.17 -19.52 -10.17
C SER A 808 38.02 -20.79 -10.10
N ILE A 809 37.47 -21.95 -10.41
CA ILE A 809 38.24 -23.18 -10.43
C ILE A 809 38.74 -23.47 -11.84
N GLU A 810 40.05 -23.64 -11.99
CA GLU A 810 40.67 -23.78 -13.30
C GLU A 810 40.68 -25.21 -13.82
N GLY A 811 40.62 -26.15 -12.89
CA GLY A 811 40.81 -27.56 -13.18
C GLY A 811 41.43 -28.21 -11.97
N PHE A 812 42.14 -29.33 -12.15
CA PHE A 812 42.85 -29.92 -11.02
C PHE A 812 44.19 -29.22 -10.80
N THR A 813 44.30 -28.42 -9.75
CA THR A 813 45.52 -27.66 -9.44
C THR A 813 45.71 -27.58 -7.92
N PRO A 814 46.92 -27.25 -7.47
CA PRO A 814 47.16 -27.06 -6.03
C PRO A 814 46.67 -25.71 -5.47
N ARG A 815 45.80 -25.01 -6.20
CA ARG A 815 45.30 -23.72 -5.77
C ARG A 815 43.82 -23.78 -5.45
N LEU A 816 43.43 -23.00 -4.46
CA LEU A 816 42.09 -23.07 -3.93
C LEU A 816 41.09 -22.28 -4.78
N PRO A 817 39.79 -22.64 -4.68
CA PRO A 817 38.75 -21.83 -5.30
C PRO A 817 38.70 -20.41 -4.70
N MET A 818 38.07 -19.48 -5.44
CA MET A 818 37.91 -18.08 -5.03
C MET A 818 39.21 -17.31 -4.84
N ASN A 819 40.31 -17.82 -5.42
CA ASN A 819 41.63 -17.15 -5.32
C ASN A 819 42.16 -16.96 -3.90
N LYS A 820 41.79 -17.86 -3.00
CA LYS A 820 42.30 -17.87 -1.62
C LYS A 820 43.68 -18.52 -1.59
N GLU A 821 44.55 -18.07 -0.68
CA GLU A 821 45.84 -18.73 -0.52
C GLU A 821 45.83 -19.67 0.68
N TRP A 822 46.70 -20.67 0.64
CA TRP A 822 46.81 -21.64 1.72
C TRP A 822 47.37 -20.96 2.95
N PRO A 823 46.83 -21.27 4.14
CA PRO A 823 47.44 -20.79 5.38
C PRO A 823 48.92 -21.18 5.55
N SER A 824 49.68 -20.37 6.29
CA SER A 824 51.10 -20.64 6.55
C SER A 824 51.32 -21.74 7.60
N ASN A 825 50.31 -21.93 8.45
CA ASN A 825 50.33 -22.95 9.51
C ASN A 825 49.69 -24.28 9.08
N LEU A 826 49.65 -24.56 7.79
CA LEU A 826 48.83 -25.65 7.28
C LEU A 826 49.37 -27.02 7.69
N ASP A 827 48.50 -27.85 8.27
CA ASP A 827 48.82 -29.27 8.50
C ASP A 827 48.27 -30.10 7.35
N LEU A 828 49.14 -30.39 6.38
CA LEU A 828 48.69 -31.00 5.13
C LEU A 828 48.13 -32.41 5.32
N ARG A 829 48.82 -33.22 6.12
CA ARG A 829 48.32 -34.54 6.52
C ARG A 829 46.97 -34.48 7.21
N LYS A 830 46.76 -33.48 8.04
CA LYS A 830 45.48 -33.29 8.68
C LYS A 830 44.41 -32.93 7.65
N GLU A 831 44.69 -31.99 6.77
CA GLU A 831 43.78 -31.63 5.66
C GLU A 831 43.44 -32.85 4.78
N LEU A 832 44.38 -33.76 4.57
CA LEU A 832 44.12 -34.93 3.73
C LEU A 832 43.24 -35.97 4.43
N SER A 833 43.40 -36.11 5.75
CA SER A 833 42.70 -37.16 6.48
C SER A 833 41.30 -36.75 6.87
N GLU A 834 40.93 -35.51 6.60
CA GLU A 834 39.60 -35.05 6.93
C GLU A 834 38.84 -34.74 5.65
N PRO A 835 37.71 -35.43 5.43
CA PRO A 835 36.87 -35.06 4.29
C PRO A 835 36.36 -33.62 4.41
N SER A 836 36.49 -32.86 3.33
CA SER A 836 36.03 -31.47 3.32
C SER A 836 35.88 -31.02 1.89
N SER A 837 35.33 -29.84 1.71
CA SER A 837 35.11 -29.31 0.37
C SER A 837 36.41 -28.95 -0.38
N THR A 838 37.54 -28.77 0.32
CA THR A 838 38.81 -28.42 -0.34
C THR A 838 39.85 -29.55 -0.43
N ARG A 839 39.45 -30.74 -0.01
CA ARG A 839 40.34 -31.88 0.01
C ARG A 839 41.00 -32.15 -1.36
N ILE A 840 40.27 -31.98 -2.44
CA ILE A 840 40.82 -32.22 -3.79
C ILE A 840 42.02 -31.32 -4.07
N TYR A 841 41.92 -30.06 -3.67
CA TYR A 841 43.01 -29.11 -3.89
C TYR A 841 44.18 -29.46 -2.99
N ALA A 842 43.88 -29.94 -1.79
CA ALA A 842 44.93 -30.40 -0.85
C ALA A 842 45.70 -31.59 -1.39
N ILE A 843 44.99 -32.47 -2.11
CA ILE A 843 45.61 -33.61 -2.73
C ILE A 843 46.59 -33.12 -3.80
N ALA A 844 46.15 -32.14 -4.59
CA ALA A 844 47.01 -31.59 -5.63
C ALA A 844 48.25 -30.98 -5.01
N LYS A 845 48.10 -30.32 -3.88
CA LYS A 845 49.22 -29.74 -3.19
C LYS A 845 50.16 -30.79 -2.64
N ALA A 846 49.61 -31.83 -2.03
CA ALA A 846 50.43 -32.92 -1.49
C ALA A 846 51.29 -33.55 -2.56
N ILE A 847 50.72 -33.77 -3.74
CA ILE A 847 51.46 -34.37 -4.82
C ILE A 847 52.56 -33.41 -5.25
N ASP A 848 52.19 -32.17 -5.52
CA ASP A 848 53.14 -31.14 -5.92
C ASP A 848 54.29 -30.92 -4.91
N ASP A 849 53.98 -31.01 -3.62
CA ASP A 849 55.00 -31.00 -2.57
C ASP A 849 55.67 -32.35 -2.36
N ASN A 850 55.51 -33.28 -3.31
CA ASN A 850 56.28 -34.53 -3.35
C ASN A 850 55.99 -35.55 -2.23
N MET A 851 54.84 -35.42 -1.58
CA MET A 851 54.32 -36.49 -0.75
C MET A 851 54.01 -37.67 -1.66
N SER A 852 54.38 -38.87 -1.23
CA SER A 852 54.19 -40.05 -2.05
C SER A 852 52.70 -40.41 -2.18
N LEU A 853 52.37 -41.05 -3.28
CA LEU A 853 51.02 -41.47 -3.54
C LEU A 853 50.53 -42.53 -2.56
N ASP A 854 51.45 -43.38 -2.09
CA ASP A 854 51.11 -44.38 -1.06
C ASP A 854 50.61 -43.70 0.20
N GLU A 855 51.32 -42.65 0.63
CA GLU A 855 50.90 -41.93 1.82
C GLU A 855 49.56 -41.24 1.60
N ILE A 856 49.37 -40.64 0.43
CA ILE A 856 48.13 -39.94 0.14
C ILE A 856 46.96 -40.94 0.18
N GLU A 857 47.20 -42.13 -0.39
CA GLU A 857 46.21 -43.20 -0.39
C GLU A 857 45.86 -43.62 1.04
N LYS A 858 46.88 -43.83 1.86
CA LYS A 858 46.68 -44.18 3.24
C LYS A 858 45.79 -43.14 3.95
N LEU A 859 46.05 -41.86 3.72
CA LEU A 859 45.38 -40.80 4.44
C LEU A 859 44.00 -40.51 3.89
N THR A 860 43.83 -40.60 2.57
CA THR A 860 42.58 -40.22 1.95
C THR A 860 41.65 -41.38 1.64
N TYR A 861 42.20 -42.60 1.62
CA TYR A 861 41.50 -43.82 1.14
C TYR A 861 41.17 -43.80 -0.33
N ILE A 862 41.61 -42.79 -1.07
CA ILE A 862 41.41 -42.75 -2.51
C ILE A 862 42.30 -43.78 -3.21
N ASP A 863 41.70 -44.65 -4.00
CA ASP A 863 42.46 -45.69 -4.67
C ASP A 863 43.56 -45.01 -5.48
N LYS A 864 44.75 -45.58 -5.35
CA LYS A 864 45.94 -45.08 -6.01
C LYS A 864 45.80 -44.90 -7.51
N TRP A 865 44.96 -45.69 -8.15
CA TRP A 865 44.74 -45.50 -9.59
C TRP A 865 44.28 -44.07 -9.90
N PHE A 866 43.35 -43.54 -9.12
CA PHE A 866 42.90 -42.16 -9.30
C PHE A 866 44.06 -41.20 -9.06
N LEU A 867 44.89 -41.49 -8.08
CA LEU A 867 46.01 -40.59 -7.76
C LEU A 867 47.08 -40.56 -8.87
N TYR A 868 47.31 -41.68 -9.54
CA TYR A 868 48.22 -41.67 -10.69
C TYR A 868 47.71 -40.74 -11.79
N LYS A 869 46.40 -40.75 -12.04
CA LYS A 869 45.82 -39.81 -13.02
C LYS A 869 46.00 -38.34 -12.60
N MET A 870 45.86 -38.10 -11.31
CA MET A 870 46.04 -36.78 -10.77
C MET A 870 47.50 -36.34 -10.87
N ARG A 871 48.42 -37.27 -10.60
CA ARG A 871 49.83 -36.98 -10.79
C ARG A 871 50.15 -36.66 -12.26
N ASP A 872 49.56 -37.41 -13.18
CA ASP A 872 49.79 -37.13 -14.60
C ASP A 872 49.35 -35.72 -15.01
N ILE A 873 48.23 -35.25 -14.46
CA ILE A 873 47.78 -33.89 -14.75
C ILE A 873 48.80 -32.86 -14.28
N LEU A 874 49.30 -33.04 -13.06
CA LEU A 874 50.29 -32.12 -12.51
C LEU A 874 51.62 -32.18 -13.27
N ASN A 875 52.04 -33.34 -13.73
CA ASN A 875 53.22 -33.44 -14.60
C ASN A 875 53.05 -32.72 -15.92
N MET A 876 51.86 -32.80 -16.52
CA MET A 876 51.60 -32.00 -17.70
C MET A 876 51.69 -30.48 -17.42
N GLU A 877 51.14 -30.02 -16.31
CA GLU A 877 51.30 -28.62 -15.94
C GLU A 877 52.80 -28.23 -15.89
N LYS A 878 53.63 -29.07 -15.27
CA LYS A 878 55.09 -28.84 -15.24
C LYS A 878 55.72 -28.83 -16.63
N THR A 879 55.40 -29.79 -17.46
CA THR A 879 55.86 -29.82 -18.83
C THR A 879 55.47 -28.52 -19.57
N LEU A 880 54.21 -28.10 -19.43
CA LEU A 880 53.78 -26.85 -20.08
C LEU A 880 54.51 -25.58 -19.59
N LYS A 881 54.77 -25.49 -18.28
CA LYS A 881 55.50 -24.35 -17.72
C LYS A 881 56.90 -24.15 -18.31
N GLY A 882 57.52 -25.22 -18.80
CA GLY A 882 58.86 -25.12 -19.41
C GLY A 882 58.79 -24.73 -20.89
N LEU A 883 57.59 -24.53 -21.42
CA LEU A 883 57.44 -24.28 -22.84
C LEU A 883 56.87 -22.89 -23.10
N ASN A 884 56.82 -22.54 -24.37
CA ASN A 884 56.32 -21.26 -24.78
C ASN A 884 55.65 -21.47 -26.11
N SER A 885 55.13 -20.41 -26.69
CA SER A 885 54.28 -20.52 -27.87
C SER A 885 55.04 -20.95 -29.08
N GLU A 886 56.36 -20.75 -29.11
CA GLU A 886 57.18 -21.30 -30.21
C GLU A 886 57.64 -22.74 -29.99
N SER A 887 57.93 -23.12 -28.75
CA SER A 887 58.52 -24.42 -28.43
C SER A 887 57.51 -25.54 -28.17
N MET A 888 56.28 -25.19 -27.80
CA MET A 888 55.26 -26.21 -27.56
C MET A 888 54.84 -26.89 -28.86
N THR A 889 54.96 -28.21 -28.91
CA THR A 889 54.61 -28.95 -30.12
C THR A 889 53.12 -29.27 -30.17
N GLU A 890 52.66 -29.54 -31.38
CA GLU A 890 51.33 -30.06 -31.63
C GLU A 890 51.00 -31.27 -30.76
N GLU A 891 51.92 -32.22 -30.70
CA GLU A 891 51.74 -33.45 -29.92
CA GLU A 891 51.76 -33.44 -29.91
C GLU A 891 51.48 -33.14 -28.44
N THR A 892 52.31 -32.31 -27.84
CA THR A 892 52.14 -31.95 -26.45
C THR A 892 50.82 -31.21 -26.20
N LEU A 893 50.46 -30.29 -27.09
CA LEU A 893 49.25 -29.52 -26.90
C LEU A 893 48.04 -30.45 -27.02
N LYS A 894 48.08 -31.36 -27.99
CA LYS A 894 47.02 -32.32 -28.22
C LYS A 894 46.79 -33.11 -26.95
N ARG A 895 47.89 -33.61 -26.40
CA ARG A 895 47.82 -34.42 -25.21
C ARG A 895 47.23 -33.63 -24.03
N ALA A 896 47.70 -32.38 -23.85
CA ALA A 896 47.18 -31.53 -22.78
C ALA A 896 45.66 -31.39 -22.87
N LYS A 897 45.15 -31.12 -24.07
CA LYS A 897 43.71 -30.98 -24.23
C LYS A 897 42.97 -32.29 -23.96
N GLU A 898 43.56 -33.39 -24.39
CA GLU A 898 42.98 -34.72 -24.15
C GLU A 898 42.90 -35.13 -22.68
N ILE A 899 43.71 -34.53 -21.82
CA ILE A 899 43.59 -34.81 -20.38
C ILE A 899 42.97 -33.64 -19.64
N GLY A 900 42.21 -32.84 -20.38
CA GLY A 900 41.31 -31.82 -19.79
C GLY A 900 41.84 -30.45 -19.48
N PHE A 901 43.01 -30.09 -20.01
CA PHE A 901 43.52 -28.72 -19.82
C PHE A 901 42.73 -27.69 -20.65
N SER A 902 42.31 -26.61 -19.99
CA SER A 902 41.67 -25.51 -20.70
C SER A 902 42.71 -24.59 -21.30
N ASP A 903 42.24 -23.76 -22.22
CA ASP A 903 43.07 -22.74 -22.83
C ASP A 903 43.58 -21.79 -21.75
N LYS A 904 42.75 -21.56 -20.74
CA LYS A 904 43.12 -20.71 -19.61
C LYS A 904 44.28 -21.33 -18.83
N GLN A 905 44.20 -22.60 -18.48
CA GLN A 905 45.31 -23.23 -17.77
C GLN A 905 46.61 -23.17 -18.61
N ILE A 906 46.49 -23.52 -19.90
CA ILE A 906 47.62 -23.53 -20.79
C ILE A 906 48.24 -22.12 -20.92
N SER A 907 47.38 -21.10 -21.03
CA SER A 907 47.84 -19.72 -21.14
C SER A 907 48.75 -19.27 -20.00
N LYS A 908 48.40 -19.64 -18.78
CA LYS A 908 49.20 -19.33 -17.61
C LYS A 908 50.56 -19.99 -17.67
N CYS A 909 50.61 -21.25 -18.11
CA CYS A 909 51.89 -21.97 -18.26
C CYS A 909 52.77 -21.37 -19.36
N LEU A 910 52.17 -20.92 -20.47
CA LEU A 910 52.94 -20.41 -21.60
C LEU A 910 53.20 -18.90 -21.57
N GLY A 911 52.57 -18.17 -20.66
CA GLY A 911 52.72 -16.71 -20.61
C GLY A 911 51.89 -15.93 -21.62
N LEU A 912 50.73 -16.45 -22.03
CA LEU A 912 49.86 -15.81 -23.04
C LEU A 912 48.55 -15.47 -22.40
N THR A 913 47.69 -14.80 -23.14
CA THR A 913 46.28 -14.69 -22.75
C THR A 913 45.49 -15.91 -23.24
N GLU A 914 44.30 -16.08 -22.67
CA GLU A 914 43.40 -17.15 -23.04
C GLU A 914 43.11 -17.09 -24.55
N ALA A 915 42.85 -15.89 -25.03
CA ALA A 915 42.47 -15.66 -26.39
C ALA A 915 43.60 -15.98 -27.38
N GLN A 916 44.83 -15.62 -27.01
CA GLN A 916 46.02 -16.00 -27.80
C GLN A 916 46.25 -17.52 -27.83
N THR A 917 45.99 -18.16 -26.70
CA THR A 917 46.14 -19.60 -26.59
C THR A 917 45.11 -20.32 -27.46
N ARG A 918 43.87 -19.82 -27.49
CA ARG A 918 42.83 -20.38 -28.35
C ARG A 918 43.24 -20.24 -29.82
N GLU A 919 43.69 -19.06 -30.18
CA GLU A 919 44.15 -18.76 -31.52
C GLU A 919 45.32 -19.70 -31.94
N LEU A 920 46.26 -19.93 -31.01
CA LEU A 920 47.40 -20.81 -31.28
C LEU A 920 46.95 -22.25 -31.51
N ARG A 921 46.03 -22.68 -30.66
CA ARG A 921 45.48 -24.04 -30.75
C ARG A 921 44.72 -24.27 -32.06
N LEU A 922 43.91 -23.30 -32.48
CA LEU A 922 43.15 -23.44 -33.72
C LEU A 922 44.02 -23.32 -34.97
N LYS A 923 45.11 -22.56 -34.88
CA LYS A 923 46.11 -22.51 -35.95
C LYS A 923 46.79 -23.87 -36.22
N LYS A 924 46.90 -24.69 -35.19
CA LYS A 924 47.35 -26.07 -35.35
C LYS A 924 46.18 -27.01 -35.68
N ASN A 925 44.97 -26.46 -35.88
CA ASN A 925 43.78 -27.25 -36.13
C ASN A 925 43.53 -28.32 -35.05
N ILE A 926 43.77 -27.97 -33.79
CA ILE A 926 43.40 -28.82 -32.68
C ILE A 926 42.08 -28.31 -32.10
N HIS A 927 41.05 -29.16 -32.20
CA HIS A 927 39.70 -28.79 -31.78
C HIS A 927 38.98 -30.04 -31.27
N PRO A 928 37.93 -29.84 -30.49
CA PRO A 928 37.22 -30.98 -29.99
C PRO A 928 36.14 -31.51 -30.97
N TRP A 929 35.58 -32.65 -30.60
CA TRP A 929 34.70 -33.40 -31.45
C TRP A 929 33.42 -33.65 -30.68
N VAL A 930 32.31 -33.59 -31.38
CA VAL A 930 30.98 -33.79 -30.80
C VAL A 930 30.61 -35.25 -30.94
N LYS A 931 30.27 -35.86 -29.82
CA LYS A 931 29.89 -37.26 -29.78
C LYS A 931 28.54 -37.46 -29.11
N GLN A 932 27.85 -38.52 -29.52
CA GLN A 932 26.57 -38.90 -28.91
C GLN A 932 26.74 -39.81 -27.72
N ILE A 933 25.88 -39.62 -26.73
CA ILE A 933 25.65 -40.60 -25.69
C ILE A 933 24.58 -41.54 -26.25
N ASP A 934 24.94 -42.71 -26.80
CA ASP A 934 23.91 -43.53 -27.47
C ASP A 934 23.45 -44.79 -26.70
N THR A 935 23.98 -44.99 -25.49
CA THR A 935 23.64 -46.09 -24.58
C THR A 935 24.22 -47.46 -24.99
N LEU A 936 24.78 -47.58 -26.19
CA LEU A 936 25.21 -48.88 -26.73
C LEU A 936 26.65 -48.93 -27.29
N ALA A 937 27.43 -47.88 -27.08
CA ALA A 937 28.81 -47.82 -27.57
C ALA A 937 28.88 -48.06 -29.08
N ALA A 938 27.92 -47.45 -29.77
CA ALA A 938 27.85 -47.46 -31.22
C ALA A 938 27.59 -48.83 -31.85
N GLU A 939 27.21 -49.82 -31.05
CA GLU A 939 26.85 -51.13 -31.59
C GLU A 939 25.74 -50.97 -32.65
N TYR A 940 24.84 -50.02 -32.39
CA TYR A 940 23.74 -49.68 -33.27
C TYR A 940 23.75 -48.17 -33.52
N PRO A 941 23.43 -47.74 -34.76
CA PRO A 941 23.29 -46.29 -35.01
C PRO A 941 22.20 -45.69 -34.15
N SER A 942 22.46 -44.48 -33.68
CA SER A 942 21.51 -43.74 -32.89
C SER A 942 21.19 -42.46 -33.65
N VAL A 943 20.00 -41.94 -33.45
CA VAL A 943 19.67 -40.60 -33.94
C VAL A 943 19.49 -39.67 -32.71
N THR A 944 20.16 -40.02 -31.63
CA THR A 944 20.04 -39.26 -30.40
C THR A 944 20.66 -37.90 -30.60
N ASN A 945 20.05 -36.94 -29.98
CA ASN A 945 20.56 -35.58 -29.95
C ASN A 945 21.11 -35.22 -28.54
N TYR A 946 21.57 -36.21 -27.81
CA TYR A 946 22.15 -36.05 -26.49
C TYR A 946 23.66 -36.14 -26.64
N LEU A 947 24.34 -35.01 -26.41
CA LEU A 947 25.73 -34.86 -26.84
C LEU A 947 26.71 -34.35 -25.81
N TYR A 948 27.98 -34.65 -26.06
CA TYR A 948 29.08 -34.12 -25.28
C TYR A 948 30.23 -33.81 -26.25
N VAL A 949 31.29 -33.21 -25.74
CA VAL A 949 32.35 -32.71 -26.61
C VAL A 949 33.66 -33.21 -26.03
N THR A 950 34.53 -33.75 -26.88
CA THR A 950 35.76 -34.39 -26.40
C THR A 950 36.93 -34.17 -27.36
N TYR A 951 38.13 -34.03 -26.81
CA TYR A 951 39.32 -33.97 -27.66
C TYR A 951 39.73 -35.36 -28.07
N ASN A 952 39.12 -36.40 -27.51
CA ASN A 952 39.59 -37.78 -27.81
C ASN A 952 38.75 -38.39 -28.89
N GLY A 953 39.02 -37.98 -30.12
CA GLY A 953 38.26 -38.48 -31.25
C GLY A 953 38.85 -38.03 -32.58
N GLN A 954 38.28 -38.52 -33.67
CA GLN A 954 38.77 -38.17 -35.00
C GLN A 954 37.62 -37.78 -35.95
N GLU A 955 36.37 -37.72 -35.44
CA GLU A 955 35.17 -37.32 -36.23
C GLU A 955 34.06 -36.89 -35.30
N HIS A 956 33.10 -36.14 -35.86
CA HIS A 956 31.87 -35.77 -35.16
C HIS A 956 30.80 -36.82 -35.44
N ASP A 957 29.87 -37.00 -34.52
CA ASP A 957 28.79 -38.00 -34.65
C ASP A 957 27.52 -37.38 -35.26
N VAL A 958 27.45 -36.07 -35.42
CA VAL A 958 26.23 -35.43 -35.97
C VAL A 958 26.59 -34.48 -37.06
N ASN A 959 25.59 -34.09 -37.84
CA ASN A 959 25.69 -32.97 -38.78
C ASN A 959 25.39 -31.63 -38.10
N PHE A 960 25.81 -30.56 -38.76
CA PHE A 960 25.69 -29.20 -38.28
C PHE A 960 24.89 -28.31 -39.26
N ASP A 961 23.69 -28.74 -39.59
CA ASP A 961 22.82 -28.05 -40.55
C ASP A 961 21.63 -27.33 -39.94
N ASP A 962 21.42 -27.44 -38.62
CA ASP A 962 20.28 -26.81 -37.97
C ASP A 962 20.48 -25.31 -37.78
N HIS A 963 21.68 -24.89 -37.42
CA HIS A 963 21.96 -23.47 -37.14
C HIS A 963 20.98 -22.89 -36.11
N GLY A 964 20.81 -23.63 -35.02
CA GLY A 964 19.77 -23.31 -34.06
C GLY A 964 20.08 -22.16 -33.11
N MET A 965 19.09 -21.85 -32.30
CA MET A 965 19.20 -20.85 -31.27
C MET A 965 19.74 -21.55 -30.00
N MET A 966 20.84 -21.03 -29.49
CA MET A 966 21.43 -21.56 -28.28
C MET A 966 20.77 -20.95 -27.04
N VAL A 967 20.51 -21.79 -26.04
CA VAL A 967 19.97 -21.34 -24.75
C VAL A 967 20.91 -21.89 -23.68
N LEU A 968 21.48 -21.00 -22.88
CA LEU A 968 22.40 -21.38 -21.84
C LEU A 968 21.70 -21.62 -20.49
N GLY A 969 22.02 -22.76 -19.88
CA GLY A 969 21.49 -23.10 -18.59
C GLY A 969 22.29 -22.49 -17.45
N CYS A 970 21.89 -22.80 -16.23
CA CYS A 970 22.36 -22.13 -15.02
C CYS A 970 23.57 -22.74 -14.34
N GLY A 971 23.94 -23.97 -14.67
CA GLY A 971 25.03 -24.62 -13.97
C GLY A 971 24.52 -25.22 -12.68
N PRO A 972 25.43 -25.59 -11.78
CA PRO A 972 24.98 -26.26 -10.56
C PRO A 972 24.17 -25.37 -9.64
N TYR A 973 23.20 -25.96 -8.96
CA TYR A 973 22.48 -25.26 -7.94
C TYR A 973 23.39 -24.96 -6.76
N HIS A 974 23.13 -23.84 -6.12
CA HIS A 974 23.82 -23.43 -4.91
C HIS A 974 22.94 -22.36 -4.26
N ILE A 975 23.41 -21.74 -3.20
CA ILE A 975 22.58 -20.76 -2.49
C ILE A 975 22.38 -19.53 -3.37
N GLY A 976 21.14 -19.16 -3.59
CA GLY A 976 20.80 -18.05 -4.46
C GLY A 976 20.63 -18.42 -5.92
N SER A 977 20.79 -19.71 -6.24
CA SER A 977 20.64 -20.16 -7.61
C SER A 977 20.08 -21.59 -7.64
N SER A 978 18.76 -21.65 -7.70
CA SER A 978 18.04 -22.88 -7.48
C SER A 978 17.07 -23.22 -8.64
N VAL A 979 16.05 -24.02 -8.37
CA VAL A 979 15.17 -24.60 -9.38
C VAL A 979 14.40 -23.59 -10.24
N GLU A 980 14.33 -22.34 -9.79
CA GLU A 980 13.63 -21.32 -10.54
C GLU A 980 14.19 -21.11 -11.93
N PHE A 981 15.49 -21.28 -12.11
CA PHE A 981 16.07 -21.07 -13.42
C PHE A 981 15.82 -22.27 -14.34
N ASP A 982 15.57 -23.43 -13.77
CA ASP A 982 15.08 -24.59 -14.53
C ASP A 982 13.69 -24.30 -15.17
N TRP A 983 12.80 -23.70 -14.41
CA TRP A 983 11.50 -23.27 -14.93
C TRP A 983 11.70 -22.32 -16.10
N CYS A 984 12.65 -21.38 -15.96
CA CYS A 984 12.84 -20.34 -16.98
C CYS A 984 13.38 -20.94 -18.28
N ALA A 985 14.31 -21.87 -18.15
CA ALA A 985 14.83 -22.62 -19.28
C ALA A 985 13.73 -23.39 -20.00
N VAL A 986 12.97 -24.16 -19.25
CA VAL A 986 11.86 -24.89 -19.85
C VAL A 986 10.94 -23.97 -20.66
N SER A 987 10.54 -22.84 -20.09
CA SER A 987 9.63 -21.93 -20.80
C SER A 987 10.27 -21.34 -22.05
N SER A 988 11.54 -20.99 -21.95
CA SER A 988 12.21 -20.36 -23.07
C SER A 988 12.37 -21.36 -24.22
N ILE A 989 12.80 -22.56 -23.88
CA ILE A 989 12.99 -23.63 -24.86
C ILE A 989 11.67 -23.96 -25.55
N ARG A 990 10.59 -24.01 -24.77
CA ARG A 990 9.27 -24.31 -25.32
C ARG A 990 8.80 -23.21 -26.27
N THR A 991 8.97 -21.94 -25.88
CA THR A 991 8.58 -20.83 -26.75
C THR A 991 9.28 -20.93 -28.11
N LEU A 992 10.58 -21.22 -28.09
CA LEU A 992 11.32 -21.35 -29.34
C LEU A 992 10.75 -22.49 -30.18
N ARG A 993 10.57 -23.65 -29.56
CA ARG A 993 10.01 -24.80 -30.27
C ARG A 993 8.64 -24.50 -30.85
N GLN A 994 7.79 -23.79 -30.10
CA GLN A 994 6.44 -23.49 -30.58
C GLN A 994 6.45 -22.52 -31.75
N LEU A 995 7.52 -21.75 -31.89
CA LEU A 995 7.69 -20.88 -33.03
C LEU A 995 8.48 -21.59 -34.13
N GLY A 996 8.63 -22.91 -34.05
CA GLY A 996 9.36 -23.67 -35.05
C GLY A 996 10.85 -23.35 -35.18
N LYS A 997 11.47 -22.86 -34.12
CA LYS A 997 12.92 -22.58 -34.14
C LYS A 997 13.66 -23.76 -33.56
N LYS A 998 14.75 -24.15 -34.21
CA LYS A 998 15.63 -25.20 -33.69
C LYS A 998 16.38 -24.65 -32.48
N THR A 999 16.60 -25.50 -31.48
CA THR A 999 17.26 -25.11 -30.24
C THR A 999 18.47 -25.97 -29.93
N VAL A 1000 19.46 -25.33 -29.30
CA VAL A 1000 20.64 -25.99 -28.79
C VAL A 1000 20.70 -25.59 -27.33
N VAL A 1001 20.62 -26.54 -26.44
CA VAL A 1001 20.68 -26.30 -25.02
C VAL A 1001 22.02 -26.77 -24.47
N VAL A 1002 22.63 -25.95 -23.61
CA VAL A 1002 23.87 -26.30 -22.97
C VAL A 1002 23.71 -26.18 -21.46
N ASN A 1003 23.97 -27.28 -20.75
CA ASN A 1003 23.97 -27.24 -19.30
C ASN A 1003 24.72 -28.44 -18.74
N CYS A 1004 25.13 -28.33 -17.48
CA CYS A 1004 25.93 -29.39 -16.85
C CYS A 1004 25.37 -29.82 -15.49
N ASN A 1005 24.11 -29.50 -15.23
CA ASN A 1005 23.46 -29.75 -13.94
C ASN A 1005 22.56 -30.96 -14.10
N PRO A 1006 22.94 -32.08 -13.50
CA PRO A 1006 22.15 -33.28 -13.68
C PRO A 1006 20.86 -33.33 -12.89
N GLU A 1007 20.59 -32.34 -12.05
CA GLU A 1007 19.34 -32.29 -11.30
C GLU A 1007 18.27 -31.46 -12.01
N THR A 1008 18.46 -31.13 -13.28
CA THR A 1008 17.51 -30.25 -13.98
C THR A 1008 16.57 -31.03 -14.89
N VAL A 1009 15.36 -30.49 -15.06
CA VAL A 1009 14.35 -31.02 -15.98
C VAL A 1009 14.61 -30.52 -17.40
N SER A 1010 15.19 -29.33 -17.52
CA SER A 1010 15.39 -28.71 -18.82
C SER A 1010 16.44 -29.42 -19.68
N THR A 1011 17.31 -30.21 -19.06
CA THR A 1011 18.24 -31.06 -19.80
C THR A 1011 17.52 -32.33 -20.26
N ASP A 1012 16.42 -32.13 -20.99
CA ASP A 1012 15.61 -33.22 -21.54
C ASP A 1012 15.77 -33.23 -23.07
N PHE A 1013 16.47 -34.22 -23.59
CA PHE A 1013 16.71 -34.28 -25.05
C PHE A 1013 15.43 -34.45 -25.91
N ASP A 1014 14.31 -34.82 -25.31
CA ASP A 1014 13.02 -34.79 -26.02
C ASP A 1014 12.40 -33.38 -26.17
N GLU A 1015 12.88 -32.39 -25.42
CA GLU A 1015 12.27 -31.05 -25.45
C GLU A 1015 13.06 -30.03 -26.27
N CYS A 1016 14.31 -30.35 -26.59
CA CYS A 1016 15.12 -29.52 -27.47
C CYS A 1016 15.67 -30.36 -28.60
N ASP A 1017 16.18 -29.72 -29.63
CA ASP A 1017 16.71 -30.43 -30.81
C ASP A 1017 18.14 -30.90 -30.64
N LYS A 1018 18.95 -30.16 -29.89
CA LYS A 1018 20.28 -30.63 -29.48
C LYS A 1018 20.55 -30.27 -28.03
N LEU A 1019 20.94 -31.28 -27.25
CA LEU A 1019 21.32 -31.07 -25.86
C LEU A 1019 22.80 -31.40 -25.67
N TYR A 1020 23.58 -30.40 -25.27
CA TYR A 1020 24.98 -30.57 -24.98
C TYR A 1020 25.14 -30.59 -23.46
N PHE A 1021 25.54 -31.71 -22.90
CA PHE A 1021 25.71 -31.78 -21.47
C PHE A 1021 27.17 -31.39 -21.20
N GLU A 1022 27.43 -30.08 -21.13
CA GLU A 1022 28.78 -29.52 -21.27
C GLU A 1022 29.04 -28.31 -20.39
N GLU A 1023 30.31 -27.94 -20.28
CA GLU A 1023 30.78 -26.79 -19.51
C GLU A 1023 30.19 -25.49 -20.02
N LEU A 1024 29.82 -24.61 -19.08
CA LEU A 1024 29.37 -23.29 -19.39
C LEU A 1024 30.50 -22.27 -19.27
N SER A 1025 31.61 -22.58 -19.90
CA SER A 1025 32.75 -21.66 -19.95
C SER A 1025 32.78 -20.97 -21.31
N LEU A 1026 33.49 -19.86 -21.36
CA LEU A 1026 33.70 -19.18 -22.62
C LEU A 1026 34.26 -20.12 -23.66
N GLU A 1027 35.35 -20.84 -23.32
CA GLU A 1027 35.95 -21.76 -24.27
C GLU A 1027 34.96 -22.78 -24.85
N ARG A 1028 34.24 -23.47 -23.99
CA ARG A 1028 33.38 -24.56 -24.45
C ARG A 1028 32.12 -24.04 -25.14
N ILE A 1029 31.59 -22.91 -24.71
CA ILE A 1029 30.45 -22.32 -25.41
C ILE A 1029 30.82 -21.84 -26.81
N LEU A 1030 31.97 -21.20 -26.95
CA LEU A 1030 32.48 -20.86 -28.28
C LEU A 1030 32.66 -22.10 -29.15
N ASP A 1031 33.28 -23.14 -28.61
CA ASP A 1031 33.43 -24.42 -29.33
C ASP A 1031 32.09 -24.89 -29.96
N ILE A 1032 31.07 -24.94 -29.13
CA ILE A 1032 29.76 -25.44 -29.57
C ILE A 1032 29.09 -24.48 -30.55
N TYR A 1033 29.06 -23.19 -30.19
CA TYR A 1033 28.39 -22.17 -31.01
C TYR A 1033 28.97 -22.11 -32.42
N HIS A 1034 30.30 -22.10 -32.53
CA HIS A 1034 30.94 -22.01 -33.83
C HIS A 1034 30.90 -23.32 -34.61
N GLN A 1035 30.89 -24.45 -33.94
CA GLN A 1035 30.78 -25.73 -34.60
C GLN A 1035 29.37 -25.94 -35.15
N GLU A 1036 28.35 -25.61 -34.37
CA GLU A 1036 26.97 -25.65 -34.84
C GLU A 1036 26.64 -24.48 -35.81
N ALA A 1037 27.42 -23.40 -35.75
CA ALA A 1037 27.12 -22.15 -36.45
C ALA A 1037 25.71 -21.68 -36.08
N CYS A 1038 25.49 -21.55 -34.78
CA CYS A 1038 24.21 -21.13 -34.25
C CYS A 1038 23.83 -19.77 -34.79
N GLY A 1039 22.54 -19.54 -34.93
CA GLY A 1039 22.04 -18.24 -35.34
C GLY A 1039 21.99 -17.21 -34.22
N GLY A 1040 22.08 -17.64 -32.97
CA GLY A 1040 22.02 -16.70 -31.86
C GLY A 1040 22.17 -17.43 -30.56
N CYS A 1041 22.30 -16.68 -29.48
CA CYS A 1041 22.45 -17.25 -28.14
C CYS A 1041 21.64 -16.44 -27.12
N ILE A 1042 20.82 -17.11 -26.33
CA ILE A 1042 20.10 -16.48 -25.22
C ILE A 1042 20.87 -16.72 -23.93
N ILE A 1043 21.29 -15.61 -23.30
CA ILE A 1043 22.04 -15.67 -22.06
C ILE A 1043 21.23 -15.21 -20.86
N SER A 1044 19.97 -14.84 -21.08
CA SER A 1044 19.18 -14.10 -20.09
C SER A 1044 18.40 -14.96 -19.10
N VAL A 1045 18.36 -16.29 -19.30
CA VAL A 1045 17.45 -17.14 -18.54
C VAL A 1045 18.13 -18.23 -17.75
N GLY A 1046 19.42 -18.06 -17.48
CA GLY A 1046 20.15 -19.04 -16.71
C GLY A 1046 20.92 -18.47 -15.55
N GLY A 1047 20.44 -17.37 -14.95
CA GLY A 1047 21.15 -16.79 -13.84
C GLY A 1047 22.48 -16.12 -14.20
N GLN A 1048 23.36 -16.07 -13.22
CA GLN A 1048 24.54 -15.23 -13.28
C GLN A 1048 25.59 -15.76 -14.23
N ILE A 1049 25.79 -17.08 -14.24
CA ILE A 1049 26.85 -17.69 -15.07
C ILE A 1049 26.79 -17.21 -16.53
N PRO A 1050 25.70 -17.54 -17.25
CA PRO A 1050 25.61 -17.10 -18.66
C PRO A 1050 25.68 -15.60 -18.86
N ASN A 1051 25.11 -14.84 -17.93
CA ASN A 1051 25.08 -13.40 -18.06
C ASN A 1051 26.46 -12.75 -17.96
N ASN A 1052 27.36 -13.33 -17.15
CA ASN A 1052 28.73 -12.82 -17.03
C ASN A 1052 29.57 -13.08 -18.26
N LEU A 1053 29.15 -14.04 -19.08
CA LEU A 1053 29.83 -14.31 -20.36
C LEU A 1053 29.38 -13.40 -21.52
N ALA A 1054 28.39 -12.54 -21.29
CA ALA A 1054 27.83 -11.70 -22.37
C ALA A 1054 28.88 -10.97 -23.21
N VAL A 1055 29.68 -10.13 -22.56
CA VAL A 1055 30.69 -9.38 -23.27
C VAL A 1055 31.75 -10.27 -23.96
N PRO A 1056 32.42 -11.17 -23.21
CA PRO A 1056 33.38 -12.09 -23.87
C PRO A 1056 32.78 -12.83 -25.07
N LEU A 1057 31.55 -13.33 -24.94
CA LEU A 1057 30.93 -14.00 -26.07
C LEU A 1057 30.76 -13.06 -27.26
N TYR A 1058 30.30 -11.86 -26.97
CA TYR A 1058 30.07 -10.83 -27.97
C TYR A 1058 31.37 -10.47 -28.71
N LYS A 1059 32.48 -10.39 -27.99
CA LYS A 1059 33.77 -10.09 -28.63
C LYS A 1059 34.34 -11.25 -29.44
N ASN A 1060 33.75 -12.44 -29.33
CA ASN A 1060 34.23 -13.61 -30.03
C ASN A 1060 33.22 -14.09 -31.04
N GLY A 1061 32.43 -13.17 -31.59
CA GLY A 1061 31.58 -13.47 -32.74
C GLY A 1061 30.21 -14.06 -32.41
N VAL A 1062 29.83 -14.05 -31.14
CA VAL A 1062 28.52 -14.59 -30.80
C VAL A 1062 27.47 -13.52 -30.90
N LYS A 1063 26.37 -13.87 -31.55
CA LYS A 1063 25.23 -13.00 -31.65
C LYS A 1063 24.34 -13.22 -30.42
N ILE A 1064 24.39 -12.30 -29.48
CA ILE A 1064 23.57 -12.37 -28.28
C ILE A 1064 22.19 -11.77 -28.56
N MET A 1065 21.13 -12.47 -28.18
CA MET A 1065 19.76 -12.02 -28.43
C MET A 1065 19.28 -11.06 -27.33
N GLY A 1066 18.52 -10.05 -27.72
CA GLY A 1066 17.93 -9.15 -26.76
C GLY A 1066 18.83 -8.00 -26.42
N THR A 1067 18.79 -7.58 -25.16
CA THR A 1067 19.57 -6.46 -24.66
C THR A 1067 21.05 -6.65 -25.02
N SER A 1068 21.60 -5.65 -25.68
CA SER A 1068 23.01 -5.68 -26.06
C SER A 1068 23.96 -5.99 -24.89
N PRO A 1069 24.97 -6.81 -25.13
CA PRO A 1069 26.00 -7.02 -24.10
C PRO A 1069 26.67 -5.73 -23.62
N LEU A 1070 26.84 -4.73 -24.47
CA LEU A 1070 27.41 -3.45 -24.06
C LEU A 1070 26.55 -2.79 -22.98
N GLN A 1071 25.22 -2.93 -23.06
CA GLN A 1071 24.32 -2.36 -22.07
C GLN A 1071 24.33 -3.15 -20.80
N ILE A 1072 24.43 -4.46 -20.92
CA ILE A 1072 24.55 -5.33 -19.76
C ILE A 1072 25.79 -4.96 -18.96
N ASP A 1073 26.91 -4.82 -19.66
CA ASP A 1073 28.15 -4.33 -19.04
C ASP A 1073 27.94 -2.97 -18.32
N ARG A 1074 27.31 -2.00 -18.97
CA ARG A 1074 27.04 -0.71 -18.31
C ARG A 1074 26.19 -0.86 -17.06
N ALA A 1075 25.12 -1.64 -17.15
CA ALA A 1075 24.16 -1.73 -16.06
C ALA A 1075 24.73 -2.44 -14.84
N GLU A 1076 25.71 -3.29 -15.07
CA GLU A 1076 26.23 -4.07 -13.99
C GLU A 1076 27.63 -3.60 -13.58
N ASP A 1077 28.15 -2.55 -14.24
CA ASP A 1077 29.26 -1.75 -13.69
C ASP A 1077 28.66 -0.71 -12.74
N ARG A 1078 29.03 -0.82 -11.47
CA ARG A 1078 28.40 -0.06 -10.39
C ARG A 1078 28.58 1.46 -10.57
N SER A 1079 29.79 1.87 -10.88
CA SER A 1079 30.13 3.25 -11.14
C SER A 1079 29.31 3.86 -12.29
N ILE A 1080 29.19 3.13 -13.39
CA ILE A 1080 28.47 3.63 -14.54
C ILE A 1080 26.99 3.61 -14.25
N PHE A 1081 26.52 2.50 -13.70
CA PHE A 1081 25.12 2.39 -13.32
C PHE A 1081 24.74 3.57 -12.41
N SER A 1082 25.55 3.78 -11.40
CA SER A 1082 25.28 4.83 -10.43
C SER A 1082 25.32 6.26 -11.05
N ALA A 1083 26.25 6.53 -11.97
CA ALA A 1083 26.25 7.82 -12.69
C ALA A 1083 25.01 8.01 -13.55
N VAL A 1084 24.55 6.93 -14.18
CA VAL A 1084 23.35 6.99 -15.00
C VAL A 1084 22.13 7.32 -14.11
N LEU A 1085 22.06 6.72 -12.92
CA LEU A 1085 20.96 7.05 -12.00
C LEU A 1085 20.94 8.53 -11.56
N ASP A 1086 22.11 9.08 -11.28
CA ASP A 1086 22.27 10.49 -10.93
C ASP A 1086 21.68 11.39 -12.00
N GLU A 1087 22.09 11.17 -13.25
CA GLU A 1087 21.62 11.95 -14.37
C GLU A 1087 20.10 11.84 -14.50
N LEU A 1088 19.57 10.66 -14.27
CA LEU A 1088 18.13 10.44 -14.32
C LEU A 1088 17.41 10.93 -13.07
N LYS A 1089 18.12 11.38 -12.05
CA LYS A 1089 17.52 11.79 -10.77
C LYS A 1089 16.76 10.68 -10.05
N VAL A 1090 17.26 9.45 -10.16
CA VAL A 1090 16.75 8.33 -9.42
C VAL A 1090 17.68 8.13 -8.21
N ALA A 1091 17.10 8.09 -7.03
CA ALA A 1091 17.87 7.96 -5.81
C ALA A 1091 18.45 6.54 -5.62
N GLN A 1092 19.61 6.45 -4.98
CA GLN A 1092 20.19 5.18 -4.58
C GLN A 1092 20.83 5.26 -3.20
N ALA A 1093 21.11 4.10 -2.64
CA ALA A 1093 21.84 4.03 -1.37
C ALA A 1093 23.27 4.50 -1.57
N PRO A 1094 23.73 5.45 -0.74
CA PRO A 1094 25.10 5.92 -0.86
C PRO A 1094 26.05 4.75 -0.70
N TRP A 1095 27.13 4.74 -1.47
CA TRP A 1095 28.02 3.60 -1.53
C TRP A 1095 29.42 4.04 -1.89
N LYS A 1096 30.37 3.13 -1.69
CA LYS A 1096 31.73 3.38 -2.14
C LYS A 1096 32.57 2.13 -2.32
N ALA A 1097 33.42 2.17 -3.34
CA ALA A 1097 34.43 1.15 -3.55
C ALA A 1097 35.65 1.59 -2.77
N VAL A 1098 36.16 0.70 -1.93
CA VAL A 1098 37.31 0.99 -1.07
C VAL A 1098 38.50 0.08 -1.34
N ASN A 1099 39.69 0.61 -1.08
CA ASN A 1099 40.95 -0.13 -1.22
C ASN A 1099 41.67 -0.22 0.11
N THR A 1100 41.95 0.93 0.70
CA THR A 1100 42.57 1.01 2.02
C THR A 1100 41.51 0.79 3.09
N LEU A 1101 41.94 0.25 4.24
CA LEU A 1101 41.09 0.09 5.40
C LEU A 1101 40.61 1.45 5.92
N ASN A 1102 41.47 2.46 5.76
CA ASN A 1102 41.18 3.81 6.22
C ASN A 1102 40.09 4.49 5.40
N GLU A 1103 40.03 4.18 4.11
CA GLU A 1103 38.97 4.67 3.23
C GLU A 1103 37.60 4.16 3.69
N ALA A 1104 37.57 2.98 4.28
CA ALA A 1104 36.36 2.40 4.85
C ALA A 1104 35.87 3.16 6.09
N LEU A 1105 36.80 3.48 6.99
CA LEU A 1105 36.44 4.22 8.20
C LEU A 1105 35.93 5.60 7.84
N GLU A 1106 36.54 6.19 6.81
CA GLU A 1106 36.19 7.53 6.35
C GLU A 1106 34.77 7.57 5.80
N PHE A 1107 34.40 6.52 5.09
CA PHE A 1107 33.07 6.40 4.51
C PHE A 1107 32.04 6.12 5.60
N ALA A 1108 32.28 5.06 6.37
CA ALA A 1108 31.41 4.68 7.48
C ALA A 1108 31.12 5.87 8.41
N LYS A 1109 32.14 6.68 8.67
CA LYS A 1109 32.01 7.91 9.44
C LYS A 1109 30.94 8.84 8.87
N SER A 1110 31.00 9.08 7.56
CA SER A 1110 30.17 10.09 6.91
C SER A 1110 28.71 9.67 6.67
N VAL A 1111 28.37 8.42 7.01
CA VAL A 1111 27.00 7.92 6.85
C VAL A 1111 26.49 7.01 7.99
N ASP A 1112 27.31 6.84 9.03
CA ASP A 1112 26.97 6.04 10.23
C ASP A 1112 26.92 4.53 9.99
N TYR A 1113 27.18 3.77 11.06
CA TYR A 1113 27.02 2.32 11.04
C TYR A 1113 25.53 1.95 11.20
N PRO A 1114 25.17 0.67 11.00
CA PRO A 1114 25.97 -0.40 10.40
C PRO A 1114 26.09 -0.21 8.89
N CYS A 1115 27.00 -0.95 8.26
CA CYS A 1115 27.23 -0.89 6.81
C CYS A 1115 27.20 -2.30 6.22
N LEU A 1116 26.96 -2.39 4.92
CA LEU A 1116 26.99 -3.68 4.22
C LEU A 1116 28.27 -3.83 3.42
N LEU A 1117 28.55 -5.08 3.03
CA LEU A 1117 29.80 -5.44 2.37
C LEU A 1117 29.55 -6.47 1.27
N ARG A 1118 30.17 -6.23 0.11
CA ARG A 1118 30.11 -7.19 -1.01
C ARG A 1118 31.55 -7.55 -1.41
N PRO A 1119 31.78 -8.80 -1.90
CA PRO A 1119 33.16 -9.32 -2.08
C PRO A 1119 33.98 -8.61 -3.15
N MET A 1128 26.89 -11.40 0.77
CA MET A 1128 26.74 -10.09 1.37
C MET A 1128 26.71 -10.17 2.91
N ASN A 1129 27.60 -9.42 3.56
CA ASN A 1129 27.78 -9.46 5.02
C ASN A 1129 27.60 -8.09 5.67
N VAL A 1130 27.05 -8.07 6.89
CA VAL A 1130 26.87 -6.84 7.65
C VAL A 1130 28.08 -6.53 8.53
N VAL A 1131 28.32 -5.23 8.75
CA VAL A 1131 29.40 -4.74 9.61
C VAL A 1131 28.84 -3.79 10.67
N PHE A 1132 28.95 -4.18 11.94
CA PHE A 1132 28.43 -3.40 13.04
C PHE A 1132 29.45 -2.37 13.56
N SER A 1133 30.72 -2.76 13.68
CA SER A 1133 31.77 -1.87 14.20
C SER A 1133 33.07 -1.87 13.38
N GLU A 1134 33.99 -0.99 13.76
CA GLU A 1134 35.25 -0.77 13.04
C GLU A 1134 36.19 -1.98 13.16
N ASP A 1135 36.27 -2.54 14.36
CA ASP A 1135 36.98 -3.81 14.61
C ASP A 1135 36.57 -4.89 13.61
N GLU A 1136 35.26 -4.99 13.38
CA GLU A 1136 34.66 -6.03 12.53
C GLU A 1136 35.11 -5.86 11.07
N MET A 1137 35.23 -4.61 10.64
CA MET A 1137 35.77 -4.26 9.32
C MET A 1137 37.22 -4.73 9.15
N LYS A 1138 38.00 -4.59 10.21
CA LYS A 1138 39.43 -4.91 10.19
C LYS A 1138 39.68 -6.37 9.77
N LYS A 1139 38.84 -7.27 10.28
CA LYS A 1139 39.03 -8.71 10.05
C LYS A 1139 38.72 -9.16 8.63
N PHE A 1140 37.73 -8.53 8.00
CA PHE A 1140 37.18 -9.02 6.72
C PHE A 1140 38.14 -9.08 5.50
N LEU A 1141 39.23 -8.32 5.46
CA LEU A 1141 40.12 -8.36 4.27
C LEU A 1141 41.17 -9.51 4.28
N GLU A 1142 40.91 -10.60 4.99
CA GLU A 1142 41.86 -11.73 4.97
C GLU A 1142 41.63 -12.64 3.78
N PRO A 1152 39.30 -5.67 -4.55
CA PRO A 1152 38.33 -4.56 -4.57
C PRO A 1152 37.04 -4.90 -3.81
N VAL A 1153 36.69 -4.08 -2.81
CA VAL A 1153 35.50 -4.32 -1.97
C VAL A 1153 34.54 -3.10 -1.87
N VAL A 1154 33.26 -3.34 -2.06
CA VAL A 1154 32.23 -2.29 -2.07
C VAL A 1154 31.49 -2.19 -0.72
N LEU A 1155 31.36 -0.96 -0.22
CA LEU A 1155 30.55 -0.67 0.97
C LEU A 1155 29.27 0.10 0.61
N THR A 1156 28.16 -0.30 1.21
CA THR A 1156 26.89 0.39 1.08
C THR A 1156 26.18 0.54 2.42
N LYS A 1157 25.55 1.69 2.63
CA LYS A 1157 24.64 1.92 3.74
C LYS A 1157 23.23 1.52 3.32
N PHE A 1158 22.58 0.60 4.04
CA PHE A 1158 21.09 0.44 3.94
C PHE A 1158 20.51 1.22 5.11
N VAL A 1159 19.38 1.84 4.88
CA VAL A 1159 18.63 2.48 5.94
C VAL A 1159 18.12 1.40 6.88
N GLU A 1160 17.97 1.73 8.15
CA GLU A 1160 17.36 0.82 9.09
C GLU A 1160 15.85 0.89 8.91
N GLY A 1161 15.18 -0.23 9.15
CA GLY A 1161 13.71 -0.27 9.09
C GLY A 1161 13.14 -0.04 7.70
N ALA A 1162 13.88 -0.36 6.67
CA ALA A 1162 13.34 -0.18 5.34
C ALA A 1162 12.65 -1.46 4.88
N ARG A 1163 11.72 -1.30 3.96
CA ARG A 1163 11.14 -2.42 3.25
C ARG A 1163 11.98 -2.65 2.00
N GLU A 1164 11.89 -3.85 1.48
CA GLU A 1164 12.51 -4.17 0.21
C GLU A 1164 11.45 -4.63 -0.79
N VAL A 1165 11.62 -4.18 -2.02
CA VAL A 1165 10.67 -4.41 -3.09
C VAL A 1165 11.44 -4.89 -4.32
N GLU A 1166 10.88 -5.87 -5.01
CA GLU A 1166 11.44 -6.39 -6.26
C GLU A 1166 10.57 -5.97 -7.43
N MET A 1167 11.20 -5.49 -8.48
CA MET A 1167 10.55 -5.24 -9.75
C MET A 1167 11.07 -6.26 -10.79
N ASP A 1168 10.16 -7.10 -11.26
CA ASP A 1168 10.45 -8.05 -12.35
C ASP A 1168 9.75 -7.58 -13.59
N ALA A 1169 10.46 -7.52 -14.70
CA ALA A 1169 9.92 -6.86 -15.86
C ALA A 1169 10.53 -7.36 -17.13
N VAL A 1170 9.85 -7.06 -18.23
CA VAL A 1170 10.33 -7.38 -19.55
C VAL A 1170 10.31 -6.07 -20.29
N GLY A 1171 11.42 -5.76 -20.95
CA GLY A 1171 11.48 -4.58 -21.78
C GLY A 1171 11.50 -4.94 -23.26
N LYS A 1172 11.01 -4.03 -24.08
CA LYS A 1172 11.12 -4.14 -25.51
C LYS A 1172 11.49 -2.79 -26.09
N ASP A 1173 12.64 -2.71 -26.75
CA ASP A 1173 13.15 -1.43 -27.27
C ASP A 1173 13.11 -0.34 -26.21
N GLY A 1174 13.43 -0.70 -24.96
CA GLY A 1174 13.51 0.27 -23.88
C GLY A 1174 12.20 0.63 -23.21
N ARG A 1175 11.10 -0.06 -23.57
CA ARG A 1175 9.77 0.16 -22.99
C ARG A 1175 9.40 -1.05 -22.18
N VAL A 1176 8.79 -0.84 -21.01
CA VAL A 1176 8.41 -1.91 -20.14
C VAL A 1176 7.06 -2.42 -20.62
N ILE A 1177 6.99 -3.66 -21.08
CA ILE A 1177 5.75 -4.22 -21.57
C ILE A 1177 5.20 -5.31 -20.66
N SER A 1178 5.91 -5.65 -19.59
CA SER A 1178 5.35 -6.50 -18.56
C SER A 1178 6.08 -6.21 -17.29
N HIS A 1179 5.36 -6.15 -16.17
CA HIS A 1179 6.02 -5.95 -14.88
C HIS A 1179 5.21 -6.50 -13.72
N ALA A 1180 5.89 -6.74 -12.61
CA ALA A 1180 5.25 -7.20 -11.38
C ALA A 1180 6.09 -6.72 -10.22
N ILE A 1181 5.44 -6.12 -9.23
CA ILE A 1181 6.10 -5.63 -8.03
C ILE A 1181 5.77 -6.50 -6.82
N SER A 1182 6.81 -7.03 -6.18
CA SER A 1182 6.62 -7.86 -5.00
C SER A 1182 7.31 -7.22 -3.81
N GLU A 1183 6.81 -7.49 -2.61
CA GLU A 1183 7.36 -6.95 -1.39
C GLU A 1183 7.93 -8.09 -0.54
N HIS A 1184 9.13 -7.90 -0.01
CA HIS A 1184 9.72 -8.84 0.93
C HIS A 1184 9.01 -8.74 2.25
N VAL A 1185 8.79 -9.87 2.89
CA VAL A 1185 8.26 -9.86 4.26
C VAL A 1185 9.30 -9.24 5.16
N GLU A 1186 10.54 -9.71 5.04
CA GLU A 1186 11.64 -9.25 5.89
C GLU A 1186 12.03 -7.80 5.57
N ASP A 1187 12.34 -7.02 6.59
CA ASP A 1187 12.97 -5.70 6.39
C ASP A 1187 14.26 -5.91 5.58
N ALA A 1188 14.61 -4.90 4.81
CA ALA A 1188 15.83 -4.95 4.00
C ALA A 1188 17.06 -5.17 4.84
N GLY A 1189 17.95 -6.06 4.41
CA GLY A 1189 19.25 -6.24 5.06
C GLY A 1189 19.71 -7.68 5.15
N VAL A 1190 18.89 -8.51 5.82
CA VAL A 1190 19.06 -9.97 5.81
C VAL A 1190 18.90 -10.41 4.35
N HIS A 1191 19.85 -11.23 3.88
CA HIS A 1191 20.01 -11.50 2.44
C HIS A 1191 18.70 -11.52 1.64
N SER A 1192 18.73 -10.88 0.46
CA SER A 1192 17.56 -10.73 -0.40
C SER A 1192 17.15 -12.00 -1.19
N GLY A 1193 18.04 -12.99 -1.23
CA GLY A 1193 17.86 -14.23 -1.99
C GLY A 1193 17.15 -15.38 -1.26
N ASP A 1194 17.02 -15.28 0.07
CA ASP A 1194 16.15 -16.19 0.85
C ASP A 1194 14.95 -15.42 1.48
N ALA A 1195 14.72 -14.21 1.00
CA ALA A 1195 13.57 -13.43 1.44
C ALA A 1195 12.29 -14.08 0.95
N THR A 1196 11.26 -13.99 1.76
CA THR A 1196 9.94 -14.42 1.41
C THR A 1196 9.26 -13.26 0.68
N LEU A 1197 8.68 -13.56 -0.48
CA LEU A 1197 8.02 -12.55 -1.30
C LEU A 1197 6.50 -12.60 -1.19
N MET A 1198 5.86 -11.44 -1.25
CA MET A 1198 4.41 -11.28 -1.31
C MET A 1198 4.06 -10.53 -2.59
N LEU A 1199 3.01 -10.95 -3.27
CA LEU A 1199 2.60 -10.35 -4.50
C LEU A 1199 1.09 -10.36 -4.50
N PRO A 1200 0.45 -9.20 -4.67
CA PRO A 1200 0.97 -7.87 -4.82
C PRO A 1200 1.41 -7.32 -3.44
N THR A 1201 1.78 -6.04 -3.39
CA THR A 1201 2.39 -5.48 -2.20
C THR A 1201 1.31 -5.27 -1.13
N GLN A 1202 1.75 -5.33 0.12
CA GLN A 1202 0.90 -5.31 1.29
C GLN A 1202 1.01 -4.06 2.13
N THR A 1203 2.22 -3.54 2.32
CA THR A 1203 2.44 -2.38 3.21
C THR A 1203 3.30 -1.27 2.58
N ILE A 1204 3.23 -1.13 1.26
CA ILE A 1204 3.99 -0.14 0.52
C ILE A 1204 3.04 0.98 0.15
N SER A 1205 3.48 2.22 0.31
CA SER A 1205 2.62 3.33 0.02
C SER A 1205 2.39 3.42 -1.48
N GLN A 1206 1.28 4.05 -1.86
CA GLN A 1206 0.97 4.24 -3.27
C GLN A 1206 1.96 5.15 -3.99
N GLY A 1207 2.45 6.18 -3.32
CA GLY A 1207 3.47 7.04 -3.89
C GLY A 1207 4.77 6.31 -4.16
N ALA A 1208 5.18 5.43 -3.23
CA ALA A 1208 6.39 4.63 -3.45
C ALA A 1208 6.27 3.72 -4.67
N ILE A 1209 5.11 3.10 -4.83
CA ILE A 1209 4.84 2.29 -6.00
C ILE A 1209 5.00 3.14 -7.26
N GLU A 1210 4.45 4.35 -7.26
CA GLU A 1210 4.61 5.20 -8.44
C GLU A 1210 6.08 5.50 -8.73
N LYS A 1211 6.86 5.77 -7.69
CA LYS A 1211 8.29 6.03 -7.87
C LYS A 1211 9.03 4.80 -8.38
N VAL A 1212 8.71 3.65 -7.84
CA VAL A 1212 9.24 2.39 -8.34
C VAL A 1212 9.00 2.22 -9.83
N LYS A 1213 7.78 2.49 -10.28
CA LYS A 1213 7.42 2.38 -11.68
C LYS A 1213 8.20 3.36 -12.52
N ASP A 1214 8.27 4.60 -12.04
CA ASP A 1214 8.95 5.63 -12.80
C ASP A 1214 10.45 5.35 -12.95
N ALA A 1215 11.08 4.93 -11.87
CA ALA A 1215 12.50 4.56 -11.94
C ALA A 1215 12.73 3.37 -12.90
N THR A 1216 11.79 2.44 -12.95
CA THR A 1216 11.88 1.29 -13.85
C THR A 1216 11.73 1.71 -15.32
N ARG A 1217 10.81 2.64 -15.58
CA ARG A 1217 10.62 3.22 -16.91
CA ARG A 1217 10.63 3.22 -16.90
C ARG A 1217 11.95 3.82 -17.40
N LYS A 1218 12.60 4.58 -16.54
CA LYS A 1218 13.82 5.29 -16.93
C LYS A 1218 15.00 4.35 -17.12
N ILE A 1219 15.09 3.35 -16.24
CA ILE A 1219 16.15 2.39 -16.32
C ILE A 1219 16.06 1.59 -17.60
N ALA A 1220 14.86 1.15 -17.94
CA ALA A 1220 14.65 0.39 -19.17
C ALA A 1220 15.02 1.19 -20.41
N LYS A 1221 14.75 2.47 -20.41
CA LYS A 1221 15.10 3.31 -21.54
C LYS A 1221 16.62 3.61 -21.55
N ALA A 1222 17.21 3.84 -20.39
CA ALA A 1222 18.66 4.17 -20.34
C ALA A 1222 19.58 3.01 -20.79
N PHE A 1223 19.15 1.77 -20.63
CA PHE A 1223 19.92 0.62 -21.09
C PHE A 1223 19.30 -0.09 -22.28
N ALA A 1224 18.31 0.54 -22.91
CA ALA A 1224 17.76 0.03 -24.16
C ALA A 1224 17.33 -1.44 -24.03
N ILE A 1225 16.58 -1.74 -23.00
CA ILE A 1225 16.32 -3.14 -22.67
C ILE A 1225 15.34 -3.81 -23.64
N SER A 1226 15.74 -4.98 -24.13
CA SER A 1226 14.90 -5.90 -24.89
C SER A 1226 15.08 -7.29 -24.31
N GLY A 1227 14.24 -7.63 -23.36
CA GLY A 1227 14.38 -8.89 -22.66
C GLY A 1227 14.03 -8.68 -21.21
N PRO A 1228 14.31 -9.69 -20.39
CA PRO A 1228 13.92 -9.66 -18.99
C PRO A 1228 14.90 -8.84 -18.16
N PHE A 1229 14.41 -8.26 -17.07
CA PHE A 1229 15.27 -7.64 -16.10
C PHE A 1229 14.60 -7.51 -14.77
N ASN A 1230 15.41 -7.16 -13.78
CA ASN A 1230 14.99 -7.08 -12.42
C ASN A 1230 15.70 -5.86 -11.77
N VAL A 1231 14.96 -5.14 -10.93
CA VAL A 1231 15.50 -4.04 -10.13
C VAL A 1231 15.01 -4.21 -8.70
N GLN A 1232 15.92 -4.04 -7.75
CA GLN A 1232 15.58 -4.09 -6.34
C GLN A 1232 15.62 -2.70 -5.77
N PHE A 1233 14.71 -2.44 -4.85
CA PHE A 1233 14.55 -1.10 -4.26
C PHE A 1233 14.45 -1.21 -2.75
N LEU A 1234 14.96 -0.21 -2.04
CA LEU A 1234 14.61 0.03 -0.65
C LEU A 1234 13.51 1.06 -0.66
N VAL A 1235 12.50 0.84 0.19
CA VAL A 1235 11.40 1.75 0.39
C VAL A 1235 11.27 2.05 1.89
N LYS A 1236 11.34 3.31 2.25
CA LYS A 1236 10.99 3.75 3.60
C LYS A 1236 10.00 4.92 3.49
N GLY A 1237 8.73 4.66 3.79
CA GLY A 1237 7.67 5.65 3.57
C GLY A 1237 7.52 5.94 2.09
N ASN A 1238 7.85 7.17 1.72
CA ASN A 1238 7.89 7.58 0.33
C ASN A 1238 9.26 7.61 -0.30
N ASP A 1239 10.32 7.36 0.48
CA ASP A 1239 11.68 7.30 -0.05
C ASP A 1239 11.89 5.96 -0.77
N VAL A 1240 12.32 6.00 -2.01
CA VAL A 1240 12.57 4.85 -2.83
C VAL A 1240 14.01 4.90 -3.37
N LEU A 1241 14.81 3.89 -3.09
CA LEU A 1241 16.22 3.91 -3.44
C LEU A 1241 16.51 2.66 -4.24
N VAL A 1242 17.15 2.80 -5.39
CA VAL A 1242 17.54 1.63 -6.13
C VAL A 1242 18.71 1.00 -5.41
N ILE A 1243 18.63 -0.31 -5.22
CA ILE A 1243 19.72 -1.11 -4.66
C ILE A 1243 20.58 -1.67 -5.79
N GLU A 1244 19.96 -2.28 -6.78
CA GLU A 1244 20.68 -2.75 -7.93
C GLU A 1244 19.76 -3.25 -8.99
N CYS A 1245 20.36 -3.50 -10.14
CA CYS A 1245 19.65 -3.93 -11.29
C CYS A 1245 20.36 -5.14 -11.87
N ASN A 1246 19.60 -6.18 -12.19
CA ASN A 1246 20.12 -7.36 -12.90
C ASN A 1246 19.42 -7.41 -14.24
N LEU A 1247 20.22 -7.38 -15.29
CA LEU A 1247 19.72 -7.29 -16.64
C LEU A 1247 19.57 -8.73 -17.16
N ARG A 1248 18.73 -9.50 -16.47
CA ARG A 1248 18.41 -10.87 -16.82
C ARG A 1248 17.16 -11.28 -16.05
N ALA A 1249 16.65 -12.49 -16.30
CA ALA A 1249 15.53 -13.01 -15.52
C ALA A 1249 16.01 -13.29 -14.10
N SER A 1250 15.14 -13.05 -13.14
CA SER A 1250 15.42 -13.30 -11.73
C SER A 1250 14.70 -14.58 -11.27
N ARG A 1251 15.04 -15.02 -10.06
CA ARG A 1251 14.45 -16.22 -9.49
CA ARG A 1251 14.44 -16.22 -9.50
C ARG A 1251 12.95 -16.07 -9.26
N SER A 1252 12.41 -14.84 -9.32
CA SER A 1252 10.95 -14.67 -9.09
C SER A 1252 10.10 -14.61 -10.36
N PHE A 1253 10.72 -14.81 -11.52
CA PHE A 1253 9.97 -14.85 -12.77
C PHE A 1253 8.86 -15.93 -12.83
N PRO A 1254 9.15 -17.13 -12.33
CA PRO A 1254 8.08 -18.16 -12.36
C PRO A 1254 6.90 -17.84 -11.44
N PHE A 1255 7.22 -17.44 -10.22
CA PHE A 1255 6.23 -16.98 -9.24
C PHE A 1255 5.28 -15.89 -9.81
N VAL A 1256 5.89 -14.87 -10.35
CA VAL A 1256 5.18 -13.72 -10.89
C VAL A 1256 4.35 -14.14 -12.10
N SER A 1257 4.88 -15.03 -12.92
CA SER A 1257 4.16 -15.50 -14.09
C SER A 1257 2.90 -16.24 -13.74
N LYS A 1258 3.02 -17.18 -12.79
CA LYS A 1258 1.89 -17.99 -12.37
C LYS A 1258 0.88 -17.17 -11.59
N THR A 1259 1.37 -16.22 -10.81
CA THR A 1259 0.47 -15.38 -10.05
C THR A 1259 -0.36 -14.48 -10.98
N LEU A 1260 0.27 -13.92 -12.00
CA LEU A 1260 -0.41 -12.99 -12.90
C LEU A 1260 -1.09 -13.68 -14.09
N GLY A 1261 -0.82 -14.95 -14.32
CA GLY A 1261 -1.43 -15.67 -15.45
C GLY A 1261 -0.80 -15.34 -16.81
N VAL A 1262 0.44 -14.89 -16.80
CA VAL A 1262 1.16 -14.50 -18.00
C VAL A 1262 2.60 -15.02 -17.88
N ASP A 1263 3.06 -15.79 -18.84
CA ASP A 1263 4.42 -16.31 -18.78
C ASP A 1263 5.42 -15.21 -19.20
N PHE A 1264 6.13 -14.64 -18.23
CA PHE A 1264 7.06 -13.55 -18.50
C PHE A 1264 8.25 -14.00 -19.33
N ILE A 1265 8.62 -15.27 -19.25
CA ILE A 1265 9.73 -15.76 -20.03
C ILE A 1265 9.34 -15.93 -21.49
N ASP A 1266 8.12 -16.38 -21.72
CA ASP A 1266 7.58 -16.49 -23.06
C ASP A 1266 7.57 -15.14 -23.74
N VAL A 1267 7.00 -14.14 -23.08
CA VAL A 1267 7.05 -12.76 -23.56
C VAL A 1267 8.49 -12.28 -23.83
N ALA A 1268 9.38 -12.47 -22.88
CA ALA A 1268 10.77 -12.05 -23.04
C ALA A 1268 11.46 -12.76 -24.20
N THR A 1269 11.22 -14.06 -24.34
CA THR A 1269 11.87 -14.85 -25.38
C THR A 1269 11.42 -14.36 -26.75
N LYS A 1270 10.13 -14.13 -26.87
CA LYS A 1270 9.57 -13.54 -28.07
C LYS A 1270 10.16 -12.18 -28.43
N VAL A 1271 10.28 -11.31 -27.43
CA VAL A 1271 10.88 -10.01 -27.64
C VAL A 1271 12.32 -10.17 -28.14
N MET A 1272 13.11 -10.98 -27.46
CA MET A 1272 14.53 -11.16 -27.82
C MET A 1272 14.79 -11.75 -29.21
N ILE A 1273 13.91 -12.59 -29.72
CA ILE A 1273 14.07 -13.12 -31.08
C ILE A 1273 13.28 -12.33 -32.16
N GLY A 1274 12.67 -11.22 -31.78
CA GLY A 1274 11.94 -10.38 -32.74
C GLY A 1274 10.55 -10.87 -33.11
N GLU A 1275 9.95 -11.74 -32.30
CA GLU A 1275 8.60 -12.22 -32.58
C GLU A 1275 7.62 -11.22 -31.98
N ASN A 1276 6.70 -10.73 -32.79
CA ASN A 1276 5.76 -9.72 -32.33
C ASN A 1276 4.89 -10.19 -31.19
N VAL A 1277 4.52 -9.27 -30.31
CA VAL A 1277 3.73 -9.60 -29.16
C VAL A 1277 2.64 -8.56 -28.95
N ASP A 1278 1.45 -9.05 -28.62
CA ASP A 1278 0.29 -8.18 -28.35
C ASP A 1278 0.32 -7.69 -26.89
N GLU A 1279 0.48 -6.39 -26.72
CA GLU A 1279 0.64 -5.79 -25.39
C GLU A 1279 -0.69 -5.47 -24.69
N LYS A 1280 -1.78 -5.62 -25.42
CA LYS A 1280 -3.12 -5.26 -24.95
C LYS A 1280 -3.45 -5.85 -23.59
N HIS A 1281 -3.18 -7.14 -23.42
CA HIS A 1281 -3.52 -7.84 -22.20
C HIS A 1281 -2.31 -8.09 -21.30
N LEU A 1282 -1.17 -7.47 -21.59
CA LEU A 1282 0.00 -7.62 -20.72
C LEU A 1282 -0.02 -6.61 -19.56
N PRO A 1283 0.71 -6.91 -18.47
CA PRO A 1283 0.84 -5.99 -17.35
C PRO A 1283 1.90 -4.92 -17.61
N THR A 1284 1.56 -3.97 -18.49
CA THR A 1284 2.44 -2.85 -18.75
C THR A 1284 2.37 -1.90 -17.56
N LEU A 1285 3.27 -0.91 -17.53
CA LEU A 1285 3.28 0.09 -16.45
C LEU A 1285 1.99 0.89 -16.37
N ASP A 1286 1.38 1.11 -17.53
CA ASP A 1286 0.15 1.89 -17.62
C ASP A 1286 -1.06 1.08 -17.21
N HIS A 1287 -1.03 -0.24 -17.42
CA HIS A 1287 -2.12 -1.11 -16.99
C HIS A 1287 -1.63 -2.39 -16.36
N PRO A 1288 -1.28 -2.31 -15.09
CA PRO A 1288 -0.75 -3.46 -14.38
C PRO A 1288 -1.82 -4.53 -14.19
N ILE A 1289 -1.38 -5.74 -13.85
CA ILE A 1289 -2.28 -6.76 -13.41
C ILE A 1289 -2.03 -6.93 -11.91
N ILE A 1290 -3.07 -6.69 -11.13
CA ILE A 1290 -3.03 -6.69 -9.68
C ILE A 1290 -4.11 -7.62 -9.19
N PRO A 1291 -3.74 -8.84 -8.75
CA PRO A 1291 -4.74 -9.73 -8.19
C PRO A 1291 -5.53 -9.08 -7.07
N ALA A 1292 -6.85 -9.18 -7.15
CA ALA A 1292 -7.73 -8.60 -6.16
C ALA A 1292 -8.18 -9.64 -5.13
N ASP A 1293 -8.51 -10.84 -5.61
CA ASP A 1293 -9.15 -11.88 -4.79
C ASP A 1293 -8.19 -12.81 -4.07
N TYR A 1294 -6.89 -12.66 -4.31
CA TYR A 1294 -5.93 -13.53 -3.69
C TYR A 1294 -4.59 -12.85 -3.64
N VAL A 1295 -3.73 -13.36 -2.77
CA VAL A 1295 -2.34 -12.97 -2.66
C VAL A 1295 -1.44 -14.21 -2.88
N ALA A 1296 -0.22 -13.99 -3.33
CA ALA A 1296 0.71 -15.05 -3.53
C ALA A 1296 1.91 -14.83 -2.66
N ILE A 1297 2.45 -15.93 -2.13
CA ILE A 1297 3.64 -15.90 -1.32
C ILE A 1297 4.68 -16.88 -1.90
N LYS A 1298 5.95 -16.50 -1.84
CA LYS A 1298 7.01 -17.38 -2.26
C LYS A 1298 7.99 -17.44 -1.11
N ALA A 1299 8.27 -18.65 -0.65
CA ALA A 1299 9.14 -18.86 0.50
C ALA A 1299 10.15 -19.93 0.19
N PRO A 1300 11.26 -19.98 0.96
CA PRO A 1300 12.20 -21.09 0.74
C PRO A 1300 11.59 -22.43 1.13
N MET A 1301 12.00 -23.49 0.45
CA MET A 1301 11.57 -24.83 0.81
C MET A 1301 12.23 -25.25 2.12
N PHE A 1302 13.51 -24.97 2.27
CA PHE A 1302 14.26 -25.47 3.42
C PHE A 1302 15.27 -24.43 3.88
N SER A 1303 15.37 -24.24 5.19
CA SER A 1303 16.34 -23.35 5.78
C SER A 1303 17.08 -24.04 6.89
N TRP A 1304 18.37 -23.79 7.00
CA TRP A 1304 19.16 -24.38 8.06
C TRP A 1304 20.17 -23.37 8.54
N PRO A 1305 20.63 -23.51 9.78
CA PRO A 1305 21.59 -22.55 10.31
C PRO A 1305 23.03 -22.90 9.94
N ARG A 1306 23.87 -21.87 9.93
CA ARG A 1306 25.28 -21.99 9.66
C ARG A 1306 26.05 -21.18 10.68
N LEU A 1307 27.10 -21.78 11.19
CA LEU A 1307 27.91 -21.13 12.17
C LEU A 1307 29.12 -20.56 11.47
N ARG A 1308 29.42 -19.28 11.64
CA ARG A 1308 30.70 -18.74 11.19
C ARG A 1308 31.82 -19.22 12.11
N ASP A 1309 32.20 -20.49 11.93
CA ASP A 1309 33.27 -21.15 12.68
C ASP A 1309 34.61 -20.87 12.03
N ALA A 1310 34.57 -20.40 10.77
CA ALA A 1310 35.77 -19.99 10.04
C ALA A 1310 36.59 -18.96 10.82
N ASP A 1311 35.93 -18.23 11.72
CA ASP A 1311 36.55 -17.31 12.67
C ASP A 1311 36.77 -15.87 12.16
N PRO A 1312 36.16 -15.47 11.02
CA PRO A 1312 36.27 -14.03 10.74
C PRO A 1312 35.51 -13.24 11.81
N ILE A 1313 34.21 -13.49 11.91
CA ILE A 1313 33.39 -13.06 13.04
C ILE A 1313 32.77 -14.33 13.64
N LEU A 1314 32.39 -14.31 14.92
CA LEU A 1314 31.57 -15.39 15.47
C LEU A 1314 30.11 -14.96 15.33
N ARG A 1315 29.40 -15.59 14.39
CA ARG A 1315 27.97 -15.38 14.21
C ARG A 1315 27.26 -16.59 13.62
N CYS A 1316 25.93 -16.60 13.76
CA CYS A 1316 25.10 -17.68 13.28
C CYS A 1316 24.12 -17.09 12.27
N GLU A 1317 24.15 -17.60 11.05
CA GLU A 1317 23.27 -17.13 9.99
C GLU A 1317 22.37 -18.26 9.54
N MET A 1318 21.33 -17.92 8.80
CA MET A 1318 20.51 -18.89 8.11
C MET A 1318 20.90 -18.93 6.65
N ALA A 1319 20.81 -20.12 6.07
CA ALA A 1319 20.89 -20.31 4.63
C ALA A 1319 19.63 -21.06 4.23
N SER A 1320 19.26 -20.96 2.96
CA SER A 1320 18.08 -21.67 2.50
C SER A 1320 18.10 -21.98 1.02
N THR A 1321 17.23 -22.91 0.62
CA THR A 1321 17.15 -23.36 -0.75
C THR A 1321 15.73 -23.79 -1.12
N GLY A 1322 15.52 -23.94 -2.42
CA GLY A 1322 14.24 -24.40 -2.95
C GLY A 1322 13.16 -23.32 -2.87
N GLU A 1323 11.96 -23.71 -3.23
CA GLU A 1323 10.87 -22.79 -3.35
C GLU A 1323 9.59 -23.47 -3.00
N VAL A 1324 8.76 -22.80 -2.22
CA VAL A 1324 7.35 -23.10 -2.22
C VAL A 1324 6.59 -21.80 -2.48
N ALA A 1325 5.64 -21.84 -3.42
CA ALA A 1325 4.76 -20.72 -3.69
C ALA A 1325 3.31 -21.18 -3.54
N CYS A 1326 2.49 -20.34 -2.90
CA CYS A 1326 1.05 -20.62 -2.69
C CYS A 1326 0.24 -19.34 -2.84
N PHE A 1327 -1.04 -19.52 -3.12
CA PHE A 1327 -2.03 -18.50 -3.17
C PHE A 1327 -2.86 -18.62 -1.91
N GLY A 1328 -3.41 -17.50 -1.45
CA GLY A 1328 -4.39 -17.47 -0.34
C GLY A 1328 -5.33 -16.26 -0.52
N GLU A 1329 -6.42 -16.19 0.23
CA GLU A 1329 -7.35 -15.04 0.11
C GLU A 1329 -6.62 -13.78 0.52
N GLY A 1330 -5.71 -13.94 1.48
CA GLY A 1330 -4.79 -12.90 1.89
C GLY A 1330 -3.43 -13.48 2.19
N ILE A 1331 -2.50 -12.62 2.55
CA ILE A 1331 -1.14 -13.05 2.79
C ILE A 1331 -1.04 -13.98 3.99
N HIS A 1332 -1.93 -13.80 4.97
CA HIS A 1332 -1.89 -14.63 6.18
C HIS A 1332 -2.22 -16.10 5.91
N THR A 1333 -3.26 -16.33 5.14
CA THR A 1333 -3.62 -17.70 4.79
C THR A 1333 -2.64 -18.29 3.77
N ALA A 1334 -2.08 -17.45 2.90
CA ALA A 1334 -1.04 -17.91 1.97
C ALA A 1334 0.16 -18.40 2.75
N PHE A 1335 0.52 -17.63 3.76
CA PHE A 1335 1.65 -17.98 4.60
C PHE A 1335 1.46 -19.32 5.30
N LEU A 1336 0.29 -19.53 5.89
CA LEU A 1336 -0.02 -20.79 6.57
C LEU A 1336 -0.03 -21.96 5.58
N LYS A 1337 -0.51 -21.72 4.38
CA LYS A 1337 -0.50 -22.75 3.34
C LYS A 1337 0.94 -23.10 2.95
N ALA A 1338 1.81 -22.10 2.90
CA ALA A 1338 3.23 -22.32 2.60
C ALA A 1338 3.89 -23.11 3.71
N MET A 1339 3.56 -22.80 4.95
CA MET A 1339 4.07 -23.58 6.08
C MET A 1339 3.66 -25.06 5.96
N LEU A 1340 2.40 -25.32 5.59
CA LEU A 1340 1.92 -26.72 5.43
C LEU A 1340 2.53 -27.40 4.21
N SER A 1341 2.69 -26.64 3.15
CA SER A 1341 3.31 -27.15 1.94
C SER A 1341 4.78 -27.54 2.14
N THR A 1342 5.48 -26.86 3.05
CA THR A 1342 6.88 -27.21 3.38
C THR A 1342 6.98 -28.42 4.29
N GLY A 1343 5.83 -28.95 4.70
CA GLY A 1343 5.75 -30.16 5.48
C GLY A 1343 5.67 -29.97 6.97
N PHE A 1344 5.37 -28.75 7.44
CA PHE A 1344 5.24 -28.48 8.87
C PHE A 1344 3.80 -28.64 9.33
N LYS A 1345 3.64 -28.87 10.62
CA LYS A 1345 2.33 -28.81 11.23
C LYS A 1345 2.21 -27.36 11.76
N ILE A 1346 1.04 -26.73 11.57
CA ILE A 1346 0.84 -25.39 12.09
C ILE A 1346 0.91 -25.52 13.61
N PRO A 1347 1.86 -24.82 14.26
CA PRO A 1347 1.97 -24.91 15.73
C PRO A 1347 0.69 -24.58 16.44
N GLN A 1348 0.42 -25.26 17.54
CA GLN A 1348 -0.77 -24.95 18.36
C GLN A 1348 -0.56 -25.19 19.84
N LYS A 1349 0.65 -25.54 20.26
CA LYS A 1349 0.92 -25.91 21.64
C LYS A 1349 1.84 -24.90 22.33
N GLY A 1350 3.10 -24.84 21.93
CA GLY A 1350 4.08 -24.07 22.68
C GLY A 1350 5.21 -23.51 21.84
N ILE A 1351 5.75 -22.38 22.30
CA ILE A 1351 6.71 -21.63 21.51
C ILE A 1351 7.93 -21.27 22.34
N LEU A 1352 9.10 -21.62 21.83
CA LEU A 1352 10.34 -21.18 22.42
C LEU A 1352 10.67 -19.80 21.89
N ILE A 1353 10.93 -18.86 22.80
CA ILE A 1353 11.28 -17.49 22.46
C ILE A 1353 12.75 -17.16 22.80
N GLY A 1354 13.55 -16.89 21.76
CA GLY A 1354 14.91 -16.41 21.91
C GLY A 1354 15.07 -15.06 21.25
N ILE A 1355 15.40 -14.04 22.03
CA ILE A 1355 15.64 -12.70 21.50
C ILE A 1355 16.81 -12.05 22.21
N GLN A 1356 17.46 -11.15 21.51
CA GLN A 1356 18.50 -10.30 22.09
C GLN A 1356 17.87 -9.40 23.17
N GLN A 1357 18.58 -9.18 24.27
CA GLN A 1357 18.04 -8.40 25.39
C GLN A 1357 17.61 -6.99 24.96
N SER A 1358 18.38 -6.37 24.07
CA SER A 1358 18.07 -5.02 23.62
C SER A 1358 16.81 -4.98 22.79
N PHE A 1359 16.35 -6.14 22.32
CA PHE A 1359 15.14 -6.22 21.50
C PHE A 1359 13.82 -6.42 22.28
N ARG A 1360 13.93 -6.53 23.61
CA ARG A 1360 12.78 -6.79 24.46
C ARG A 1360 11.63 -5.78 24.30
N PRO A 1361 11.91 -4.49 24.38
CA PRO A 1361 10.82 -3.53 24.23
C PRO A 1361 10.07 -3.73 22.94
N ARG A 1362 10.77 -4.02 21.85
CA ARG A 1362 10.09 -4.19 20.57
C ARG A 1362 9.35 -5.51 20.43
N PHE A 1363 9.67 -6.49 21.28
CA PHE A 1363 9.10 -7.82 21.13
C PHE A 1363 7.91 -8.09 22.06
N LEU A 1364 7.76 -7.31 23.12
CA LEU A 1364 6.83 -7.69 24.16
C LEU A 1364 5.41 -7.79 23.61
N GLY A 1365 5.08 -6.91 22.66
CA GLY A 1365 3.74 -6.91 22.05
C GLY A 1365 3.39 -8.23 21.37
N VAL A 1366 4.32 -8.74 20.56
CA VAL A 1366 4.11 -9.99 19.83
C VAL A 1366 4.08 -11.19 20.76
N ALA A 1367 4.89 -11.13 21.82
CA ALA A 1367 4.87 -12.18 22.85
C ALA A 1367 3.51 -12.28 23.50
N GLU A 1368 2.94 -11.14 23.89
CA GLU A 1368 1.60 -11.13 24.48
C GLU A 1368 0.60 -11.71 23.50
N GLN A 1369 0.69 -11.30 22.25
CA GLN A 1369 -0.24 -11.73 21.23
C GLN A 1369 -0.20 -13.25 21.01
N LEU A 1370 0.98 -13.83 20.96
CA LEU A 1370 1.09 -15.28 20.85
C LEU A 1370 0.48 -15.95 22.06
N HIS A 1371 0.78 -15.43 23.25
CA HIS A 1371 0.21 -16.02 24.45
C HIS A 1371 -1.30 -15.92 24.46
N ASN A 1372 -1.84 -14.77 24.06
CA ASN A 1372 -3.28 -14.62 24.02
C ASN A 1372 -3.96 -15.57 23.05
N GLU A 1373 -3.23 -16.04 22.05
CA GLU A 1373 -3.76 -17.08 21.17
C GLU A 1373 -3.75 -18.49 21.78
N GLY A 1374 -3.19 -18.64 22.98
CA GLY A 1374 -3.22 -19.90 23.68
C GLY A 1374 -1.92 -20.65 23.61
N PHE A 1375 -0.88 -20.08 23.02
CA PHE A 1375 0.43 -20.70 23.08
C PHE A 1375 1.04 -20.55 24.46
N LYS A 1376 1.57 -21.64 24.97
CA LYS A 1376 2.37 -21.64 26.16
C LYS A 1376 3.75 -21.15 25.70
N LEU A 1377 4.32 -20.20 26.43
CA LEU A 1377 5.63 -19.66 26.07
C LEU A 1377 6.76 -20.25 26.89
N PHE A 1378 7.87 -20.57 26.21
CA PHE A 1378 9.07 -21.00 26.90
C PHE A 1378 10.22 -20.09 26.53
N ALA A 1379 11.16 -19.89 27.45
CA ALA A 1379 12.33 -19.08 27.17
C ALA A 1379 13.43 -19.35 28.16
N THR A 1380 14.65 -18.97 27.81
CA THR A 1380 15.76 -19.08 28.75
C THR A 1380 15.47 -18.18 29.93
N GLU A 1381 16.13 -18.45 31.03
CA GLU A 1381 15.68 -17.95 32.32
C GLU A 1381 15.48 -16.42 32.43
N ALA A 1382 16.45 -15.64 31.97
CA ALA A 1382 16.37 -14.19 32.15
C ALA A 1382 15.19 -13.63 31.34
N THR A 1383 15.03 -14.15 30.13
CA THR A 1383 13.94 -13.76 29.24
C THR A 1383 12.58 -14.23 29.77
N SER A 1384 12.54 -15.40 30.37
CA SER A 1384 11.32 -15.91 31.01
C SER A 1384 10.93 -15.02 32.19
N ASP A 1385 11.91 -14.68 33.03
CA ASP A 1385 11.67 -13.76 34.15
C ASP A 1385 11.15 -12.41 33.65
N TRP A 1386 11.73 -11.92 32.55
CA TRP A 1386 11.32 -10.65 32.00
C TRP A 1386 9.86 -10.69 31.53
N LEU A 1387 9.49 -11.77 30.86
CA LEU A 1387 8.12 -11.94 30.39
C LEU A 1387 7.15 -11.99 31.56
N ASN A 1388 7.47 -12.81 32.56
CA ASN A 1388 6.61 -12.96 33.73
C ASN A 1388 6.43 -11.66 34.50
N ALA A 1389 7.51 -10.88 34.65
CA ALA A 1389 7.43 -9.59 35.33
C ALA A 1389 6.54 -8.61 34.56
N ASN A 1390 6.44 -8.78 33.25
CA ASN A 1390 5.51 -8.00 32.42
C ASN A 1390 4.17 -8.65 32.22
N ASN A 1391 3.80 -9.60 33.10
CA ASN A 1391 2.51 -10.28 33.05
C ASN A 1391 2.21 -11.09 31.79
N VAL A 1392 3.25 -11.55 31.10
CA VAL A 1392 3.07 -12.53 30.05
C VAL A 1392 3.64 -13.84 30.59
N PRO A 1393 2.77 -14.83 30.86
CA PRO A 1393 3.23 -16.11 31.41
C PRO A 1393 4.26 -16.84 30.57
N ALA A 1394 5.26 -17.40 31.23
CA ALA A 1394 6.34 -18.09 30.52
C ALA A 1394 7.02 -19.07 31.42
N THR A 1395 7.49 -20.15 30.83
CA THR A 1395 8.14 -21.23 31.55
C THR A 1395 9.63 -21.16 31.24
N PRO A 1396 10.48 -21.16 32.26
CA PRO A 1396 11.91 -21.06 32.01
C PRO A 1396 12.53 -22.39 31.60
N VAL A 1397 13.53 -22.32 30.72
CA VAL A 1397 14.29 -23.49 30.29
C VAL A 1397 15.79 -23.17 30.31
N ALA A 1398 16.60 -24.19 30.08
CA ALA A 1398 18.06 -24.03 30.19
C ALA A 1398 18.69 -23.80 28.85
N TRP A 1399 19.73 -22.96 28.82
CA TRP A 1399 20.67 -22.94 27.69
C TRP A 1399 21.24 -24.35 27.51
N PRO A 1400 21.29 -24.86 26.27
CA PRO A 1400 21.85 -26.20 26.01
C PRO A 1400 23.21 -26.46 26.64
N SER A 1401 24.09 -25.45 26.61
CA SER A 1401 25.42 -25.56 27.24
C SER A 1401 25.40 -25.58 28.77
N GLN A 1402 24.23 -25.35 29.37
CA GLN A 1402 24.10 -25.28 30.83
C GLN A 1402 23.13 -26.32 31.36
N GLU A 1403 22.78 -27.31 30.54
CA GLU A 1403 21.90 -28.38 30.98
C GLU A 1403 22.61 -29.22 32.02
N GLY A 1404 21.89 -29.62 33.07
CA GLY A 1404 22.50 -30.39 34.18
C GLY A 1404 23.18 -29.52 35.23
N GLN A 1405 23.15 -28.21 35.05
CA GLN A 1405 23.60 -27.27 36.07
C GLN A 1405 22.42 -26.76 36.88
N ASN A 1406 21.20 -27.12 36.46
CA ASN A 1406 20.01 -26.79 37.21
C ASN A 1406 18.94 -27.83 36.90
N PRO A 1407 18.65 -28.72 37.87
CA PRO A 1407 17.64 -29.74 37.65
C PRO A 1407 16.24 -29.15 37.56
N SER A 1408 16.03 -28.04 38.27
CA SER A 1408 14.77 -27.33 38.23
C SER A 1408 14.32 -27.04 36.79
N LEU A 1409 15.21 -26.45 35.98
CA LEU A 1409 14.89 -26.06 34.60
C LEU A 1409 14.89 -27.20 33.61
N SER A 1410 13.92 -27.18 32.71
CA SER A 1410 13.78 -28.25 31.72
C SER A 1410 14.66 -27.98 30.52
N SER A 1411 14.97 -29.03 29.76
CA SER A 1411 15.82 -28.92 28.58
C SER A 1411 14.97 -28.72 27.32
N ILE A 1412 15.50 -27.93 26.40
CA ILE A 1412 14.80 -27.63 25.15
C ILE A 1412 14.56 -28.91 24.34
N ARG A 1413 15.61 -29.70 24.20
CA ARG A 1413 15.53 -30.94 23.44
C ARG A 1413 14.38 -31.84 23.95
N LYS A 1414 14.29 -32.00 25.24
CA LYS A 1414 13.25 -32.83 25.82
C LYS A 1414 11.86 -32.26 25.51
N LEU A 1415 11.69 -30.95 25.66
CA LEU A 1415 10.39 -30.33 25.46
C LEU A 1415 9.97 -30.38 23.99
N ILE A 1416 10.94 -30.28 23.09
CA ILE A 1416 10.67 -30.46 21.66
C ILE A 1416 10.26 -31.91 21.35
N ARG A 1417 10.84 -32.89 22.06
CA ARG A 1417 10.52 -34.31 21.83
C ARG A 1417 9.12 -34.70 22.34
N ASP A 1418 8.75 -34.24 23.54
CA ASP A 1418 7.40 -34.49 24.07
C ASP A 1418 6.30 -33.75 23.35
N GLY A 1419 6.65 -32.85 22.44
CA GLY A 1419 5.65 -32.06 21.73
C GLY A 1419 5.14 -30.83 22.48
N SER A 1420 5.80 -30.46 23.59
CA SER A 1420 5.40 -29.28 24.34
C SER A 1420 5.75 -28.00 23.59
N ILE A 1421 6.86 -28.03 22.86
CA ILE A 1421 7.27 -26.92 22.01
C ILE A 1421 7.16 -27.37 20.57
N ASP A 1422 6.30 -26.71 19.79
CA ASP A 1422 6.18 -27.01 18.36
C ASP A 1422 6.47 -25.80 17.45
N LEU A 1423 7.15 -24.80 17.99
CA LEU A 1423 7.65 -23.66 17.22
C LEU A 1423 8.77 -23.00 17.97
N VAL A 1424 9.82 -22.64 17.25
CA VAL A 1424 10.93 -21.92 17.82
C VAL A 1424 11.07 -20.59 17.12
N ILE A 1425 11.11 -19.53 17.91
CA ILE A 1425 11.47 -18.21 17.42
C ILE A 1425 12.87 -17.97 17.96
N ASN A 1426 13.80 -17.70 17.06
CA ASN A 1426 15.18 -17.43 17.45
C ASN A 1426 15.73 -16.29 16.59
N LEU A 1427 15.66 -15.08 17.11
CA LEU A 1427 15.98 -13.88 16.34
C LEU A 1427 17.46 -13.62 16.40
N PRO A 1428 17.98 -12.88 15.43
CA PRO A 1428 19.43 -12.67 15.41
C PRO A 1428 19.98 -12.13 16.73
N ASN A 1429 21.13 -12.62 17.14
CA ASN A 1429 21.71 -12.26 18.44
C ASN A 1429 23.22 -12.07 18.36
N ASN A 1430 23.70 -10.87 18.67
CA ASN A 1430 25.12 -10.48 18.49
C ASN A 1430 26.07 -10.95 19.62
N ASN A 1431 25.52 -11.08 20.83
CA ASN A 1431 26.22 -11.60 22.02
C ASN A 1431 27.04 -12.87 21.75
N THR A 1432 28.37 -12.71 21.59
CA THR A 1432 29.23 -13.85 21.24
C THR A 1432 29.20 -14.99 22.29
N LYS A 1433 28.82 -14.64 23.52
CA LYS A 1433 28.61 -15.61 24.58
C LYS A 1433 27.56 -16.69 24.25
N PHE A 1434 26.51 -16.34 23.50
CA PHE A 1434 25.41 -17.27 23.23
C PHE A 1434 25.21 -17.65 21.76
N VAL A 1435 26.16 -17.29 20.90
CA VAL A 1435 26.11 -17.65 19.48
C VAL A 1435 26.10 -19.18 19.29
N HIS A 1436 26.92 -19.89 20.04
CA HIS A 1436 26.95 -21.35 20.00
C HIS A 1436 25.65 -22.03 20.42
N ASP A 1437 25.11 -21.63 21.57
CA ASP A 1437 23.81 -22.13 22.02
C ASP A 1437 22.69 -21.82 21.02
N ASN A 1438 22.71 -20.61 20.46
CA ASN A 1438 21.68 -20.24 19.50
C ASN A 1438 21.76 -21.05 18.23
N TYR A 1439 22.98 -21.35 17.80
CA TYR A 1439 23.15 -22.27 16.70
C TYR A 1439 22.57 -23.65 17.07
N VAL A 1440 22.87 -24.12 18.28
CA VAL A 1440 22.40 -25.44 18.71
C VAL A 1440 20.87 -25.47 18.77
N ILE A 1441 20.26 -24.42 19.30
CA ILE A 1441 18.82 -24.33 19.35
C ILE A 1441 18.19 -24.40 17.96
N ARG A 1442 18.76 -23.64 17.04
CA ARG A 1442 18.30 -23.62 15.66
C ARG A 1442 18.45 -24.99 14.99
N ARG A 1443 19.61 -25.61 15.18
CA ARG A 1443 19.89 -26.93 14.65
C ARG A 1443 18.88 -27.96 15.18
N THR A 1444 18.56 -27.89 16.46
CA THR A 1444 17.58 -28.78 17.09
C THR A 1444 16.20 -28.65 16.48
N ALA A 1445 15.74 -27.42 16.29
CA ALA A 1445 14.44 -27.19 15.66
C ALA A 1445 14.38 -27.84 14.28
N VAL A 1446 15.44 -27.62 13.49
CA VAL A 1446 15.51 -28.15 12.13
C VAL A 1446 15.56 -29.67 12.12
N ASP A 1447 16.41 -30.25 12.96
CA ASP A 1447 16.53 -31.72 13.05
C ASP A 1447 15.22 -32.40 13.51
N SER A 1448 14.43 -31.71 14.31
CA SER A 1448 13.18 -32.25 14.84
C SER A 1448 11.98 -31.94 13.95
N GLY A 1449 12.22 -31.21 12.87
CA GLY A 1449 11.17 -30.95 11.90
C GLY A 1449 10.08 -30.02 12.40
N ILE A 1450 10.43 -29.04 13.23
CA ILE A 1450 9.45 -28.01 13.63
C ILE A 1450 9.81 -26.62 13.09
N PRO A 1451 8.79 -25.81 12.84
CA PRO A 1451 9.07 -24.53 12.20
C PRO A 1451 10.01 -23.67 13.03
N LEU A 1452 10.91 -22.97 12.35
CA LEU A 1452 11.90 -22.11 12.97
C LEU A 1452 11.76 -20.72 12.35
N LEU A 1453 11.44 -19.71 13.17
CA LEU A 1453 11.37 -18.33 12.71
C LEU A 1453 12.58 -17.56 13.24
N THR A 1454 13.32 -16.96 12.33
CA THR A 1454 14.51 -16.21 12.68
C THR A 1454 14.42 -14.73 12.28
N ASN A 1455 13.24 -14.26 11.92
CA ASN A 1455 13.08 -12.85 11.57
C ASN A 1455 11.83 -12.31 12.26
N PHE A 1456 11.91 -11.06 12.71
CA PHE A 1456 10.84 -10.45 13.46
C PHE A 1456 9.59 -10.22 12.63
N GLN A 1457 9.73 -9.77 11.38
CA GLN A 1457 8.56 -9.49 10.54
C GLN A 1457 7.83 -10.80 10.22
N VAL A 1458 8.58 -11.86 9.97
CA VAL A 1458 8.00 -13.17 9.73
C VAL A 1458 7.25 -13.59 10.98
N THR A 1459 7.86 -13.40 12.13
CA THR A 1459 7.21 -13.73 13.39
C THR A 1459 5.89 -12.96 13.55
N LYS A 1460 5.87 -11.68 13.19
CA LYS A 1460 4.65 -10.89 13.30
C LYS A 1460 3.60 -11.44 12.35
N LEU A 1461 4.01 -11.75 11.14
CA LEU A 1461 3.10 -12.33 10.16
C LEU A 1461 2.47 -13.62 10.65
N PHE A 1462 3.29 -14.47 11.27
CA PHE A 1462 2.77 -15.70 11.84
C PHE A 1462 1.79 -15.43 12.97
N ALA A 1463 2.12 -14.53 13.87
CA ALA A 1463 1.22 -14.24 14.99
C ALA A 1463 -0.12 -13.67 14.51
N GLU A 1464 -0.08 -12.78 13.52
CA GLU A 1464 -1.31 -12.30 12.90
C GLU A 1464 -2.12 -13.44 12.25
N ALA A 1465 -1.43 -14.38 11.61
CA ALA A 1465 -2.11 -15.41 10.84
C ALA A 1465 -2.82 -16.43 11.68
N VAL A 1466 -2.22 -16.83 12.80
CA VAL A 1466 -2.90 -17.79 13.70
C VAL A 1466 -4.10 -17.15 14.39
N GLN A 1467 -4.04 -15.84 14.58
CA GLN A 1467 -5.16 -15.09 15.16
C GLN A 1467 -6.39 -15.18 14.25
N LYS A 1468 -6.17 -14.92 12.96
CA LYS A 1468 -7.25 -14.95 11.95
C LYS A 1468 -7.77 -16.35 11.64
N SER A 1469 -6.91 -17.37 11.73
CA SER A 1469 -7.27 -18.73 11.29
C SER A 1469 -8.10 -19.50 12.35
N ARG A 1470 -8.35 -20.79 12.06
CA ARG A 1470 -9.27 -21.61 12.86
C ARG A 1470 -8.66 -21.91 14.23
N ASP A 1473 -10.42 -26.39 9.54
CA ASP A 1473 -9.19 -26.45 10.32
C ASP A 1473 -7.96 -26.20 9.44
N SER A 1474 -7.41 -27.25 8.81
CA SER A 1474 -6.33 -27.12 7.81
C SER A 1474 -6.83 -27.38 6.39
N LYS A 1475 -7.67 -28.41 6.21
CA LYS A 1475 -8.23 -28.73 4.89
C LYS A 1475 -9.01 -27.53 4.32
N SER A 1476 -9.60 -26.73 5.21
CA SER A 1476 -10.37 -25.55 4.82
C SER A 1476 -9.61 -24.47 4.02
N LEU A 1477 -8.31 -24.32 4.25
CA LEU A 1477 -7.53 -23.27 3.60
C LEU A 1477 -7.41 -23.50 2.08
N PHE A 1478 -7.22 -24.76 1.68
CA PHE A 1478 -7.08 -25.12 0.28
C PHE A 1478 -8.43 -25.43 -0.39
N HIS A 1479 -9.54 -25.23 0.34
CA HIS A 1479 -10.86 -25.74 -0.03
C HIS A 1479 -11.28 -25.36 -1.45
N TYR A 1480 -10.81 -26.14 -2.41
CA TYR A 1480 -11.18 -26.03 -3.82
C TYR A 1480 -11.61 -24.63 -4.22
N ARG A 1481 -10.66 -23.71 -4.05
CA ARG A 1481 -10.80 -22.33 -4.48
C ARG A 1481 -10.26 -22.26 -5.90
N GLN A 1482 -10.90 -21.46 -6.74
CA GLN A 1482 -10.40 -21.14 -8.08
C GLN A 1482 -9.74 -19.75 -8.13
N TYR A 1483 -8.44 -19.71 -8.45
CA TYR A 1483 -7.64 -18.49 -8.44
C TYR A 1483 -7.34 -17.97 -9.85
N SER A 1484 -7.76 -16.74 -10.17
CA SER A 1484 -7.42 -16.14 -11.49
C SER A 1484 -7.49 -14.60 -11.64
N ALA A 1485 -6.51 -14.06 -12.39
CA ALA A 1485 -6.43 -12.65 -12.80
C ALA A 1485 -5.87 -11.72 -11.73
N ALA B 32 -62.13 43.96 16.36
CA ALA B 32 -60.84 44.66 16.02
C ALA B 32 -61.04 45.64 14.85
N GLN B 33 -61.06 46.92 15.18
CA GLN B 33 -61.38 47.95 14.21
C GLN B 33 -60.25 48.18 13.19
N THR B 34 -60.64 48.29 11.92
CA THR B 34 -59.72 48.45 10.81
C THR B 34 -59.89 49.78 10.10
N ALA B 35 -58.88 50.13 9.31
CA ALA B 35 -58.88 51.32 8.48
C ALA B 35 -57.91 51.15 7.33
N HIS B 36 -58.00 52.02 6.33
CA HIS B 36 -57.06 52.00 5.24
C HIS B 36 -56.23 53.25 5.21
N ILE B 37 -54.96 53.08 4.85
CA ILE B 37 -54.14 54.15 4.32
C ILE B 37 -54.41 54.13 2.82
N VAL B 38 -54.84 55.26 2.27
CA VAL B 38 -55.14 55.41 0.85
C VAL B 38 -54.28 56.56 0.33
N LEU B 39 -53.52 56.33 -0.73
CA LEU B 39 -52.69 57.38 -1.33
C LEU B 39 -53.38 57.95 -2.54
N GLU B 40 -53.05 59.19 -2.91
CA GLU B 40 -53.64 59.82 -4.09
C GLU B 40 -53.33 59.03 -5.38
N ASP B 41 -52.26 58.24 -5.41
CA ASP B 41 -51.95 57.43 -6.59
C ASP B 41 -52.76 56.14 -6.69
N GLY B 42 -53.66 55.86 -5.75
CA GLY B 42 -54.55 54.66 -5.82
C GLY B 42 -54.17 53.54 -4.87
N THR B 43 -52.92 53.51 -4.40
CA THR B 43 -52.50 52.53 -3.42
C THR B 43 -53.40 52.53 -2.17
N LYS B 44 -53.82 51.33 -1.76
CA LYS B 44 -54.54 51.10 -0.52
C LYS B 44 -53.87 50.00 0.29
N MET B 45 -53.77 50.19 1.60
CA MET B 45 -53.39 49.11 2.50
C MET B 45 -54.36 49.12 3.65
N LYS B 46 -54.84 47.94 3.99
CA LYS B 46 -55.71 47.76 5.12
C LYS B 46 -54.90 47.50 6.37
N GLY B 47 -55.19 48.18 7.46
CA GLY B 47 -54.53 47.93 8.75
C GLY B 47 -55.49 47.94 9.92
N TYR B 48 -54.93 47.77 11.11
CA TYR B 48 -55.71 47.77 12.35
C TYR B 48 -55.50 49.09 13.10
N SER B 49 -56.61 49.66 13.56
CA SER B 49 -56.56 50.91 14.31
C SER B 49 -55.97 50.70 15.69
N PHE B 50 -55.01 51.53 16.10
CA PHE B 50 -54.59 51.55 17.49
C PHE B 50 -54.59 52.94 18.12
N GLY B 51 -54.87 53.97 17.34
CA GLY B 51 -55.01 55.31 17.86
C GLY B 51 -56.46 55.74 17.96
N HIS B 52 -56.72 57.03 17.76
CA HIS B 52 -58.08 57.54 17.79
C HIS B 52 -58.80 57.06 16.55
N PRO B 53 -60.01 56.50 16.71
CA PRO B 53 -60.64 55.89 15.55
C PRO B 53 -61.40 56.90 14.67
N SER B 54 -60.68 57.81 14.02
CA SER B 54 -61.29 58.76 13.10
C SER B 54 -60.36 59.04 11.92
N SER B 55 -60.95 59.48 10.81
CA SER B 55 -60.23 59.61 9.56
C SER B 55 -59.45 60.89 9.56
N VAL B 56 -58.36 60.92 8.80
CA VAL B 56 -57.60 62.15 8.66
C VAL B 56 -56.81 62.16 7.35
N ALA B 57 -56.60 63.35 6.78
CA ALA B 57 -55.85 63.51 5.53
C ALA B 57 -54.63 64.40 5.73
N GLY B 58 -53.57 64.14 4.95
CA GLY B 58 -52.34 64.96 5.01
C GLY B 58 -51.28 64.54 4.00
N GLU B 59 -50.08 65.10 4.12
CA GLU B 59 -48.95 64.62 3.33
C GLU B 59 -48.45 63.39 4.03
N VAL B 60 -48.19 62.33 3.28
CA VAL B 60 -47.62 61.13 3.83
C VAL B 60 -46.12 61.20 3.63
N VAL B 61 -45.38 61.02 4.72
CA VAL B 61 -43.93 61.08 4.71
C VAL B 61 -43.39 59.84 5.41
N PHE B 62 -42.10 59.59 5.26
CA PHE B 62 -41.45 58.58 6.05
C PHE B 62 -40.19 59.12 6.72
N ASN B 63 -39.78 58.47 7.79
CA ASN B 63 -38.56 58.84 8.50
C ASN B 63 -37.79 57.58 8.86
N THR B 64 -36.50 57.52 8.54
CA THR B 64 -35.73 56.29 8.72
C THR B 64 -35.11 56.13 10.11
N GLY B 65 -35.32 57.10 10.98
CA GLY B 65 -34.83 57.02 12.35
C GLY B 65 -35.50 55.87 13.08
N LEU B 66 -34.71 55.06 13.76
CA LEU B 66 -35.28 53.91 14.44
C LEU B 66 -35.81 54.25 15.83
N GLY B 67 -35.06 55.01 16.61
CA GLY B 67 -35.40 55.23 18.01
C GLY B 67 -36.12 56.52 18.31
N GLY B 68 -36.69 56.58 19.50
CA GLY B 68 -37.23 57.81 20.02
C GLY B 68 -38.56 58.19 19.44
N TYR B 69 -39.45 57.23 19.20
CA TYR B 69 -40.77 57.55 18.65
C TYR B 69 -41.52 58.61 19.49
N PRO B 70 -41.42 58.57 20.84
CA PRO B 70 -42.21 59.56 21.60
C PRO B 70 -41.76 60.97 21.34
N GLU B 71 -40.45 61.17 21.35
CA GLU B 71 -39.90 62.46 20.97
C GLU B 71 -40.19 62.82 19.49
N ALA B 72 -40.12 61.83 18.62
CA ALA B 72 -40.31 62.08 17.19
C ALA B 72 -41.70 62.61 16.91
N ILE B 73 -42.72 61.98 17.46
CA ILE B 73 -44.09 62.32 17.11
C ILE B 73 -44.61 63.61 17.74
N THR B 74 -43.80 64.22 18.61
CA THR B 74 -44.05 65.55 19.14
C THR B 74 -43.22 66.65 18.46
N ASP B 75 -42.47 66.28 17.42
CA ASP B 75 -41.76 67.23 16.57
C ASP B 75 -42.76 68.10 15.80
N PRO B 76 -42.70 69.44 15.98
CA PRO B 76 -43.60 70.34 15.24
C PRO B 76 -43.47 70.28 13.72
N ALA B 77 -42.30 69.88 13.22
CA ALA B 77 -42.12 69.73 11.79
C ALA B 77 -43.08 68.73 11.11
N TYR B 78 -43.73 67.85 11.89
CA TYR B 78 -44.68 66.86 11.34
C TYR B 78 -46.11 67.37 11.22
N LYS B 79 -46.33 68.64 11.59
CA LYS B 79 -47.67 69.21 11.51
C LYS B 79 -48.29 68.98 10.13
N GLY B 80 -49.50 68.45 10.08
CA GLY B 80 -50.17 68.14 8.81
C GLY B 80 -49.68 66.87 8.12
N GLN B 81 -48.80 66.10 8.76
CA GLN B 81 -48.24 64.94 8.09
C GLN B 81 -48.66 63.61 8.73
N ILE B 82 -48.82 62.62 7.90
CA ILE B 82 -49.04 61.27 8.34
C ILE B 82 -47.69 60.58 8.28
N LEU B 83 -47.19 60.16 9.43
CA LEU B 83 -45.82 59.69 9.52
C LEU B 83 -45.76 58.17 9.38
N THR B 84 -44.95 57.72 8.42
CA THR B 84 -44.65 56.30 8.21
C THR B 84 -43.31 55.93 8.88
N MET B 85 -43.35 55.01 9.83
CA MET B 85 -42.17 54.64 10.59
C MET B 85 -41.39 53.52 9.92
N ALA B 86 -40.10 53.73 9.73
CA ALA B 86 -39.21 52.68 9.19
C ALA B 86 -39.04 51.51 10.14
N ASN B 87 -38.96 51.82 11.43
CA ASN B 87 -38.82 50.82 12.44
C ASN B 87 -40.09 49.96 12.45
N PRO B 88 -39.95 48.67 12.19
CA PRO B 88 -41.12 47.82 12.11
C PRO B 88 -41.80 47.54 13.45
N ILE B 89 -41.10 47.76 14.55
CA ILE B 89 -41.59 47.39 15.87
C ILE B 89 -41.67 48.63 16.76
N ILE B 90 -42.89 49.16 16.91
CA ILE B 90 -43.16 50.47 17.52
C ILE B 90 -44.02 50.33 18.76
N GLY B 91 -43.65 51.02 19.84
CA GLY B 91 -44.40 51.01 21.09
C GLY B 91 -43.75 50.29 22.28
N ASN B 92 -42.54 49.79 22.10
CA ASN B 92 -41.93 48.92 23.13
C ASN B 92 -41.83 49.55 24.52
N GLY B 93 -41.57 50.85 24.57
CA GLY B 93 -41.42 51.58 25.81
C GLY B 93 -42.64 52.36 26.25
N GLY B 94 -43.79 52.13 25.60
CA GLY B 94 -45.02 52.80 25.93
C GLY B 94 -44.92 54.30 25.67
N ALA B 95 -45.56 55.07 26.54
CA ALA B 95 -45.44 56.52 26.51
C ALA B 95 -44.93 56.97 27.86
N PRO B 96 -44.05 57.97 27.90
CA PRO B 96 -43.53 58.46 29.17
C PRO B 96 -44.60 59.24 29.92
N ASP B 97 -44.21 59.93 30.98
CA ASP B 97 -45.13 60.84 31.67
C ASP B 97 -45.37 62.08 30.80
N THR B 98 -46.51 62.17 30.14
CA THR B 98 -46.72 63.23 29.16
C THR B 98 -47.24 64.53 29.77
N THR B 99 -47.50 64.54 31.08
CA THR B 99 -47.92 65.74 31.78
C THR B 99 -46.81 66.40 32.58
N ALA B 100 -45.73 65.70 32.86
CA ALA B 100 -44.65 66.28 33.66
C ALA B 100 -43.93 67.44 32.95
N LEU B 101 -43.62 68.47 33.73
CA LEU B 101 -42.87 69.62 33.26
C LEU B 101 -41.48 69.62 33.90
N ASP B 102 -40.51 70.21 33.22
CA ASP B 102 -39.22 70.43 33.85
C ASP B 102 -39.21 71.77 34.57
N GLU B 103 -38.08 72.11 35.16
CA GLU B 103 -37.94 73.38 35.87
C GLU B 103 -38.20 74.64 35.01
N LEU B 104 -38.12 74.51 33.67
CA LEU B 104 -38.38 75.65 32.78
C LEU B 104 -39.84 75.83 32.36
N GLY B 105 -40.66 74.83 32.66
CA GLY B 105 -42.07 74.87 32.30
C GLY B 105 -42.32 74.22 30.95
N LEU B 106 -41.32 73.52 30.45
CA LEU B 106 -41.46 72.77 29.21
C LEU B 106 -41.83 71.35 29.56
N SER B 107 -42.49 70.65 28.64
CA SER B 107 -42.64 69.23 28.79
C SER B 107 -41.29 68.59 29.17
N LYS B 108 -41.32 67.74 30.19
CA LYS B 108 -40.12 67.11 30.63
C LYS B 108 -39.56 66.09 29.63
N TYR B 109 -40.43 65.32 28.99
CA TYR B 109 -39.97 64.19 28.16
C TYR B 109 -40.24 64.37 26.69
N LEU B 110 -40.99 65.41 26.32
CA LEU B 110 -41.39 65.59 24.93
C LEU B 110 -40.81 66.84 24.34
N GLU B 111 -40.94 66.97 23.02
CA GLU B 111 -40.31 68.05 22.28
C GLU B 111 -41.23 69.19 21.93
N SER B 112 -42.53 69.03 22.22
CA SER B 112 -43.49 70.12 22.16
C SER B 112 -44.63 69.80 23.11
N ASN B 113 -45.68 70.59 23.11
CA ASN B 113 -46.78 70.41 24.06
C ASN B 113 -47.80 69.35 23.68
N GLY B 114 -47.52 68.55 22.67
CA GLY B 114 -48.45 67.48 22.30
C GLY B 114 -47.99 66.74 21.07
N ILE B 115 -48.74 65.71 20.70
CA ILE B 115 -48.44 64.98 19.47
C ILE B 115 -48.75 65.86 18.27
N LYS B 116 -47.83 65.95 17.34
CA LYS B 116 -47.93 66.88 16.23
C LYS B 116 -48.22 66.22 14.90
N VAL B 117 -47.91 64.91 14.77
CA VAL B 117 -48.24 64.20 13.54
C VAL B 117 -49.76 64.20 13.39
N SER B 118 -50.23 64.13 12.16
CA SER B 118 -51.67 64.03 11.90
C SER B 118 -52.15 62.58 12.04
N GLY B 119 -51.24 61.66 11.77
CA GLY B 119 -51.51 60.24 11.92
C GLY B 119 -50.22 59.46 11.84
N LEU B 120 -50.34 58.17 12.13
CA LEU B 120 -49.16 57.31 12.27
C LEU B 120 -49.39 55.96 11.60
N LEU B 121 -48.39 55.52 10.83
CA LEU B 121 -48.44 54.22 10.16
C LEU B 121 -47.27 53.35 10.61
N VAL B 122 -47.55 52.15 11.11
CA VAL B 122 -46.50 51.26 11.55
C VAL B 122 -46.74 49.84 11.10
N LEU B 123 -45.68 49.03 11.09
CA LEU B 123 -45.84 47.63 10.73
C LEU B 123 -46.43 46.87 11.89
N ASP B 124 -45.77 46.91 13.03
CA ASP B 124 -46.23 46.20 14.22
C ASP B 124 -46.27 47.12 15.41
N TYR B 125 -47.41 47.10 16.09
CA TYR B 125 -47.59 47.84 17.32
C TYR B 125 -47.48 46.91 18.51
N SER B 126 -46.56 47.18 19.45
CA SER B 126 -46.50 46.40 20.70
C SER B 126 -47.57 46.88 21.65
N LYS B 127 -48.58 46.07 21.92
CA LYS B 127 -49.65 46.48 22.86
C LYS B 127 -49.08 46.50 24.28
N ASP B 128 -48.22 45.52 24.55
CA ASP B 128 -47.54 45.39 25.82
C ASP B 128 -46.18 46.05 25.77
N TYR B 129 -45.91 46.92 26.74
CA TYR B 129 -44.72 47.73 26.79
C TYR B 129 -43.97 47.44 28.09
N ASN B 130 -42.70 47.83 28.14
CA ASN B 130 -41.90 47.64 29.34
C ASN B 130 -40.70 48.54 29.34
N HIS B 131 -40.78 49.57 30.14
CA HIS B 131 -39.67 50.50 30.29
C HIS B 131 -39.91 51.29 31.54
N TRP B 132 -38.83 51.58 32.25
CA TRP B 132 -38.91 52.17 33.58
C TRP B 132 -39.51 53.58 33.61
N LEU B 133 -39.57 54.26 32.46
CA LEU B 133 -40.23 55.57 32.34
C LEU B 133 -41.65 55.50 31.78
N ALA B 134 -42.10 54.32 31.41
CA ALA B 134 -43.42 54.20 30.80
C ALA B 134 -44.51 54.44 31.82
N THR B 135 -45.56 55.16 31.43
CA THR B 135 -46.74 55.34 32.25
C THR B 135 -48.00 54.74 31.64
N LYS B 136 -47.96 54.47 30.35
CA LYS B 136 -49.12 53.97 29.63
C LYS B 136 -48.65 53.53 28.26
N SER B 137 -49.55 52.98 27.47
CA SER B 137 -49.21 52.48 26.16
C SER B 137 -49.20 53.62 25.16
N LEU B 138 -48.52 53.42 24.04
CA LEU B 138 -48.52 54.41 22.96
C LEU B 138 -49.94 54.60 22.41
N GLY B 139 -50.67 53.49 22.25
CA GLY B 139 -52.05 53.59 21.76
C GLY B 139 -52.94 54.46 22.65
N GLN B 140 -52.81 54.32 23.97
CA GLN B 140 -53.60 55.11 24.86
C GLN B 140 -53.29 56.58 24.68
N TRP B 141 -52.00 56.89 24.50
CA TRP B 141 -51.53 58.26 24.32
C TRP B 141 -52.09 58.87 23.05
N LEU B 142 -52.04 58.10 21.96
CA LEU B 142 -52.57 58.55 20.68
C LEU B 142 -54.06 58.79 20.79
N GLN B 143 -54.75 57.92 21.52
CA GLN B 143 -56.21 58.07 21.74
C GLN B 143 -56.55 59.34 22.50
N GLU B 144 -55.82 59.61 23.59
CA GLU B 144 -55.99 60.85 24.38
C GLU B 144 -55.78 62.10 23.53
N GLU B 145 -54.75 62.09 22.70
CA GLU B 145 -54.43 63.23 21.83
C GLU B 145 -55.28 63.26 20.54
N LYS B 146 -56.16 62.28 20.34
CA LYS B 146 -57.06 62.23 19.19
C LYS B 146 -56.32 62.05 17.85
N VAL B 147 -55.24 61.26 17.87
CA VAL B 147 -54.46 60.99 16.70
C VAL B 147 -54.75 59.58 16.14
N PRO B 148 -55.14 59.51 14.87
CA PRO B 148 -55.32 58.20 14.24
C PRO B 148 -53.98 57.45 14.01
N ALA B 149 -54.02 56.13 14.17
CA ALA B 149 -52.86 55.31 13.87
C ALA B 149 -53.27 53.89 13.49
N ILE B 150 -52.65 53.35 12.45
CA ILE B 150 -52.87 51.96 12.10
C ILE B 150 -51.57 51.17 12.04
N TYR B 151 -51.70 49.89 12.41
CA TYR B 151 -50.60 48.97 12.29
C TYR B 151 -50.98 47.85 11.32
N GLY B 152 -49.98 47.04 10.98
CA GLY B 152 -50.15 45.96 10.02
C GLY B 152 -49.98 46.40 8.59
N VAL B 153 -49.40 47.56 8.35
CA VAL B 153 -49.17 47.99 6.98
C VAL B 153 -47.71 47.86 6.58
N ASP B 154 -47.49 47.62 5.29
CA ASP B 154 -46.16 47.46 4.80
C ASP B 154 -45.54 48.83 4.64
N THR B 155 -44.84 49.26 5.69
CA THR B 155 -44.12 50.52 5.71
C THR B 155 -42.97 50.62 4.72
N ARG B 156 -42.37 49.49 4.38
CA ARG B 156 -41.28 49.53 3.43
C ARG B 156 -41.85 49.82 2.04
N MET B 157 -42.97 49.19 1.71
CA MET B 157 -43.61 49.47 0.44
C MET B 157 -44.06 50.93 0.35
N LEU B 158 -44.59 51.44 1.45
CA LEU B 158 -44.98 52.83 1.49
C LEU B 158 -43.80 53.76 1.27
N THR B 159 -42.67 53.42 1.87
CA THR B 159 -41.47 54.22 1.77
C THR B 159 -41.05 54.28 0.31
N LYS B 160 -41.11 53.14 -0.38
CA LYS B 160 -40.66 53.09 -1.75
C LYS B 160 -41.59 53.89 -2.66
N ILE B 161 -42.88 53.92 -2.34
CA ILE B 161 -43.84 54.66 -3.13
C ILE B 161 -43.67 56.19 -2.93
N ILE B 162 -43.53 56.61 -1.70
CA ILE B 162 -43.37 58.01 -1.33
C ILE B 162 -42.08 58.60 -1.84
N ARG B 163 -41.01 57.82 -1.72
CA ARG B 163 -39.67 58.18 -2.12
C ARG B 163 -39.58 58.78 -3.53
N ASP B 164 -38.96 59.95 -3.60
CA ASP B 164 -38.64 60.61 -4.88
C ASP B 164 -39.86 61.23 -5.59
N LYS B 165 -41.02 61.22 -4.93
CA LYS B 165 -42.22 61.89 -5.42
C LYS B 165 -42.48 63.00 -4.41
N GLY B 166 -42.26 64.23 -4.86
CA GLY B 166 -42.12 65.37 -3.95
C GLY B 166 -43.11 65.30 -2.81
N THR B 167 -44.38 65.25 -3.17
CA THR B 167 -45.46 65.25 -2.24
C THR B 167 -46.39 64.10 -2.53
N MET B 168 -46.46 63.13 -1.62
CA MET B 168 -47.48 62.11 -1.71
C MET B 168 -48.58 62.45 -0.71
N LEU B 169 -49.76 62.75 -1.21
CA LEU B 169 -50.91 62.97 -0.37
C LEU B 169 -51.56 61.65 -0.03
N GLY B 170 -52.13 61.57 1.17
CA GLY B 170 -52.87 60.38 1.58
C GLY B 170 -53.84 60.61 2.72
N LYS B 171 -54.51 59.56 3.13
CA LYS B 171 -55.45 59.64 4.23
C LYS B 171 -55.58 58.29 4.92
N ILE B 172 -55.86 58.35 6.22
CA ILE B 172 -56.23 57.20 6.98
C ILE B 172 -57.74 57.28 7.01
N GLU B 173 -58.41 56.27 6.46
CA GLU B 173 -59.85 56.34 6.29
C GLU B 173 -60.55 55.14 6.95
N PHE B 174 -61.48 55.48 7.83
CA PHE B 174 -62.40 54.53 8.46
C PHE B 174 -63.73 54.48 7.68
N GLU B 175 -64.38 53.33 7.70
CA GLU B 175 -65.67 53.13 7.06
C GLU B 175 -66.67 54.11 7.62
N GLY B 176 -67.40 54.78 6.73
CA GLY B 176 -68.41 55.75 7.15
C GLY B 176 -67.86 57.09 7.53
N GLN B 177 -66.56 57.30 7.39
CA GLN B 177 -65.95 58.60 7.70
C GLN B 177 -65.03 59.02 6.55
N PRO B 178 -65.59 59.26 5.37
CA PRO B 178 -64.79 59.72 4.27
C PRO B 178 -64.17 61.10 4.50
N VAL B 179 -62.97 61.31 3.96
CA VAL B 179 -62.32 62.62 3.92
C VAL B 179 -61.68 62.80 2.56
N ASP B 180 -61.47 64.06 2.20
CA ASP B 180 -60.76 64.42 0.98
C ASP B 180 -59.28 64.50 1.23
N PHE B 181 -58.51 64.29 0.18
CA PHE B 181 -57.11 64.60 0.17
C PHE B 181 -56.97 66.10 0.37
N VAL B 182 -56.00 66.48 1.18
CA VAL B 182 -55.67 67.90 1.36
C VAL B 182 -54.14 68.03 1.44
N ASP B 183 -53.59 69.11 0.90
CA ASP B 183 -52.17 69.38 0.94
C ASP B 183 -51.92 70.46 1.95
N PRO B 184 -51.37 70.09 3.10
CA PRO B 184 -51.20 71.05 4.19
C PRO B 184 -50.08 72.06 3.94
N ASN B 185 -49.21 71.77 2.99
CA ASN B 185 -48.14 72.70 2.60
C ASN B 185 -48.62 73.93 1.80
N LYS B 186 -49.89 73.96 1.42
CA LYS B 186 -50.47 75.18 0.80
C LYS B 186 -50.86 76.21 1.85
N GLN B 187 -50.89 75.81 3.12
CA GLN B 187 -51.14 76.76 4.18
CA GLN B 187 -51.17 76.64 4.27
C GLN B 187 -49.84 77.00 4.93
N ASN B 188 -49.80 78.15 5.60
CA ASN B 188 -48.63 78.56 6.34
C ASN B 188 -48.54 77.81 7.69
N LEU B 189 -47.89 76.66 7.68
CA LEU B 189 -47.84 75.81 8.85
C LEU B 189 -47.00 76.41 9.93
N ILE B 190 -46.02 77.21 9.52
CA ILE B 190 -45.24 77.98 10.47
C ILE B 190 -46.13 78.76 11.43
N ALA B 191 -47.13 79.44 10.88
CA ALA B 191 -48.07 80.21 11.70
C ALA B 191 -48.93 79.33 12.60
N GLU B 192 -49.30 78.14 12.14
CA GLU B 192 -50.17 77.26 12.94
C GLU B 192 -49.46 76.61 14.13
N VAL B 193 -48.13 76.50 14.11
CA VAL B 193 -47.39 75.94 15.25
C VAL B 193 -46.71 77.01 16.12
N SER B 194 -46.50 78.20 15.61
CA SER B 194 -45.78 79.24 16.35
C SER B 194 -46.52 79.69 17.59
N THR B 195 -45.77 79.95 18.66
CA THR B 195 -46.37 80.61 19.81
C THR B 195 -47.08 81.89 19.35
N LYS B 196 -48.22 82.20 19.96
CA LYS B 196 -48.97 83.42 19.62
C LYS B 196 -48.56 84.63 20.48
N ASP B 197 -47.78 84.36 21.52
CA ASP B 197 -47.30 85.38 22.41
C ASP B 197 -45.86 85.15 22.79
N VAL B 198 -45.20 86.24 23.22
CA VAL B 198 -43.83 86.17 23.65
C VAL B 198 -43.78 85.40 24.97
N LYS B 199 -42.87 84.45 25.08
CA LYS B 199 -42.66 83.70 26.32
C LYS B 199 -41.19 83.67 26.70
N VAL B 200 -40.92 83.72 27.98
CA VAL B 200 -39.56 83.83 28.49
C VAL B 200 -39.18 82.57 29.26
N TYR B 201 -38.02 82.02 28.96
CA TYR B 201 -37.46 80.83 29.65
C TYR B 201 -36.05 81.14 30.15
N GLY B 202 -35.73 80.68 31.35
CA GLY B 202 -34.43 81.00 31.94
C GLY B 202 -34.38 82.42 32.46
N LYS B 203 -35.50 82.88 33.02
CA LYS B 203 -35.59 84.24 33.52
C LYS B 203 -34.45 84.45 34.51
N GLY B 204 -33.69 85.53 34.35
CA GLY B 204 -32.59 85.85 35.23
C GLY B 204 -31.22 85.55 34.65
N ASN B 205 -31.16 84.72 33.63
CA ASN B 205 -29.87 84.36 33.00
C ASN B 205 -29.22 85.56 32.30
N PRO B 206 -27.88 85.57 32.20
CA PRO B 206 -27.20 86.79 31.76
C PRO B 206 -27.17 87.09 30.26
N THR B 207 -27.39 86.10 29.40
CA THR B 207 -27.29 86.29 27.96
C THR B 207 -28.68 86.30 27.32
N LYS B 208 -29.11 87.44 26.79
CA LYS B 208 -30.45 87.53 26.22
C LYS B 208 -30.44 87.00 24.79
N VAL B 209 -31.20 85.94 24.56
CA VAL B 209 -31.34 85.39 23.21
C VAL B 209 -32.80 85.45 22.77
N VAL B 210 -33.06 86.04 21.60
CA VAL B 210 -34.38 85.99 20.99
C VAL B 210 -34.45 84.72 20.13
N ALA B 211 -35.49 83.90 20.35
CA ALA B 211 -35.71 82.70 19.55
C ALA B 211 -36.98 82.87 18.76
N VAL B 212 -36.85 82.93 17.44
CA VAL B 212 -38.01 83.09 16.58
C VAL B 212 -38.65 81.72 16.36
N ASP B 213 -39.87 81.57 16.86
CA ASP B 213 -40.56 80.29 16.84
C ASP B 213 -41.20 79.97 15.48
N CYS B 214 -40.50 79.19 14.67
CA CYS B 214 -41.12 78.59 13.49
C CYS B 214 -41.45 77.13 13.71
N GLY B 215 -41.79 76.76 14.94
CA GLY B 215 -42.01 75.34 15.28
C GLY B 215 -40.78 74.75 15.95
N ILE B 216 -40.26 75.50 16.92
CA ILE B 216 -39.04 75.15 17.64
C ILE B 216 -39.29 73.91 18.47
N LYS B 217 -38.27 73.09 18.61
CA LYS B 217 -38.33 71.94 19.51
C LYS B 217 -37.83 72.35 20.89
N ASN B 218 -38.44 71.76 21.92
CA ASN B 218 -38.06 72.07 23.29
C ASN B 218 -36.57 71.96 23.59
N ASN B 219 -35.86 71.03 22.94
CA ASN B 219 -34.46 70.87 23.32
C ASN B 219 -33.59 72.04 22.91
N VAL B 220 -34.00 72.80 21.93
CA VAL B 220 -33.28 73.99 21.56
C VAL B 220 -33.24 74.94 22.76
N ILE B 221 -34.40 75.13 23.38
CA ILE B 221 -34.56 76.00 24.53
C ILE B 221 -33.74 75.49 25.71
N ARG B 222 -33.78 74.18 25.97
CA ARG B 222 -33.01 73.58 27.06
C ARG B 222 -31.52 73.82 26.91
N LEU B 223 -31.02 73.69 25.68
CA LEU B 223 -29.59 73.83 25.44
C LEU B 223 -29.15 75.28 25.49
N LEU B 224 -30.04 76.21 25.11
CA LEU B 224 -29.72 77.64 25.24
C LEU B 224 -29.65 78.04 26.71
N VAL B 225 -30.68 77.67 27.45
CA VAL B 225 -30.77 78.04 28.86
C VAL B 225 -29.62 77.47 29.68
N LYS B 226 -29.29 76.21 29.42
CA LYS B 226 -28.17 75.53 30.08
C LYS B 226 -26.85 76.29 29.88
N ARG B 227 -26.73 76.99 28.76
CA ARG B 227 -25.54 77.76 28.45
C ARG B 227 -25.65 79.23 28.90
N GLY B 228 -26.64 79.54 29.74
CA GLY B 228 -26.75 80.86 30.33
C GLY B 228 -27.64 81.86 29.60
N ALA B 229 -28.49 81.38 28.68
CA ALA B 229 -29.38 82.27 27.96
C ALA B 229 -30.69 82.51 28.72
N GLU B 230 -31.17 83.75 28.69
CA GLU B 230 -32.57 84.05 28.96
C GLU B 230 -33.25 84.09 27.59
N VAL B 231 -34.16 83.15 27.35
CA VAL B 231 -34.70 82.97 26.02
C VAL B 231 -36.03 83.65 25.90
N HIS B 232 -36.13 84.53 24.93
CA HIS B 232 -37.36 85.20 24.66
C HIS B 232 -37.88 84.58 23.40
N LEU B 233 -38.83 83.69 23.58
CA LEU B 233 -39.42 82.99 22.46
C LEU B 233 -40.52 83.89 21.88
N VAL B 234 -40.36 84.29 20.62
CA VAL B 234 -41.32 85.21 20.00
C VAL B 234 -42.09 84.56 18.86
N PRO B 235 -43.31 85.07 18.56
CA PRO B 235 -44.04 84.59 17.41
C PRO B 235 -43.24 84.71 16.12
N TRP B 236 -43.50 83.80 15.18
CA TRP B 236 -42.82 83.81 13.88
C TRP B 236 -42.86 85.20 13.22
N ASN B 237 -43.95 85.93 13.43
CA ASN B 237 -44.15 87.26 12.80
C ASN B 237 -44.00 88.44 13.75
N HIS B 238 -43.32 88.21 14.86
CA HIS B 238 -43.04 89.29 15.82
C HIS B 238 -42.01 90.23 15.22
N ASP B 239 -42.21 91.52 15.31
CA ASP B 239 -41.19 92.48 14.88
C ASP B 239 -40.14 92.60 15.99
N PHE B 240 -39.11 91.80 15.87
CA PHE B 240 -38.03 91.78 16.83
C PHE B 240 -36.87 92.68 16.39
N THR B 241 -37.00 93.37 15.25
CA THR B 241 -35.85 94.03 14.63
C THR B 241 -35.29 95.22 15.43
N LYS B 242 -36.09 95.79 16.32
CA LYS B 242 -35.60 96.85 17.21
C LYS B 242 -35.45 96.39 18.66
N MET B 243 -35.67 95.11 18.95
CA MET B 243 -35.46 94.59 20.30
C MET B 243 -33.98 94.58 20.65
N GLU B 244 -33.69 94.65 21.94
CA GLU B 244 -32.33 94.46 22.43
C GLU B 244 -32.12 92.98 22.71
N TYR B 245 -30.99 92.46 22.23
CA TYR B 245 -30.62 91.08 22.51
C TYR B 245 -29.14 90.92 22.23
N ASP B 246 -28.54 89.87 22.80
CA ASP B 246 -27.14 89.53 22.58
C ASP B 246 -26.99 88.55 21.44
N GLY B 247 -28.03 87.77 21.19
CA GLY B 247 -28.02 86.84 20.08
C GLY B 247 -29.43 86.51 19.61
N ILE B 248 -29.56 86.05 18.38
CA ILE B 248 -30.84 85.67 17.84
C ILE B 248 -30.76 84.31 17.11
N LEU B 249 -31.79 83.51 17.35
CA LEU B 249 -31.88 82.15 16.85
C LEU B 249 -33.22 81.99 16.17
N ILE B 250 -33.24 81.31 15.04
CA ILE B 250 -34.48 81.03 14.32
C ILE B 250 -34.54 79.53 14.13
N ALA B 251 -35.61 78.90 14.63
CA ALA B 251 -35.71 77.46 14.57
C ALA B 251 -37.07 77.02 14.16
N GLY B 252 -37.11 75.92 13.42
CA GLY B 252 -38.37 75.41 13.04
C GLY B 252 -38.30 74.13 12.28
N GLY B 253 -39.52 73.63 12.07
CA GLY B 253 -39.79 72.51 11.31
C GLY B 253 -40.71 72.73 10.15
N PRO B 254 -42.02 72.90 10.41
CA PRO B 254 -42.99 72.59 9.35
C PRO B 254 -43.15 73.64 8.26
N GLY B 255 -43.49 73.16 7.06
CA GLY B 255 -44.09 74.03 6.02
C GLY B 255 -43.14 74.67 5.02
N ASN B 256 -43.73 75.25 3.99
CA ASN B 256 -42.99 75.99 2.99
C ASN B 256 -42.50 77.32 3.57
N PRO B 257 -41.17 77.52 3.69
CA PRO B 257 -40.67 78.76 4.29
C PRO B 257 -41.01 80.00 3.50
N ALA B 258 -41.24 79.86 2.19
CA ALA B 258 -41.60 80.99 1.36
C ALA B 258 -42.94 81.62 1.73
N LEU B 259 -43.80 80.89 2.44
CA LEU B 259 -45.07 81.44 2.88
C LEU B 259 -44.92 82.34 4.13
N ALA B 260 -43.71 82.44 4.68
CA ALA B 260 -43.48 83.24 5.87
C ALA B 260 -42.86 84.62 5.54
N GLU B 261 -43.47 85.35 4.63
CA GLU B 261 -42.89 86.58 4.11
C GLU B 261 -42.62 87.65 5.18
N PRO B 262 -43.54 87.84 6.15
CA PRO B 262 -43.27 88.85 7.17
C PRO B 262 -42.01 88.55 7.97
N LEU B 263 -41.78 87.27 8.26
CA LEU B 263 -40.53 86.89 8.94
C LEU B 263 -39.33 87.08 8.02
N ILE B 264 -39.45 86.67 6.77
CA ILE B 264 -38.36 86.83 5.82
C ILE B 264 -37.98 88.32 5.73
N GLN B 265 -38.98 89.18 5.64
CA GLN B 265 -38.76 90.64 5.63
C GLN B 265 -38.03 91.15 6.87
N ASN B 266 -38.43 90.66 8.04
CA ASN B 266 -37.80 91.10 9.28
C ASN B 266 -36.36 90.65 9.39
N VAL B 267 -36.07 89.44 8.97
CA VAL B 267 -34.70 88.96 8.96
C VAL B 267 -33.88 89.74 7.94
N ARG B 268 -34.49 90.03 6.79
CA ARG B 268 -33.83 90.88 5.79
C ARG B 268 -33.45 92.25 6.37
N LYS B 269 -34.31 92.86 7.19
CA LYS B 269 -33.95 94.17 7.81
C LYS B 269 -32.72 94.06 8.70
N ILE B 270 -32.60 92.98 9.46
CA ILE B 270 -31.40 92.71 10.24
C ILE B 270 -30.18 92.59 9.33
N LEU B 271 -30.25 91.70 8.35
CA LEU B 271 -29.13 91.51 7.43
C LEU B 271 -28.67 92.81 6.76
N GLU B 272 -29.61 93.75 6.54
CA GLU B 272 -29.30 95.01 5.85
C GLU B 272 -28.98 96.16 6.80
N SER B 273 -29.13 95.94 8.11
CA SER B 273 -28.82 96.96 9.09
C SER B 273 -27.35 96.88 9.46
N ASP B 274 -26.96 97.72 10.42
CA ASP B 274 -25.62 97.66 10.99
C ASP B 274 -25.51 96.70 12.18
N ARG B 275 -26.59 95.98 12.52
CA ARG B 275 -26.58 95.12 13.69
C ARG B 275 -25.64 93.93 13.47
N LYS B 276 -24.91 93.56 14.53
CA LYS B 276 -23.88 92.51 14.48
C LYS B 276 -24.02 91.40 15.53
N GLU B 277 -25.19 91.29 16.17
CA GLU B 277 -25.44 90.18 17.08
C GLU B 277 -25.39 88.87 16.33
N PRO B 278 -24.78 87.84 16.93
CA PRO B 278 -24.76 86.57 16.23
C PRO B 278 -26.17 86.06 15.91
N LEU B 279 -26.26 85.39 14.77
CA LEU B 279 -27.49 84.83 14.28
C LEU B 279 -27.22 83.37 14.00
N PHE B 280 -28.09 82.51 14.54
CA PHE B 280 -27.99 81.07 14.39
C PHE B 280 -29.34 80.50 13.94
N GLY B 281 -29.35 79.97 12.72
CA GLY B 281 -30.54 79.35 12.16
C GLY B 281 -30.48 77.84 12.27
N ILE B 282 -31.60 77.24 12.64
CA ILE B 282 -31.75 75.80 12.66
C ILE B 282 -32.92 75.35 11.78
N SER B 283 -32.63 74.44 10.83
CA SER B 283 -33.54 73.87 9.77
C SER B 283 -34.38 74.90 8.99
N THR B 284 -35.63 75.15 9.38
CA THR B 284 -36.35 76.30 8.85
C THR B 284 -35.53 77.60 8.92
N GLY B 285 -34.75 77.76 9.99
CA GLY B 285 -33.87 78.93 10.12
C GLY B 285 -32.85 79.07 8.99
N ASN B 286 -32.35 77.94 8.48
CA ASN B 286 -31.44 77.94 7.33
C ASN B 286 -32.17 78.46 6.09
N LEU B 287 -33.44 78.06 5.91
CA LEU B 287 -34.24 78.48 4.76
C LEU B 287 -34.65 79.95 4.83
N ILE B 288 -35.03 80.38 6.02
CA ILE B 288 -35.49 81.74 6.22
C ILE B 288 -34.33 82.72 6.07
N THR B 289 -33.22 82.41 6.73
CA THR B 289 -31.99 83.22 6.64
C THR B 289 -31.51 83.32 5.17
N GLY B 290 -31.45 82.17 4.49
CA GLY B 290 -31.12 82.13 3.08
C GLY B 290 -32.07 82.93 2.20
N LEU B 291 -33.36 82.82 2.45
CA LEU B 291 -34.35 83.60 1.67
C LEU B 291 -34.20 85.09 1.93
N ALA B 292 -33.95 85.45 3.17
CA ALA B 292 -33.78 86.84 3.53
C ALA B 292 -32.56 87.43 2.84
N ALA B 293 -31.52 86.62 2.67
CA ALA B 293 -30.29 87.06 2.01
C ALA B 293 -30.37 87.07 0.48
N GLY B 294 -31.42 86.49 -0.10
CA GLY B 294 -31.61 86.51 -1.56
C GLY B 294 -31.44 85.17 -2.26
N ALA B 295 -31.27 84.10 -1.49
CA ALA B 295 -31.23 82.75 -2.04
C ALA B 295 -32.64 82.23 -2.37
N LYS B 296 -32.70 81.09 -3.04
CA LYS B 296 -33.98 80.45 -3.40
C LYS B 296 -34.16 79.16 -2.65
N THR B 297 -35.43 78.81 -2.43
CA THR B 297 -35.79 77.54 -1.85
C THR B 297 -36.64 76.76 -2.80
N TYR B 298 -36.59 75.44 -2.68
CA TYR B 298 -37.41 74.55 -3.49
C TYR B 298 -37.86 73.35 -2.66
N LYS B 299 -38.98 72.74 -3.05
CA LYS B 299 -39.42 71.51 -2.42
C LYS B 299 -38.65 70.34 -2.99
N MET B 300 -38.04 69.56 -2.11
CA MET B 300 -37.19 68.44 -2.56
C MET B 300 -38.06 67.29 -3.05
N SER B 301 -37.62 66.62 -4.10
CA SER B 301 -38.32 65.41 -4.54
C SER B 301 -37.99 64.25 -3.60
N MET B 302 -36.77 64.26 -3.07
CA MET B 302 -36.34 63.32 -2.03
CA MET B 302 -36.34 63.32 -2.03
C MET B 302 -36.02 64.12 -0.77
N ALA B 303 -36.94 64.11 0.19
CA ALA B 303 -36.75 64.82 1.44
C ALA B 303 -35.62 64.20 2.27
N ASN B 304 -35.14 64.92 3.28
CA ASN B 304 -34.17 64.40 4.24
C ASN B 304 -34.86 64.23 5.60
N ARG B 305 -35.18 62.99 5.93
CA ARG B 305 -35.89 62.67 7.18
C ARG B 305 -35.31 61.41 7.77
N GLY B 306 -34.46 61.56 8.75
CA GLY B 306 -33.83 60.44 9.42
C GLY B 306 -32.90 60.92 10.51
N GLN B 307 -32.21 59.97 11.13
CA GLN B 307 -31.20 60.24 12.14
C GLN B 307 -29.81 59.79 11.72
N ASN B 308 -29.66 59.42 10.45
CA ASN B 308 -28.41 58.90 9.92
C ASN B 308 -27.97 59.69 8.71
N GLN B 309 -28.31 60.98 8.67
CA GLN B 309 -28.01 61.86 7.54
C GLN B 309 -26.58 62.42 7.67
N PRO B 310 -25.69 62.03 6.76
CA PRO B 310 -24.30 62.46 6.85
C PRO B 310 -24.08 63.83 6.22
N VAL B 311 -23.43 64.72 6.94
CA VAL B 311 -23.07 65.99 6.37
C VAL B 311 -21.57 66.20 6.47
N LEU B 312 -21.05 67.02 5.58
CA LEU B 312 -19.64 67.35 5.55
C LEU B 312 -19.48 68.85 5.77
N ASN B 313 -18.58 69.22 6.69
CA ASN B 313 -18.14 70.58 6.84
C ASN B 313 -17.24 70.88 5.66
N ILE B 314 -17.67 71.79 4.81
CA ILE B 314 -16.94 72.10 3.58
C ILE B 314 -15.57 72.72 3.86
N THR B 315 -15.43 73.51 4.91
CA THR B 315 -14.16 74.16 5.23
C THR B 315 -13.03 73.18 5.53
N ASN B 316 -13.32 72.14 6.32
CA ASN B 316 -12.28 71.26 6.87
C ASN B 316 -12.53 69.76 6.65
N LYS B 317 -13.61 69.42 5.95
CA LYS B 317 -13.89 68.05 5.55
C LYS B 317 -14.25 67.09 6.69
N GLN B 318 -14.54 67.58 7.89
CA GLN B 318 -15.05 66.71 8.93
C GLN B 318 -16.49 66.34 8.63
N ALA B 319 -16.82 65.08 8.96
CA ALA B 319 -18.11 64.49 8.72
C ALA B 319 -18.82 64.31 10.04
N PHE B 320 -20.14 64.47 10.00
CA PHE B 320 -21.00 64.32 11.15
C PHE B 320 -22.27 63.60 10.71
N ILE B 321 -22.81 62.78 11.58
CA ILE B 321 -24.12 62.18 11.37
C ILE B 321 -25.10 63.08 12.06
N THR B 322 -26.22 63.32 11.40
CA THR B 322 -27.19 64.31 11.87
C THR B 322 -28.60 63.77 11.84
N ALA B 323 -29.45 64.40 12.61
CA ALA B 323 -30.90 64.23 12.49
C ALA B 323 -31.45 65.37 11.65
N GLN B 324 -32.29 65.00 10.69
CA GLN B 324 -32.94 65.94 9.83
C GLN B 324 -34.39 65.57 9.65
N ASN B 325 -35.19 66.59 9.42
CA ASN B 325 -36.58 66.41 9.15
C ASN B 325 -37.09 67.61 8.36
N HIS B 326 -36.71 67.67 7.09
CA HIS B 326 -37.12 68.78 6.24
C HIS B 326 -37.39 68.31 4.81
N GLY B 327 -38.36 68.96 4.18
CA GLY B 327 -38.76 68.68 2.79
C GLY B 327 -38.52 69.83 1.82
N TYR B 328 -38.05 70.96 2.32
CA TYR B 328 -37.67 72.05 1.47
C TYR B 328 -36.20 72.29 1.71
N ALA B 329 -35.54 72.78 0.68
CA ALA B 329 -34.10 73.02 0.72
C ALA B 329 -33.71 74.33 0.05
N LEU B 330 -32.48 74.73 0.34
CA LEU B 330 -31.90 75.94 -0.20
C LEU B 330 -31.18 75.58 -1.47
N ASP B 331 -31.38 76.38 -2.51
CA ASP B 331 -30.61 76.23 -3.71
C ASP B 331 -29.12 76.45 -3.40
N ASN B 332 -28.25 75.64 -4.04
CA ASN B 332 -26.80 75.73 -3.81
C ASN B 332 -26.12 77.00 -4.30
N THR B 333 -26.80 77.77 -5.14
CA THR B 333 -26.28 79.03 -5.62
C THR B 333 -26.66 80.17 -4.67
N LEU B 334 -25.70 80.61 -3.85
CA LEU B 334 -25.94 81.62 -2.79
C LEU B 334 -25.60 83.03 -3.24
N PRO B 335 -26.25 84.03 -2.63
CA PRO B 335 -25.93 85.42 -2.96
C PRO B 335 -24.59 85.88 -2.41
N ALA B 336 -24.04 86.92 -3.02
CA ALA B 336 -22.77 87.49 -2.59
C ALA B 336 -22.70 87.69 -1.08
N GLY B 337 -21.56 87.32 -0.50
CA GLY B 337 -21.30 87.46 0.93
C GLY B 337 -21.63 86.23 1.76
N TRP B 338 -22.35 85.27 1.17
CA TRP B 338 -22.72 84.05 1.85
C TRP B 338 -22.02 82.86 1.24
N LYS B 339 -21.68 81.90 2.08
CA LYS B 339 -20.97 80.69 1.68
C LYS B 339 -21.59 79.46 2.30
N PRO B 340 -21.45 78.31 1.64
CA PRO B 340 -21.97 77.09 2.22
C PRO B 340 -21.08 76.68 3.37
N LEU B 341 -21.68 76.14 4.42
CA LEU B 341 -20.96 75.68 5.58
C LEU B 341 -20.96 74.15 5.62
N PHE B 342 -22.12 73.53 5.47
CA PHE B 342 -22.22 72.07 5.40
C PHE B 342 -22.90 71.63 4.13
N VAL B 343 -22.53 70.42 3.65
CA VAL B 343 -23.13 69.79 2.46
C VAL B 343 -23.52 68.34 2.80
N ASN B 344 -24.58 67.86 2.18
CA ASN B 344 -25.05 66.51 2.38
C ASN B 344 -24.20 65.55 1.57
N VAL B 345 -23.70 64.51 2.20
CA VAL B 345 -22.77 63.61 1.55
C VAL B 345 -23.48 62.69 0.54
N ASN B 346 -24.74 62.36 0.79
CA ASN B 346 -25.51 61.48 -0.09
C ASN B 346 -26.02 62.16 -1.36
N ASP B 347 -26.58 63.34 -1.22
CA ASP B 347 -27.33 63.97 -2.31
C ASP B 347 -26.87 65.40 -2.67
N GLN B 348 -25.77 65.87 -2.06
CA GLN B 348 -25.11 67.12 -2.41
C GLN B 348 -25.91 68.39 -2.09
N THR B 349 -27.02 68.27 -1.37
CA THR B 349 -27.86 69.41 -1.04
C THR B 349 -27.24 70.25 0.06
N ASN B 350 -27.61 71.53 0.09
CA ASN B 350 -27.09 72.44 1.09
C ASN B 350 -27.57 72.01 2.48
N GLU B 351 -26.66 72.02 3.45
CA GLU B 351 -27.00 71.68 4.81
C GLU B 351 -26.61 72.79 5.79
N GLY B 352 -26.31 73.97 5.28
CA GLY B 352 -25.96 75.08 6.14
C GLY B 352 -25.20 76.16 5.38
N ILE B 353 -25.28 77.37 5.92
CA ILE B 353 -24.67 78.52 5.30
C ILE B 353 -24.04 79.43 6.35
N MET B 354 -23.20 80.34 5.88
CA MET B 354 -22.54 81.31 6.75
C MET B 354 -22.27 82.58 5.96
N HIS B 355 -22.26 83.71 6.67
CA HIS B 355 -21.81 84.96 6.10
C HIS B 355 -20.28 84.95 6.10
N GLU B 356 -19.68 85.59 5.10
CA GLU B 356 -18.21 85.64 4.95
C GLU B 356 -17.44 86.36 6.08
N SER B 357 -18.06 87.38 6.69
CA SER B 357 -17.41 88.18 7.73
C SER B 357 -18.24 88.41 9.01
N LYS B 358 -19.56 88.32 8.92
CA LYS B 358 -20.42 88.58 10.08
C LYS B 358 -20.77 87.28 10.79
N PRO B 359 -21.08 87.33 12.10
CA PRO B 359 -21.33 86.10 12.86
C PRO B 359 -22.74 85.52 12.66
N PHE B 360 -23.11 85.33 11.39
CA PHE B 360 -24.42 84.81 11.01
C PHE B 360 -24.15 83.46 10.37
N PHE B 361 -24.88 82.44 10.79
CA PHE B 361 -24.74 81.13 10.21
C PHE B 361 -25.99 80.33 10.52
N ALA B 362 -26.17 79.26 9.76
CA ALA B 362 -27.31 78.40 9.95
C ALA B 362 -27.03 76.98 9.46
N VAL B 363 -27.77 76.04 10.01
CA VAL B 363 -27.69 74.65 9.61
C VAL B 363 -29.08 74.09 9.33
N GLN B 364 -29.12 73.14 8.40
CA GLN B 364 -30.35 72.56 7.90
C GLN B 364 -30.80 71.38 8.76
N PHE B 365 -29.88 70.86 9.54
CA PHE B 365 -30.15 69.75 10.41
C PHE B 365 -30.46 70.28 11.82
N HIS B 366 -30.75 69.36 12.74
CA HIS B 366 -31.10 69.70 14.11
C HIS B 366 -30.03 69.28 15.09
N PRO B 367 -29.14 70.21 15.47
CA PRO B 367 -28.13 69.84 16.45
C PRO B 367 -28.66 69.55 17.86
N GLU B 368 -29.86 69.99 18.16
CA GLU B 368 -30.53 69.65 19.43
C GLU B 368 -31.03 68.20 19.46
N VAL B 369 -31.02 67.55 18.29
CA VAL B 369 -31.53 66.18 18.08
C VAL B 369 -32.78 65.87 18.91
N THR B 370 -32.80 64.80 19.71
CA THR B 370 -33.97 64.43 20.47
C THR B 370 -35.18 64.18 19.57
N PRO B 371 -35.15 63.07 18.81
CA PRO B 371 -34.14 62.03 18.81
C PRO B 371 -32.99 62.27 17.83
N GLY B 372 -31.91 61.54 17.99
CA GLY B 372 -30.83 61.55 17.03
C GLY B 372 -29.46 61.72 17.65
N PRO B 373 -28.43 61.59 16.84
CA PRO B 373 -27.03 61.52 17.31
C PRO B 373 -26.52 62.82 17.88
N ILE B 374 -25.90 62.73 19.05
CA ILE B 374 -25.39 63.90 19.72
C ILE B 374 -23.96 64.16 19.22
N ASP B 375 -23.85 64.55 17.95
CA ASP B 375 -22.56 64.78 17.31
C ASP B 375 -22.34 66.27 17.01
N THR B 376 -23.37 67.09 17.04
CA THR B 376 -23.25 68.47 16.55
C THR B 376 -23.72 69.53 17.55
N GLU B 377 -23.87 69.12 18.80
CA GLU B 377 -24.22 70.03 19.86
C GLU B 377 -23.21 71.15 20.02
N TYR B 378 -21.95 70.92 19.63
CA TYR B 378 -20.91 71.96 19.73
C TYR B 378 -21.31 73.27 19.00
N LEU B 379 -22.26 73.19 18.06
CA LEU B 379 -22.74 74.39 17.40
C LEU B 379 -23.42 75.39 18.36
N PHE B 380 -24.00 74.90 19.44
CA PHE B 380 -24.50 75.80 20.48
C PHE B 380 -23.35 76.49 21.21
N ASP B 381 -22.29 75.73 21.54
CA ASP B 381 -21.09 76.35 22.11
C ASP B 381 -20.58 77.45 21.18
N SER B 382 -20.52 77.17 19.89
CA SER B 382 -20.05 78.13 18.89
C SER B 382 -20.85 79.42 18.92
N PHE B 383 -22.16 79.28 18.95
CA PHE B 383 -23.07 80.41 19.01
C PHE B 383 -22.72 81.30 20.19
N PHE B 384 -22.59 80.71 21.37
CA PHE B 384 -22.26 81.49 22.57
C PHE B 384 -20.85 82.09 22.56
N SER B 385 -19.91 81.40 21.92
CA SER B 385 -18.56 81.95 21.73
C SER B 385 -18.58 83.19 20.84
N LEU B 386 -19.39 83.18 19.79
CA LEU B 386 -19.52 84.35 18.93
C LEU B 386 -20.10 85.52 19.71
N ILE B 387 -21.07 85.23 20.58
CA ILE B 387 -21.69 86.26 21.42
C ILE B 387 -20.67 86.83 22.39
N LYS B 388 -19.94 85.93 23.05
CA LYS B 388 -19.02 86.31 24.11
C LYS B 388 -17.79 87.07 23.60
N LYS B 389 -17.26 86.67 22.45
CA LYS B 389 -16.12 87.37 21.83
C LYS B 389 -16.59 88.71 21.24
N GLY B 390 -17.53 88.62 20.31
CA GLY B 390 -18.32 89.77 19.87
C GLY B 390 -17.62 90.91 19.15
N LYS B 391 -16.79 90.57 18.17
CA LYS B 391 -16.11 91.56 17.35
C LYS B 391 -16.22 91.10 15.90
N ALA B 392 -17.48 90.92 15.50
CA ALA B 392 -17.83 90.34 14.19
C ALA B 392 -16.78 89.32 13.74
N THR B 393 -16.65 88.26 14.52
CA THR B 393 -15.82 87.12 14.18
C THR B 393 -16.63 86.26 13.20
N THR B 394 -15.97 85.36 12.50
CA THR B 394 -16.65 84.43 11.60
C THR B 394 -16.91 83.10 12.31
N ILE B 395 -17.90 82.36 11.81
CA ILE B 395 -18.21 81.05 12.37
C ILE B 395 -17.00 80.11 12.27
N THR B 396 -16.23 80.24 11.19
CA THR B 396 -15.08 79.37 10.98
C THR B 396 -14.11 79.40 12.16
N SER B 397 -13.91 80.60 12.70
CA SER B 397 -12.90 80.79 13.73
C SER B 397 -13.28 80.18 15.08
N VAL B 398 -14.56 79.84 15.26
CA VAL B 398 -15.01 79.21 16.50
C VAL B 398 -15.47 77.78 16.26
N LEU B 399 -15.04 77.18 15.17
CA LEU B 399 -15.39 75.78 14.98
C LEU B 399 -14.29 74.87 15.46
N PRO B 400 -14.64 73.61 15.78
CA PRO B 400 -13.61 72.64 16.10
C PRO B 400 -12.57 72.59 14.98
N LYS B 401 -11.29 72.63 15.36
CA LYS B 401 -10.21 72.50 14.41
C LYS B 401 -10.03 70.99 14.31
N PRO B 402 -9.84 70.46 13.09
CA PRO B 402 -9.50 69.05 12.98
C PRO B 402 -8.14 68.76 13.63
N ALA B 403 -7.99 67.56 14.18
CA ALA B 403 -6.68 67.06 14.59
C ALA B 403 -5.84 66.88 13.33
N LEU B 404 -4.84 67.72 13.12
CA LEU B 404 -3.98 67.60 11.94
C LEU B 404 -3.23 66.28 12.00
N VAL B 405 -3.22 65.55 10.89
CA VAL B 405 -2.70 64.18 10.83
C VAL B 405 -1.69 64.06 9.70
N ALA B 406 -0.63 63.27 9.91
CA ALA B 406 0.43 63.10 8.92
C ALA B 406 -0.04 62.17 7.79
N SER B 407 -1.09 62.61 7.10
CA SER B 407 -1.75 61.86 6.05
C SER B 407 -0.97 62.05 4.76
N ARG B 408 -0.89 61.07 3.85
CA ARG B 408 -1.64 59.79 3.87
C ARG B 408 -0.68 58.65 3.59
N VAL B 409 -0.94 57.48 4.17
CA VAL B 409 -0.01 56.35 4.13
C VAL B 409 0.16 55.78 2.70
N GLU B 410 1.42 55.69 2.27
CA GLU B 410 1.73 55.16 0.93
C GLU B 410 2.15 53.69 1.02
N VAL B 411 1.40 52.82 0.34
CA VAL B 411 1.60 51.38 0.48
C VAL B 411 1.66 50.70 -0.87
N SER B 412 2.73 49.94 -1.09
CA SER B 412 2.93 49.19 -2.31
C SER B 412 2.60 47.72 -2.17
N LYS B 413 2.93 47.15 -1.02
CA LYS B 413 2.74 45.74 -0.79
C LYS B 413 2.33 45.49 0.65
N VAL B 414 1.27 44.73 0.84
CA VAL B 414 0.72 44.46 2.15
C VAL B 414 0.70 42.97 2.45
N LEU B 415 1.08 42.65 3.68
CA LEU B 415 1.00 41.31 4.19
C LEU B 415 -0.24 41.17 5.09
N ILE B 416 -1.09 40.22 4.71
CA ILE B 416 -2.31 39.96 5.42
C ILE B 416 -2.19 38.62 6.11
N LEU B 417 -2.31 38.63 7.43
CA LEU B 417 -2.29 37.40 8.21
C LEU B 417 -3.67 36.76 8.25
N GLY B 418 -3.78 35.61 7.60
CA GLY B 418 -5.05 34.92 7.50
C GLY B 418 -5.36 34.13 8.74
N SER B 419 -6.36 33.26 8.62
CA SER B 419 -6.84 32.48 9.75
C SER B 419 -5.81 31.42 10.15
N GLY B 420 -5.56 31.29 11.45
CA GLY B 420 -4.41 30.52 11.96
C GLY B 420 -4.70 29.51 13.06
N GLY B 421 -3.65 29.18 13.80
CA GLY B 421 -3.69 28.11 14.80
C GLY B 421 -4.26 28.55 16.12
N LEU B 422 -3.88 27.86 17.20
CA LEU B 422 -4.52 28.07 18.50
C LEU B 422 -3.93 29.24 19.27
N SER B 423 -4.82 30.01 19.90
CA SER B 423 -4.45 30.89 21.01
C SER B 423 -5.06 30.31 22.28
N ILE B 424 -4.37 30.51 23.40
CA ILE B 424 -4.85 30.05 24.71
C ILE B 424 -6.14 30.80 25.08
N GLY B 425 -7.26 30.09 25.15
CA GLY B 425 -8.56 30.68 25.48
C GLY B 425 -9.46 30.88 24.27
N GLN B 426 -8.91 31.46 23.20
CA GLN B 426 -9.64 31.61 21.93
C GLN B 426 -9.42 30.39 21.04
N ALA B 427 -9.52 29.20 21.62
CA ALA B 427 -9.21 27.96 20.92
C ALA B 427 -10.34 27.58 19.96
N GLY B 428 -9.97 27.17 18.74
CA GLY B 428 -10.92 26.78 17.69
C GLY B 428 -11.48 27.90 16.82
N GLU B 429 -11.16 29.16 17.16
CA GLU B 429 -11.62 30.32 16.41
C GLU B 429 -11.09 30.32 14.98
N PHE B 430 -11.94 30.70 14.02
CA PHE B 430 -11.51 30.95 12.63
C PHE B 430 -12.11 32.26 12.08
N ASP B 431 -11.34 32.94 11.23
CA ASP B 431 -11.74 34.23 10.67
C ASP B 431 -11.16 34.42 9.27
N TYR B 432 -12.03 34.41 8.26
CA TYR B 432 -11.64 34.48 6.84
C TYR B 432 -11.93 35.86 6.20
N SER B 433 -12.00 36.88 7.06
CA SER B 433 -12.24 38.28 6.66
C SER B 433 -11.05 38.89 5.91
N GLY B 434 -9.89 38.26 6.02
CA GLY B 434 -8.73 38.69 5.25
C GLY B 434 -8.95 38.73 3.74
N SER B 435 -9.89 37.95 3.22
CA SER B 435 -10.19 37.97 1.78
C SER B 435 -10.82 39.28 1.33
N GLN B 436 -11.59 39.88 2.23
CA GLN B 436 -12.19 41.20 1.99
C GLN B 436 -11.10 42.25 2.00
N ALA B 437 -10.12 42.07 2.86
CA ALA B 437 -8.95 42.93 2.85
C ALA B 437 -8.22 42.83 1.51
N VAL B 438 -8.00 41.60 1.04
CA VAL B 438 -7.35 41.38 -0.24
C VAL B 438 -8.07 42.14 -1.31
N LYS B 439 -9.40 42.04 -1.28
CA LYS B 439 -10.25 42.67 -2.27
C LYS B 439 -10.12 44.20 -2.23
N ALA B 440 -10.05 44.75 -1.03
CA ALA B 440 -9.91 46.21 -0.87
C ALA B 440 -8.57 46.72 -1.39
N MET B 441 -7.50 45.98 -1.09
CA MET B 441 -6.15 46.33 -1.53
C MET B 441 -6.02 46.30 -3.05
N LYS B 442 -6.57 45.26 -3.67
CA LYS B 442 -6.55 45.09 -5.13
C LYS B 442 -7.20 46.27 -5.83
N GLU B 443 -8.35 46.71 -5.34
CA GLU B 443 -9.03 47.89 -5.92
C GLU B 443 -8.20 49.17 -5.84
N GLU B 444 -7.28 49.24 -4.88
CA GLU B 444 -6.39 50.38 -4.75
C GLU B 444 -4.99 50.10 -5.34
N ASN B 445 -4.86 49.01 -6.11
CA ASN B 445 -3.60 48.67 -6.78
C ASN B 445 -2.44 48.43 -5.84
N VAL B 446 -2.75 47.80 -4.71
CA VAL B 446 -1.78 47.47 -3.70
C VAL B 446 -1.56 45.97 -3.83
N LYS B 447 -0.30 45.55 -3.91
CA LYS B 447 0.01 44.14 -4.00
C LYS B 447 -0.20 43.45 -2.65
N THR B 448 -0.67 42.21 -2.73
CA THR B 448 -1.10 41.49 -1.57
C THR B 448 -0.37 40.18 -1.42
N VAL B 449 0.03 39.91 -0.18
CA VAL B 449 0.55 38.62 0.23
C VAL B 449 -0.32 38.14 1.37
N LEU B 450 -0.77 36.90 1.28
CA LEU B 450 -1.61 36.30 2.31
C LEU B 450 -0.98 35.04 2.84
N MET B 451 -1.01 34.90 4.17
CA MET B 451 -0.61 33.66 4.84
C MET B 451 -1.80 32.91 5.42
N ASN B 452 -1.85 31.61 5.12
CA ASN B 452 -2.82 30.69 5.67
C ASN B 452 -2.23 29.31 5.47
N PRO B 453 -2.03 28.56 6.55
CA PRO B 453 -1.30 27.29 6.43
C PRO B 453 -2.13 26.15 5.83
N ASN B 454 -3.45 26.26 5.90
CA ASN B 454 -4.33 25.23 5.40
C ASN B 454 -4.46 25.24 3.85
N ILE B 455 -3.94 24.20 3.22
CA ILE B 455 -3.95 24.12 1.75
C ILE B 455 -5.36 23.94 1.17
N ALA B 456 -6.32 23.49 1.98
CA ALA B 456 -7.71 23.34 1.53
C ALA B 456 -8.67 24.40 2.11
N SER B 457 -8.13 25.51 2.57
CA SER B 457 -8.96 26.56 3.14
C SER B 457 -9.83 27.24 2.08
N VAL B 458 -11.05 27.54 2.48
CA VAL B 458 -11.95 28.32 1.66
C VAL B 458 -11.35 29.69 1.34
N GLN B 459 -10.63 30.27 2.30
CA GLN B 459 -9.96 31.57 2.09
C GLN B 459 -9.06 31.63 0.86
N THR B 460 -8.34 30.54 0.58
CA THR B 460 -7.44 30.48 -0.57
C THR B 460 -8.05 29.71 -1.77
N ASN B 461 -9.36 29.48 -1.72
CA ASN B 461 -10.07 28.91 -2.85
C ASN B 461 -10.73 30.03 -3.67
N GLU B 462 -9.93 31.03 -4.05
CA GLU B 462 -10.44 32.25 -4.68
C GLU B 462 -9.64 32.47 -5.94
N VAL B 463 -10.31 32.92 -7.00
CA VAL B 463 -9.64 33.14 -8.28
C VAL B 463 -10.01 34.45 -8.94
N GLY B 464 -10.52 35.41 -8.16
CA GLY B 464 -10.86 36.73 -8.69
C GLY B 464 -10.23 37.85 -7.89
N LEU B 465 -11.07 38.82 -7.52
CA LEU B 465 -10.65 40.00 -6.79
C LEU B 465 -10.27 39.66 -5.36
N LYS B 466 -10.71 38.50 -4.88
CA LYS B 466 -10.41 38.07 -3.52
C LYS B 466 -9.19 37.16 -3.46
N GLN B 467 -8.53 36.94 -4.58
CA GLN B 467 -7.34 36.12 -4.60
C GLN B 467 -6.10 37.00 -4.41
N ALA B 468 -5.33 36.72 -3.37
CA ALA B 468 -4.05 37.40 -3.14
C ALA B 468 -3.07 37.18 -4.28
N ASP B 469 -2.18 38.13 -4.48
CA ASP B 469 -1.19 38.00 -5.54
C ASP B 469 -0.21 36.87 -5.23
N THR B 470 0.10 36.72 -3.95
CA THR B 470 0.97 35.65 -3.51
C THR B 470 0.39 35.05 -2.24
N VAL B 471 0.36 33.72 -2.18
CA VAL B 471 -0.09 33.02 -0.98
C VAL B 471 1.06 32.19 -0.41
N TYR B 472 1.29 32.28 0.89
CA TYR B 472 2.23 31.41 1.60
C TYR B 472 1.44 30.51 2.51
N PHE B 473 1.59 29.20 2.33
CA PHE B 473 0.94 28.22 3.17
C PHE B 473 1.88 27.90 4.32
N LEU B 474 2.02 28.86 5.23
CA LEU B 474 2.88 28.74 6.41
C LEU B 474 2.09 29.01 7.69
N PRO B 475 2.51 28.45 8.82
CA PRO B 475 1.87 28.74 10.10
C PRO B 475 1.90 30.22 10.45
N ILE B 476 0.86 30.69 11.12
CA ILE B 476 0.82 32.07 11.63
C ILE B 476 1.52 32.07 12.97
N THR B 477 2.86 32.11 12.93
CA THR B 477 3.69 32.29 14.09
C THR B 477 4.80 33.31 13.77
N PRO B 478 5.37 33.95 14.80
CA PRO B 478 6.41 34.97 14.61
C PRO B 478 7.57 34.56 13.71
N GLN B 479 8.08 33.35 13.93
CA GLN B 479 9.15 32.80 13.10
C GLN B 479 8.80 32.81 11.61
N PHE B 480 7.66 32.23 11.27
CA PHE B 480 7.28 32.10 9.86
C PHE B 480 6.85 33.41 9.24
N VAL B 481 6.16 34.24 10.02
CA VAL B 481 5.78 35.55 9.54
C VAL B 481 7.05 36.36 9.25
N THR B 482 8.06 36.20 10.09
CA THR B 482 9.33 36.91 9.88
C THR B 482 9.97 36.50 8.55
N GLU B 483 9.91 35.21 8.21
CA GLU B 483 10.48 34.71 6.95
C GLU B 483 9.78 35.27 5.71
N VAL B 484 8.46 35.39 5.78
CA VAL B 484 7.69 35.98 4.68
C VAL B 484 8.00 37.47 4.52
N ILE B 485 8.18 38.16 5.65
CA ILE B 485 8.61 39.56 5.59
C ILE B 485 9.98 39.69 4.91
N LYS B 486 10.95 38.86 5.29
CA LYS B 486 12.27 38.88 4.65
C LYS B 486 12.18 38.63 3.15
N ALA B 487 11.32 37.72 2.74
CA ALA B 487 11.24 37.31 1.35
C ALA B 487 10.50 38.32 0.47
N GLU B 488 9.42 38.90 1.00
CA GLU B 488 8.52 39.74 0.21
C GLU B 488 8.74 41.23 0.44
N GLN B 489 9.30 41.59 1.59
CA GLN B 489 9.56 42.98 1.94
C GLN B 489 8.31 43.83 1.80
N PRO B 490 7.23 43.42 2.45
CA PRO B 490 6.04 44.25 2.43
C PRO B 490 6.32 45.54 3.20
N ASP B 491 5.69 46.63 2.80
CA ASP B 491 5.78 47.86 3.59
C ASP B 491 4.59 48.02 4.55
N GLY B 492 3.55 47.21 4.38
CA GLY B 492 2.40 47.23 5.26
C GLY B 492 2.01 45.85 5.79
N LEU B 493 1.50 45.82 7.02
CA LEU B 493 0.92 44.62 7.63
C LEU B 493 -0.52 44.86 8.14
N ILE B 494 -1.40 43.91 7.80
CA ILE B 494 -2.73 43.82 8.40
C ILE B 494 -2.78 42.61 9.35
N LEU B 495 -3.05 42.89 10.63
CA LEU B 495 -2.96 41.88 11.70
C LEU B 495 -4.26 41.69 12.51
N GLY B 496 -5.33 42.40 12.14
CA GLY B 496 -6.58 42.36 12.91
C GLY B 496 -7.70 41.61 12.21
N MET B 497 -7.37 40.86 11.15
CA MET B 497 -8.40 40.16 10.38
C MET B 497 -8.20 38.65 10.28
N GLY B 498 -7.37 38.09 11.15
CA GLY B 498 -7.15 36.64 11.23
C GLY B 498 -7.35 36.10 12.64
N GLY B 499 -8.21 36.75 13.43
CA GLY B 499 -8.47 36.31 14.80
C GLY B 499 -7.35 36.59 15.78
N GLN B 500 -7.43 35.95 16.94
CA GLN B 500 -6.56 36.26 18.06
C GLN B 500 -5.13 35.89 17.76
N THR B 501 -4.93 34.74 17.13
CA THR B 501 -3.59 34.24 16.86
C THR B 501 -2.79 35.18 15.95
N ALA B 502 -3.42 35.67 14.91
CA ALA B 502 -2.81 36.65 14.03
C ALA B 502 -2.54 37.96 14.78
N LEU B 503 -3.49 38.41 15.60
CA LEU B 503 -3.25 39.62 16.41
C LEU B 503 -2.03 39.44 17.31
N ASN B 504 -2.00 38.37 18.08
CA ASN B 504 -0.86 38.11 18.97
C ASN B 504 0.46 37.99 18.23
N CYS B 505 0.42 37.43 17.04
CA CYS B 505 1.63 37.25 16.26
C CYS B 505 2.17 38.61 15.79
N GLY B 506 1.27 39.47 15.32
CA GLY B 506 1.61 40.82 14.92
C GLY B 506 2.16 41.67 16.05
N VAL B 507 1.48 41.62 17.20
CA VAL B 507 1.91 42.38 18.38
C VAL B 507 3.28 41.93 18.83
N GLU B 508 3.51 40.62 18.82
CA GLU B 508 4.78 40.04 19.22
C GLU B 508 5.92 40.51 18.31
N LEU B 509 5.67 40.56 17.00
CA LEU B 509 6.67 41.03 16.06
C LEU B 509 7.01 42.52 16.25
N PHE B 510 6.00 43.32 16.57
CA PHE B 510 6.17 44.72 16.90
C PHE B 510 7.10 44.85 18.10
N LYS B 511 6.77 44.14 19.18
CA LYS B 511 7.53 44.18 20.43
C LYS B 511 8.98 43.77 20.29
N ARG B 512 9.25 42.77 19.47
CA ARG B 512 10.64 42.32 19.24
C ARG B 512 11.45 43.24 18.32
N GLY B 513 10.82 44.26 17.75
CA GLY B 513 11.53 45.16 16.82
C GLY B 513 11.66 44.62 15.39
N VAL B 514 10.97 43.52 15.07
CA VAL B 514 11.04 42.96 13.72
C VAL B 514 10.34 43.85 12.69
N LEU B 515 9.18 44.40 13.03
CA LEU B 515 8.50 45.30 12.09
C LEU B 515 9.33 46.56 11.80
N LYS B 516 9.93 47.13 12.84
CA LYS B 516 10.78 48.29 12.66
C LYS B 516 12.01 47.97 11.81
N GLU B 517 12.67 46.85 12.12
CA GLU B 517 13.86 46.48 11.40
C GLU B 517 13.61 46.35 9.89
N TYR B 518 12.46 45.78 9.50
CA TYR B 518 12.16 45.60 8.07
C TYR B 518 11.29 46.70 7.43
N GLY B 519 10.98 47.75 8.17
CA GLY B 519 10.22 48.88 7.64
C GLY B 519 8.79 48.53 7.31
N VAL B 520 8.15 47.75 8.18
CA VAL B 520 6.77 47.33 7.96
C VAL B 520 5.85 48.13 8.86
N LYS B 521 4.94 48.89 8.26
CA LYS B 521 3.98 49.69 9.03
C LYS B 521 2.81 48.80 9.39
N VAL B 522 2.39 48.84 10.64
CA VAL B 522 1.12 48.26 11.04
C VAL B 522 0.05 49.20 10.48
N LEU B 523 -0.81 48.67 9.61
CA LEU B 523 -1.85 49.48 8.99
C LEU B 523 -3.11 49.37 9.81
N GLY B 524 -3.73 50.52 10.07
CA GLY B 524 -4.92 50.56 10.89
C GLY B 524 -4.56 50.98 12.31
N THR B 525 -5.28 50.43 13.26
CA THR B 525 -5.06 50.73 14.67
C THR B 525 -3.64 50.31 15.03
N SER B 526 -2.94 51.19 15.74
CA SER B 526 -1.55 50.95 16.14
C SER B 526 -1.49 49.89 17.23
N VAL B 527 -0.31 49.28 17.35
CA VAL B 527 -0.10 48.23 18.33
C VAL B 527 -0.23 48.79 19.74
N GLU B 528 0.25 50.00 19.95
CA GLU B 528 0.08 50.68 21.26
C GLU B 528 -1.40 50.70 21.68
N SER B 529 -2.28 51.12 20.76
CA SER B 529 -3.71 51.16 21.04
C SER B 529 -4.30 49.78 21.28
N ILE B 530 -3.93 48.82 20.44
CA ILE B 530 -4.39 47.43 20.59
C ILE B 530 -4.05 46.88 21.97
N MET B 531 -2.81 47.08 22.38
CA MET B 531 -2.34 46.59 23.67
C MET B 531 -3.16 47.20 24.83
N ALA B 532 -3.55 48.47 24.67
CA ALA B 532 -4.39 49.14 25.66
C ALA B 532 -5.78 48.51 25.77
N THR B 533 -6.27 47.88 24.70
CA THR B 533 -7.58 47.21 24.76
C THR B 533 -7.46 45.75 25.20
N GLU B 534 -6.28 45.17 25.04
CA GLU B 534 -6.04 43.75 25.41
C GLU B 534 -5.70 43.60 26.90
N ASP B 535 -5.12 44.61 27.53
CA ASP B 535 -4.79 44.55 28.95
C ASP B 535 -5.76 45.35 29.80
N ARG B 536 -6.39 44.67 30.75
CA ARG B 536 -7.46 45.27 31.53
C ARG B 536 -7.00 46.48 32.37
N GLN B 537 -5.77 46.44 32.89
CA GLN B 537 -5.25 47.54 33.69
C GLN B 537 -4.99 48.79 32.83
N LEU B 538 -4.27 48.59 31.72
CA LEU B 538 -4.00 49.69 30.78
C LEU B 538 -5.32 50.26 30.24
N PHE B 539 -6.26 49.37 29.98
CA PHE B 539 -7.59 49.75 29.52
C PHE B 539 -8.27 50.64 30.54
N SER B 540 -8.26 50.22 31.80
CA SER B 540 -8.88 50.98 32.88
C SER B 540 -8.23 52.36 33.00
N ASP B 541 -6.89 52.38 32.90
CA ASP B 541 -6.13 53.62 32.98
C ASP B 541 -6.56 54.57 31.89
N LYS B 542 -6.54 54.09 30.64
CA LYS B 542 -6.91 54.92 29.50
C LYS B 542 -8.33 55.50 29.59
N LEU B 543 -9.29 54.69 30.05
CA LEU B 543 -10.67 55.17 30.19
C LEU B 543 -10.83 56.23 31.28
N ASN B 544 -10.02 56.16 32.32
CA ASN B 544 -10.10 57.15 33.40
C ASN B 544 -9.65 58.54 32.96
N GLU B 545 -8.85 58.63 31.89
CA GLU B 545 -8.44 59.92 31.35
C GLU B 545 -9.60 60.69 30.69
N ILE B 546 -10.73 60.01 30.48
CA ILE B 546 -11.93 60.66 29.95
C ILE B 546 -13.16 60.37 30.81
N ASN B 547 -12.93 60.09 32.10
CA ASN B 547 -14.01 59.89 33.10
C ASN B 547 -14.96 58.74 32.82
N GLU B 548 -14.41 57.68 32.26
CA GLU B 548 -15.17 56.46 32.07
C GLU B 548 -14.47 55.41 32.91
N LYS B 549 -15.23 54.44 33.41
CA LYS B 549 -14.73 53.51 34.40
C LYS B 549 -15.18 52.10 34.11
N ILE B 550 -14.84 51.21 35.04
CA ILE B 550 -15.41 49.87 35.08
C ILE B 550 -15.78 49.52 36.53
N SER B 614 -20.43 43.43 40.28
CA SER B 614 -21.54 42.64 39.72
C SER B 614 -22.56 43.48 38.94
N VAL B 615 -22.77 43.07 37.69
CA VAL B 615 -23.72 43.74 36.79
C VAL B 615 -24.71 42.73 36.21
N THR B 616 -25.03 41.70 37.02
CA THR B 616 -25.98 40.67 36.59
C THR B 616 -27.38 41.25 36.69
N GLY B 617 -28.18 41.04 35.64
CA GLY B 617 -29.50 41.66 35.53
C GLY B 617 -29.49 42.98 34.76
N TRP B 618 -28.30 43.48 34.43
CA TRP B 618 -28.18 44.71 33.69
C TRP B 618 -28.36 44.38 32.23
N LYS B 619 -28.81 45.33 31.43
CA LYS B 619 -28.95 45.10 29.99
C LYS B 619 -27.58 45.13 29.36
N GLU B 620 -27.31 44.19 28.45
CA GLU B 620 -26.06 44.12 27.72
C GLU B 620 -26.26 44.56 26.28
N ILE B 621 -25.58 45.64 25.92
CA ILE B 621 -25.76 46.28 24.66
C ILE B 621 -24.38 46.41 24.06
N GLU B 622 -24.26 46.14 22.78
CA GLU B 622 -22.98 46.36 22.09
C GLU B 622 -23.15 47.18 20.83
N TYR B 623 -22.08 47.89 20.49
CA TYR B 623 -22.03 48.72 19.30
C TYR B 623 -20.83 48.36 18.47
N GLU B 624 -20.99 48.39 17.15
CA GLU B 624 -19.89 48.29 16.22
C GLU B 624 -19.61 49.68 15.71
N VAL B 625 -18.38 50.12 15.92
CA VAL B 625 -17.98 51.45 15.55
C VAL B 625 -16.84 51.37 14.54
N VAL B 626 -16.90 52.28 13.58
CA VAL B 626 -15.88 52.46 12.58
C VAL B 626 -15.33 53.90 12.72
N ARG B 627 -14.00 54.03 12.70
CA ARG B 627 -13.35 55.33 12.74
C ARG B 627 -12.26 55.39 11.69
N ASP B 628 -12.27 56.43 10.85
CA ASP B 628 -11.24 56.57 9.82
C ASP B 628 -10.08 57.43 10.31
N ALA B 629 -9.03 57.55 9.48
CA ALA B 629 -7.81 58.27 9.87
C ALA B 629 -8.04 59.78 10.10
N ASP B 630 -9.05 60.34 9.45
CA ASP B 630 -9.43 61.75 9.63
C ASP B 630 -10.42 62.00 10.80
N ASP B 631 -10.55 61.02 11.70
CA ASP B 631 -11.37 61.18 12.90
C ASP B 631 -12.90 61.10 12.68
N ASN B 632 -13.36 60.88 11.45
CA ASN B 632 -14.74 60.54 11.20
C ASN B 632 -15.06 59.20 11.85
N CYS B 633 -16.24 59.12 12.43
CA CYS B 633 -16.55 58.06 13.36
C CYS B 633 -18.06 57.78 13.28
N VAL B 634 -18.44 56.56 12.91
CA VAL B 634 -19.84 56.17 12.85
C VAL B 634 -20.09 54.87 13.60
N THR B 635 -21.34 54.70 14.04
CA THR B 635 -21.83 53.51 14.65
C THR B 635 -22.62 52.76 13.60
N VAL B 636 -22.23 51.53 13.35
CA VAL B 636 -22.75 50.76 12.22
C VAL B 636 -23.85 49.81 12.64
N CYS B 637 -23.82 49.35 13.88
CA CYS B 637 -24.81 48.37 14.35
C CYS B 637 -24.82 48.40 15.86
N ASN B 638 -25.98 48.11 16.43
CA ASN B 638 -26.12 47.94 17.85
C ASN B 638 -26.95 46.71 18.09
N MET B 639 -26.71 46.07 19.22
CA MET B 639 -27.25 44.77 19.53
C MET B 639 -27.59 44.70 21.00
N GLU B 640 -28.63 43.95 21.32
CA GLU B 640 -29.07 43.74 22.67
C GLU B 640 -29.09 42.24 22.94
N ASN B 641 -28.41 41.80 24.00
CA ASN B 641 -28.53 40.43 24.44
C ASN B 641 -29.91 40.19 25.06
N VAL B 642 -30.60 39.15 24.62
CA VAL B 642 -31.89 38.80 25.19
C VAL B 642 -31.67 38.15 26.55
N ASP B 643 -30.76 37.18 26.62
CA ASP B 643 -30.50 36.41 27.86
C ASP B 643 -29.10 36.64 28.43
N THR B 649 -19.86 33.83 27.35
CA THR B 649 -20.03 35.28 27.15
C THR B 649 -20.83 35.57 25.88
N GLY B 650 -20.18 35.43 24.73
CA GLY B 650 -20.82 35.72 23.45
C GLY B 650 -21.49 34.50 22.85
N ASP B 651 -22.29 33.80 23.64
CA ASP B 651 -23.24 32.82 23.08
C ASP B 651 -24.62 33.00 23.75
N SER B 652 -25.02 34.26 23.72
CA SER B 652 -26.36 34.71 24.05
C SER B 652 -27.24 34.69 22.79
N VAL B 653 -28.54 34.67 23.02
CA VAL B 653 -29.49 35.11 22.03
C VAL B 653 -29.34 36.62 21.95
N VAL B 654 -29.18 37.12 20.73
CA VAL B 654 -28.95 38.52 20.47
C VAL B 654 -29.96 38.99 19.46
N VAL B 655 -30.45 40.22 19.62
CA VAL B 655 -31.22 40.85 18.57
C VAL B 655 -30.59 42.15 18.13
N ALA B 656 -30.80 42.49 16.87
CA ALA B 656 -30.33 43.75 16.31
C ALA B 656 -31.45 44.30 15.42
N PRO B 657 -31.73 45.60 15.52
CA PRO B 657 -31.21 46.52 16.53
C PRO B 657 -31.76 46.23 17.93
N ALA B 658 -31.18 46.94 18.89
CA ALA B 658 -31.64 46.85 20.26
C ALA B 658 -33.11 47.30 20.31
N GLN B 659 -33.89 46.67 21.18
CA GLN B 659 -35.32 46.88 21.19
C GLN B 659 -35.89 47.59 22.39
N THR B 660 -35.21 47.55 23.53
CA THR B 660 -35.80 48.05 24.76
C THR B 660 -35.22 49.38 25.31
N LEU B 661 -34.42 50.08 24.52
CA LEU B 661 -33.83 51.36 24.90
C LEU B 661 -34.60 52.58 24.44
N SER B 662 -34.60 53.60 25.28
CA SER B 662 -35.07 54.92 24.90
C SER B 662 -34.00 55.61 24.06
N ASN B 663 -34.41 56.68 23.38
CA ASN B 663 -33.49 57.55 22.70
C ASN B 663 -32.36 58.00 23.61
N ALA B 664 -32.70 58.48 24.81
CA ALA B 664 -31.72 59.01 25.73
C ALA B 664 -30.65 57.96 26.07
N GLU B 665 -31.07 56.73 26.31
CA GLU B 665 -30.15 55.67 26.65
C GLU B 665 -29.31 55.31 25.43
N PHE B 666 -29.97 55.11 24.30
CA PHE B 666 -29.28 54.72 23.08
C PHE B 666 -28.20 55.73 22.69
N GLN B 667 -28.54 57.02 22.78
CA GLN B 667 -27.65 58.08 22.33
C GLN B 667 -26.54 58.38 23.34
N MET B 668 -26.82 58.24 24.62
CA MET B 668 -25.78 58.31 25.63
C MET B 668 -24.71 57.20 25.36
N LEU B 669 -25.13 55.96 25.11
CA LEU B 669 -24.15 54.88 24.88
C LEU B 669 -23.42 55.03 23.57
N ARG B 670 -24.13 55.50 22.56
CA ARG B 670 -23.53 55.78 21.28
C ARG B 670 -22.44 56.82 21.44
N ARG B 671 -22.78 57.90 22.12
CA ARG B 671 -21.84 58.96 22.33
C ARG B 671 -20.59 58.45 23.04
N THR B 672 -20.77 57.68 24.10
CA THR B 672 -19.62 57.13 24.81
C THR B 672 -18.79 56.23 23.89
N SER B 673 -19.46 55.45 23.08
CA SER B 673 -18.76 54.58 22.14
C SER B 673 -17.80 55.38 21.30
N ILE B 674 -18.31 56.48 20.77
CA ILE B 674 -17.55 57.30 19.87
C ILE B 674 -16.38 57.96 20.61
N ASN B 675 -16.63 58.51 21.80
CA ASN B 675 -15.55 59.07 22.60
C ASN B 675 -14.47 58.08 22.98
N VAL B 676 -14.86 56.85 23.31
CA VAL B 676 -13.88 55.83 23.69
C VAL B 676 -13.03 55.44 22.47
N VAL B 677 -13.70 55.28 21.35
CA VAL B 677 -13.03 54.89 20.12
C VAL B 677 -12.06 55.96 19.63
N ARG B 678 -12.39 57.23 19.82
CA ARG B 678 -11.45 58.32 19.49
C ARG B 678 -10.26 58.35 20.41
N HIS B 679 -10.53 58.27 21.71
CA HIS B 679 -9.48 58.29 22.71
C HIS B 679 -8.49 57.12 22.56
N LEU B 680 -8.96 55.95 22.14
CA LEU B 680 -8.06 54.81 21.94
C LEU B 680 -7.32 54.86 20.62
N GLY B 681 -7.69 55.78 19.73
CA GLY B 681 -7.03 55.87 18.42
C GLY B 681 -7.33 54.71 17.47
N ILE B 682 -8.56 54.17 17.54
CA ILE B 682 -9.00 53.13 16.60
C ILE B 682 -9.03 53.70 15.17
N VAL B 683 -8.40 52.99 14.25
CA VAL B 683 -8.44 53.34 12.86
C VAL B 683 -8.87 52.07 12.14
N GLY B 684 -10.18 51.95 11.92
CA GLY B 684 -10.76 50.72 11.46
C GLY B 684 -12.05 50.41 12.19
N GLU B 685 -12.27 49.15 12.51
CA GLU B 685 -13.48 48.70 13.17
C GLU B 685 -13.24 48.45 14.66
N CYS B 686 -14.30 48.54 15.45
CA CYS B 686 -14.19 48.34 16.86
C CYS B 686 -15.52 47.87 17.39
N ASN B 687 -15.48 47.03 18.41
CA ASN B 687 -16.68 46.53 19.09
C ASN B 687 -16.60 47.01 20.52
N ILE B 688 -17.68 47.54 21.06
CA ILE B 688 -17.71 47.94 22.45
C ILE B 688 -18.98 47.41 23.12
N GLN B 689 -18.81 46.83 24.31
CA GLN B 689 -19.92 46.22 25.05
C GLN B 689 -20.17 46.97 26.33
N PHE B 690 -21.45 47.20 26.61
CA PHE B 690 -21.88 47.95 27.77
C PHE B 690 -22.79 47.12 28.63
N ALA B 691 -22.79 47.40 29.94
CA ALA B 691 -23.84 46.96 30.80
C ALA B 691 -24.60 48.21 31.20
N LEU B 692 -25.92 48.18 31.01
CA LEU B 692 -26.78 49.32 31.35
C LEU B 692 -27.77 48.93 32.44
N HIS B 693 -27.87 49.74 33.47
CA HIS B 693 -28.78 49.47 34.57
C HIS B 693 -30.22 49.51 34.05
N PRO B 694 -31.03 48.49 34.38
CA PRO B 694 -32.34 48.35 33.77
C PRO B 694 -33.41 49.37 34.18
N THR B 695 -33.15 50.17 35.22
CA THR B 695 -34.12 51.17 35.67
C THR B 695 -33.50 52.53 35.97
N SER B 696 -32.47 52.90 35.23
CA SER B 696 -31.84 54.20 35.38
C SER B 696 -30.89 54.41 34.18
N MET B 697 -30.03 55.42 34.28
CA MET B 697 -29.07 55.74 33.23
C MET B 697 -27.65 55.27 33.57
N GLU B 698 -27.47 54.58 34.69
CA GLU B 698 -26.13 54.13 35.08
C GLU B 698 -25.65 53.07 34.09
N TYR B 699 -24.38 53.10 33.75
CA TYR B 699 -23.84 52.08 32.86
C TYR B 699 -22.38 51.88 33.15
N CYS B 700 -21.81 50.79 32.66
CA CYS B 700 -20.38 50.75 32.51
C CYS B 700 -19.95 49.92 31.32
N ILE B 701 -18.69 50.13 30.94
CA ILE B 701 -18.09 49.51 29.80
C ILE B 701 -17.58 48.17 30.25
N ILE B 702 -17.90 47.12 29.51
CA ILE B 702 -17.43 45.78 29.83
C ILE B 702 -16.14 45.54 29.09
N GLU B 703 -16.12 45.80 27.79
CA GLU B 703 -14.88 45.62 27.03
C GLU B 703 -14.95 46.19 25.65
N VAL B 704 -13.76 46.33 25.07
CA VAL B 704 -13.56 46.81 23.74
C VAL B 704 -12.68 45.81 22.98
N ASN B 705 -13.08 45.51 21.75
CA ASN B 705 -12.31 44.62 20.89
CA ASN B 705 -12.34 44.61 20.89
C ASN B 705 -11.94 45.36 19.61
N ALA B 706 -10.64 45.51 19.40
CA ALA B 706 -10.09 46.24 18.27
C ALA B 706 -9.59 45.34 17.13
N ARG B 707 -10.09 44.11 17.04
CA ARG B 707 -9.89 43.27 15.85
C ARG B 707 -11.26 42.78 15.40
N LEU B 708 -11.35 42.27 14.18
CA LEU B 708 -12.56 41.67 13.73
C LEU B 708 -12.90 40.47 14.60
N SER B 709 -14.19 40.30 14.84
CA SER B 709 -14.67 39.34 15.81
C SER B 709 -15.97 38.72 15.31
N ARG B 710 -16.56 37.86 16.14
CA ARG B 710 -17.87 37.30 15.88
C ARG B 710 -18.92 38.38 15.73
N SER B 711 -18.84 39.39 16.59
CA SER B 711 -19.76 40.49 16.57
C SER B 711 -19.66 41.29 15.30
N SER B 712 -18.45 41.52 14.82
CA SER B 712 -18.29 42.32 13.62
C SER B 712 -18.83 41.54 12.43
N ALA B 713 -18.61 40.23 12.43
CA ALA B 713 -19.20 39.37 11.37
C ALA B 713 -20.73 39.40 11.43
N LEU B 714 -21.28 39.26 12.63
CA LEU B 714 -22.73 39.33 12.78
C LEU B 714 -23.27 40.67 12.33
N ALA B 715 -22.56 41.75 12.65
CA ALA B 715 -23.02 43.07 12.28
C ALA B 715 -23.04 43.29 10.78
N SER B 716 -22.02 42.76 10.08
CA SER B 716 -21.99 42.89 8.62
C SER B 716 -23.13 42.16 8.01
N LYS B 717 -23.39 40.94 8.46
CA LYS B 717 -24.48 40.13 7.89
C LYS B 717 -25.81 40.73 8.25
N ALA B 718 -25.94 41.28 9.44
CA ALA B 718 -27.23 41.87 9.85
C ALA B 718 -27.59 43.13 9.09
N THR B 719 -26.58 43.93 8.78
CA THR B 719 -26.83 45.25 8.19
C THR B 719 -26.58 45.34 6.68
N GLY B 720 -25.77 44.44 6.14
CA GLY B 720 -25.26 44.59 4.76
C GLY B 720 -24.13 45.61 4.65
N TYR B 721 -23.58 46.03 5.78
CA TYR B 721 -22.44 46.92 5.80
C TYR B 721 -21.12 46.09 5.85
N PRO B 722 -20.27 46.19 4.82
CA PRO B 722 -19.10 45.28 4.76
C PRO B 722 -17.89 45.78 5.57
N LEU B 723 -17.95 45.52 6.87
CA LEU B 723 -16.99 46.04 7.85
C LEU B 723 -15.54 45.72 7.50
N ALA B 724 -15.26 44.47 7.16
CA ALA B 724 -13.90 44.03 6.89
C ALA B 724 -13.29 44.76 5.71
N PHE B 725 -14.06 44.89 4.64
CA PHE B 725 -13.63 45.60 3.43
C PHE B 725 -13.33 47.10 3.72
N ILE B 726 -14.25 47.69 4.45
CA ILE B 726 -14.19 49.11 4.77
C ILE B 726 -13.04 49.39 5.72
N ALA B 727 -12.87 48.50 6.69
CA ALA B 727 -11.76 48.58 7.60
C ALA B 727 -10.41 48.47 6.87
N ALA B 728 -10.33 47.63 5.85
CA ALA B 728 -9.13 47.53 5.04
C ALA B 728 -8.85 48.82 4.25
N LYS B 729 -9.88 49.45 3.69
CA LYS B 729 -9.71 50.75 2.99
C LYS B 729 -9.26 51.85 3.95
N ILE B 730 -9.88 51.87 5.11
CA ILE B 730 -9.55 52.84 6.16
C ILE B 730 -8.09 52.71 6.56
N ALA B 731 -7.60 51.47 6.57
CA ALA B 731 -6.19 51.16 6.89
C ALA B 731 -5.20 51.77 5.91
N LEU B 732 -5.67 52.06 4.70
CA LEU B 732 -4.87 52.82 3.72
C LEU B 732 -5.02 54.35 3.86
N GLY B 733 -5.73 54.78 4.90
CA GLY B 733 -5.85 56.23 5.16
C GLY B 733 -6.97 56.89 4.39
N ILE B 734 -7.81 56.10 3.75
CA ILE B 734 -8.92 56.63 2.97
C ILE B 734 -10.07 56.97 3.92
N PRO B 735 -10.59 58.22 3.87
CA PRO B 735 -11.70 58.53 4.76
C PRO B 735 -13.05 57.95 4.32
N LEU B 736 -13.95 57.79 5.28
CA LEU B 736 -15.26 57.19 5.02
C LEU B 736 -16.09 57.83 3.90
N PRO B 737 -16.15 59.16 3.85
CA PRO B 737 -16.90 59.73 2.73
C PRO B 737 -16.33 59.40 1.34
N GLU B 738 -15.05 59.01 1.25
CA GLU B 738 -14.44 58.68 -0.05
C GLU B 738 -14.56 57.21 -0.40
N ILE B 739 -15.29 56.44 0.42
CA ILE B 739 -15.49 55.02 0.18
C ILE B 739 -16.96 54.73 -0.15
N LYS B 740 -17.21 53.95 -1.21
CA LYS B 740 -18.55 53.55 -1.64
C LYS B 740 -19.30 52.46 -0.79
N ASN B 741 -20.57 52.71 -0.50
CA ASN B 741 -21.51 51.71 0.07
C ASN B 741 -21.88 50.72 -1.02
N VAL B 742 -21.39 49.50 -0.91
CA VAL B 742 -21.51 48.55 -2.04
C VAL B 742 -22.93 48.00 -2.29
N VAL B 743 -23.85 48.23 -1.35
CA VAL B 743 -25.24 47.76 -1.49
C VAL B 743 -26.09 48.76 -2.28
N SER B 744 -25.96 50.05 -1.96
CA SER B 744 -26.71 51.08 -2.69
C SER B 744 -25.97 51.54 -3.96
N GLY B 745 -24.65 51.40 -3.98
CA GLY B 745 -23.82 51.86 -5.11
C GLY B 745 -23.66 53.37 -5.23
N LYS B 746 -24.69 54.13 -4.83
CA LYS B 746 -24.78 55.59 -5.06
C LYS B 746 -24.30 56.43 -3.86
N THR B 747 -24.07 55.79 -2.72
CA THR B 747 -23.76 56.49 -1.48
C THR B 747 -22.50 55.90 -0.87
N SER B 748 -22.04 56.48 0.23
CA SER B 748 -20.72 56.20 0.76
C SER B 748 -20.78 55.38 2.04
N ALA B 749 -19.61 54.99 2.53
CA ALA B 749 -19.51 54.23 3.78
C ALA B 749 -19.75 55.11 5.00
N CYS B 750 -19.80 56.42 4.80
CA CYS B 750 -20.03 57.37 5.88
C CYS B 750 -21.50 57.51 6.21
N PHE B 751 -22.06 56.51 6.87
CA PHE B 751 -23.44 56.55 7.33
C PHE B 751 -23.69 55.48 8.37
N GLU B 752 -24.84 55.60 9.05
CA GLU B 752 -25.30 54.60 9.97
C GLU B 752 -26.50 53.90 9.33
N PRO B 753 -26.41 52.57 9.18
CA PRO B 753 -27.52 51.82 8.60
C PRO B 753 -28.83 52.01 9.35
N SER B 754 -29.93 52.11 8.62
CA SER B 754 -31.23 51.94 9.21
C SER B 754 -31.81 50.58 8.77
N LEU B 755 -32.29 49.81 9.73
CA LEU B 755 -32.88 48.49 9.49
C LEU B 755 -34.40 48.57 9.58
N ASP B 756 -35.08 48.09 8.55
CA ASP B 756 -36.55 48.01 8.59
C ASP B 756 -36.99 46.56 8.84
N TYR B 757 -36.17 45.85 9.62
CA TYR B 757 -36.41 44.46 9.95
C TYR B 757 -35.65 44.25 11.23
N MET B 758 -35.84 43.10 11.85
CA MET B 758 -35.09 42.75 13.06
C MET B 758 -34.34 41.44 12.85
N VAL B 759 -33.16 41.34 13.43
CA VAL B 759 -32.33 40.18 13.29
C VAL B 759 -32.22 39.48 14.63
N THR B 760 -32.26 38.15 14.60
CA THR B 760 -32.07 37.37 15.79
C THR B 760 -30.95 36.38 15.54
N LYS B 761 -29.99 36.37 16.44
CA LYS B 761 -28.90 35.40 16.39
C LYS B 761 -29.00 34.47 17.58
N ILE B 762 -28.83 33.18 17.32
CA ILE B 762 -28.91 32.19 18.38
C ILE B 762 -27.72 31.23 18.25
N PRO B 763 -27.07 30.92 19.36
CA PRO B 763 -25.99 29.93 19.25
C PRO B 763 -26.50 28.53 18.92
N ARG B 764 -25.68 27.75 18.22
CA ARG B 764 -25.96 26.34 18.00
C ARG B 764 -25.14 25.55 19.01
N TRP B 765 -25.82 24.82 19.87
CA TRP B 765 -25.15 23.97 20.86
C TRP B 765 -24.94 22.57 20.33
N ASP B 766 -23.91 21.90 20.87
CA ASP B 766 -23.67 20.47 20.68
C ASP B 766 -24.88 19.75 21.29
N LEU B 767 -25.71 19.11 20.46
CA LEU B 767 -26.93 18.43 20.93
C LEU B 767 -26.66 16.99 21.34
N LYS B 782 -19.14 27.60 24.94
CA LYS B 782 -19.48 26.19 24.83
C LYS B 782 -20.18 25.87 23.50
N SER B 783 -20.60 26.89 22.74
CA SER B 783 -21.34 26.68 21.50
C SER B 783 -20.41 26.34 20.32
N VAL B 784 -20.97 25.64 19.32
CA VAL B 784 -20.21 25.14 18.16
C VAL B 784 -20.51 25.86 16.84
N GLY B 785 -21.55 26.70 16.83
CA GLY B 785 -21.90 27.48 15.66
C GLY B 785 -22.98 28.48 16.02
N GLU B 786 -23.57 29.09 15.00
CA GLU B 786 -24.67 30.04 15.22
C GLU B 786 -25.52 30.20 13.99
N VAL B 787 -26.70 30.74 14.22
CA VAL B 787 -27.62 31.03 13.15
C VAL B 787 -28.02 32.46 13.28
N MET B 788 -28.49 33.02 12.17
CA MET B 788 -29.07 34.35 12.16
C MET B 788 -30.35 34.32 11.34
N ALA B 789 -31.41 34.90 11.87
CA ALA B 789 -32.65 35.01 11.09
C ALA B 789 -33.15 36.43 11.05
N ILE B 790 -33.87 36.73 9.98
CA ILE B 790 -34.41 38.04 9.72
C ILE B 790 -35.92 37.94 9.63
N GLY B 791 -36.62 38.86 10.30
CA GLY B 791 -38.09 38.94 10.24
C GLY B 791 -38.50 40.38 10.44
N ARG B 792 -39.76 40.68 10.25
CA ARG B 792 -40.22 42.06 10.50
C ARG B 792 -41.07 42.21 11.77
N THR B 793 -41.24 41.11 12.50
CA THR B 793 -41.62 41.14 13.90
C THR B 793 -40.54 40.39 14.66
N PHE B 794 -40.43 40.68 15.95
CA PHE B 794 -39.55 39.92 16.81
C PHE B 794 -39.91 38.44 16.70
N GLU B 795 -41.21 38.16 16.69
CA GLU B 795 -41.68 36.77 16.81
C GLU B 795 -41.31 35.97 15.58
N GLU B 796 -41.48 36.55 14.39
CA GLU B 796 -41.06 35.91 13.14
C GLU B 796 -39.56 35.60 13.14
N SER B 797 -38.75 36.59 13.46
CA SER B 797 -37.28 36.44 13.49
C SER B 797 -36.87 35.36 14.47
N PHE B 798 -37.46 35.39 15.66
CA PHE B 798 -37.10 34.52 16.78
C PHE B 798 -37.47 33.06 16.53
N GLN B 799 -38.69 32.79 16.09
CA GLN B 799 -39.09 31.41 15.79
C GLN B 799 -38.30 30.84 14.61
N LYS B 800 -38.02 31.68 13.63
CA LYS B 800 -37.18 31.24 12.53
C LYS B 800 -35.81 30.78 13.02
N ALA B 801 -35.19 31.62 13.83
CA ALA B 801 -33.83 31.38 14.26
C ALA B 801 -33.81 30.10 15.07
N LEU B 802 -34.82 29.87 15.91
CA LEU B 802 -34.87 28.63 16.66
C LEU B 802 -34.92 27.44 15.73
N ARG B 803 -35.77 27.49 14.71
CA ARG B 803 -35.84 26.39 13.74
C ARG B 803 -34.51 26.15 13.07
N MET B 804 -33.79 27.23 12.76
CA MET B 804 -32.51 27.09 12.06
C MET B 804 -31.47 26.35 12.88
N CYS B 805 -31.60 26.33 14.21
CA CYS B 805 -30.64 25.61 15.05
C CYS B 805 -30.58 24.12 14.82
N HIS B 806 -31.73 23.46 14.75
CA HIS B 806 -31.76 22.01 14.55
C HIS B 806 -33.10 21.60 13.99
N PRO B 807 -33.12 20.59 13.08
CA PRO B 807 -34.38 20.25 12.39
C PRO B 807 -35.46 19.71 13.31
N SER B 808 -35.08 19.25 14.50
CA SER B 808 -36.06 18.78 15.50
C SER B 808 -36.70 19.89 16.31
N ILE B 809 -36.25 21.13 16.14
CA ILE B 809 -36.85 22.25 16.84
C ILE B 809 -37.91 22.86 15.96
N GLU B 810 -39.13 23.01 16.49
CA GLU B 810 -40.29 23.46 15.71
C GLU B 810 -40.43 24.98 15.67
N GLY B 811 -39.88 25.63 16.70
CA GLY B 811 -40.08 27.05 16.94
C GLY B 811 -40.01 27.30 18.42
N PHE B 812 -40.67 28.35 18.91
CA PHE B 812 -40.72 28.56 20.35
C PHE B 812 -41.86 27.73 20.95
N THR B 813 -41.51 26.65 21.67
CA THR B 813 -42.48 25.75 22.29
C THR B 813 -41.96 25.24 23.61
N PRO B 814 -42.86 24.71 24.45
CA PRO B 814 -42.43 24.11 25.71
C PRO B 814 -41.84 22.70 25.59
N ARG B 815 -41.46 22.28 24.38
CA ARG B 815 -40.92 20.95 24.15
C ARG B 815 -39.44 21.03 23.77
N LEU B 816 -38.68 20.03 24.20
CA LEU B 816 -37.23 20.06 24.05
C LEU B 816 -36.80 19.61 22.65
N PRO B 817 -35.59 20.02 22.22
CA PRO B 817 -35.01 19.48 20.98
C PRO B 817 -34.82 17.97 21.06
N MET B 818 -34.69 17.34 19.89
CA MET B 818 -34.48 15.89 19.76
C MET B 818 -35.62 15.03 20.32
N ASN B 819 -36.80 15.61 20.50
CA ASN B 819 -37.99 14.86 20.98
C ASN B 819 -37.82 14.26 22.37
N LYS B 820 -36.99 14.88 23.20
CA LYS B 820 -36.81 14.46 24.58
C LYS B 820 -37.93 14.99 25.44
N GLU B 821 -38.33 14.24 26.47
CA GLU B 821 -39.33 14.75 27.39
C GLU B 821 -38.68 15.31 28.66
N TRP B 822 -39.39 16.23 29.31
CA TRP B 822 -38.92 16.81 30.56
C TRP B 822 -38.91 15.76 31.67
N PRO B 823 -37.87 15.77 32.53
CA PRO B 823 -37.88 14.91 33.72
C PRO B 823 -39.11 15.13 34.62
N SER B 824 -39.50 14.08 35.35
CA SER B 824 -40.66 14.15 36.26
C SER B 824 -40.34 14.88 37.56
N ASN B 825 -39.05 14.91 37.92
CA ASN B 825 -38.58 15.59 39.12
C ASN B 825 -38.13 17.04 38.88
N LEU B 826 -38.63 17.67 37.82
CA LEU B 826 -38.06 18.93 37.35
C LEU B 826 -38.27 20.08 38.32
N ASP B 827 -37.19 20.77 38.68
CA ASP B 827 -37.28 22.03 39.42
C ASP B 827 -37.25 23.19 38.41
N LEU B 828 -38.42 23.68 38.06
CA LEU B 828 -38.54 24.65 36.99
C LEU B 828 -37.86 25.98 37.30
N ARG B 829 -38.05 26.47 38.52
CA ARG B 829 -37.34 27.67 39.01
C ARG B 829 -35.82 27.52 38.96
N LYS B 830 -35.32 26.34 39.29
CA LYS B 830 -33.89 26.04 39.18
C LYS B 830 -33.45 26.09 37.72
N GLU B 831 -34.19 25.42 36.83
CA GLU B 831 -33.91 25.49 35.38
C GLU B 831 -33.92 26.91 34.81
N LEU B 832 -34.79 27.77 35.34
CA LEU B 832 -34.85 29.15 34.84
C LEU B 832 -33.68 30.00 35.34
N SER B 833 -33.23 29.75 36.56
CA SER B 833 -32.21 30.59 37.16
C SER B 833 -30.81 30.18 36.73
N GLU B 834 -30.68 29.10 35.97
CA GLU B 834 -29.38 28.65 35.49
C GLU B 834 -29.29 28.77 33.98
N PRO B 835 -28.31 29.56 33.48
CA PRO B 835 -28.13 29.63 32.03
C PRO B 835 -27.71 28.27 31.47
N SER B 836 -28.36 27.83 30.39
CA SER B 836 -28.04 26.54 29.76
C SER B 836 -28.59 26.51 28.34
N SER B 837 -28.25 25.47 27.60
CA SER B 837 -28.70 25.33 26.22
C SER B 837 -30.22 25.12 26.07
N THR B 838 -30.91 24.71 27.14
CA THR B 838 -32.36 24.46 27.08
C THR B 838 -33.25 25.49 27.80
N ARG B 839 -32.64 26.55 28.31
CA ARG B 839 -33.36 27.56 29.08
C ARG B 839 -34.57 28.14 28.32
N ILE B 840 -34.42 28.35 27.01
CA ILE B 840 -35.50 28.91 26.20
C ILE B 840 -36.75 28.03 26.23
N TYR B 841 -36.56 26.72 26.15
CA TYR B 841 -37.66 25.78 26.21
C TYR B 841 -38.27 25.75 27.62
N ALA B 842 -37.43 25.90 28.64
CA ALA B 842 -37.91 26.02 30.03
C ALA B 842 -38.77 27.26 30.25
N ILE B 843 -38.41 28.36 29.58
CA ILE B 843 -39.17 29.58 29.66
C ILE B 843 -40.55 29.35 29.06
N ALA B 844 -40.59 28.67 27.93
CA ALA B 844 -41.84 28.39 27.28
C ALA B 844 -42.72 27.54 28.21
N LYS B 845 -42.11 26.59 28.89
CA LYS B 845 -42.83 25.74 29.83
C LYS B 845 -43.35 26.53 31.02
N ALA B 846 -42.52 27.38 31.58
CA ALA B 846 -42.93 28.23 32.71
C ALA B 846 -44.14 29.07 32.38
N ILE B 847 -44.15 29.66 31.18
CA ILE B 847 -45.26 30.48 30.76
C ILE B 847 -46.50 29.60 30.60
N ASP B 848 -46.36 28.52 29.85
CA ASP B 848 -47.44 27.57 29.63
C ASP B 848 -48.02 27.00 30.94
N ASP B 849 -47.17 26.73 31.92
CA ASP B 849 -47.61 26.35 33.27
C ASP B 849 -48.03 27.55 34.12
N ASN B 850 -48.26 28.70 33.50
CA ASN B 850 -48.88 29.88 34.16
C ASN B 850 -48.08 30.56 35.27
N MET B 851 -46.77 30.33 35.31
CA MET B 851 -45.86 31.14 36.10
C MET B 851 -45.91 32.55 35.54
N SER B 852 -45.97 33.54 36.43
CA SER B 852 -46.08 34.92 35.99
C SER B 852 -44.80 35.42 35.31
N LEU B 853 -44.97 36.37 34.41
CA LEU B 853 -43.84 36.95 33.68
C LEU B 853 -42.90 37.70 34.62
N ASP B 854 -43.46 38.32 35.66
CA ASP B 854 -42.65 39.02 36.66
C ASP B 854 -41.67 38.06 37.31
N GLU B 855 -42.16 36.89 37.70
CA GLU B 855 -41.30 35.89 38.31
C GLU B 855 -40.26 35.41 37.32
N ILE B 856 -40.66 35.17 36.07
CA ILE B 856 -39.72 34.67 35.07
C ILE B 856 -38.62 35.71 34.91
N GLU B 857 -39.00 36.98 34.85
CA GLU B 857 -38.05 38.09 34.69
C GLU B 857 -37.08 38.11 35.86
N LYS B 858 -37.61 38.01 37.06
CA LYS B 858 -36.78 37.96 38.26
C LYS B 858 -35.75 36.84 38.19
N LEU B 859 -36.18 35.66 37.76
CA LEU B 859 -35.30 34.49 37.73
C LEU B 859 -34.34 34.49 36.55
N THR B 860 -34.78 34.95 35.38
CA THR B 860 -33.96 34.85 34.17
C THR B 860 -33.22 36.12 33.83
N TYR B 861 -33.64 37.25 34.41
CA TYR B 861 -33.17 38.59 34.02
C TYR B 861 -33.55 39.02 32.60
N ILE B 862 -34.36 38.22 31.90
CA ILE B 862 -34.78 38.60 30.56
C ILE B 862 -35.81 39.73 30.65
N ASP B 863 -35.57 40.83 29.96
CA ASP B 863 -36.49 41.95 29.98
C ASP B 863 -37.87 41.46 29.61
N LYS B 864 -38.83 41.88 30.42
CA LYS B 864 -40.22 41.48 30.27
C LYS B 864 -40.78 41.75 28.89
N TRP B 865 -40.28 42.75 28.18
CA TRP B 865 -40.75 42.99 26.80
C TRP B 865 -40.59 41.73 25.94
N PHE B 866 -39.45 41.06 26.04
CA PHE B 866 -39.23 39.82 25.30
C PHE B 866 -40.22 38.74 25.77
N LEU B 867 -40.48 38.68 27.06
CA LEU B 867 -41.38 37.65 27.60
C LEU B 867 -42.83 37.84 27.15
N TYR B 868 -43.27 39.08 26.99
CA TYR B 868 -44.59 39.34 26.43
C TYR B 868 -44.70 38.79 25.02
N LYS B 869 -43.66 38.95 24.19
CA LYS B 869 -43.66 38.40 22.84
C LYS B 869 -43.71 36.89 22.87
N MET B 870 -43.00 36.30 23.81
CA MET B 870 -43.00 34.87 23.98
C MET B 870 -44.38 34.38 24.43
N ARG B 871 -45.02 35.13 25.32
CA ARG B 871 -46.38 34.78 25.74
C ARG B 871 -47.35 34.86 24.55
N ASP B 872 -47.21 35.88 23.72
CA ASP B 872 -48.07 36.00 22.56
C ASP B 872 -47.95 34.79 21.63
N ILE B 873 -46.74 34.27 21.44
CA ILE B 873 -46.57 33.09 20.61
C ILE B 873 -47.34 31.91 21.20
N LEU B 874 -47.19 31.70 22.50
CA LEU B 874 -47.86 30.58 23.17
C LEU B 874 -49.38 30.73 23.20
N ASN B 875 -49.88 31.94 23.33
CA ASN B 875 -51.33 32.17 23.16
C ASN B 875 -51.83 31.84 21.77
N MET B 876 -51.06 32.19 20.75
CA MET B 876 -51.45 31.80 19.41
C MET B 876 -51.51 30.27 19.29
N GLU B 877 -50.52 29.56 19.84
CA GLU B 877 -50.56 28.09 19.81
C GLU B 877 -51.88 27.58 20.44
N LYS B 878 -52.28 28.15 21.58
CA LYS B 878 -53.55 27.81 22.25
C LYS B 878 -54.77 28.13 21.40
N THR B 879 -54.79 29.31 20.80
CA THR B 879 -55.86 29.69 19.89
C THR B 879 -55.96 28.66 18.74
N LEU B 880 -54.83 28.31 18.14
CA LEU B 880 -54.82 27.36 17.03
C LEU B 880 -55.29 25.96 17.42
N LYS B 881 -54.90 25.48 18.60
CA LYS B 881 -55.37 24.19 19.10
C LYS B 881 -56.88 24.05 19.21
N GLY B 882 -57.60 25.16 19.39
CA GLY B 882 -59.06 25.13 19.47
C GLY B 882 -59.73 25.20 18.11
N LEU B 883 -58.93 25.25 17.05
CA LEU B 883 -59.49 25.43 15.72
C LEU B 883 -59.22 24.19 14.87
N ASN B 884 -59.79 24.20 13.69
CA ASN B 884 -59.65 23.14 12.75
C ASN B 884 -59.67 23.77 11.39
N SER B 885 -59.59 22.96 10.34
CA SER B 885 -59.40 23.45 8.99
C SER B 885 -60.60 24.19 8.47
N GLU B 886 -61.78 23.91 9.02
CA GLU B 886 -63.01 24.65 8.65
C GLU B 886 -63.22 25.96 9.45
N SER B 887 -62.86 25.95 10.74
CA SER B 887 -63.12 27.07 11.65
C SER B 887 -62.01 28.14 11.67
N MET B 888 -60.79 27.79 11.29
CA MET B 888 -59.70 28.76 11.29
C MET B 888 -59.89 29.79 10.18
N THR B 889 -59.92 31.06 10.54
CA THR B 889 -60.11 32.14 9.57
C THR B 889 -58.78 32.55 8.93
N GLU B 890 -58.92 33.17 7.78
CA GLU B 890 -57.84 33.84 7.11
C GLU B 890 -57.05 34.79 8.03
N GLU B 891 -57.77 35.63 8.78
CA GLU B 891 -57.16 36.60 9.69
CA GLU B 891 -57.19 36.61 9.74
C GLU B 891 -56.26 35.92 10.72
N THR B 892 -56.78 34.87 11.36
CA THR B 892 -55.99 34.15 12.33
C THR B 892 -54.76 33.48 11.70
N LEU B 893 -54.93 32.85 10.54
CA LEU B 893 -53.80 32.16 9.90
C LEU B 893 -52.72 33.15 9.48
N LYS B 894 -53.16 34.29 8.94
CA LYS B 894 -52.27 35.38 8.54
C LYS B 894 -51.42 35.81 9.72
N ARG B 895 -52.09 36.08 10.83
CA ARG B 895 -51.42 36.51 12.04
C ARG B 895 -50.42 35.45 12.54
N ALA B 896 -50.84 34.20 12.55
CA ALA B 896 -49.93 33.13 12.94
C ALA B 896 -48.64 33.12 12.11
N LYS B 897 -48.76 33.25 10.80
CA LYS B 897 -47.58 33.22 9.96
C LYS B 897 -46.71 34.44 10.21
N GLU B 898 -47.34 35.59 10.41
CA GLU B 898 -46.64 36.83 10.71
C GLU B 898 -45.86 36.80 12.03
N ILE B 899 -46.24 35.95 12.98
CA ILE B 899 -45.42 35.79 14.21
C ILE B 899 -44.63 34.47 14.20
N GLY B 900 -44.34 33.97 13.01
CA GLY B 900 -43.34 32.93 12.82
C GLY B 900 -43.76 31.47 12.93
N PHE B 901 -45.06 31.20 12.93
CA PHE B 901 -45.52 29.81 12.95
C PHE B 901 -45.28 29.13 11.62
N SER B 902 -44.70 27.94 11.67
CA SER B 902 -44.54 27.14 10.47
C SER B 902 -45.81 26.35 10.17
N ASP B 903 -45.88 25.85 8.94
CA ASP B 903 -46.97 24.97 8.54
C ASP B 903 -46.98 23.73 9.43
N LYS B 904 -45.78 23.27 9.82
CA LYS B 904 -45.65 22.12 10.69
C LYS B 904 -46.28 22.41 12.04
N GLN B 905 -45.95 23.54 12.66
CA GLN B 905 -46.53 23.85 13.97
C GLN B 905 -48.07 23.93 13.87
N ILE B 906 -48.55 24.62 12.83
CA ILE B 906 -49.96 24.80 12.63
C ILE B 906 -50.67 23.46 12.42
N SER B 907 -50.05 22.58 11.63
CA SER B 907 -50.61 21.24 11.34
C SER B 907 -50.90 20.43 12.61
N LYS B 908 -49.97 20.48 13.56
CA LYS B 908 -50.14 19.80 14.85
C LYS B 908 -51.32 20.37 15.62
N CYS B 909 -51.48 21.70 15.61
CA CYS B 909 -52.64 22.32 16.27
C CYS B 909 -53.97 22.00 15.60
N LEU B 910 -54.02 21.92 14.28
CA LEU B 910 -55.25 21.69 13.55
C LEU B 910 -55.59 20.22 13.25
N GLY B 911 -54.66 19.30 13.53
CA GLY B 911 -54.88 17.89 13.26
C GLY B 911 -54.68 17.48 11.81
N LEU B 912 -53.80 18.17 11.07
CA LEU B 912 -53.56 17.91 9.64
C LEU B 912 -52.12 17.51 9.45
N THR B 913 -51.76 17.13 8.22
CA THR B 913 -50.35 17.02 7.86
C THR B 913 -49.80 18.38 7.44
N GLU B 914 -48.47 18.45 7.38
CA GLU B 914 -47.78 19.66 6.95
C GLU B 914 -48.22 20.03 5.53
N ALA B 915 -48.30 19.03 4.68
CA ALA B 915 -48.64 19.23 3.29
C ALA B 915 -50.07 19.74 3.11
N GLN B 916 -51.01 19.22 3.91
CA GLN B 916 -52.40 19.68 3.89
C GLN B 916 -52.52 21.13 4.42
N THR B 917 -51.70 21.44 5.41
CA THR B 917 -51.69 22.78 5.96
C THR B 917 -51.14 23.79 4.94
N ARG B 918 -50.10 23.40 4.21
CA ARG B 918 -49.55 24.24 3.14
C ARG B 918 -50.59 24.50 2.06
N GLU B 919 -51.24 23.43 1.65
CA GLU B 919 -52.31 23.51 0.67
C GLU B 919 -53.45 24.44 1.14
N LEU B 920 -53.81 24.34 2.42
CA LEU B 920 -54.88 25.17 2.99
C LEU B 920 -54.47 26.65 2.98
N ARG B 921 -53.25 26.90 3.37
CA ARG B 921 -52.72 28.24 3.40
C ARG B 921 -52.65 28.89 2.01
N LEU B 922 -52.21 28.14 1.02
CA LEU B 922 -52.08 28.70 -0.32
C LEU B 922 -53.44 28.87 -0.98
N LYS B 923 -54.42 28.05 -0.61
CA LYS B 923 -55.79 28.21 -1.10
C LYS B 923 -56.41 29.54 -0.67
N LYS B 924 -55.99 30.04 0.51
CA LYS B 924 -56.35 31.36 0.98
C LYS B 924 -55.39 32.42 0.43
N ASN B 925 -54.46 32.03 -0.45
CA ASN B 925 -53.48 32.93 -1.01
C ASN B 925 -52.70 33.69 0.07
N ILE B 926 -52.35 33.00 1.15
CA ILE B 926 -51.44 33.54 2.16
C ILE B 926 -50.06 32.98 1.89
N HIS B 927 -49.13 33.89 1.59
CA HIS B 927 -47.77 33.52 1.20
C HIS B 927 -46.80 34.62 1.63
N PRO B 928 -45.52 34.29 1.72
CA PRO B 928 -44.58 35.29 2.13
C PRO B 928 -44.05 36.16 0.97
N TRP B 929 -43.28 37.18 1.34
CA TRP B 929 -42.82 38.18 0.43
C TRP B 929 -41.30 38.28 0.55
N VAL B 930 -40.65 38.49 -0.58
CA VAL B 930 -39.22 38.59 -0.68
C VAL B 930 -38.81 40.03 -0.58
N LYS B 931 -37.94 40.33 0.38
CA LYS B 931 -37.47 41.69 0.62
C LYS B 931 -35.97 41.77 0.57
N GLN B 932 -35.46 42.96 0.21
CA GLN B 932 -34.02 43.25 0.24
C GLN B 932 -33.56 43.77 1.59
N ILE B 933 -32.35 43.39 1.97
CA ILE B 933 -31.60 44.05 3.02
C ILE B 933 -30.83 45.16 2.31
N ASP B 934 -31.27 46.42 2.36
CA ASP B 934 -30.59 47.46 1.57
C ASP B 934 -29.75 48.47 2.37
N THR B 935 -29.64 48.26 3.69
CA THR B 935 -28.84 49.08 4.64
C THR B 935 -29.42 50.45 4.94
N LEU B 936 -30.45 50.87 4.21
CA LEU B 936 -30.98 52.24 4.34
C LEU B 936 -32.50 52.35 4.53
N ALA B 937 -33.18 51.23 4.77
CA ALA B 937 -34.64 51.22 4.95
C ALA B 937 -35.36 51.89 3.76
N ALA B 938 -34.87 51.56 2.56
CA ALA B 938 -35.46 51.96 1.30
C ALA B 938 -35.41 53.46 1.05
N GLU B 939 -34.62 54.20 1.82
CA GLU B 939 -34.43 55.62 1.55
C GLU B 939 -33.90 55.82 0.09
N TYR B 940 -33.08 54.88 -0.35
CA TYR B 940 -32.49 54.85 -1.68
C TYR B 940 -32.68 53.46 -2.31
N PRO B 941 -32.92 53.42 -3.65
CA PRO B 941 -33.12 52.12 -4.30
C PRO B 941 -31.83 51.37 -4.25
N SER B 942 -31.92 50.06 -4.10
CA SER B 942 -30.77 49.19 -4.06
C SER B 942 -30.82 48.25 -5.26
N VAL B 943 -29.66 47.99 -5.83
CA VAL B 943 -29.50 46.94 -6.83
C VAL B 943 -28.54 45.85 -6.31
N THR B 944 -28.79 45.32 -5.12
CA THR B 944 -28.17 44.09 -4.74
C THR B 944 -29.25 43.10 -4.36
N ASN B 945 -28.86 41.84 -4.26
CA ASN B 945 -29.82 40.78 -4.12
C ASN B 945 -29.45 39.99 -2.93
N TYR B 946 -29.39 40.72 -1.83
CA TYR B 946 -29.26 40.17 -0.50
C TYR B 946 -30.65 40.17 0.13
N LEU B 947 -31.23 38.98 0.30
CA LEU B 947 -32.66 38.86 0.50
C LEU B 947 -33.07 38.02 1.67
N TYR B 948 -34.28 38.29 2.14
CA TYR B 948 -34.92 37.50 3.16
C TYR B 948 -36.41 37.37 2.78
N VAL B 949 -37.16 36.58 3.54
CA VAL B 949 -38.53 36.30 3.18
C VAL B 949 -39.37 36.53 4.41
N THR B 950 -40.50 37.22 4.27
CA THR B 950 -41.30 37.60 5.40
C THR B 950 -42.80 37.55 5.07
N TYR B 951 -43.61 37.22 6.06
CA TYR B 951 -45.05 37.34 5.89
C TYR B 951 -45.52 38.78 6.11
N ASN B 952 -44.66 39.67 6.57
CA ASN B 952 -45.12 41.01 6.91
C ASN B 952 -44.82 41.96 5.77
N GLY B 953 -45.65 41.90 4.75
CA GLY B 953 -45.49 42.76 3.61
C GLY B 953 -46.66 42.69 2.68
N GLN B 954 -46.61 43.49 1.63
CA GLN B 954 -47.66 43.50 0.62
C GLN B 954 -47.07 43.49 -0.82
N GLU B 955 -45.74 43.36 -0.99
CA GLU B 955 -45.11 43.23 -2.31
C GLU B 955 -43.74 42.60 -2.15
N HIS B 956 -43.20 42.11 -3.27
CA HIS B 956 -41.82 41.66 -3.36
C HIS B 956 -40.93 42.81 -3.79
N ASP B 957 -39.65 42.76 -3.42
CA ASP B 957 -38.68 43.79 -3.78
C ASP B 957 -37.95 43.50 -5.08
N VAL B 958 -38.12 42.31 -5.64
CA VAL B 958 -37.38 41.92 -6.82
C VAL B 958 -38.30 41.29 -7.82
N ASN B 959 -37.84 41.22 -9.05
CA ASN B 959 -38.49 40.41 -10.08
C ASN B 959 -38.02 38.95 -10.03
N PHE B 960 -38.78 38.09 -10.70
CA PHE B 960 -38.54 36.67 -10.72
C PHE B 960 -38.40 36.15 -12.14
N ASP B 961 -37.47 36.73 -12.89
CA ASP B 961 -37.24 36.40 -14.30
C ASP B 961 -35.96 35.63 -14.57
N ASP B 962 -35.14 35.40 -13.54
CA ASP B 962 -33.84 34.72 -13.71
C ASP B 962 -34.03 33.21 -13.89
N HIS B 963 -34.95 32.62 -13.13
CA HIS B 963 -35.17 31.18 -13.15
C HIS B 963 -33.87 30.41 -12.92
N GLY B 964 -33.16 30.82 -11.88
CA GLY B 964 -31.80 30.34 -11.66
C GLY B 964 -31.71 28.96 -11.06
N MET B 965 -30.48 28.51 -10.93
CA MET B 965 -30.15 27.25 -10.29
C MET B 965 -29.96 27.50 -8.80
N MET B 966 -30.74 26.79 -7.99
CA MET B 966 -30.63 26.88 -6.54
C MET B 966 -29.51 26.00 -5.99
N VAL B 967 -28.77 26.52 -5.02
CA VAL B 967 -27.72 25.79 -4.35
C VAL B 967 -27.96 25.94 -2.87
N LEU B 968 -28.14 24.82 -2.18
CA LEU B 968 -28.42 24.80 -0.76
C LEU B 968 -27.15 24.69 0.09
N GLY B 969 -27.05 25.57 1.08
CA GLY B 969 -25.95 25.58 2.01
C GLY B 969 -26.17 24.62 3.16
N CYS B 970 -25.21 24.61 4.08
CA CYS B 970 -25.12 23.58 5.13
C CYS B 970 -25.82 23.89 6.45
N GLY B 971 -26.24 25.13 6.69
CA GLY B 971 -26.83 25.48 7.99
C GLY B 971 -25.72 25.77 9.00
N PRO B 972 -26.06 25.80 10.29
CA PRO B 972 -25.04 26.13 11.29
C PRO B 972 -23.95 25.06 11.40
N TYR B 973 -22.73 25.48 11.68
CA TYR B 973 -21.67 24.55 11.98
C TYR B 973 -21.95 23.87 13.30
N HIS B 974 -21.49 22.63 13.38
CA HIS B 974 -21.54 21.86 14.62
C HIS B 974 -20.54 20.72 14.43
N ILE B 975 -20.46 19.81 15.39
CA ILE B 975 -19.46 18.75 15.31
C ILE B 975 -19.81 17.81 14.15
N GLY B 976 -18.85 17.61 13.25
CA GLY B 976 -19.05 16.80 12.06
C GLY B 976 -19.58 17.59 10.87
N SER B 977 -19.78 18.90 11.03
CA SER B 977 -20.25 19.71 9.93
C SER B 977 -19.65 21.12 10.02
N SER B 978 -18.50 21.27 9.37
CA SER B 978 -17.66 22.43 9.56
C SER B 978 -17.36 23.15 8.23
N VAL B 979 -16.26 23.90 8.18
CA VAL B 979 -15.93 24.80 7.07
C VAL B 979 -15.75 24.14 5.70
N GLU B 980 -15.55 22.82 5.67
CA GLU B 980 -15.35 22.13 4.40
C GLU B 980 -16.52 22.30 3.45
N PHE B 981 -17.74 22.40 3.98
CA PHE B 981 -18.92 22.54 3.11
C PHE B 981 -19.03 23.96 2.57
N ASP B 982 -18.46 24.92 3.26
CA ASP B 982 -18.32 26.29 2.74
C ASP B 982 -17.46 26.29 1.44
N TRP B 983 -16.33 25.59 1.47
CA TRP B 983 -15.47 25.46 0.30
C TRP B 983 -16.26 24.88 -0.84
N CYS B 984 -17.09 23.86 -0.57
CA CYS B 984 -17.83 23.15 -1.64
C CYS B 984 -18.89 24.04 -2.25
N ALA B 985 -19.58 24.81 -1.41
CA ALA B 985 -20.50 25.80 -1.91
C ALA B 985 -19.80 26.82 -2.81
N VAL B 986 -18.71 27.39 -2.33
CA VAL B 986 -18.00 28.41 -3.11
C VAL B 986 -17.65 27.85 -4.48
N SER B 987 -17.14 26.61 -4.53
CA SER B 987 -16.74 26.03 -5.81
C SER B 987 -17.95 25.79 -6.72
N SER B 988 -19.03 25.30 -6.14
CA SER B 988 -20.19 24.97 -6.95
C SER B 988 -20.81 26.24 -7.53
N ILE B 989 -20.91 27.28 -6.70
CA ILE B 989 -21.47 28.57 -7.11
C ILE B 989 -20.62 29.18 -8.22
N ARG B 990 -19.30 29.07 -8.08
CA ARG B 990 -18.40 29.62 -9.07
C ARG B 990 -18.50 28.88 -10.40
N THR B 991 -18.54 27.54 -10.37
CA THR B 991 -18.70 26.78 -11.61
C THR B 991 -19.97 27.19 -12.39
N LEU B 992 -21.07 27.36 -11.67
CA LEU B 992 -22.31 27.78 -12.32
C LEU B 992 -22.12 29.16 -12.94
N ARG B 993 -21.59 30.12 -12.16
CA ARG B 993 -21.32 31.46 -12.70
C ARG B 993 -20.41 31.44 -13.92
N GLN B 994 -19.37 30.61 -13.90
CA GLN B 994 -18.42 30.55 -15.03
C GLN B 994 -19.05 29.96 -16.29
N LEU B 995 -20.12 29.18 -16.12
CA LEU B 995 -20.89 28.69 -17.24
C LEU B 995 -22.03 29.63 -17.61
N GLY B 996 -22.05 30.85 -17.09
CA GLY B 996 -23.13 31.78 -17.35
C GLY B 996 -24.52 31.37 -16.86
N LYS B 997 -24.59 30.57 -15.80
CA LYS B 997 -25.88 30.22 -15.19
C LYS B 997 -26.17 31.15 -14.04
N LYS B 998 -27.41 31.62 -13.94
CA LYS B 998 -27.86 32.38 -12.78
C LYS B 998 -27.98 31.47 -11.58
N THR B 999 -27.64 31.98 -10.41
CA THR B 999 -27.63 31.19 -9.16
C THR B 999 -28.48 31.80 -8.07
N VAL B 1000 -29.08 30.93 -7.26
CA VAL B 1000 -29.85 31.32 -6.10
C VAL B 1000 -29.26 30.52 -4.96
N VAL B 1001 -28.69 31.19 -3.96
CA VAL B 1001 -28.07 30.54 -2.83
C VAL B 1001 -28.97 30.73 -1.62
N VAL B 1002 -29.16 29.66 -0.85
CA VAL B 1002 -29.90 29.73 0.39
C VAL B 1002 -29.07 29.21 1.52
N ASN B 1003 -28.87 30.03 2.56
CA ASN B 1003 -28.19 29.60 3.77
C ASN B 1003 -28.48 30.52 4.95
N CYS B 1004 -28.25 30.05 6.16
CA CYS B 1004 -28.59 30.82 7.37
C CYS B 1004 -27.42 30.88 8.37
N ASN B 1005 -26.22 30.55 7.89
CA ASN B 1005 -25.02 30.48 8.74
C ASN B 1005 -24.21 31.74 8.54
N PRO B 1006 -24.20 32.62 9.55
CA PRO B 1006 -23.49 33.88 9.37
C PRO B 1006 -21.95 33.77 9.42
N GLU B 1007 -21.41 32.60 9.70
CA GLU B 1007 -19.97 32.41 9.71
C GLU B 1007 -19.44 31.88 8.38
N THR B 1008 -20.22 31.92 7.31
CA THR B 1008 -19.78 31.37 6.01
C THR B 1008 -19.32 32.44 5.04
N VAL B 1009 -18.37 32.06 4.18
CA VAL B 1009 -17.87 32.88 3.08
C VAL B 1009 -18.80 32.81 1.86
N SER B 1010 -19.47 31.67 1.70
CA SER B 1010 -20.32 31.45 0.53
C SER B 1010 -21.59 32.31 0.53
N THR B 1011 -21.98 32.84 1.68
CA THR B 1011 -23.10 33.79 1.76
C THR B 1011 -22.59 35.20 1.39
N ASP B 1012 -22.01 35.30 0.19
CA ASP B 1012 -21.48 36.55 -0.34
C ASP B 1012 -22.32 36.98 -1.54
N PHE B 1013 -23.10 38.03 -1.37
CA PHE B 1013 -23.98 38.48 -2.45
C PHE B 1013 -23.25 38.97 -3.73
N ASP B 1014 -21.95 39.23 -3.65
CA ASP B 1014 -21.16 39.52 -4.86
C ASP B 1014 -20.79 38.26 -5.67
N GLU B 1015 -20.95 37.06 -5.11
CA GLU B 1015 -20.52 35.83 -5.81
C GLU B 1015 -21.70 35.03 -6.42
N CYS B 1016 -22.92 35.35 -6.01
CA CYS B 1016 -24.12 34.76 -6.60
C CYS B 1016 -25.08 35.86 -7.03
N ASP B 1017 -26.08 35.52 -7.83
CA ASP B 1017 -27.02 36.50 -8.37
C ASP B 1017 -28.16 36.78 -7.38
N LYS B 1018 -28.55 35.80 -6.58
CA LYS B 1018 -29.49 36.01 -5.48
C LYS B 1018 -29.08 35.22 -4.27
N LEU B 1019 -28.95 35.92 -3.15
CA LEU B 1019 -28.65 35.29 -1.88
C LEU B 1019 -29.84 35.43 -0.92
N TYR B 1020 -30.39 34.31 -0.49
CA TYR B 1020 -31.48 34.29 0.49
C TYR B 1020 -30.86 33.87 1.82
N PHE B 1021 -30.85 34.76 2.80
CA PHE B 1021 -30.36 34.41 4.09
C PHE B 1021 -31.55 33.87 4.87
N GLU B 1022 -31.84 32.57 4.68
CA GLU B 1022 -33.14 31.99 5.04
C GLU B 1022 -33.05 30.55 5.56
N GLU B 1023 -34.16 30.09 6.16
CA GLU B 1023 -34.27 28.72 6.71
C GLU B 1023 -34.09 27.67 5.63
N LEU B 1024 -33.39 26.60 5.98
CA LEU B 1024 -33.24 25.43 5.14
C LEU B 1024 -34.26 24.34 5.50
N SER B 1025 -35.51 24.73 5.57
CA SER B 1025 -36.60 23.80 5.81
C SER B 1025 -37.28 23.54 4.50
N LEU B 1026 -38.05 22.45 4.49
CA LEU B 1026 -38.87 22.15 3.35
C LEU B 1026 -39.78 23.32 3.01
N GLU B 1027 -40.51 23.82 3.99
CA GLU B 1027 -41.45 24.93 3.74
C GLU B 1027 -40.78 26.13 3.07
N ARG B 1028 -39.67 26.59 3.66
CA ARG B 1028 -39.06 27.82 3.17
C ARG B 1028 -38.32 27.61 1.84
N ILE B 1029 -37.72 26.45 1.63
CA ILE B 1029 -37.10 26.17 0.34
C ILE B 1029 -38.15 26.08 -0.76
N LEU B 1030 -39.29 25.47 -0.50
CA LEU B 1030 -40.36 25.46 -1.48
C LEU B 1030 -40.84 26.87 -1.80
N ASP B 1031 -41.07 27.66 -0.76
CA ASP B 1031 -41.44 29.08 -0.94
C ASP B 1031 -40.52 29.78 -1.96
N ILE B 1032 -39.21 29.65 -1.75
CA ILE B 1032 -38.24 30.35 -2.58
C ILE B 1032 -38.16 29.75 -3.99
N TYR B 1033 -38.07 28.43 -4.06
CA TYR B 1033 -37.97 27.75 -5.33
C TYR B 1033 -39.14 28.05 -6.26
N HIS B 1034 -40.37 27.95 -5.74
CA HIS B 1034 -41.56 28.20 -6.55
C HIS B 1034 -41.81 29.66 -6.85
N GLN B 1035 -41.40 30.56 -5.97
CA GLN B 1035 -41.53 31.99 -6.20
C GLN B 1035 -40.53 32.45 -7.26
N GLU B 1036 -39.29 31.97 -7.18
CA GLU B 1036 -38.31 32.23 -8.25
C GLU B 1036 -38.56 31.41 -9.54
N ALA B 1037 -39.29 30.31 -9.43
CA ALA B 1037 -39.43 29.32 -10.51
C ALA B 1037 -38.07 28.90 -10.99
N CYS B 1038 -37.29 28.42 -10.05
CA CYS B 1038 -35.94 27.96 -10.34
C CYS B 1038 -35.96 26.83 -11.34
N GLY B 1039 -34.91 26.75 -12.13
CA GLY B 1039 -34.76 25.67 -13.10
C GLY B 1039 -34.26 24.37 -12.47
N GLY B 1040 -33.75 24.42 -11.25
CA GLY B 1040 -33.25 23.22 -10.61
C GLY B 1040 -32.66 23.54 -9.26
N CYS B 1041 -32.32 22.51 -8.51
CA CYS B 1041 -31.79 22.66 -7.16
C CYS B 1041 -30.67 21.65 -6.92
N ILE B 1042 -29.51 22.13 -6.46
CA ILE B 1042 -28.41 21.27 -6.07
C ILE B 1042 -28.44 21.08 -4.56
N ILE B 1043 -28.58 19.82 -4.15
CA ILE B 1043 -28.65 19.46 -2.73
C ILE B 1043 -27.40 18.73 -2.27
N SER B 1044 -26.43 18.56 -3.16
CA SER B 1044 -25.31 17.63 -2.94
C SER B 1044 -24.10 18.21 -2.24
N VAL B 1045 -24.07 19.52 -2.05
CA VAL B 1045 -22.85 20.18 -1.60
C VAL B 1045 -22.98 20.93 -0.29
N GLY B 1046 -23.97 20.58 0.51
CA GLY B 1046 -24.17 21.27 1.79
C GLY B 1046 -24.35 20.33 2.96
N GLY B 1047 -23.73 19.16 2.91
CA GLY B 1047 -23.87 18.21 4.00
C GLY B 1047 -25.24 17.59 4.15
N GLN B 1048 -25.55 17.21 5.37
CA GLN B 1048 -26.68 16.33 5.61
C GLN B 1048 -28.03 17.03 5.49
N ILE B 1049 -28.13 18.28 5.96
CA ILE B 1049 -29.40 19.02 5.95
C ILE B 1049 -30.07 19.01 4.57
N PRO B 1050 -29.44 19.61 3.55
CA PRO B 1050 -30.05 19.58 2.21
C PRO B 1050 -30.33 18.19 1.66
N ASN B 1051 -29.45 17.24 1.95
CA ASN B 1051 -29.59 15.91 1.41
C ASN B 1051 -30.79 15.16 1.97
N ASN B 1052 -31.14 15.41 3.23
CA ASN B 1052 -32.32 14.80 3.83
C ASN B 1052 -33.63 15.35 3.27
N LEU B 1053 -33.58 16.53 2.66
CA LEU B 1053 -34.76 17.11 2.00
C LEU B 1053 -35.00 16.61 0.57
N ALA B 1054 -34.09 15.79 0.04
CA ALA B 1054 -34.18 15.32 -1.37
C ALA B 1054 -35.55 14.79 -1.77
N VAL B 1055 -36.01 13.77 -1.08
CA VAL B 1055 -37.28 13.16 -1.42
C VAL B 1055 -38.48 14.12 -1.22
N PRO B 1056 -38.64 14.71 -0.01
CA PRO B 1056 -39.73 15.72 0.17
C PRO B 1056 -39.73 16.82 -0.90
N LEU B 1057 -38.55 17.34 -1.25
CA LEU B 1057 -38.49 18.34 -2.30
C LEU B 1057 -39.00 17.80 -3.63
N TYR B 1058 -38.54 16.60 -3.95
CA TYR B 1058 -38.90 15.91 -5.17
C TYR B 1058 -40.40 15.68 -5.29
N LYS B 1059 -41.05 15.31 -4.19
CA LYS B 1059 -42.50 15.11 -4.18
C LYS B 1059 -43.29 16.42 -4.25
N ASN B 1060 -42.61 17.57 -4.10
CA ASN B 1060 -43.28 18.84 -4.14
C ASN B 1060 -42.91 19.66 -5.36
N GLY B 1061 -42.56 18.99 -6.44
CA GLY B 1061 -42.31 19.68 -7.71
C GLY B 1061 -40.91 20.24 -7.93
N VAL B 1062 -39.97 19.91 -7.07
CA VAL B 1062 -38.60 20.42 -7.24
C VAL B 1062 -37.79 19.50 -8.13
N LYS B 1063 -37.12 20.09 -9.11
CA LYS B 1063 -36.23 19.37 -10.00
C LYS B 1063 -34.85 19.31 -9.35
N ILE B 1064 -34.52 18.17 -8.78
CA ILE B 1064 -33.23 17.95 -8.14
C ILE B 1064 -32.21 17.58 -9.24
N MET B 1065 -31.03 18.22 -9.21
CA MET B 1065 -30.00 17.97 -10.20
C MET B 1065 -29.11 16.80 -9.78
N GLY B 1066 -28.74 15.98 -10.75
CA GLY B 1066 -27.83 14.89 -10.47
C GLY B 1066 -28.56 13.62 -10.06
N THR B 1067 -27.94 12.88 -9.15
CA THR B 1067 -28.47 11.60 -8.69
C THR B 1067 -29.93 11.74 -8.24
N SER B 1068 -30.78 10.89 -8.80
CA SER B 1068 -32.20 10.92 -8.44
C SER B 1068 -32.44 10.82 -6.93
N PRO B 1069 -33.38 11.62 -6.42
CA PRO B 1069 -33.76 11.46 -5.01
C PRO B 1069 -34.22 10.05 -4.64
N LEU B 1070 -34.85 9.32 -5.55
CA LEU B 1070 -35.25 7.94 -5.28
C LEU B 1070 -34.04 7.05 -4.99
N GLN B 1071 -32.92 7.29 -5.66
CA GLN B 1071 -31.69 6.56 -5.41
C GLN B 1071 -31.01 6.97 -4.13
N ILE B 1072 -31.06 8.25 -3.81
CA ILE B 1072 -30.53 8.76 -2.55
C ILE B 1072 -31.25 8.08 -1.39
N ASP B 1073 -32.57 8.06 -1.45
CA ASP B 1073 -33.38 7.33 -0.47
C ASP B 1073 -32.92 5.85 -0.35
N ARG B 1074 -32.78 5.16 -1.47
CA ARG B 1074 -32.34 3.75 -1.43
C ARG B 1074 -30.96 3.60 -0.80
N ALA B 1075 -30.01 4.44 -1.19
CA ALA B 1075 -28.63 4.30 -0.70
C ALA B 1075 -28.48 4.61 0.79
N GLU B 1076 -29.39 5.39 1.33
CA GLU B 1076 -29.27 5.81 2.70
C GLU B 1076 -30.33 5.15 3.59
N ASP B 1077 -31.15 4.28 3.01
CA ASP B 1077 -31.88 3.27 3.79
C ASP B 1077 -30.96 2.05 4.00
N ARG B 1078 -30.64 1.76 5.25
CA ARG B 1078 -29.61 0.77 5.63
C ARG B 1078 -29.98 -0.64 5.14
N SER B 1079 -31.22 -1.04 5.39
CA SER B 1079 -31.77 -2.29 4.94
C SER B 1079 -31.68 -2.46 3.42
N ILE B 1080 -32.06 -1.44 2.66
CA ILE B 1080 -32.04 -1.55 1.21
C ILE B 1080 -30.63 -1.52 0.71
N PHE B 1081 -29.85 -0.59 1.24
CA PHE B 1081 -28.46 -0.49 0.86
C PHE B 1081 -27.77 -1.84 1.07
N SER B 1082 -27.96 -2.39 2.25
CA SER B 1082 -27.35 -3.64 2.61
C SER B 1082 -27.81 -4.81 1.70
N ALA B 1083 -29.10 -4.87 1.35
CA ALA B 1083 -29.58 -5.91 0.43
C ALA B 1083 -28.98 -5.76 -0.98
N VAL B 1084 -28.79 -4.52 -1.41
CA VAL B 1084 -28.14 -4.25 -2.69
C VAL B 1084 -26.68 -4.75 -2.65
N LEU B 1085 -25.99 -4.51 -1.54
CA LEU B 1085 -24.61 -4.99 -1.43
C LEU B 1085 -24.50 -6.53 -1.51
N ASP B 1086 -25.44 -7.23 -0.86
CA ASP B 1086 -25.52 -8.68 -0.90
C ASP B 1086 -25.62 -9.19 -2.32
N GLU B 1087 -26.55 -8.64 -3.08
CA GLU B 1087 -26.76 -9.01 -4.47
C GLU B 1087 -25.50 -8.76 -5.29
N LEU B 1088 -24.80 -7.66 -5.02
CA LEU B 1088 -23.57 -7.34 -5.71
C LEU B 1088 -22.37 -8.12 -5.17
N LYS B 1089 -22.53 -8.91 -4.12
CA LYS B 1089 -21.41 -9.61 -3.49
C LYS B 1089 -20.31 -8.71 -2.96
N VAL B 1090 -20.70 -7.53 -2.46
CA VAL B 1090 -19.80 -6.62 -1.78
C VAL B 1090 -19.99 -6.86 -0.28
N ALA B 1091 -18.90 -7.15 0.40
CA ALA B 1091 -18.94 -7.46 1.81
C ALA B 1091 -19.19 -6.22 2.68
N GLN B 1092 -19.86 -6.40 3.80
CA GLN B 1092 -20.09 -5.33 4.76
C GLN B 1092 -19.97 -5.87 6.18
N ALA B 1093 -19.84 -4.96 7.15
CA ALA B 1093 -19.84 -5.37 8.54
C ALA B 1093 -21.22 -5.87 8.93
N PRO B 1094 -21.29 -7.09 9.53
CA PRO B 1094 -22.59 -7.59 9.98
C PRO B 1094 -23.22 -6.62 10.96
N TRP B 1095 -24.54 -6.46 10.86
CA TRP B 1095 -25.24 -5.42 11.60
C TRP B 1095 -26.68 -5.83 11.86
N LYS B 1096 -27.33 -5.11 12.76
CA LYS B 1096 -28.75 -5.34 13.01
C LYS B 1096 -29.46 -4.17 13.68
N ALA B 1097 -30.71 -3.97 13.26
CA ALA B 1097 -31.59 -3.01 13.89
C ALA B 1097 -32.30 -3.77 15.00
N VAL B 1098 -32.25 -3.24 16.22
CA VAL B 1098 -32.83 -3.89 17.40
C VAL B 1098 -33.92 -3.04 18.07
N ASN B 1099 -34.84 -3.72 18.75
CA ASN B 1099 -35.92 -3.10 19.51
C ASN B 1099 -35.86 -3.50 20.98
N THR B 1100 -35.92 -4.81 21.22
CA THR B 1100 -35.81 -5.36 22.58
C THR B 1100 -34.35 -5.39 22.97
N LEU B 1101 -34.12 -5.28 24.27
CA LEU B 1101 -32.77 -5.41 24.82
C LEU B 1101 -32.21 -6.81 24.58
N ASN B 1102 -33.10 -7.80 24.57
CA ASN B 1102 -32.74 -9.20 24.37
C ASN B 1102 -32.26 -9.49 22.95
N GLU B 1103 -32.84 -8.78 21.98
CA GLU B 1103 -32.42 -8.88 20.58
C GLU B 1103 -30.98 -8.41 20.42
N ALA B 1104 -30.55 -7.46 21.26
CA ALA B 1104 -29.17 -6.99 21.28
C ALA B 1104 -28.21 -8.04 21.82
N LEU B 1105 -28.59 -8.70 22.91
CA LEU B 1105 -27.75 -9.74 23.50
C LEU B 1105 -27.62 -10.92 22.54
N GLU B 1106 -28.70 -11.20 21.81
CA GLU B 1106 -28.74 -12.30 20.85
C GLU B 1106 -27.78 -12.04 19.68
N PHE B 1107 -27.73 -10.79 19.24
CA PHE B 1107 -26.86 -10.37 18.15
C PHE B 1107 -25.40 -10.36 18.61
N ALA B 1108 -25.12 -9.62 19.69
CA ALA B 1108 -23.79 -9.55 20.29
C ALA B 1108 -23.18 -10.93 20.53
N LYS B 1109 -24.01 -11.86 20.99
CA LYS B 1109 -23.62 -13.25 21.18
C LYS B 1109 -23.06 -13.86 19.89
N SER B 1110 -23.78 -13.68 18.78
CA SER B 1110 -23.47 -14.36 17.53
C SER B 1110 -22.30 -13.77 16.75
N VAL B 1111 -21.73 -12.66 17.23
CA VAL B 1111 -20.57 -12.01 16.58
C VAL B 1111 -19.49 -11.46 17.55
N ASP B 1112 -19.66 -11.68 18.86
CA ASP B 1112 -18.71 -11.26 19.91
C ASP B 1112 -18.65 -9.75 20.15
N TYR B 1113 -18.27 -9.38 21.38
CA TYR B 1113 -18.03 -7.97 21.74
C TYR B 1113 -16.63 -7.56 21.25
N PRO B 1114 -16.31 -6.25 21.32
CA PRO B 1114 -17.21 -5.11 21.53
C PRO B 1114 -18.07 -4.86 20.29
N CYS B 1115 -19.12 -4.04 20.45
CA CYS B 1115 -20.03 -3.66 19.35
C CYS B 1115 -20.17 -2.15 19.29
N LEU B 1116 -20.60 -1.64 18.13
CA LEU B 1116 -20.87 -0.21 17.97
C LEU B 1116 -22.36 0.07 17.99
N LEU B 1117 -22.71 1.34 18.19
CA LEU B 1117 -24.08 1.79 18.39
C LEU B 1117 -24.33 3.12 17.67
N ARG B 1118 -25.46 3.21 16.96
CA ARG B 1118 -25.88 4.46 16.33
C ARG B 1118 -27.29 4.81 16.83
N PRO B 1119 -27.63 6.12 16.94
CA PRO B 1119 -28.85 6.55 17.65
C PRO B 1119 -30.17 6.13 16.99
N MET B 1128 -21.88 8.20 17.41
CA MET B 1128 -21.55 6.78 17.44
C MET B 1128 -20.76 6.40 18.71
N ASN B 1129 -21.28 5.41 19.46
CA ASN B 1129 -20.71 5.00 20.75
C ASN B 1129 -20.35 3.51 20.80
N VAL B 1130 -19.27 3.17 21.51
CA VAL B 1130 -18.84 1.78 21.67
C VAL B 1130 -19.49 1.11 22.88
N VAL B 1131 -19.67 -0.22 22.78
CA VAL B 1131 -20.22 -1.03 23.87
C VAL B 1131 -19.28 -2.20 24.17
N PHE B 1132 -18.73 -2.21 25.39
CA PHE B 1132 -17.79 -3.26 25.81
C PHE B 1132 -18.48 -4.47 26.43
N SER B 1133 -19.50 -4.24 27.27
CA SER B 1133 -20.21 -5.33 27.94
C SER B 1133 -21.75 -5.21 27.89
N GLU B 1134 -22.41 -6.25 28.40
CA GLU B 1134 -23.88 -6.34 28.37
C GLU B 1134 -24.55 -5.32 29.29
N ASP B 1135 -23.98 -5.14 30.47
CA ASP B 1135 -24.38 -4.08 31.38
C ASP B 1135 -24.45 -2.71 30.71
N GLU B 1136 -23.42 -2.42 29.92
CA GLU B 1136 -23.26 -1.13 29.25
C GLU B 1136 -24.39 -0.91 28.22
N MET B 1137 -24.79 -2.00 27.57
CA MET B 1137 -25.94 -1.98 26.65
C MET B 1137 -27.24 -1.63 27.38
N LYS B 1138 -27.39 -2.14 28.61
CA LYS B 1138 -28.60 -1.96 29.41
C LYS B 1138 -28.95 -0.48 29.63
N LYS B 1139 -27.91 0.32 29.87
CA LYS B 1139 -28.10 1.73 30.21
C LYS B 1139 -28.52 2.59 29.01
N PHE B 1140 -28.01 2.27 27.81
CA PHE B 1140 -28.17 3.16 26.65
C PHE B 1140 -29.63 3.46 26.21
N LEU B 1141 -30.60 2.66 26.64
CA LEU B 1141 -32.01 3.08 26.65
C LEU B 1141 -32.37 3.69 28.02
N PRO B 1152 -35.69 3.34 17.64
CA PRO B 1152 -34.99 2.39 16.78
C PRO B 1152 -33.46 2.56 16.82
N VAL B 1153 -32.73 1.51 17.21
CA VAL B 1153 -31.26 1.59 17.37
C VAL B 1153 -30.49 0.48 16.62
N VAL B 1154 -29.45 0.87 15.89
CA VAL B 1154 -28.65 -0.04 15.05
C VAL B 1154 -27.35 -0.50 15.73
N LEU B 1155 -27.10 -1.80 15.71
CA LEU B 1155 -25.84 -2.37 16.19
C LEU B 1155 -24.97 -2.87 15.02
N THR B 1156 -23.67 -2.58 15.10
CA THR B 1156 -22.69 -3.09 14.14
C THR B 1156 -21.41 -3.58 14.83
N LYS B 1157 -20.88 -4.69 14.35
CA LYS B 1157 -19.56 -5.17 14.73
C LYS B 1157 -18.50 -4.54 13.81
N PHE B 1158 -17.50 -3.83 14.35
CA PHE B 1158 -16.26 -3.52 13.57
C PHE B 1158 -15.23 -4.54 14.00
N VAL B 1159 -14.41 -4.98 13.06
CA VAL B 1159 -13.31 -5.88 13.41
C VAL B 1159 -12.27 -5.07 14.20
N GLU B 1160 -11.53 -5.75 15.06
CA GLU B 1160 -10.46 -5.11 15.79
C GLU B 1160 -9.23 -4.98 14.90
N GLY B 1161 -8.45 -3.94 15.11
CA GLY B 1161 -7.23 -3.73 14.34
C GLY B 1161 -7.45 -3.47 12.84
N ALA B 1162 -8.59 -2.95 12.46
CA ALA B 1162 -8.81 -2.66 11.06
C ALA B 1162 -8.34 -1.26 10.71
N ARG B 1163 -8.00 -1.07 9.44
CA ARG B 1163 -7.75 0.23 8.88
C ARG B 1163 -9.05 0.76 8.34
N GLU B 1164 -9.14 2.07 8.24
CA GLU B 1164 -10.29 2.70 7.61
C GLU B 1164 -9.83 3.51 6.41
N VAL B 1165 -10.64 3.46 5.35
CA VAL B 1165 -10.34 4.05 4.09
C VAL B 1165 -11.56 4.82 3.61
N GLU B 1166 -11.33 6.00 3.04
CA GLU B 1166 -12.38 6.83 2.45
C GLU B 1166 -12.24 6.86 0.93
N MET B 1167 -13.34 6.64 0.24
CA MET B 1167 -13.44 6.85 -1.18
C MET B 1167 -14.31 8.07 -1.46
N ASP B 1168 -13.70 9.08 -2.06
CA ASP B 1168 -14.41 10.25 -2.54
C ASP B 1168 -14.45 10.22 -4.04
N ALA B 1169 -15.63 10.41 -4.61
CA ALA B 1169 -15.78 10.19 -6.02
C ALA B 1169 -16.88 11.01 -6.63
N VAL B 1170 -16.84 11.09 -7.96
CA VAL B 1170 -17.88 11.74 -8.71
C VAL B 1170 -18.34 10.70 -9.71
N GLY B 1171 -19.65 10.50 -9.80
CA GLY B 1171 -20.19 9.61 -10.80
C GLY B 1171 -20.89 10.36 -11.91
N LYS B 1172 -20.95 9.76 -13.08
CA LYS B 1172 -21.74 10.29 -14.18
C LYS B 1172 -22.45 9.15 -14.86
N ASP B 1173 -23.78 9.17 -14.87
CA ASP B 1173 -24.57 8.05 -15.44
C ASP B 1173 -24.11 6.69 -14.90
N GLY B 1174 -23.79 6.65 -13.61
CA GLY B 1174 -23.41 5.41 -12.96
C GLY B 1174 -21.97 4.98 -13.16
N ARG B 1175 -21.14 5.82 -13.78
CA ARG B 1175 -19.71 5.55 -13.99
C ARG B 1175 -18.91 6.50 -13.14
N VAL B 1176 -17.82 6.01 -12.55
CA VAL B 1176 -16.95 6.83 -11.75
C VAL B 1176 -15.99 7.56 -12.68
N ILE B 1177 -16.05 8.88 -12.70
CA ILE B 1177 -15.14 9.65 -13.53
C ILE B 1177 -14.15 10.48 -12.74
N SER B 1178 -14.22 10.44 -11.42
CA SER B 1178 -13.15 11.00 -10.60
C SER B 1178 -13.19 10.30 -9.28
N HIS B 1179 -12.02 9.98 -8.72
CA HIS B 1179 -11.97 9.35 -7.41
C HIS B 1179 -10.64 9.60 -6.70
N ALA B 1180 -10.66 9.45 -5.38
CA ALA B 1180 -9.50 9.59 -4.55
C ALA B 1180 -9.68 8.72 -3.34
N ILE B 1181 -8.66 7.91 -3.02
CA ILE B 1181 -8.69 7.04 -1.85
C ILE B 1181 -7.75 7.53 -0.75
N SER B 1182 -8.30 7.77 0.43
CA SER B 1182 -7.50 8.22 1.57
C SER B 1182 -7.54 7.19 2.67
N GLU B 1183 -6.49 7.16 3.49
CA GLU B 1183 -6.41 6.22 4.61
C GLU B 1183 -6.40 7.01 5.91
N HIS B 1184 -7.18 6.56 6.88
CA HIS B 1184 -7.16 7.14 8.22
C HIS B 1184 -5.88 6.73 8.91
N VAL B 1185 -5.26 7.64 9.64
CA VAL B 1185 -4.15 7.27 10.51
C VAL B 1185 -4.66 6.34 11.61
N GLU B 1186 -5.74 6.74 12.28
CA GLU B 1186 -6.32 5.93 13.37
C GLU B 1186 -6.93 4.61 12.87
N ASP B 1187 -6.76 3.54 13.63
CA ASP B 1187 -7.48 2.27 13.39
C ASP B 1187 -8.98 2.58 13.42
N ALA B 1188 -9.76 1.83 12.67
CA ALA B 1188 -11.21 2.03 12.61
C ALA B 1188 -11.84 1.89 13.99
N GLY B 1189 -12.77 2.80 14.33
CA GLY B 1189 -13.56 2.65 15.56
C GLY B 1189 -13.79 3.95 16.30
N VAL B 1190 -12.69 4.59 16.69
CA VAL B 1190 -12.72 5.98 17.21
C VAL B 1190 -13.29 6.85 16.08
N HIS B 1191 -14.26 7.69 16.41
CA HIS B 1191 -15.09 8.43 15.42
C HIS B 1191 -14.36 8.76 14.10
N SER B 1192 -15.03 8.49 12.98
CA SER B 1192 -14.46 8.68 11.64
C SER B 1192 -14.40 10.13 11.16
N GLY B 1193 -15.13 11.03 11.86
CA GLY B 1193 -15.22 12.43 11.46
C GLY B 1193 -14.17 13.36 12.03
N ASP B 1194 -13.42 12.90 13.04
CA ASP B 1194 -12.22 13.61 13.52
C ASP B 1194 -10.93 12.81 13.22
N ALA B 1195 -11.04 11.82 12.35
CA ALA B 1195 -9.90 11.05 11.91
C ALA B 1195 -8.97 11.94 11.08
N THR B 1196 -7.68 11.71 11.23
CA THR B 1196 -6.68 12.31 10.40
C THR B 1196 -6.54 11.47 9.10
N LEU B 1197 -6.63 12.12 7.95
CA LEU B 1197 -6.54 11.47 6.66
C LEU B 1197 -5.18 11.63 6.00
N MET B 1198 -4.74 10.58 5.31
CA MET B 1198 -3.49 10.60 4.51
C MET B 1198 -3.88 10.29 3.07
N LEU B 1199 -3.28 11.01 2.14
CA LEU B 1199 -3.58 10.80 0.74
C LEU B 1199 -2.27 10.96 -0.01
N PRO B 1200 -1.89 9.99 -0.85
CA PRO B 1200 -2.50 8.69 -1.10
C PRO B 1200 -2.28 7.71 0.08
N THR B 1201 -2.68 6.45 -0.09
CA THR B 1201 -2.65 5.51 1.01
C THR B 1201 -1.20 5.07 1.29
N GLN B 1202 -0.96 4.70 2.54
CA GLN B 1202 0.37 4.40 3.08
C GLN B 1202 0.56 2.95 3.42
N THR B 1203 -0.44 2.28 3.99
CA THR B 1203 -0.27 0.91 4.50
C THR B 1203 -1.42 -0.02 4.09
N ILE B 1204 -2.01 0.26 2.93
CA ILE B 1204 -3.11 -0.53 2.41
C ILE B 1204 -2.56 -1.45 1.31
N SER B 1205 -2.98 -2.70 1.30
CA SER B 1205 -2.47 -3.62 0.30
C SER B 1205 -3.04 -3.25 -1.06
N GLN B 1206 -2.31 -3.60 -2.11
CA GLN B 1206 -2.75 -3.29 -3.45
C GLN B 1206 -4.04 -4.04 -3.82
N GLY B 1207 -4.21 -5.26 -3.34
CA GLY B 1207 -5.43 -6.00 -3.56
C GLY B 1207 -6.63 -5.33 -2.93
N ALA B 1208 -6.46 -4.81 -1.71
CA ALA B 1208 -7.55 -4.11 -1.03
C ALA B 1208 -7.98 -2.89 -1.83
N ILE B 1209 -7.02 -2.16 -2.36
CA ILE B 1209 -7.29 -1.00 -3.20
C ILE B 1209 -8.11 -1.43 -4.41
N GLU B 1210 -7.74 -2.54 -5.05
CA GLU B 1210 -8.52 -3.02 -6.19
C GLU B 1210 -9.97 -3.34 -5.75
N LYS B 1211 -10.14 -3.95 -4.60
CA LYS B 1211 -11.50 -4.24 -4.09
C LYS B 1211 -12.29 -2.97 -3.78
N VAL B 1212 -11.63 -2.02 -3.16
CA VAL B 1212 -12.25 -0.73 -2.92
C VAL B 1212 -12.74 -0.12 -4.24
N LYS B 1213 -11.91 -0.16 -5.28
CA LYS B 1213 -12.28 0.38 -6.59
C LYS B 1213 -13.46 -0.37 -7.21
N ASP B 1214 -13.40 -1.69 -7.13
CA ASP B 1214 -14.45 -2.51 -7.68
C ASP B 1214 -15.81 -2.32 -6.97
N ALA B 1215 -15.79 -2.26 -5.65
CA ALA B 1215 -17.01 -2.02 -4.91
C ALA B 1215 -17.61 -0.64 -5.26
N THR B 1216 -16.74 0.34 -5.48
CA THR B 1216 -17.15 1.69 -5.81
C THR B 1216 -17.79 1.73 -7.21
N ARG B 1217 -17.19 0.99 -8.16
CA ARG B 1217 -17.74 0.85 -9.50
CA ARG B 1217 -17.76 0.86 -9.50
C ARG B 1217 -19.18 0.31 -9.43
N LYS B 1218 -19.38 -0.73 -8.63
CA LYS B 1218 -20.68 -1.37 -8.52
C LYS B 1218 -21.72 -0.52 -7.83
N ILE B 1219 -21.29 0.18 -6.78
CA ILE B 1219 -22.16 1.04 -6.05
C ILE B 1219 -22.65 2.18 -6.93
N ALA B 1220 -21.74 2.80 -7.66
CA ALA B 1220 -22.09 3.88 -8.56
C ALA B 1220 -23.08 3.46 -9.63
N LYS B 1221 -22.96 2.23 -10.10
CA LYS B 1221 -23.88 1.72 -11.11
C LYS B 1221 -25.21 1.32 -10.48
N ALA B 1222 -25.18 0.68 -9.31
CA ALA B 1222 -26.44 0.29 -8.65
C ALA B 1222 -27.37 1.48 -8.26
N PHE B 1223 -26.81 2.64 -7.97
CA PHE B 1223 -27.61 3.79 -7.61
C PHE B 1223 -27.60 4.87 -8.69
N ALA B 1224 -27.10 4.52 -9.89
CA ALA B 1224 -27.18 5.40 -11.06
C ALA B 1224 -26.63 6.81 -10.70
N ILE B 1225 -25.46 6.87 -10.12
CA ILE B 1225 -24.97 8.12 -9.58
C ILE B 1225 -24.55 9.12 -10.68
N SER B 1226 -25.01 10.36 -10.54
CA SER B 1226 -24.56 11.52 -11.32
C SER B 1226 -24.33 12.66 -10.36
N GLY B 1227 -23.10 12.78 -9.88
CA GLY B 1227 -22.77 13.77 -8.89
C GLY B 1227 -21.77 13.17 -7.94
N PRO B 1228 -21.53 13.87 -6.82
CA PRO B 1228 -20.53 13.45 -5.87
C PRO B 1228 -21.03 12.35 -4.97
N PHE B 1229 -20.11 11.52 -4.49
CA PHE B 1229 -20.46 10.59 -3.42
C PHE B 1229 -19.23 10.13 -2.67
N ASN B 1230 -19.48 9.44 -1.57
CA ASN B 1230 -18.47 9.01 -0.64
C ASN B 1230 -18.85 7.64 -0.11
N VAL B 1231 -17.85 6.77 0.02
CA VAL B 1231 -18.02 5.44 0.61
C VAL B 1231 -16.88 5.20 1.59
N GLN B 1232 -17.21 4.70 2.79
CA GLN B 1232 -16.22 4.36 3.79
C GLN B 1232 -16.08 2.85 3.88
N PHE B 1233 -14.85 2.39 4.07
CA PHE B 1233 -14.51 0.99 4.06
C PHE B 1233 -13.67 0.62 5.28
N LEU B 1234 -13.86 -0.58 5.83
CA LEU B 1234 -12.89 -1.21 6.71
C LEU B 1234 -12.02 -2.11 5.86
N VAL B 1235 -10.71 -2.05 6.10
CA VAL B 1235 -9.73 -2.88 5.46
C VAL B 1235 -8.89 -3.59 6.52
N LYS B 1236 -8.85 -4.91 6.47
CA LYS B 1236 -7.91 -5.69 7.25
C LYS B 1236 -7.23 -6.72 6.31
N GLY B 1237 -5.97 -6.48 6.00
CA GLY B 1237 -5.24 -7.30 4.99
C GLY B 1237 -5.84 -7.13 3.61
N ASN B 1238 -6.42 -8.20 3.11
CA ASN B 1238 -7.20 -8.15 1.88
C ASN B 1238 -8.72 -8.10 2.07
N ASP B 1239 -9.21 -8.14 3.31
CA ASP B 1239 -10.67 -8.03 3.60
C ASP B 1239 -11.10 -6.59 3.53
N VAL B 1240 -12.09 -6.30 2.71
CA VAL B 1240 -12.60 -4.96 2.51
C VAL B 1240 -14.11 -4.99 2.78
N LEU B 1241 -14.59 -4.18 3.71
CA LEU B 1241 -15.99 -4.18 4.12
C LEU B 1241 -16.53 -2.78 3.96
N VAL B 1242 -17.67 -2.62 3.30
CA VAL B 1242 -18.29 -1.30 3.23
C VAL B 1242 -18.90 -1.00 4.59
N ILE B 1243 -18.61 0.18 5.09
CA ILE B 1243 -19.21 0.70 6.31
C ILE B 1243 -20.46 1.50 5.97
N GLU B 1244 -20.36 2.42 5.04
CA GLU B 1244 -21.52 3.17 4.59
C GLU B 1244 -21.21 4.02 3.40
N CYS B 1245 -22.28 4.54 2.83
CA CYS B 1245 -22.21 5.34 1.65
C CYS B 1245 -23.05 6.62 1.86
N ASN B 1246 -22.45 7.76 1.53
CA ASN B 1246 -23.15 9.04 1.54
C ASN B 1246 -23.19 9.51 0.11
N LEU B 1247 -24.40 9.72 -0.38
CA LEU B 1247 -24.60 10.08 -1.77
C LEU B 1247 -24.61 11.61 -1.87
N ARG B 1248 -23.49 12.20 -1.50
CA ARG B 1248 -23.29 13.64 -1.52
C ARG B 1248 -21.80 13.91 -1.36
N ALA B 1249 -21.40 15.17 -1.46
CA ALA B 1249 -20.00 15.52 -1.22
C ALA B 1249 -19.71 15.36 0.27
N SER B 1250 -18.51 14.92 0.58
CA SER B 1250 -18.06 14.72 1.94
C SER B 1250 -17.11 15.85 2.33
N ARG B 1251 -16.77 15.90 3.61
CA ARG B 1251 -15.89 16.91 4.14
C ARG B 1251 -14.46 16.81 3.57
N SER B 1252 -14.12 15.71 2.88
CA SER B 1252 -12.75 15.59 2.34
C SER B 1252 -12.64 15.98 0.86
N PHE B 1253 -13.72 16.46 0.27
CA PHE B 1253 -13.67 16.92 -1.14
C PHE B 1253 -12.66 18.06 -1.39
N PRO B 1254 -12.58 19.05 -0.49
CA PRO B 1254 -11.60 20.11 -0.72
C PRO B 1254 -10.15 19.59 -0.63
N PHE B 1255 -9.85 18.83 0.42
CA PHE B 1255 -8.55 18.21 0.62
C PHE B 1255 -8.06 17.39 -0.62
N VAL B 1256 -8.94 16.53 -1.08
CA VAL B 1256 -8.68 15.68 -2.23
C VAL B 1256 -8.52 16.49 -3.49
N SER B 1257 -9.34 17.53 -3.65
CA SER B 1257 -9.24 18.36 -4.84
C SER B 1257 -7.90 19.10 -4.93
N LYS B 1258 -7.48 19.72 -3.83
CA LYS B 1258 -6.23 20.48 -3.78
C LYS B 1258 -5.03 19.57 -3.85
N THR B 1259 -5.14 18.38 -3.27
CA THR B 1259 -4.07 17.40 -3.36
C THR B 1259 -3.87 16.91 -4.78
N LEU B 1260 -4.95 16.62 -5.47
CA LEU B 1260 -4.87 16.04 -6.82
C LEU B 1260 -4.81 17.08 -7.94
N GLY B 1261 -5.05 18.34 -7.63
CA GLY B 1261 -5.03 19.38 -8.66
C GLY B 1261 -6.25 19.38 -9.56
N VAL B 1262 -7.36 18.85 -9.06
CA VAL B 1262 -8.61 18.78 -9.83
C VAL B 1262 -9.76 19.13 -8.89
N ASP B 1263 -10.57 20.11 -9.26
CA ASP B 1263 -11.68 20.49 -8.38
C ASP B 1263 -12.84 19.51 -8.56
N PHE B 1264 -13.02 18.64 -7.58
CA PHE B 1264 -14.02 17.58 -7.67
C PHE B 1264 -15.43 18.17 -7.66
N ILE B 1265 -15.61 19.32 -7.02
CA ILE B 1265 -16.94 19.93 -6.97
C ILE B 1265 -17.29 20.57 -8.30
N ASP B 1266 -16.29 21.12 -8.96
CA ASP B 1266 -16.46 21.65 -10.30
C ASP B 1266 -16.88 20.54 -11.26
N VAL B 1267 -16.14 19.44 -11.27
CA VAL B 1267 -16.53 18.26 -12.06
C VAL B 1267 -17.96 17.80 -11.74
N ALA B 1268 -18.27 17.67 -10.46
CA ALA B 1268 -19.58 17.18 -10.03
C ALA B 1268 -20.68 18.11 -10.43
N THR B 1269 -20.44 19.42 -10.30
CA THR B 1269 -21.44 20.43 -10.63
C THR B 1269 -21.74 20.40 -12.13
N LYS B 1270 -20.69 20.31 -12.93
CA LYS B 1270 -20.83 20.11 -14.36
C LYS B 1270 -21.64 18.88 -14.75
N VAL B 1271 -21.32 17.75 -14.14
CA VAL B 1271 -22.07 16.53 -14.41
C VAL B 1271 -23.55 16.72 -14.08
N MET B 1272 -23.84 17.24 -12.90
CA MET B 1272 -25.22 17.41 -12.42
C MET B 1272 -26.07 18.34 -13.27
N ILE B 1273 -25.48 19.35 -13.88
CA ILE B 1273 -26.26 20.24 -14.78
C ILE B 1273 -26.19 19.85 -16.26
N GLY B 1274 -25.54 18.73 -16.59
CA GLY B 1274 -25.43 18.29 -17.98
C GLY B 1274 -24.39 19.00 -18.83
N GLU B 1275 -23.41 19.65 -18.20
CA GLU B 1275 -22.32 20.27 -18.94
C GLU B 1275 -21.27 19.20 -19.20
N ASN B 1276 -20.88 19.03 -20.46
CA ASN B 1276 -19.94 17.99 -20.82
C ASN B 1276 -18.59 18.17 -20.14
N VAL B 1277 -17.93 17.06 -19.87
CA VAL B 1277 -16.66 17.11 -19.23
C VAL B 1277 -15.69 16.13 -19.91
N ASP B 1278 -14.46 16.58 -20.07
CA ASP B 1278 -13.40 15.77 -20.66
C ASP B 1278 -12.75 14.90 -19.59
N GLU B 1279 -12.92 13.59 -19.72
CA GLU B 1279 -12.44 12.63 -18.72
C GLU B 1279 -10.98 12.25 -18.90
N LYS B 1280 -10.36 12.68 -20.00
CA LYS B 1280 -8.99 12.32 -20.36
C LYS B 1280 -7.98 12.53 -19.23
N HIS B 1281 -8.05 13.69 -18.61
CA HIS B 1281 -7.12 14.05 -17.54
C HIS B 1281 -7.70 13.93 -16.16
N LEU B 1282 -8.87 13.31 -16.01
CA LEU B 1282 -9.46 13.13 -14.68
C LEU B 1282 -8.97 11.84 -14.02
N PRO B 1283 -9.04 11.77 -12.68
CA PRO B 1283 -8.67 10.53 -11.96
C PRO B 1283 -9.82 9.53 -11.97
N THR B 1284 -10.05 8.91 -13.14
CA THR B 1284 -11.01 7.82 -13.26
C THR B 1284 -10.44 6.57 -12.58
N LEU B 1285 -11.27 5.54 -12.43
CA LEU B 1285 -10.84 4.27 -11.82
C LEU B 1285 -9.75 3.57 -12.61
N ASP B 1286 -9.78 3.75 -13.93
CA ASP B 1286 -8.81 3.15 -14.83
C ASP B 1286 -7.50 3.90 -14.85
N HIS B 1287 -7.53 5.22 -14.62
CA HIS B 1287 -6.28 6.02 -14.56
C HIS B 1287 -6.30 7.02 -13.43
N PRO B 1288 -5.99 6.54 -12.24
CA PRO B 1288 -6.02 7.41 -11.07
C PRO B 1288 -4.93 8.49 -11.12
N ILE B 1289 -5.07 9.50 -10.27
CA ILE B 1289 -3.98 10.40 -10.03
C ILE B 1289 -3.45 10.09 -8.64
N ILE B 1290 -2.18 9.73 -8.60
CA ILE B 1290 -1.48 9.34 -7.39
C ILE B 1290 -0.25 10.22 -7.27
N PRO B 1291 -0.27 11.20 -6.37
CA PRO B 1291 0.95 11.98 -6.13
C PRO B 1291 2.14 11.07 -5.81
N ALA B 1292 3.23 11.31 -6.50
CA ALA B 1292 4.46 10.55 -6.28
C ALA B 1292 5.40 11.27 -5.33
N ASP B 1293 5.53 12.58 -5.47
CA ASP B 1293 6.58 13.37 -4.79
C ASP B 1293 6.19 13.95 -3.46
N TYR B 1294 4.93 13.79 -3.08
CA TYR B 1294 4.47 14.35 -1.81
C TYR B 1294 3.28 13.60 -1.34
N VAL B 1295 3.00 13.76 -0.04
CA VAL B 1295 1.82 13.19 0.61
C VAL B 1295 1.04 14.33 1.25
N ALA B 1296 -0.26 14.14 1.41
CA ALA B 1296 -1.10 15.12 2.02
C ALA B 1296 -1.73 14.57 3.28
N ILE B 1297 -1.85 15.42 4.29
CA ILE B 1297 -2.48 15.05 5.53
C ILE B 1297 -3.58 16.07 5.86
N LYS B 1298 -4.68 15.59 6.38
CA LYS B 1298 -5.78 16.45 6.82
C LYS B 1298 -6.08 16.10 8.26
N ALA B 1299 -5.99 17.08 9.14
CA ALA B 1299 -6.16 16.88 10.56
C ALA B 1299 -7.13 17.89 11.11
N PRO B 1300 -7.67 17.64 12.32
CA PRO B 1300 -8.54 18.66 12.90
C PRO B 1300 -7.73 19.86 13.33
N MET B 1301 -8.33 21.03 13.29
CA MET B 1301 -7.66 22.23 13.81
C MET B 1301 -7.56 22.16 15.34
N PHE B 1302 -8.65 21.78 15.99
CA PHE B 1302 -8.70 21.83 17.45
C PHE B 1302 -9.43 20.62 18.00
N SER B 1303 -8.88 20.03 19.06
CA SER B 1303 -9.51 18.92 19.74
C SER B 1303 -9.54 19.19 21.24
N TRP B 1304 -10.62 18.79 21.88
CA TRP B 1304 -10.74 18.98 23.31
C TRP B 1304 -11.50 17.79 23.89
N PRO B 1305 -11.26 17.50 25.18
CA PRO B 1305 -11.93 16.39 25.82
C PRO B 1305 -13.34 16.73 26.32
N ARG B 1306 -14.19 15.71 26.37
CA ARG B 1306 -15.54 15.81 26.90
C ARG B 1306 -15.77 14.67 27.86
N LEU B 1307 -16.38 14.99 29.00
CA LEU B 1307 -16.65 14.00 30.02
C LEU B 1307 -18.11 13.58 29.88
N ARG B 1308 -18.37 12.29 29.78
CA ARG B 1308 -19.75 11.80 29.88
C ARG B 1308 -20.22 11.86 31.33
N ASP B 1309 -20.54 13.09 31.77
CA ASP B 1309 -21.04 13.38 33.11
C ASP B 1309 -22.55 13.19 33.16
N ALA B 1310 -23.18 13.12 31.98
CA ALA B 1310 -24.62 12.82 31.86
C ALA B 1310 -24.99 11.53 32.60
N ASP B 1311 -24.02 10.65 32.78
CA ASP B 1311 -24.14 9.43 33.59
C ASP B 1311 -24.67 8.18 32.85
N PRO B 1312 -24.73 8.19 31.50
CA PRO B 1312 -25.07 6.89 30.89
C PRO B 1312 -23.93 5.90 31.14
N ILE B 1313 -22.75 6.23 30.62
CA ILE B 1313 -21.52 5.58 31.00
C ILE B 1313 -20.62 6.69 31.54
N LEU B 1314 -19.67 6.30 32.38
CA LEU B 1314 -18.62 7.23 32.74
C LEU B 1314 -17.47 6.99 31.75
N ARG B 1315 -17.28 7.95 30.84
CA ARG B 1315 -16.14 7.92 29.91
C ARG B 1315 -15.73 9.31 29.45
N CYS B 1316 -14.52 9.39 28.91
CA CYS B 1316 -13.95 10.63 28.43
C CYS B 1316 -13.65 10.48 26.95
N GLU B 1317 -14.24 11.34 26.12
CA GLU B 1317 -14.04 11.29 24.69
C GLU B 1317 -13.37 12.56 24.24
N MET B 1318 -12.84 12.52 23.03
CA MET B 1318 -12.36 13.71 22.36
C MET B 1318 -13.42 14.15 21.35
N ALA B 1319 -13.58 15.45 21.21
CA ALA B 1319 -14.33 16.04 20.13
C ALA B 1319 -13.35 16.93 19.38
N SER B 1320 -13.63 17.25 18.14
CA SER B 1320 -12.77 18.18 17.42
C SER B 1320 -13.50 18.95 16.34
N THR B 1321 -12.86 20.02 15.87
CA THR B 1321 -13.42 20.87 14.83
C THR B 1321 -12.33 21.52 13.97
N GLY B 1322 -12.77 22.07 12.84
CA GLY B 1322 -11.87 22.77 11.92
C GLY B 1322 -10.97 21.82 11.16
N GLU B 1323 -10.08 22.38 10.39
CA GLU B 1323 -9.29 21.63 9.45
C GLU B 1323 -7.93 22.28 9.30
N VAL B 1324 -6.88 21.48 9.37
CA VAL B 1324 -5.62 21.85 8.72
C VAL B 1324 -5.22 20.74 7.75
N ALA B 1325 -4.83 21.15 6.56
CA ALA B 1325 -4.27 20.24 5.58
C ALA B 1325 -2.90 20.76 5.11
N CYS B 1326 -1.93 19.85 5.00
CA CYS B 1326 -0.55 20.17 4.56
C CYS B 1326 -0.01 19.06 3.67
N PHE B 1327 0.97 19.43 2.87
CA PHE B 1327 1.74 18.57 2.03
C PHE B 1327 3.11 18.38 2.68
N GLY B 1328 3.74 17.23 2.45
CA GLY B 1328 5.12 16.95 2.87
C GLY B 1328 5.74 15.95 1.89
N GLU B 1329 7.04 15.74 1.95
CA GLU B 1329 7.72 14.76 1.06
C GLU B 1329 7.21 13.39 1.40
N GLY B 1330 6.89 13.20 2.67
CA GLY B 1330 6.22 11.98 3.13
C GLY B 1330 5.27 12.30 4.26
N ILE B 1331 4.58 11.28 4.74
CA ILE B 1331 3.52 11.50 5.73
C ILE B 1331 4.08 12.03 7.05
N HIS B 1332 5.31 11.68 7.37
CA HIS B 1332 5.94 12.13 8.62
C HIS B 1332 6.19 13.64 8.67
N THR B 1333 6.73 14.18 7.59
CA THR B 1333 6.96 15.62 7.54
C THR B 1333 5.65 16.39 7.38
N ALA B 1334 4.70 15.79 6.66
CA ALA B 1334 3.37 16.40 6.55
C ALA B 1334 2.75 16.53 7.92
N PHE B 1335 2.91 15.47 8.72
CA PHE B 1335 2.35 15.44 10.05
C PHE B 1335 2.93 16.53 10.94
N LEU B 1336 4.26 16.68 10.92
CA LEU B 1336 4.95 17.70 11.72
C LEU B 1336 4.58 19.09 11.25
N LYS B 1337 4.39 19.26 9.94
CA LYS B 1337 3.92 20.53 9.41
C LYS B 1337 2.50 20.85 9.90
N ALA B 1338 1.63 19.85 9.95
CA ALA B 1338 0.27 20.02 10.46
C ALA B 1338 0.29 20.39 11.96
N MET B 1339 1.17 19.77 12.73
CA MET B 1339 1.32 20.14 14.14
C MET B 1339 1.72 21.62 14.28
N LEU B 1340 2.66 22.07 13.47
CA LEU B 1340 3.10 23.46 13.53
C LEU B 1340 2.03 24.41 13.03
N SER B 1341 1.29 24.00 12.01
CA SER B 1341 0.19 24.79 11.47
C SER B 1341 -0.95 24.99 12.47
N THR B 1342 -1.16 24.01 13.34
CA THR B 1342 -2.18 24.11 14.39
C THR B 1342 -1.75 24.98 15.57
N GLY B 1343 -0.50 25.46 15.52
CA GLY B 1343 0.01 26.40 16.49
C GLY B 1343 0.80 25.79 17.63
N PHE B 1344 1.19 24.53 17.52
CA PHE B 1344 2.01 23.88 18.54
C PHE B 1344 3.50 24.03 18.26
N LYS B 1345 4.29 23.92 19.30
CA LYS B 1345 5.73 23.73 19.11
C LYS B 1345 5.98 22.23 19.07
N ILE B 1346 6.85 21.78 18.18
CA ILE B 1346 7.21 20.38 18.15
C ILE B 1346 7.91 20.05 19.46
N PRO B 1347 7.36 19.14 20.27
CA PRO B 1347 7.97 18.79 21.56
C PRO B 1347 9.42 18.40 21.42
N GLN B 1348 10.22 18.75 22.42
CA GLN B 1348 11.62 18.33 22.44
C GLN B 1348 12.18 18.11 23.84
N LYS B 1349 11.33 18.18 24.87
CA LYS B 1349 11.78 18.10 26.25
C LYS B 1349 11.26 16.84 26.94
N GLY B 1350 9.97 16.78 27.21
CA GLY B 1350 9.42 15.73 28.05
C GLY B 1350 8.00 15.33 27.71
N ILE B 1351 7.69 14.08 27.99
CA ILE B 1351 6.42 13.50 27.58
C ILE B 1351 5.74 12.80 28.75
N LEU B 1352 4.49 13.18 29.01
CA LEU B 1352 3.67 12.44 29.95
C LEU B 1352 3.04 11.25 29.22
N ILE B 1353 3.19 10.07 29.81
CA ILE B 1353 2.64 8.84 29.26
C ILE B 1353 1.51 8.30 30.13
N GLY B 1354 0.30 8.30 29.59
CA GLY B 1354 -0.85 7.65 30.22
C GLY B 1354 -1.39 6.55 29.34
N ILE B 1355 -1.37 5.31 29.83
CA ILE B 1355 -1.92 4.18 29.07
C ILE B 1355 -2.63 3.22 30.00
N GLN B 1356 -3.62 2.53 29.46
CA GLN B 1356 -4.29 1.43 30.15
C GLN B 1356 -3.24 0.32 30.44
N GLN B 1357 -3.33 -0.30 31.61
CA GLN B 1357 -2.37 -1.33 32.01
C GLN B 1357 -2.29 -2.49 31.01
N SER B 1358 -3.44 -2.87 30.46
CA SER B 1358 -3.49 -3.97 29.50
C SER B 1358 -2.82 -3.61 28.18
N PHE B 1359 -2.55 -2.34 27.96
CA PHE B 1359 -1.89 -1.89 26.75
C PHE B 1359 -0.35 -1.80 26.85
N ARG B 1360 0.21 -2.12 28.01
CA ARG B 1360 1.67 -2.03 28.23
C ARG B 1360 2.52 -2.81 27.22
N PRO B 1361 2.25 -4.11 27.03
CA PRO B 1361 3.05 -4.85 26.06
C PRO B 1361 3.10 -4.18 24.69
N ARG B 1362 1.98 -3.65 24.24
CA ARG B 1362 1.96 -3.03 22.92
C ARG B 1362 2.65 -1.67 22.88
N PHE B 1363 2.85 -1.04 24.02
CA PHE B 1363 3.38 0.33 24.06
C PHE B 1363 4.87 0.43 24.36
N LEU B 1364 5.46 -0.61 24.93
CA LEU B 1364 6.80 -0.50 25.44
C LEU B 1364 7.78 -0.09 24.33
N GLY B 1365 7.56 -0.62 23.13
CA GLY B 1365 8.42 -0.29 21.98
C GLY B 1365 8.47 1.19 21.69
N VAL B 1366 7.31 1.82 21.63
CA VAL B 1366 7.21 3.25 21.35
C VAL B 1366 7.81 4.09 22.49
N ALA B 1367 7.63 3.63 23.71
CA ALA B 1367 8.21 4.31 24.86
C ALA B 1367 9.72 4.34 24.80
N GLU B 1368 10.32 3.19 24.48
CA GLU B 1368 11.76 3.13 24.32
C GLU B 1368 12.21 4.07 23.21
N GLN B 1369 11.48 4.04 22.12
CA GLN B 1369 11.82 4.87 20.96
C GLN B 1369 11.79 6.37 21.32
N LEU B 1370 10.75 6.83 22.01
CA LEU B 1370 10.69 8.22 22.40
C LEU B 1370 11.86 8.56 23.32
N HIS B 1371 12.16 7.68 24.27
CA HIS B 1371 13.27 7.90 25.17
C HIS B 1371 14.62 7.92 24.44
N ASN B 1372 14.81 7.02 23.49
CA ASN B 1372 16.03 7.04 22.67
C ASN B 1372 16.18 8.31 21.84
N GLU B 1373 15.08 8.98 21.52
CA GLU B 1373 15.16 10.28 20.84
C GLU B 1373 15.57 11.43 21.79
N GLY B 1374 15.68 11.17 23.09
CA GLY B 1374 16.10 12.17 24.05
C GLY B 1374 14.97 12.79 24.86
N PHE B 1375 13.73 12.33 24.69
CA PHE B 1375 12.66 12.78 25.57
C PHE B 1375 12.78 12.17 26.96
N LYS B 1376 12.60 13.00 27.96
CA LYS B 1376 12.47 12.58 29.33
C LYS B 1376 11.02 12.12 29.48
N LEU B 1377 10.81 10.94 30.07
CA LEU B 1377 9.48 10.40 30.20
C LEU B 1377 8.91 10.60 31.61
N PHE B 1378 7.63 10.96 31.68
CA PHE B 1378 6.93 11.02 32.95
C PHE B 1378 5.69 10.14 32.91
N ALA B 1379 5.32 9.57 34.04
CA ALA B 1379 4.10 8.77 34.12
C ALA B 1379 3.63 8.60 35.54
N THR B 1380 2.37 8.24 35.70
CA THR B 1380 1.85 7.93 37.02
C THR B 1380 2.64 6.74 37.56
N GLU B 1381 2.61 6.58 38.87
CA GLU B 1381 3.60 5.77 39.55
C GLU B 1381 3.75 4.32 39.05
N ALA B 1382 2.64 3.62 38.87
CA ALA B 1382 2.71 2.19 38.54
C ALA B 1382 3.32 2.02 37.15
N THR B 1383 2.89 2.90 36.23
CA THR B 1383 3.41 2.93 34.88
C THR B 1383 4.88 3.34 34.85
N SER B 1384 5.27 4.27 35.71
CA SER B 1384 6.67 4.70 35.78
C SER B 1384 7.53 3.57 36.29
N ASP B 1385 7.08 2.90 37.33
CA ASP B 1385 7.78 1.72 37.86
C ASP B 1385 7.92 0.62 36.78
N TRP B 1386 6.86 0.43 36.00
CA TRP B 1386 6.89 -0.57 34.95
C TRP B 1386 7.95 -0.22 33.90
N LEU B 1387 7.99 1.05 33.50
CA LEU B 1387 8.97 1.50 32.51
C LEU B 1387 10.40 1.30 33.03
N ASN B 1388 10.62 1.74 34.26
CA ASN B 1388 11.94 1.64 34.85
C ASN B 1388 12.42 0.21 34.99
N ALA B 1389 11.53 -0.70 35.36
CA ALA B 1389 11.88 -2.13 35.47
C ALA B 1389 12.24 -2.71 34.12
N ASN B 1390 11.67 -2.15 33.04
CA ASN B 1390 12.06 -2.54 31.68
C ASN B 1390 13.20 -1.70 31.11
N ASN B 1391 13.95 -1.02 31.96
CA ASN B 1391 15.10 -0.21 31.54
C ASN B 1391 14.79 0.93 30.57
N VAL B 1392 13.56 1.44 30.63
CA VAL B 1392 13.22 2.72 30.01
C VAL B 1392 13.05 3.75 31.15
N PRO B 1393 13.99 4.69 31.29
CA PRO B 1393 13.97 5.67 32.39
C PRO B 1393 12.70 6.51 32.40
N ALA B 1394 12.16 6.75 33.58
CA ALA B 1394 10.92 7.49 33.70
C ALA B 1394 10.82 8.07 35.09
N THR B 1395 10.18 9.23 35.17
CA THR B 1395 9.99 9.94 36.41
C THR B 1395 8.53 9.78 36.84
N PRO B 1396 8.28 9.36 38.09
CA PRO B 1396 6.90 9.21 38.55
C PRO B 1396 6.22 10.52 38.91
N VAL B 1397 4.92 10.61 38.63
CA VAL B 1397 4.13 11.77 39.02
C VAL B 1397 2.81 11.28 39.63
N ALA B 1398 2.04 12.22 40.16
CA ALA B 1398 0.81 11.86 40.87
C ALA B 1398 -0.42 12.00 39.99
N TRP B 1399 -1.37 11.10 40.19
CA TRP B 1399 -2.73 11.36 39.73
C TRP B 1399 -3.22 12.68 40.33
N PRO B 1400 -3.83 13.57 39.51
CA PRO B 1400 -4.34 14.84 40.02
C PRO B 1400 -5.21 14.73 41.28
N SER B 1401 -6.07 13.71 41.33
CA SER B 1401 -6.94 13.46 42.48
C SER B 1401 -6.19 12.94 43.72
N GLN B 1402 -4.89 12.67 43.59
CA GLN B 1402 -4.11 12.11 44.69
C GLN B 1402 -2.91 13.00 45.02
N GLU B 1403 -2.91 14.25 44.54
CA GLU B 1403 -1.83 15.17 44.88
C GLU B 1403 -1.66 15.30 46.41
N GLY B 1404 -2.73 15.13 47.18
CA GLY B 1404 -2.66 15.24 48.63
C GLY B 1404 -2.14 14.03 49.39
N GLN B 1405 -1.95 12.92 48.69
CA GLN B 1405 -1.61 11.64 49.33
C GLN B 1405 -0.12 11.29 49.19
N ASN B 1406 0.63 12.07 48.42
CA ASN B 1406 2.07 11.90 48.36
C ASN B 1406 2.84 13.17 48.00
N PRO B 1407 3.49 13.79 49.00
CA PRO B 1407 4.26 15.00 48.71
C PRO B 1407 5.50 14.71 47.86
N SER B 1408 6.07 13.52 48.02
CA SER B 1408 7.24 13.11 47.23
C SER B 1408 7.04 13.33 45.72
N LEU B 1409 5.94 12.80 45.18
CA LEU B 1409 5.68 12.82 43.72
C LEU B 1409 5.32 14.21 43.21
N SER B 1410 5.81 14.54 42.02
CA SER B 1410 5.54 15.86 41.44
C SER B 1410 4.17 15.89 40.77
N SER B 1411 3.62 17.07 40.63
CA SER B 1411 2.29 17.26 40.04
C SER B 1411 2.41 17.53 38.56
N ILE B 1412 1.46 17.02 37.78
CA ILE B 1412 1.45 17.22 36.34
C ILE B 1412 1.33 18.70 35.97
N ARG B 1413 0.40 19.38 36.63
CA ARG B 1413 0.16 20.80 36.35
C ARG B 1413 1.44 21.61 36.50
N LYS B 1414 2.16 21.37 37.58
CA LYS B 1414 3.41 22.08 37.81
C LYS B 1414 4.42 21.79 36.69
N LEU B 1415 4.56 20.53 36.32
CA LEU B 1415 5.57 20.15 35.33
C LEU B 1415 5.25 20.69 33.95
N ILE B 1416 3.96 20.77 33.64
CA ILE B 1416 3.53 21.40 32.39
C ILE B 1416 3.81 22.91 32.40
N ARG B 1417 3.68 23.56 33.56
CA ARG B 1417 3.93 25.00 33.68
C ARG B 1417 5.41 25.37 33.55
N ASP B 1418 6.29 24.64 34.23
CA ASP B 1418 7.74 24.91 34.17
C ASP B 1418 8.37 24.45 32.81
N GLY B 1419 7.56 23.87 31.91
CA GLY B 1419 8.04 23.44 30.60
C GLY B 1419 8.75 22.10 30.55
N SER B 1420 8.71 21.36 31.65
CA SER B 1420 9.36 20.04 31.71
C SER B 1420 8.60 19.01 30.83
N ILE B 1421 7.29 19.14 30.77
CA ILE B 1421 6.44 18.31 29.91
C ILE B 1421 5.88 19.18 28.82
N ASP B 1422 6.22 18.89 27.57
CA ASP B 1422 5.67 19.60 26.40
C ASP B 1422 4.90 18.70 25.42
N LEU B 1423 4.51 17.52 25.89
CA LEU B 1423 3.65 16.62 25.13
C LEU B 1423 2.98 15.66 26.10
N VAL B 1424 1.69 15.45 25.91
CA VAL B 1424 0.93 14.47 26.68
C VAL B 1424 0.39 13.38 25.76
N ILE B 1425 0.70 12.13 26.08
CA ILE B 1425 0.09 11.00 25.43
C ILE B 1425 -0.90 10.45 26.46
N ASN B 1426 -2.17 10.38 26.09
CA ASN B 1426 -3.22 9.91 27.00
C ASN B 1426 -4.19 9.04 26.21
N LEU B 1427 -3.92 7.74 26.22
CA LEU B 1427 -4.67 6.82 25.38
C LEU B 1427 -5.97 6.39 26.05
N PRO B 1428 -6.97 5.96 25.26
CA PRO B 1428 -8.26 5.63 25.86
C PRO B 1428 -8.12 4.65 27.03
N ASN B 1429 -8.89 4.89 28.08
CA ASN B 1429 -8.80 4.10 29.30
C ASN B 1429 -10.18 3.84 29.91
N ASN B 1430 -10.55 2.56 29.99
CA ASN B 1430 -11.91 2.14 30.39
C ASN B 1430 -12.16 2.12 31.91
N ASN B 1431 -11.08 1.91 32.67
CA ASN B 1431 -11.08 1.98 34.13
C ASN B 1431 -11.83 3.19 34.70
N THR B 1432 -13.08 2.99 35.16
CA THR B 1432 -13.91 4.09 35.67
C THR B 1432 -13.29 4.81 36.87
N LYS B 1433 -12.40 4.12 37.58
CA LYS B 1433 -11.62 4.72 38.66
C LYS B 1433 -10.79 5.96 38.22
N PHE B 1434 -10.28 5.96 36.98
CA PHE B 1434 -9.38 7.04 36.55
C PHE B 1434 -9.89 7.90 35.40
N VAL B 1435 -11.16 7.75 35.04
CA VAL B 1435 -11.77 8.54 33.96
C VAL B 1435 -11.75 10.04 34.27
N HIS B 1436 -12.06 10.40 35.52
CA HIS B 1436 -11.99 11.78 35.96
C HIS B 1436 -10.61 12.40 35.86
N ASP B 1437 -9.62 11.70 36.41
CA ASP B 1437 -8.23 12.15 36.33
C ASP B 1437 -7.77 12.29 34.88
N ASN B 1438 -8.14 11.33 34.03
CA ASN B 1438 -7.74 11.37 32.64
C ASN B 1438 -8.36 12.54 31.90
N TYR B 1439 -9.61 12.85 32.22
CA TYR B 1439 -10.23 14.06 31.72
C TYR B 1439 -9.46 15.30 32.18
N VAL B 1440 -9.11 15.34 33.47
CA VAL B 1440 -8.37 16.48 34.02
C VAL B 1440 -7.01 16.63 33.34
N ILE B 1441 -6.30 15.52 33.16
CA ILE B 1441 -5.02 15.56 32.46
C ILE B 1441 -5.15 16.11 31.03
N ARG B 1442 -6.15 15.62 30.30
CA ARG B 1442 -6.39 16.07 28.95
C ARG B 1442 -6.74 17.55 28.90
N ARG B 1443 -7.62 17.96 29.80
CA ARG B 1443 -8.06 19.36 29.92
C ARG B 1443 -6.83 20.28 30.18
N THR B 1444 -5.94 19.83 31.05
CA THR B 1444 -4.73 20.58 31.38
C THR B 1444 -3.83 20.77 30.19
N ALA B 1445 -3.61 19.70 29.42
CA ALA B 1445 -2.81 19.80 28.20
C ALA B 1445 -3.36 20.83 27.24
N VAL B 1446 -4.66 20.77 27.02
CA VAL B 1446 -5.34 21.68 26.10
C VAL B 1446 -5.29 23.14 26.59
N ASP B 1447 -5.59 23.36 27.87
CA ASP B 1447 -5.55 24.70 28.46
C ASP B 1447 -4.16 25.33 28.40
N SER B 1448 -3.12 24.50 28.47
CA SER B 1448 -1.75 24.99 28.46
C SER B 1448 -1.15 25.06 27.05
N GLY B 1449 -1.94 24.67 26.05
CA GLY B 1449 -1.51 24.81 24.66
C GLY B 1449 -0.38 23.86 24.25
N ILE B 1450 -0.35 22.65 24.80
CA ILE B 1450 0.63 21.67 24.37
C ILE B 1450 -0.03 20.49 23.65
N PRO B 1451 0.68 19.90 22.70
CA PRO B 1451 0.04 18.82 21.95
C PRO B 1451 -0.44 17.65 22.83
N LEU B 1452 -1.61 17.12 22.49
CA LEU B 1452 -2.23 16.02 23.19
C LEU B 1452 -2.51 14.89 22.20
N LEU B 1453 -1.90 13.73 22.39
CA LEU B 1453 -2.14 12.56 21.56
C LEU B 1453 -2.99 11.56 22.33
N THR B 1454 -4.12 11.18 21.74
CA THR B 1454 -5.05 10.26 22.38
C THR B 1454 -5.25 9.00 21.54
N ASN B 1455 -4.42 8.76 20.54
CA ASN B 1455 -4.52 7.55 19.75
C ASN B 1455 -3.13 6.96 19.52
N PHE B 1456 -3.06 5.64 19.54
CA PHE B 1456 -1.78 4.94 19.48
C PHE B 1456 -1.10 5.07 18.11
N GLN B 1457 -1.88 4.99 17.03
CA GLN B 1457 -1.32 5.10 15.69
C GLN B 1457 -0.75 6.50 15.45
N VAL B 1458 -1.47 7.51 15.94
CA VAL B 1458 -0.97 8.88 15.88
C VAL B 1458 0.33 9.00 16.69
N THR B 1459 0.33 8.41 17.87
CA THR B 1459 1.54 8.40 18.69
C THR B 1459 2.72 7.75 17.95
N LYS B 1460 2.49 6.64 17.26
CA LYS B 1460 3.57 5.97 16.53
C LYS B 1460 4.07 6.84 15.42
N LEU B 1461 3.14 7.45 14.70
CA LEU B 1461 3.46 8.36 13.63
C LEU B 1461 4.33 9.49 14.14
N PHE B 1462 3.99 10.04 15.31
CA PHE B 1462 4.78 11.12 15.89
C PHE B 1462 6.18 10.63 16.25
N ALA B 1463 6.27 9.48 16.90
CA ALA B 1463 7.59 8.96 17.29
C ALA B 1463 8.45 8.71 16.07
N GLU B 1464 7.89 8.11 15.02
CA GLU B 1464 8.63 7.92 13.76
C GLU B 1464 9.08 9.26 13.17
N ALA B 1465 8.22 10.28 13.25
CA ALA B 1465 8.49 11.56 12.61
C ALA B 1465 9.61 12.35 13.29
N VAL B 1466 9.67 12.36 14.61
CA VAL B 1466 10.75 13.07 15.31
C VAL B 1466 12.09 12.35 15.14
N GLN B 1467 12.05 11.04 14.93
CA GLN B 1467 13.25 10.28 14.61
C GLN B 1467 13.87 10.72 13.29
N LYS B 1468 13.04 10.83 12.25
CA LYS B 1468 13.49 11.26 10.92
C LYS B 1468 13.90 12.72 10.83
N SER B 1469 13.24 13.58 11.62
CA SER B 1469 13.43 15.04 11.49
C SER B 1469 14.72 15.54 12.17
N ARG B 1470 14.89 16.86 12.18
CA ARG B 1470 16.14 17.48 12.62
C ARG B 1470 16.33 17.35 14.12
N ASP B 1473 16.05 22.14 12.15
CA ASP B 1473 15.07 23.15 12.50
C ASP B 1473 13.64 22.87 11.98
N SER B 1474 12.85 23.93 11.97
CA SER B 1474 11.45 23.90 11.60
C SER B 1474 11.22 24.60 10.26
N LYS B 1475 11.92 25.70 10.02
CA LYS B 1475 11.79 26.45 8.76
C LYS B 1475 12.13 25.57 7.55
N SER B 1476 13.04 24.61 7.74
CA SER B 1476 13.43 23.68 6.67
C SER B 1476 12.29 22.81 6.07
N LEU B 1477 11.27 22.46 6.85
CA LEU B 1477 10.20 21.58 6.35
C LEU B 1477 9.37 22.25 5.24
N PHE B 1478 9.09 23.54 5.40
CA PHE B 1478 8.28 24.28 4.43
C PHE B 1478 9.14 24.87 3.32
N HIS B 1479 10.45 24.58 3.32
CA HIS B 1479 11.44 25.35 2.56
C HIS B 1479 11.08 25.40 1.08
N TYR B 1480 10.25 26.39 0.74
CA TYR B 1480 9.89 26.73 -0.62
C TYR B 1480 10.00 25.54 -1.59
N ARG B 1481 9.19 24.54 -1.28
CA ARG B 1481 9.02 23.38 -2.12
C ARG B 1481 7.85 23.68 -3.07
N GLN B 1482 7.94 23.21 -4.32
CA GLN B 1482 6.83 23.27 -5.28
C GLN B 1482 6.13 21.90 -5.40
N TYR B 1483 4.84 21.85 -5.06
CA TYR B 1483 4.05 20.62 -5.04
C TYR B 1483 3.06 20.51 -6.21
N SER B 1484 3.21 19.47 -7.05
CA SER B 1484 2.28 19.25 -8.17
C SER B 1484 2.51 17.86 -8.79
#